data_6M1D
#
_entry.id   6M1D
#
_cell.length_a   1.00
_cell.length_b   1.00
_cell.length_c   1.00
_cell.angle_alpha   90.00
_cell.angle_beta   90.00
_cell.angle_gamma   90.00
#
_symmetry.space_group_name_H-M   'P 1'
#
loop_
_entity.id
_entity.type
_entity.pdbx_description
1 polymer 'Sodium-dependent neutral amino acid transporter B(0)AT1'
2 polymer 'Angiotensin-converting enzyme 2'
#
loop_
_entity_poly.entity_id
_entity_poly.type
_entity_poly.pdbx_seq_one_letter_code
_entity_poly.pdbx_strand_id
1 'polypeptide(L)'
;MADYKDDDDKSGPDEVDASGRVRLVLPNPGLDARIPSLAELETIEQEEASSRPKWDNKAQYMLTCLGFCVGLGNVWRFPY
LCQSHGGGAFMIPFLILLVLEGIPLLYLEFAIGQRLRRGSLGVWSSIHPALKGLGLASMLTSFMVGLYYNTIISWIMWYL
FNSFQEPLPWSDCPLNENQTGYVDECARSSPVDYFWYRETLNISTSISDSGSIQWWMLLCLACAWSVLYMCTIRGIETTG
KAVYITSTLPYVVLTIFLIRGLTLKGATNGIVFLFTPNVTELAQPDTWLDAGAQVFFSFSLAFGGLISFSSYNSVHNNCE
KDSVIVSIINGFTSVYVAIVVYSVIGFRATQRYDDCFSTNILTLINGFDLPEGNVTQENFVDMQQRCNASDPAAYAQLVF
QTCDINAFLSEAVEGTGLAFIVFTEAITKMPLSPLWSVLFFIMLFCLGLSSMFGNMEGVVVPLQDLRVIPPKWPKEVLTG
LICLGTFLIGFIFTLNSGQYWLSLLDSYAGSIPLLIIAFCEMFSVVYVYGVDRFNKDIEFMIGHKPNIFWQVTWRVVSPL
LMLIIFLFFFVVEVSQELTYSIWDPGYEEFPKSQKISYPNWVYVVVVIVAGVPSLTIPGYAIYKLIRNHCQKPGDHQGLV
STLSTASMNGDLKY
;
A,C
2 'polypeptide(L)'
;MRSSSSWLLLSLVAVTAAWSHPQFEKQSTIEEQAKTFLDKFNHEAEDLFYQSSLASWNYNTNITEENVQNMNNAGDKWSA
FLKEQSTLAQMYPLQEIQNLTVKLQLQALQQNGSSVLSEDKSKRLNTILNTMSTIYSTGKVCNPDNPQECLLLEPGLNEI
MANSLDYNERLWAWESWRSEVGKQLRPLYEEYVVLKNEMARANHYEDYGDYWRGDYEVNGVDGYDYSRGQLIEDVEHTFE
EIKPLYEHLHAYVRAKLMNAYPSYISPIGCLPAHLLGDMWGRFWTNLYSLTVPFGQKPNIDVTDAMVDQAWDAQRIFKEA
EKFFVSVGLPNMTQGFWENSMLTDPGNVQKAVCHPTAWDLGKGDFRILMCTKVTMDDFLTAHHEMGHIQYDMAYAAQPFL
LRNGANEGFHEAVGEIMSLSAATPKHLKSIGLLSPDFQEDNETEINFLLKQALTIVGTLPFTYMLEKWRWMVFKGEIPKD
QWMKKWWEMKREIVGVVEPVPHDETYCDPASLFHVSNDYSFIRYYTRTLYQFQFQEALCQAAKHEGPLHKCDISNSTEAG
QKLFNMLRLGKSEPWTLALENVVGAKNMNVRPLLNYFEPLFTWLKDQNKNSFVGWSTDWSPYADQSIKVRISLKSALGDK
AYEWNDNEMYLFRSSVAYAMRQYFLKVKNQMILFGEEDVRVANLKPRISFNFFVTAPKNVSDIIPRTEVEKAIRMSRSRI
NDAFRLNDNSLEFLGIQPTLGPPNQPPVSIWLIVFGVVMGVIVVGIVILIFTGIRDRKKKNKARSGENPYASIDISKGEN
NPGFQNTDDVQTSF
;
B,D
#
# COMPACT_ATOMS: atom_id res chain seq x y z
N VAL A 25 84.44 40.35 7.39
CA VAL A 25 85.56 39.79 8.11
C VAL A 25 86.53 39.13 7.15
N LEU A 26 86.00 38.37 6.19
CA LEU A 26 86.85 37.80 5.15
C LEU A 26 87.33 38.88 4.20
N PRO A 27 88.53 38.74 3.61
CA PRO A 27 89.00 39.74 2.65
C PRO A 27 88.22 39.74 1.34
N ASN A 28 87.92 38.55 0.78
CA ASN A 28 87.32 38.33 -0.53
C ASN A 28 88.09 39.07 -1.61
N PRO A 29 89.25 38.56 -2.04
CA PRO A 29 89.97 39.20 -3.16
C PRO A 29 89.12 39.20 -4.43
N GLY A 30 88.72 40.38 -4.85
CA GLY A 30 87.74 40.53 -5.90
C GLY A 30 86.33 40.55 -5.35
N LEU A 31 86.13 41.30 -4.26
CA LEU A 31 84.80 41.39 -3.65
C LEU A 31 83.87 42.25 -4.51
N ASP A 32 84.32 43.44 -4.87
CA ASP A 32 83.57 44.35 -5.72
C ASP A 32 83.93 44.10 -7.17
N ALA A 33 83.56 45.06 -8.04
CA ALA A 33 83.69 45.07 -9.50
C ALA A 33 82.86 43.99 -10.17
N ARG A 34 81.98 43.36 -9.42
CA ARG A 34 80.96 42.46 -9.98
C ARG A 34 79.56 42.99 -9.68
N ILE A 35 79.44 43.84 -8.66
CA ILE A 35 78.18 44.41 -8.22
C ILE A 35 77.95 45.72 -8.96
N PRO A 36 76.70 46.17 -9.11
CA PRO A 36 76.45 47.57 -9.46
C PRO A 36 76.50 48.44 -8.21
N SER A 37 77.43 49.41 -8.24
CA SER A 37 77.84 50.05 -6.99
C SER A 37 77.07 51.34 -6.71
N LEU A 38 75.74 51.21 -6.54
CA LEU A 38 74.88 52.19 -5.87
C LEU A 38 74.78 53.56 -6.54
N ALA A 39 75.44 53.77 -7.68
CA ALA A 39 75.47 55.09 -8.29
C ALA A 39 75.15 55.03 -9.77
N GLU A 40 75.15 53.84 -10.35
CA GLU A 40 74.73 53.64 -11.73
C GLU A 40 73.39 52.95 -11.83
N LEU A 41 72.84 52.46 -10.71
CA LEU A 41 71.64 51.64 -10.72
C LEU A 41 70.41 52.43 -11.12
N GLU A 42 70.44 53.75 -10.91
CA GLU A 42 69.33 54.62 -11.29
C GLU A 42 69.24 54.72 -12.80
N THR A 43 70.36 54.54 -13.48
CA THR A 43 70.43 54.55 -14.94
C THR A 43 70.01 53.21 -15.54
N ILE A 44 70.11 52.13 -14.79
CA ILE A 44 69.78 50.79 -15.29
C ILE A 44 68.27 50.62 -15.23
N GLU A 45 67.58 51.48 -14.47
CA GLU A 45 66.13 51.49 -14.37
C GLU A 45 65.45 51.68 -15.72
N GLN A 46 65.99 52.57 -16.54
CA GLN A 46 65.34 52.98 -17.78
C GLN A 46 65.81 52.13 -18.96
N GLU A 47 66.59 51.09 -18.69
CA GLU A 47 67.04 50.19 -19.74
C GLU A 47 66.70 48.74 -19.43
N GLU A 48 66.15 48.48 -18.24
CA GLU A 48 65.76 47.14 -17.82
C GLU A 48 64.51 46.63 -18.54
N ALA A 49 63.64 47.54 -18.98
CA ALA A 49 62.38 47.12 -19.63
C ALA A 49 62.62 46.54 -21.01
N SER A 50 63.75 46.87 -21.64
CA SER A 50 64.10 46.36 -22.95
C SER A 50 64.86 45.04 -22.87
N SER A 51 65.21 44.60 -21.66
CA SER A 51 66.04 43.42 -21.50
C SER A 51 65.40 42.40 -20.56
N ARG A 52 64.52 42.86 -19.68
CA ARG A 52 63.97 42.00 -18.64
C ARG A 52 62.49 42.32 -18.43
N PRO A 53 61.70 41.39 -17.90
CA PRO A 53 60.29 41.70 -17.62
C PRO A 53 60.12 42.64 -16.43
N LYS A 54 58.86 42.90 -16.10
CA LYS A 54 58.52 43.92 -15.11
C LYS A 54 57.14 43.63 -14.56
N TRP A 55 56.92 44.01 -13.31
CA TRP A 55 55.58 44.00 -12.73
C TRP A 55 54.79 45.17 -13.31
N ASP A 56 53.79 44.84 -14.12
CA ASP A 56 53.03 45.84 -14.88
C ASP A 56 51.93 46.49 -14.04
N ASN A 57 51.85 46.12 -12.75
CA ASN A 57 50.90 46.73 -11.85
C ASN A 57 51.43 46.60 -10.42
N LYS A 58 51.01 47.53 -9.56
CA LYS A 58 51.26 47.39 -8.14
C LYS A 58 50.50 46.21 -7.57
N ALA A 59 49.25 46.03 -7.99
CA ALA A 59 48.40 44.95 -7.46
C ALA A 59 48.87 43.58 -7.90
N GLN A 60 49.50 43.45 -9.07
CA GLN A 60 49.93 42.14 -9.54
C GLN A 60 51.18 41.64 -8.82
N TYR A 61 51.85 42.50 -8.05
CA TYR A 61 53.01 42.05 -7.29
C TYR A 61 52.62 41.38 -5.99
N MET A 62 51.56 41.87 -5.33
CA MET A 62 51.14 41.25 -4.07
C MET A 62 50.53 39.87 -4.29
N LEU A 63 49.89 39.65 -5.44
CA LEU A 63 49.21 38.39 -5.71
C LEU A 63 50.20 37.23 -5.85
N THR A 64 51.43 37.52 -6.25
CA THR A 64 52.43 36.47 -6.45
C THR A 64 53.02 35.96 -5.13
N CYS A 65 53.36 36.83 -4.20
CA CYS A 65 54.06 36.42 -3.00
C CYS A 65 53.17 35.69 -1.99
N LEU A 66 51.88 36.03 -1.92
CA LEU A 66 51.01 35.33 -0.98
C LEU A 66 50.70 33.92 -1.46
N GLY A 67 50.53 33.73 -2.76
CA GLY A 67 50.13 32.45 -3.30
C GLY A 67 51.22 31.40 -3.25
N PHE A 68 52.48 31.82 -3.27
CA PHE A 68 53.58 30.86 -3.15
C PHE A 68 53.77 30.39 -1.71
N CYS A 69 53.44 31.23 -0.73
CA CYS A 69 53.71 30.86 0.67
C CYS A 69 52.68 29.89 1.23
N VAL A 70 51.39 30.20 1.06
CA VAL A 70 50.33 29.59 1.84
C VAL A 70 50.05 28.13 1.47
N GLY A 71 49.46 27.40 2.41
CA GLY A 71 48.82 26.13 2.15
C GLY A 71 49.74 24.93 2.26
N LEU A 72 49.15 23.75 2.03
CA LEU A 72 49.84 22.47 1.79
C LEU A 72 50.74 22.05 2.94
N GLY A 73 50.15 21.80 4.10
CA GLY A 73 50.90 21.58 5.32
C GLY A 73 50.56 22.62 6.37
N ASN A 74 50.25 23.83 5.92
CA ASN A 74 49.56 24.78 6.79
C ASN A 74 48.11 24.37 6.96
N VAL A 75 47.61 23.56 6.02
CA VAL A 75 46.22 23.12 6.06
C VAL A 75 46.10 21.73 6.66
N TRP A 76 47.18 20.93 6.61
CA TRP A 76 47.06 19.57 7.10
C TRP A 76 48.08 19.17 8.15
N ARG A 77 49.29 19.73 8.11
CA ARG A 77 50.30 19.41 9.12
C ARG A 77 50.26 20.38 10.30
N PHE A 78 50.16 21.68 10.02
CA PHE A 78 50.04 22.68 11.07
C PHE A 78 48.79 22.50 11.95
N PRO A 79 47.57 22.29 11.43
CA PRO A 79 46.46 22.06 12.37
C PRO A 79 46.50 20.69 13.02
N TYR A 80 47.20 19.72 12.43
CA TYR A 80 47.42 18.46 13.12
C TYR A 80 48.39 18.65 14.28
N LEU A 81 49.40 19.49 14.09
CA LEU A 81 50.39 19.69 15.13
C LEU A 81 49.84 20.50 16.30
N CYS A 82 48.70 21.17 16.13
CA CYS A 82 47.95 21.71 17.24
C CYS A 82 47.62 20.68 18.30
N GLN A 83 46.95 19.58 17.93
CA GLN A 83 46.65 18.52 18.88
C GLN A 83 47.71 17.42 18.78
N SER A 84 48.98 17.82 18.81
CA SER A 84 50.03 16.91 19.22
C SER A 84 51.08 17.69 19.99
N HIS A 85 50.72 18.91 20.41
CA HIS A 85 51.58 19.75 21.23
C HIS A 85 50.74 20.52 22.25
N GLY A 86 49.48 20.16 22.36
CA GLY A 86 48.55 20.93 23.16
C GLY A 86 47.84 21.99 22.33
N GLY A 87 46.51 21.89 22.22
CA GLY A 87 45.74 22.69 21.29
C GLY A 87 45.77 24.19 21.49
N GLY A 88 45.29 24.65 22.64
CA GLY A 88 45.29 26.06 23.00
C GLY A 88 46.62 26.59 23.47
N ALA A 89 47.66 25.75 23.52
CA ALA A 89 49.00 26.18 23.87
C ALA A 89 49.98 26.04 22.72
N PHE A 90 49.48 25.74 21.51
CA PHE A 90 50.36 25.51 20.37
C PHE A 90 50.96 26.79 19.80
N MET A 91 50.31 27.94 19.95
CA MET A 91 50.71 29.14 19.22
C MET A 91 52.04 29.71 19.70
N ILE A 92 52.43 29.45 20.93
CA ILE A 92 53.52 30.18 21.60
C ILE A 92 54.89 29.87 21.00
N PRO A 93 55.32 28.62 20.76
CA PRO A 93 56.57 28.46 19.99
C PRO A 93 56.36 28.72 18.51
N PHE A 94 55.11 28.66 18.06
CA PHE A 94 54.76 28.84 16.65
C PHE A 94 54.88 30.30 16.22
N LEU A 95 54.27 31.21 16.97
CA LEU A 95 54.06 32.55 16.45
C LEU A 95 55.32 33.40 16.57
N ILE A 96 56.25 32.99 17.44
CA ILE A 96 57.42 33.82 17.71
C ILE A 96 58.39 33.76 16.54
N LEU A 97 58.48 32.60 15.87
CA LEU A 97 59.49 32.47 14.84
C LEU A 97 59.08 33.16 13.55
N LEU A 98 57.82 33.59 13.46
CA LEU A 98 57.47 34.68 12.56
C LEU A 98 58.31 35.91 12.87
N VAL A 99 58.19 36.41 14.10
CA VAL A 99 58.68 37.75 14.43
C VAL A 99 60.12 37.70 14.95
N LEU A 100 60.79 36.55 14.84
CA LEU A 100 62.23 36.54 15.09
C LEU A 100 63.07 36.23 13.85
N GLU A 101 62.61 35.35 12.96
CA GLU A 101 63.48 34.95 11.86
C GLU A 101 62.86 35.13 10.49
N GLY A 102 61.53 35.05 10.40
CA GLY A 102 60.90 35.25 9.11
C GLY A 102 60.99 36.69 8.63
N ILE A 103 60.57 37.63 9.47
CA ILE A 103 60.64 39.06 9.15
C ILE A 103 62.05 39.63 8.97
N PRO A 104 63.15 39.05 9.50
CA PRO A 104 64.46 39.43 8.92
C PRO A 104 64.65 39.02 7.47
N LEU A 105 64.60 37.72 7.18
CA LEU A 105 65.12 37.18 5.93
C LEU A 105 64.29 37.59 4.73
N LEU A 106 62.98 37.71 4.89
CA LEU A 106 62.13 38.15 3.80
C LEU A 106 62.38 39.61 3.45
N TYR A 107 62.62 40.45 4.45
CA TYR A 107 63.11 41.80 4.16
C TYR A 107 64.52 41.77 3.60
N LEU A 108 65.33 40.78 4.01
CA LEU A 108 66.61 40.58 3.36
C LEU A 108 66.44 40.03 1.95
N GLU A 109 65.42 39.19 1.74
CA GLU A 109 65.13 38.63 0.42
C GLU A 109 64.74 39.72 -0.57
N PHE A 110 63.95 40.68 -0.13
CA PHE A 110 63.55 41.80 -0.99
C PHE A 110 64.73 42.70 -1.32
N ALA A 111 65.65 42.88 -0.39
CA ALA A 111 66.62 43.96 -0.48
C ALA A 111 67.79 43.67 -1.41
N ILE A 112 68.07 42.40 -1.71
CA ILE A 112 69.27 42.12 -2.50
C ILE A 112 68.90 41.93 -3.97
N GLY A 113 67.74 41.35 -4.25
CA GLY A 113 67.26 41.20 -5.61
C GLY A 113 66.90 42.53 -6.24
N GLN A 114 66.50 43.49 -5.42
CA GLN A 114 66.35 44.86 -5.90
C GLN A 114 67.69 45.57 -5.97
N ARG A 115 68.67 45.10 -5.20
CA ARG A 115 70.02 45.68 -5.26
C ARG A 115 70.78 45.17 -6.48
N LEU A 116 70.97 43.86 -6.57
CA LEU A 116 71.77 43.30 -7.65
C LEU A 116 71.04 43.25 -8.98
N ARG A 117 69.70 43.19 -8.96
CA ARG A 117 68.84 43.19 -10.16
C ARG A 117 69.20 42.04 -11.10
N ARG A 118 69.40 40.86 -10.54
CA ARG A 118 69.99 39.76 -11.28
C ARG A 118 69.64 38.46 -10.54
N GLY A 119 69.70 37.35 -11.28
CA GLY A 119 69.31 36.05 -10.78
C GLY A 119 70.09 35.56 -9.56
N SER A 120 69.47 34.60 -8.86
CA SER A 120 69.94 34.13 -7.56
C SER A 120 71.24 33.35 -7.63
N LEU A 121 71.41 32.47 -8.64
CA LEU A 121 72.69 31.80 -8.82
C LEU A 121 73.78 32.78 -9.21
N GLY A 122 73.43 33.88 -9.88
CA GLY A 122 74.38 34.94 -10.11
C GLY A 122 74.82 35.70 -8.88
N VAL A 123 74.02 35.67 -7.81
CA VAL A 123 74.34 36.41 -6.59
C VAL A 123 75.55 35.81 -5.90
N TRP A 124 75.57 34.49 -5.74
CA TRP A 124 76.70 33.83 -5.09
C TRP A 124 77.88 33.62 -6.04
N SER A 125 77.75 34.05 -7.29
CA SER A 125 78.91 34.31 -8.13
C SER A 125 79.49 35.68 -7.89
N SER A 126 78.64 36.69 -7.69
CA SER A 126 79.11 38.05 -7.45
C SER A 126 79.63 38.23 -6.03
N ILE A 127 79.46 37.22 -5.17
CA ILE A 127 80.06 37.20 -3.85
C ILE A 127 80.82 35.89 -3.73
N HIS A 128 82.16 35.99 -3.64
CA HIS A 128 83.08 34.88 -3.40
C HIS A 128 82.92 33.75 -4.41
N PRO A 129 83.45 33.89 -5.63
CA PRO A 129 83.07 32.97 -6.73
C PRO A 129 83.52 31.52 -6.61
N ALA A 130 84.13 31.14 -5.49
CA ALA A 130 84.27 29.74 -5.10
C ALA A 130 82.99 29.17 -4.52
N LEU A 131 81.96 30.01 -4.37
CA LEU A 131 80.59 29.62 -4.04
C LEU A 131 79.90 29.21 -5.34
N LYS A 132 78.55 29.27 -5.34
CA LYS A 132 77.56 28.84 -6.35
C LYS A 132 77.24 27.36 -6.28
N GLY A 133 77.50 26.72 -5.14
CA GLY A 133 76.81 25.48 -4.86
C GLY A 133 75.44 25.82 -4.32
N LEU A 134 75.33 27.05 -3.81
CA LEU A 134 74.10 27.53 -3.18
C LEU A 134 72.97 27.71 -4.18
N GLY A 135 73.25 28.29 -5.36
CA GLY A 135 72.23 28.43 -6.38
C GLY A 135 71.79 27.11 -6.97
N LEU A 136 72.70 26.12 -7.01
CA LEU A 136 72.30 24.77 -7.32
C LEU A 136 71.40 24.17 -6.25
N ALA A 137 71.80 24.28 -4.97
CA ALA A 137 71.02 23.73 -3.86
C ALA A 137 69.63 24.33 -3.74
N SER A 138 69.46 25.59 -4.11
CA SER A 138 68.12 26.14 -4.24
C SER A 138 67.35 25.48 -5.37
N MET A 139 68.03 25.17 -6.47
CA MET A 139 67.35 24.52 -7.59
C MET A 139 67.15 23.03 -7.32
N LEU A 140 68.11 22.38 -6.66
CA LEU A 140 67.98 20.95 -6.37
C LEU A 140 66.95 20.65 -5.29
N THR A 141 66.47 21.66 -4.56
CA THR A 141 65.35 21.42 -3.66
C THR A 141 64.03 21.82 -4.32
N SER A 142 64.06 22.85 -5.16
CA SER A 142 62.83 23.36 -5.76
C SER A 142 62.28 22.43 -6.83
N PHE A 143 63.13 21.63 -7.46
CA PHE A 143 62.65 20.80 -8.55
C PHE A 143 61.96 19.54 -8.03
N MET A 144 62.37 19.03 -6.89
CA MET A 144 61.75 17.79 -6.40
C MET A 144 60.44 18.08 -5.71
N VAL A 145 60.34 19.21 -5.00
CA VAL A 145 59.09 19.54 -4.34
C VAL A 145 58.03 19.97 -5.35
N GLY A 146 58.47 20.54 -6.48
CA GLY A 146 57.56 20.80 -7.57
C GLY A 146 57.08 19.55 -8.27
N LEU A 147 57.87 18.48 -8.20
CA LEU A 147 57.50 17.20 -8.79
C LEU A 147 56.35 16.56 -8.03
N TYR A 148 56.58 16.23 -6.76
CA TYR A 148 55.66 15.34 -6.07
C TYR A 148 54.45 16.08 -5.52
N TYR A 149 54.46 17.41 -5.55
CA TYR A 149 53.23 18.13 -5.25
C TYR A 149 52.21 17.94 -6.36
N ASN A 150 52.68 17.90 -7.61
CA ASN A 150 51.78 17.73 -8.75
C ASN A 150 51.14 16.35 -8.76
N THR A 151 51.82 15.37 -8.15
CA THR A 151 51.17 14.09 -7.89
C THR A 151 49.98 14.25 -6.96
N ILE A 152 50.14 15.03 -5.89
CA ILE A 152 49.02 15.32 -4.99
C ILE A 152 47.98 16.16 -5.69
N ILE A 153 48.43 17.17 -6.45
CA ILE A 153 47.56 18.04 -7.22
C ILE A 153 46.75 17.30 -8.26
N SER A 154 47.31 16.24 -8.86
CA SER A 154 46.55 15.42 -9.80
C SER A 154 45.40 14.71 -9.10
N TRP A 155 45.60 14.29 -7.85
CA TRP A 155 44.53 13.59 -7.15
C TRP A 155 43.45 14.54 -6.70
N ILE A 156 43.77 15.83 -6.55
CA ILE A 156 42.77 16.85 -6.34
C ILE A 156 41.83 16.93 -7.53
N MET A 157 42.40 16.89 -8.74
CA MET A 157 41.57 16.89 -9.93
C MET A 157 40.88 15.54 -10.14
N TRP A 158 41.52 14.46 -9.70
CA TRP A 158 40.94 13.12 -9.87
C TRP A 158 39.65 12.97 -9.08
N TYR A 159 39.67 13.39 -7.81
CA TYR A 159 38.44 13.44 -7.03
C TYR A 159 37.48 14.50 -7.54
N LEU A 160 37.99 15.53 -8.22
CA LEU A 160 37.11 16.49 -8.85
C LEU A 160 36.46 15.93 -10.10
N PHE A 161 37.14 15.02 -10.81
CA PHE A 161 36.48 14.27 -11.88
C PHE A 161 35.42 13.35 -11.32
N ASN A 162 35.66 12.78 -10.15
CA ASN A 162 34.72 11.90 -9.48
C ASN A 162 33.59 12.65 -8.79
N SER A 163 33.57 13.98 -8.90
CA SER A 163 32.45 14.77 -8.44
C SER A 163 31.33 14.76 -9.49
N PHE A 164 30.35 15.64 -9.30
CA PHE A 164 29.22 15.74 -10.22
C PHE A 164 28.45 14.43 -10.30
N GLN A 165 27.45 14.28 -9.45
CA GLN A 165 26.63 13.07 -9.43
C GLN A 165 25.73 13.03 -8.19
N GLU A 166 24.69 12.20 -8.26
CA GLU A 166 23.75 12.05 -7.16
C GLU A 166 24.35 11.21 -6.03
N PRO A 167 24.64 9.90 -6.36
CA PRO A 167 25.23 9.12 -5.26
C PRO A 167 26.75 9.14 -5.34
N LEU A 168 27.36 10.08 -4.62
CA LEU A 168 28.81 10.23 -4.62
C LEU A 168 29.46 8.85 -4.48
N PRO A 169 30.56 8.59 -5.19
CA PRO A 169 31.05 7.21 -5.30
C PRO A 169 31.71 6.69 -4.03
N TRP A 170 32.27 7.59 -3.21
CA TRP A 170 32.83 7.17 -1.94
C TRP A 170 31.77 6.97 -0.87
N SER A 171 30.55 7.45 -1.11
CA SER A 171 29.50 7.39 -0.09
C SER A 171 29.02 5.97 0.16
N ASP A 172 28.96 5.15 -0.89
CA ASP A 172 28.36 3.84 -0.80
C ASP A 172 29.44 2.79 -0.96
N CYS A 173 29.10 1.58 -0.57
CA CYS A 173 30.01 0.47 -0.78
C CYS A 173 29.72 -0.22 -2.10
N PRO A 174 30.75 -0.72 -2.77
CA PRO A 174 30.52 -1.68 -3.85
C PRO A 174 29.98 -2.98 -3.26
N LEU A 175 29.17 -3.67 -4.06
CA LEU A 175 28.53 -4.90 -3.59
C LEU A 175 29.53 -6.05 -3.58
N ASN A 176 29.06 -7.23 -3.20
CA ASN A 176 29.82 -8.44 -3.43
C ASN A 176 29.46 -8.98 -4.81
N GLU A 177 29.86 -10.23 -5.07
CA GLU A 177 29.62 -10.83 -6.39
C GLU A 177 28.26 -11.50 -6.47
N ASN A 178 27.42 -11.33 -5.44
CA ASN A 178 26.15 -12.05 -5.38
C ASN A 178 24.93 -11.13 -5.41
N GLN A 179 25.11 -9.86 -5.81
CA GLN A 179 24.05 -8.84 -5.87
C GLN A 179 23.36 -8.67 -4.52
N THR A 180 24.18 -8.60 -3.48
CA THR A 180 23.77 -8.61 -2.08
C THR A 180 24.67 -7.57 -1.42
N GLY A 181 24.93 -7.74 -0.12
CA GLY A 181 25.80 -6.83 0.61
C GLY A 181 27.23 -6.77 0.10
N TYR A 182 28.09 -6.14 0.89
CA TYR A 182 29.28 -5.52 0.34
C TYR A 182 30.50 -6.41 0.54
N VAL A 183 31.62 -5.95 -0.03
CA VAL A 183 32.89 -6.65 0.10
C VAL A 183 33.45 -6.43 1.50
N ASP A 184 34.49 -7.22 1.83
CA ASP A 184 34.94 -7.33 3.21
C ASP A 184 35.60 -6.04 3.71
N GLU A 185 36.50 -5.44 2.94
CA GLU A 185 37.15 -4.22 3.36
C GLU A 185 36.24 -3.01 3.33
N CYS A 186 35.14 -3.08 2.58
CA CYS A 186 34.10 -2.07 2.71
C CYS A 186 33.12 -2.43 3.80
N ALA A 187 33.12 -3.68 4.26
CA ALA A 187 32.37 -4.03 5.45
C ALA A 187 33.16 -3.76 6.71
N ARG A 188 34.45 -4.11 6.72
CA ARG A 188 35.25 -3.95 7.93
C ARG A 188 35.63 -2.49 8.18
N SER A 189 35.64 -1.66 7.14
CA SER A 189 35.94 -0.24 7.26
C SER A 189 34.99 0.55 6.36
N SER A 190 34.99 1.88 6.53
CA SER A 190 34.08 2.81 5.88
C SER A 190 34.20 2.77 4.35
N PRO A 191 33.15 3.15 3.61
CA PRO A 191 33.26 3.18 2.15
C PRO A 191 34.10 4.31 1.60
N VAL A 192 34.49 5.25 2.45
CA VAL A 192 35.31 6.39 2.03
C VAL A 192 36.77 5.99 1.86
N ASP A 193 37.19 4.99 2.63
CA ASP A 193 38.57 4.52 2.58
C ASP A 193 38.74 3.45 1.51
N TYR A 194 37.85 2.45 1.52
CA TYR A 194 37.91 1.37 0.55
C TYR A 194 38.08 1.91 -0.87
N PHE A 195 37.42 3.02 -1.16
CA PHE A 195 37.52 3.64 -2.48
C PHE A 195 38.86 4.35 -2.67
N TRP A 196 39.76 4.16 -1.71
CA TRP A 196 41.08 4.77 -1.77
C TRP A 196 42.16 3.74 -2.03
N TYR A 197 42.00 2.56 -1.44
CA TYR A 197 42.97 1.48 -1.60
C TYR A 197 42.64 0.57 -2.78
N ARG A 198 41.56 0.84 -3.50
CA ARG A 198 41.36 0.26 -4.83
C ARG A 198 40.97 1.31 -5.85
N GLU A 199 40.20 2.30 -5.42
CA GLU A 199 39.66 3.30 -6.32
C GLU A 199 40.63 4.40 -6.62
N THR A 200 41.01 5.13 -5.60
CA THR A 200 41.93 6.23 -5.84
C THR A 200 43.16 5.64 -6.53
N LEU A 201 43.73 4.63 -5.90
CA LEU A 201 44.75 3.80 -6.52
C LEU A 201 44.57 2.38 -6.01
N ASN A 202 44.93 1.42 -6.84
CA ASN A 202 45.12 0.06 -6.36
C ASN A 202 46.33 0.10 -5.43
N ILE A 203 46.21 -0.58 -4.30
CA ILE A 203 47.24 -0.45 -3.29
C ILE A 203 48.15 -1.68 -3.33
N SER A 204 49.39 -1.49 -2.87
CA SER A 204 50.31 -2.59 -2.60
C SER A 204 50.37 -2.78 -1.10
N THR A 205 50.89 -3.93 -0.67
CA THR A 205 51.14 -4.09 0.75
C THR A 205 52.34 -3.26 1.20
N SER A 206 53.54 -3.60 0.71
CA SER A 206 54.75 -2.98 1.21
C SER A 206 55.28 -1.97 0.21
N ILE A 207 56.46 -1.42 0.53
CA ILE A 207 57.16 -0.58 -0.42
C ILE A 207 57.99 -1.44 -1.38
N SER A 208 58.25 -2.69 -1.02
CA SER A 208 59.16 -3.53 -1.79
C SER A 208 58.48 -4.27 -2.94
N ASP A 209 57.17 -4.12 -3.10
CA ASP A 209 56.45 -4.82 -4.14
C ASP A 209 55.60 -3.84 -4.95
N SER A 210 55.95 -3.71 -6.23
CA SER A 210 55.27 -2.80 -7.14
C SER A 210 54.19 -3.57 -7.88
N GLY A 211 52.96 -3.06 -7.81
CA GLY A 211 51.82 -3.73 -8.40
C GLY A 211 51.38 -3.10 -9.70
N SER A 212 50.09 -2.76 -9.76
CA SER A 212 49.47 -2.19 -10.95
C SER A 212 49.97 -0.78 -11.21
N ILE A 213 49.89 -0.33 -12.46
CA ILE A 213 50.48 0.93 -12.88
C ILE A 213 49.52 2.10 -12.79
N GLN A 214 48.21 1.82 -12.64
CA GLN A 214 47.13 2.82 -12.58
C GLN A 214 47.17 3.75 -13.79
N TRP A 215 46.89 3.16 -14.96
CA TRP A 215 47.08 3.85 -16.23
C TRP A 215 46.15 5.03 -16.39
N TRP A 216 44.91 4.92 -15.91
CA TRP A 216 44.01 6.06 -15.98
C TRP A 216 44.36 7.14 -14.97
N MET A 217 44.95 6.76 -13.83
CA MET A 217 45.52 7.74 -12.93
C MET A 217 46.77 8.37 -13.50
N LEU A 218 47.49 7.66 -14.37
CA LEU A 218 48.60 8.24 -15.09
C LEU A 218 48.15 9.29 -16.09
N LEU A 219 46.96 9.13 -16.68
CA LEU A 219 46.40 10.18 -17.50
C LEU A 219 46.04 11.40 -16.67
N CYS A 220 45.55 11.17 -15.44
CA CYS A 220 45.28 12.26 -14.53
C CYS A 220 46.54 12.97 -14.07
N LEU A 221 47.65 12.25 -13.97
CA LEU A 221 48.93 12.88 -13.71
C LEU A 221 49.39 13.70 -14.90
N ALA A 222 49.18 13.19 -16.12
CA ALA A 222 49.66 13.80 -17.35
C ALA A 222 49.04 15.17 -17.63
N CYS A 223 47.74 15.32 -17.47
CA CYS A 223 47.08 16.59 -17.69
C CYS A 223 47.42 17.62 -16.62
N ALA A 224 47.83 17.19 -15.43
CA ALA A 224 48.25 18.10 -14.38
C ALA A 224 49.54 18.83 -14.72
N TRP A 225 50.41 18.21 -15.51
CA TRP A 225 51.66 18.81 -15.95
C TRP A 225 51.46 19.92 -16.96
N SER A 226 50.27 20.05 -17.55
CA SER A 226 50.06 20.90 -18.72
C SER A 226 49.42 22.23 -18.39
N VAL A 227 48.57 22.29 -17.36
CA VAL A 227 47.97 23.56 -16.96
C VAL A 227 49.00 24.45 -16.27
N LEU A 228 50.06 23.85 -15.73
CA LEU A 228 51.24 24.62 -15.36
C LEU A 228 51.90 25.21 -16.59
N TYR A 229 52.24 24.34 -17.56
CA TYR A 229 52.97 24.72 -18.76
C TYR A 229 52.17 25.68 -19.63
N MET A 230 50.84 25.61 -19.57
CA MET A 230 50.01 26.60 -20.23
C MET A 230 50.19 27.98 -19.60
N CYS A 231 50.40 28.05 -18.30
CA CYS A 231 50.32 29.31 -17.57
C CYS A 231 51.65 30.04 -17.44
N THR A 232 52.79 29.37 -17.56
CA THR A 232 54.08 30.07 -17.49
C THR A 232 54.89 29.90 -18.77
N ILE A 233 54.21 29.87 -19.92
CA ILE A 233 54.90 29.70 -21.19
C ILE A 233 55.72 30.95 -21.52
N ARG A 234 55.22 32.13 -21.13
CA ARG A 234 55.99 33.36 -21.10
C ARG A 234 56.00 33.90 -19.68
N GLY A 235 57.16 33.84 -19.03
CA GLY A 235 57.32 33.73 -17.58
C GLY A 235 56.54 34.68 -16.69
N ILE A 236 56.89 35.96 -16.72
CA ILE A 236 56.23 36.93 -15.86
C ILE A 236 54.98 37.44 -16.56
N GLU A 237 54.97 37.37 -17.89
CA GLU A 237 53.86 37.91 -18.67
C GLU A 237 52.60 37.06 -18.55
N THR A 238 52.71 35.76 -18.80
CA THR A 238 51.52 34.92 -18.77
C THR A 238 51.06 34.67 -17.34
N THR A 239 52.01 34.52 -16.41
CA THR A 239 51.65 34.37 -15.01
C THR A 239 51.10 35.65 -14.41
N GLY A 240 51.58 36.80 -14.88
CA GLY A 240 51.12 38.08 -14.34
C GLY A 240 49.67 38.38 -14.69
N LYS A 241 49.19 37.83 -15.81
CA LYS A 241 47.79 37.89 -16.15
C LYS A 241 46.98 36.71 -15.60
N ALA A 242 47.65 35.61 -15.25
CA ALA A 242 46.98 34.46 -14.66
C ALA A 242 47.21 34.35 -13.16
N VAL A 243 47.50 35.46 -12.49
CA VAL A 243 47.57 35.49 -11.02
C VAL A 243 46.43 36.30 -10.43
N TYR A 244 45.67 37.02 -11.26
CA TYR A 244 44.62 37.88 -10.76
C TYR A 244 43.40 37.10 -10.29
N ILE A 245 43.32 35.81 -10.61
CA ILE A 245 42.17 35.01 -10.22
C ILE A 245 42.56 33.89 -9.26
N THR A 246 43.76 33.32 -9.41
CA THR A 246 44.13 32.14 -8.62
C THR A 246 44.59 32.51 -7.22
N SER A 247 44.72 33.80 -6.92
CA SER A 247 45.24 34.24 -5.63
C SER A 247 44.19 35.00 -4.82
N THR A 248 42.94 34.96 -5.25
CA THR A 248 41.81 35.49 -4.50
C THR A 248 40.74 34.45 -4.22
N LEU A 249 40.49 33.57 -5.18
CA LEU A 249 39.58 32.44 -4.98
C LEU A 249 39.89 31.51 -3.80
N PRO A 250 41.15 31.14 -3.47
CA PRO A 250 41.32 30.23 -2.32
C PRO A 250 41.16 30.89 -0.96
N TYR A 251 40.71 32.14 -0.89
CA TYR A 251 40.43 32.78 0.38
C TYR A 251 38.97 33.14 0.54
N VAL A 252 38.23 33.19 -0.56
CA VAL A 252 36.81 33.53 -0.53
C VAL A 252 35.96 32.31 -0.21
N VAL A 253 36.09 31.27 -1.03
CA VAL A 253 35.34 30.05 -0.84
C VAL A 253 35.51 29.50 0.57
N LEU A 254 36.64 29.82 1.19
CA LEU A 254 36.93 29.36 2.54
C LEU A 254 36.20 30.21 3.58
N THR A 255 35.52 31.24 3.11
CA THR A 255 34.76 32.12 4.00
C THR A 255 33.35 31.62 4.21
N ILE A 256 32.78 31.01 3.17
CA ILE A 256 31.41 30.48 3.24
C ILE A 256 31.42 29.10 3.88
N PHE A 257 32.51 28.34 3.69
CA PHE A 257 32.69 27.08 4.41
C PHE A 257 32.73 27.25 5.92
N LEU A 258 33.18 28.41 6.41
CA LEU A 258 33.11 28.71 7.84
C LEU A 258 31.67 28.81 8.32
N ILE A 259 30.82 29.56 7.59
CA ILE A 259 29.41 29.65 7.95
C ILE A 259 28.70 28.34 7.63
N ARG A 260 29.24 27.57 6.67
CA ARG A 260 28.73 26.23 6.44
C ARG A 260 28.97 25.34 7.65
N GLY A 261 30.08 25.57 8.36
CA GLY A 261 30.31 24.87 9.61
C GLY A 261 29.34 25.25 10.71
N LEU A 262 29.01 26.54 10.81
CA LEU A 262 27.98 26.93 11.77
C LEU A 262 26.57 26.80 11.21
N THR A 263 26.42 26.36 9.95
CA THR A 263 25.12 25.94 9.44
C THR A 263 24.71 24.59 9.98
N LEU A 264 25.65 23.65 10.09
CA LEU A 264 25.33 22.27 10.43
C LEU A 264 25.62 21.95 11.88
N LYS A 265 25.84 22.98 12.71
CA LYS A 265 25.85 22.94 14.18
C LYS A 265 27.06 22.19 14.75
N GLY A 266 27.89 21.60 13.89
CA GLY A 266 28.98 20.77 14.38
C GLY A 266 30.18 21.54 14.88
N ALA A 267 30.10 22.87 14.91
CA ALA A 267 31.17 23.67 15.50
C ALA A 267 31.04 23.69 17.02
N THR A 268 31.92 24.47 17.65
CA THR A 268 32.10 24.56 19.11
C THR A 268 32.43 23.21 19.75
N ASN A 269 32.96 22.28 18.96
CA ASN A 269 33.39 20.99 19.48
C ASN A 269 34.85 20.68 19.18
N GLY A 270 35.33 20.94 17.97
CA GLY A 270 36.75 20.92 17.71
C GLY A 270 37.30 22.31 17.90
N ILE A 271 36.39 23.27 17.98
CA ILE A 271 36.77 24.66 18.26
C ILE A 271 37.25 24.79 19.69
N VAL A 272 36.56 24.14 20.64
CA VAL A 272 37.04 24.09 22.01
C VAL A 272 38.23 23.14 22.12
N PHE A 273 38.35 22.21 21.17
CA PHE A 273 39.54 21.36 21.11
C PHE A 273 40.74 22.15 20.60
N LEU A 274 40.49 23.22 19.84
CA LEU A 274 41.56 24.13 19.48
C LEU A 274 42.02 24.96 20.67
N PHE A 275 41.17 25.08 21.69
CA PHE A 275 41.44 25.92 22.86
C PHE A 275 41.79 25.09 24.08
N THR A 276 42.56 24.02 23.92
CA THR A 276 42.98 23.18 25.04
C THR A 276 44.43 23.49 25.41
N PRO A 277 44.68 24.41 26.33
CA PRO A 277 46.07 24.80 26.61
C PRO A 277 46.78 23.77 27.49
N ASN A 278 47.69 23.03 26.88
CA ASN A 278 48.49 22.04 27.60
C ASN A 278 49.87 22.64 27.85
N VAL A 279 50.09 23.11 29.08
CA VAL A 279 51.38 23.68 29.44
C VAL A 279 52.41 22.57 29.68
N THR A 280 51.94 21.34 29.84
CA THR A 280 52.85 20.21 30.01
C THR A 280 53.51 19.81 28.69
N GLU A 281 52.89 20.13 27.57
CA GLU A 281 53.40 19.76 26.25
C GLU A 281 54.17 20.91 25.61
N LEU A 282 54.81 21.74 26.42
CA LEU A 282 55.56 22.90 25.93
C LEU A 282 57.05 22.79 26.15
N ALA A 283 57.47 22.18 27.26
CA ALA A 283 58.90 22.09 27.57
C ALA A 283 59.55 20.91 26.87
N GLN A 284 58.82 20.22 26.01
CA GLN A 284 59.35 19.13 25.21
C GLN A 284 60.36 19.66 24.22
N PRO A 285 61.41 18.90 23.89
CA PRO A 285 62.39 19.41 22.90
C PRO A 285 61.83 19.48 21.49
N ASP A 286 60.95 18.55 21.10
CA ASP A 286 60.36 18.57 19.78
C ASP A 286 59.22 19.58 19.66
N THR A 287 58.78 20.18 20.77
CA THR A 287 57.83 21.27 20.73
C THR A 287 58.40 22.49 20.01
N TRP A 288 59.62 22.88 20.35
CA TRP A 288 60.32 23.91 19.61
C TRP A 288 60.75 23.46 18.23
N LEU A 289 60.99 22.15 18.05
CA LEU A 289 61.49 21.65 16.77
C LEU A 289 60.39 21.63 15.72
N ASP A 290 59.27 20.98 16.01
CA ASP A 290 58.17 20.89 15.07
C ASP A 290 57.49 22.22 14.82
N ALA A 291 57.56 23.14 15.79
CA ALA A 291 57.12 24.51 15.52
C ALA A 291 58.06 25.21 14.56
N GLY A 292 59.37 24.96 14.68
CA GLY A 292 60.35 25.64 13.85
C GLY A 292 60.41 25.19 12.41
N ALA A 293 60.14 23.90 12.15
CA ALA A 293 60.14 23.39 10.79
C ALA A 293 58.95 23.89 9.97
N GLN A 294 57.79 24.03 10.59
CA GLN A 294 56.60 24.45 9.87
C GLN A 294 56.63 25.94 9.54
N VAL A 295 57.15 26.77 10.45
CA VAL A 295 57.20 28.21 10.18
C VAL A 295 58.24 28.53 9.11
N PHE A 296 59.25 27.67 8.96
CA PHE A 296 60.13 27.78 7.82
C PHE A 296 59.42 27.31 6.56
N PHE A 297 58.50 26.36 6.71
CA PHE A 297 57.79 25.79 5.59
C PHE A 297 56.50 26.54 5.26
N SER A 298 55.92 27.25 6.23
CA SER A 298 54.73 28.07 5.97
C SER A 298 55.07 29.21 5.02
N PHE A 299 56.30 29.70 5.08
CA PHE A 299 56.82 30.55 4.04
C PHE A 299 57.58 29.68 3.04
N SER A 300 57.79 30.20 1.85
CA SER A 300 58.35 29.42 0.76
C SER A 300 59.74 29.96 0.43
N LEU A 301 60.76 29.39 1.06
CA LEU A 301 62.07 30.01 1.19
C LEU A 301 63.14 29.16 0.53
N ALA A 302 64.30 29.79 0.31
CA ALA A 302 65.51 29.22 -0.29
C ALA A 302 65.24 28.68 -1.69
N PHE A 303 64.59 29.50 -2.52
CA PHE A 303 64.31 29.13 -3.90
C PHE A 303 64.83 30.17 -4.90
N GLY A 304 64.80 31.45 -4.56
CA GLY A 304 65.49 32.46 -5.33
C GLY A 304 64.69 33.13 -6.42
N GLY A 305 63.44 32.71 -6.60
CA GLY A 305 62.59 33.36 -7.60
C GLY A 305 62.13 34.71 -7.11
N LEU A 306 62.05 34.85 -5.79
CA LEU A 306 61.65 36.12 -5.19
C LEU A 306 62.74 37.18 -5.35
N ILE A 307 63.99 36.77 -5.50
CA ILE A 307 65.05 37.68 -5.92
C ILE A 307 64.73 38.27 -7.28
N SER A 308 64.31 37.42 -8.22
CA SER A 308 63.91 37.92 -9.53
C SER A 308 62.61 38.70 -9.47
N PHE A 309 61.73 38.35 -8.53
CA PHE A 309 60.48 39.08 -8.36
C PHE A 309 60.71 40.48 -7.82
N SER A 310 61.62 40.63 -6.86
CA SER A 310 62.02 41.95 -6.38
C SER A 310 62.98 42.66 -7.31
N SER A 311 63.36 42.02 -8.43
CA SER A 311 64.17 42.71 -9.42
C SER A 311 63.33 43.35 -10.50
N TYR A 312 62.01 43.14 -10.49
CA TYR A 312 61.15 43.60 -11.57
C TYR A 312 60.23 44.74 -11.15
N ASN A 313 60.53 45.40 -10.04
CA ASN A 313 59.80 46.58 -9.61
C ASN A 313 60.77 47.76 -9.56
N SER A 314 60.28 48.88 -9.04
CA SER A 314 61.09 50.09 -8.94
C SER A 314 62.16 49.93 -7.87
N VAL A 315 63.30 50.60 -8.08
CA VAL A 315 64.42 50.55 -7.15
C VAL A 315 64.05 51.17 -5.81
N HIS A 316 63.48 52.37 -5.82
CA HIS A 316 63.02 53.01 -4.60
C HIS A 316 61.61 52.57 -4.26
N ASN A 317 61.39 51.28 -4.10
CA ASN A 317 60.11 50.79 -3.63
C ASN A 317 60.26 50.37 -2.17
N ASN A 318 59.35 50.84 -1.33
CA ASN A 318 59.37 50.47 0.08
C ASN A 318 59.01 49.01 0.23
N CYS A 319 60.01 48.20 0.57
CA CYS A 319 59.80 46.80 0.90
C CYS A 319 59.86 46.55 2.39
N GLU A 320 60.09 47.59 3.21
CA GLU A 320 60.18 47.39 4.65
C GLU A 320 58.81 47.04 5.24
N LYS A 321 57.80 47.89 4.99
CA LYS A 321 56.46 47.55 5.46
C LYS A 321 55.84 46.43 4.61
N ASP A 322 56.32 46.24 3.38
CA ASP A 322 55.89 45.09 2.59
C ASP A 322 56.39 43.80 3.19
N SER A 323 57.56 43.84 3.84
CA SER A 323 57.97 42.71 4.67
C SER A 323 57.07 42.54 5.88
N VAL A 324 56.53 43.63 6.41
CA VAL A 324 55.61 43.54 7.55
C VAL A 324 54.25 43.05 7.09
N ILE A 325 53.83 43.44 5.88
CA ILE A 325 52.45 43.16 5.45
C ILE A 325 52.28 41.68 5.14
N VAL A 326 53.06 41.15 4.20
CA VAL A 326 52.76 39.83 3.64
C VAL A 326 53.15 38.72 4.60
N SER A 327 54.08 39.01 5.51
CA SER A 327 54.44 38.03 6.53
C SER A 327 53.37 37.92 7.60
N ILE A 328 52.59 38.98 7.81
CA ILE A 328 51.59 38.94 8.87
C ILE A 328 50.41 38.06 8.46
N ILE A 329 49.93 38.19 7.21
CA ILE A 329 48.70 37.52 6.80
C ILE A 329 48.89 36.03 6.72
N ASN A 330 50.01 35.57 6.14
CA ASN A 330 50.24 34.14 5.97
C ASN A 330 50.42 33.42 7.29
N GLY A 331 50.92 34.11 8.30
CA GLY A 331 50.88 33.62 9.67
C GLY A 331 49.55 33.83 10.37
N PHE A 332 48.69 34.71 9.84
CA PHE A 332 47.41 34.96 10.46
C PHE A 332 46.27 34.20 9.80
N THR A 333 46.27 34.11 8.45
CA THR A 333 45.23 33.36 7.76
C THR A 333 45.29 31.88 8.05
N SER A 334 46.50 31.33 8.20
CA SER A 334 46.66 29.91 8.46
C SER A 334 46.05 29.48 9.79
N VAL A 335 46.07 30.38 10.77
CA VAL A 335 45.31 30.17 11.99
C VAL A 335 43.81 30.14 11.70
N TYR A 336 43.34 31.04 10.84
CA TYR A 336 41.93 31.07 10.49
C TYR A 336 41.55 29.89 9.60
N VAL A 337 42.50 29.34 8.85
CA VAL A 337 42.28 28.05 8.22
C VAL A 337 42.15 26.94 9.27
N ALA A 338 42.93 27.00 10.35
CA ALA A 338 42.83 25.98 11.39
C ALA A 338 41.51 26.02 12.15
N ILE A 339 40.79 27.15 12.09
CA ILE A 339 39.47 27.21 12.71
C ILE A 339 38.45 26.37 11.94
N VAL A 340 38.45 26.49 10.61
CA VAL A 340 37.34 25.93 9.83
C VAL A 340 37.44 24.40 9.78
N VAL A 341 38.63 23.84 9.92
CA VAL A 341 38.77 22.39 9.79
C VAL A 341 38.32 21.71 11.07
N TYR A 342 38.57 22.32 12.22
CA TYR A 342 38.19 21.70 13.48
C TYR A 342 36.71 21.83 13.77
N SER A 343 36.04 22.82 13.18
CA SER A 343 34.59 22.80 13.13
C SER A 343 34.08 21.58 12.39
N VAL A 344 34.72 21.22 11.28
CA VAL A 344 34.39 20.00 10.56
C VAL A 344 34.82 18.77 11.35
N ILE A 345 36.00 18.83 11.98
CA ILE A 345 36.46 17.75 12.85
C ILE A 345 35.52 17.57 14.03
N GLY A 346 35.10 18.69 14.62
CA GLY A 346 34.04 18.64 15.62
C GLY A 346 32.72 18.17 15.06
N PHE A 347 32.41 18.49 13.81
CA PHE A 347 31.15 18.07 13.20
C PHE A 347 31.12 16.57 12.94
N ARG A 348 32.21 16.03 12.37
CA ARG A 348 32.28 14.60 12.13
C ARG A 348 32.28 13.82 13.44
N ALA A 349 32.98 14.33 14.44
CA ALA A 349 32.98 13.70 15.75
C ALA A 349 31.63 13.81 16.45
N THR A 350 30.86 14.87 16.19
CA THR A 350 29.56 15.06 16.81
C THR A 350 28.55 13.98 16.46
N GLN A 351 28.31 13.75 15.17
CA GLN A 351 27.31 12.78 14.78
C GLN A 351 27.78 11.35 15.04
N ARG A 352 29.08 11.11 14.89
CA ARG A 352 29.59 9.77 15.18
C ARG A 352 29.58 9.48 16.68
N TYR A 353 29.56 10.51 17.52
CA TYR A 353 29.45 10.32 18.96
C TYR A 353 28.12 9.68 19.35
N ASP A 354 27.06 9.96 18.59
CA ASP A 354 25.74 9.45 18.96
C ASP A 354 25.31 8.27 18.12
N ASP A 355 26.00 7.98 17.01
CA ASP A 355 25.64 6.88 16.14
C ASP A 355 25.80 5.53 16.82
N CYS A 356 26.92 5.31 17.49
CA CYS A 356 27.06 4.16 18.37
C CYS A 356 26.07 4.22 19.52
N PHE A 357 25.77 5.43 20.00
CA PHE A 357 24.84 5.57 21.11
C PHE A 357 23.41 5.33 20.68
N SER A 358 23.02 5.84 19.50
CA SER A 358 21.71 5.49 18.97
C SER A 358 21.63 4.01 18.61
N THR A 359 22.75 3.41 18.22
CA THR A 359 22.80 1.96 18.11
C THR A 359 22.61 1.31 19.47
N ASN A 360 23.20 1.91 20.52
CA ASN A 360 23.01 1.37 21.86
C ASN A 360 21.65 1.75 22.41
N ILE A 361 21.10 2.87 21.97
CA ILE A 361 19.69 3.15 22.21
C ILE A 361 18.83 2.06 21.60
N LEU A 362 19.17 1.64 20.38
CA LEU A 362 18.56 0.46 19.80
C LEU A 362 18.96 -0.82 20.54
N THR A 363 20.22 -0.92 20.99
CA THR A 363 20.65 -2.16 21.61
C THR A 363 20.06 -2.32 23.02
N LEU A 364 19.72 -1.21 23.67
CA LEU A 364 19.02 -1.30 24.95
C LEU A 364 17.63 -1.87 24.75
N ILE A 365 16.89 -1.35 23.77
CA ILE A 365 15.54 -1.84 23.56
C ILE A 365 15.54 -3.14 22.76
N ASN A 366 16.72 -3.54 22.26
CA ASN A 366 16.85 -4.82 21.57
C ASN A 366 16.51 -5.99 22.49
N GLY A 367 17.27 -6.16 23.57
CA GLY A 367 17.04 -7.28 24.45
C GLY A 367 16.10 -6.94 25.60
N PHE A 368 16.03 -5.66 25.96
CA PHE A 368 15.34 -5.33 27.20
C PHE A 368 14.12 -4.44 26.98
N ASP A 369 13.94 -3.94 25.75
CA ASP A 369 12.63 -3.56 25.24
C ASP A 369 11.89 -2.47 26.03
N LEU A 370 12.35 -1.23 25.96
CA LEU A 370 11.53 -0.14 26.47
C LEU A 370 10.69 0.38 25.32
N PRO A 371 9.60 1.09 25.60
CA PRO A 371 8.91 1.84 24.55
C PRO A 371 9.82 2.89 23.94
N GLU A 372 9.69 3.04 22.61
CA GLU A 372 10.63 3.85 21.85
C GLU A 372 10.53 5.33 22.18
N GLY A 373 9.39 5.77 22.71
CA GLY A 373 9.28 7.13 23.17
C GLY A 373 10.04 7.38 24.45
N ASN A 374 9.95 6.45 25.41
CA ASN A 374 10.57 6.66 26.71
C ASN A 374 11.99 6.09 26.75
N VAL A 375 12.78 6.47 25.75
CA VAL A 375 14.21 6.15 25.69
C VAL A 375 14.87 7.23 24.81
N THR A 376 15.94 7.83 25.33
CA THR A 376 16.72 8.86 24.65
C THR A 376 18.10 8.93 25.31
N GLN A 377 18.99 9.73 24.72
CA GLN A 377 20.35 9.90 25.25
C GLN A 377 20.24 10.75 26.51
N GLU A 378 19.96 10.05 27.59
CA GLU A 378 19.28 10.52 28.79
C GLU A 378 19.50 9.46 29.86
N ASN A 379 18.50 9.26 30.72
CA ASN A 379 18.39 8.17 31.69
C ASN A 379 18.37 6.75 31.06
N PHE A 380 18.65 6.62 29.76
CA PHE A 380 19.13 5.41 29.10
C PHE A 380 20.07 4.59 29.97
N VAL A 381 21.13 5.23 30.49
CA VAL A 381 22.01 4.53 31.42
C VAL A 381 21.35 4.27 32.76
N ASP A 382 20.40 5.12 33.16
CA ASP A 382 19.69 4.89 34.41
C ASP A 382 18.64 3.81 34.25
N MET A 383 17.95 3.81 33.10
CA MET A 383 17.03 2.71 32.80
C MET A 383 17.78 1.41 32.57
N GLN A 384 19.02 1.47 32.07
CA GLN A 384 19.90 0.31 32.03
C GLN A 384 20.13 -0.30 33.41
N GLN A 385 20.17 0.53 34.44
CA GLN A 385 20.26 0.00 35.79
C GLN A 385 18.98 -0.71 36.19
N ARG A 386 17.83 -0.22 35.72
CA ARG A 386 16.58 -0.93 35.95
C ARG A 386 16.48 -2.18 35.10
N CYS A 387 17.09 -2.16 33.90
CA CYS A 387 17.15 -3.38 33.09
C CYS A 387 18.03 -4.44 33.74
N ASN A 388 19.20 -4.04 34.24
CA ASN A 388 20.06 -4.99 34.95
C ASN A 388 19.43 -5.44 36.25
N ALA A 389 18.64 -4.57 36.89
CA ALA A 389 17.92 -4.96 38.10
C ALA A 389 16.76 -5.90 37.81
N SER A 390 16.00 -5.65 36.74
CA SER A 390 14.92 -6.56 36.38
C SER A 390 15.43 -7.92 35.93
N ASP A 391 16.56 -7.94 35.23
CA ASP A 391 17.21 -9.18 34.85
C ASP A 391 18.69 -8.96 34.56
N PRO A 392 19.58 -9.74 35.16
CA PRO A 392 20.99 -9.64 34.76
C PRO A 392 21.35 -10.61 33.64
N ALA A 393 20.52 -11.61 33.39
CA ALA A 393 20.84 -12.70 32.47
C ALA A 393 20.87 -12.23 31.02
N ALA A 394 19.79 -11.62 30.54
CA ALA A 394 19.79 -11.03 29.21
C ALA A 394 20.65 -9.77 29.18
N TYR A 395 20.90 -9.19 30.35
CA TYR A 395 21.75 -8.01 30.44
C TYR A 395 23.21 -8.36 30.17
N ALA A 396 23.57 -9.63 30.34
CA ALA A 396 24.92 -10.09 30.09
C ALA A 396 25.12 -10.48 28.64
N GLN A 397 24.12 -10.23 27.79
CA GLN A 397 24.23 -10.50 26.37
C GLN A 397 24.15 -9.26 25.51
N LEU A 398 23.84 -8.10 26.08
CA LEU A 398 23.69 -6.87 25.32
C LEU A 398 24.98 -6.06 25.42
N VAL A 399 25.76 -6.07 24.34
CA VAL A 399 27.00 -5.31 24.29
C VAL A 399 26.68 -3.88 23.89
N PHE A 400 27.33 -2.93 24.58
CA PHE A 400 27.14 -1.52 24.29
C PHE A 400 28.46 -0.91 23.87
N GLN A 401 28.41 -0.05 22.86
CA GLN A 401 29.59 0.58 22.29
C GLN A 401 29.80 1.92 22.96
N THR A 402 30.70 1.97 23.92
CA THR A 402 30.99 3.22 24.61
C THR A 402 31.64 4.23 23.68
N CYS A 403 31.24 5.49 23.82
CA CYS A 403 31.71 6.52 22.91
C CYS A 403 31.91 7.81 23.70
N ASP A 404 32.73 8.69 23.14
CA ASP A 404 33.09 9.94 23.80
C ASP A 404 33.63 10.92 22.78
N ILE A 405 33.28 12.20 22.94
CA ILE A 405 34.01 13.25 22.27
C ILE A 405 35.31 13.48 23.03
N ASN A 406 36.44 13.43 22.29
CA ASN A 406 37.85 13.16 22.65
C ASN A 406 38.09 11.67 22.77
N ALA A 407 37.12 10.85 22.38
CA ALA A 407 37.42 9.51 21.91
C ALA A 407 37.05 9.51 20.43
N PHE A 408 36.34 10.55 20.01
CA PHE A 408 36.15 10.82 18.60
C PHE A 408 36.96 12.01 18.12
N LEU A 409 37.43 12.85 19.05
CA LEU A 409 38.40 13.87 18.69
C LEU A 409 39.83 13.39 18.81
N SER A 410 40.05 12.20 19.36
CA SER A 410 41.39 11.72 19.62
C SER A 410 41.98 11.01 18.41
N GLU A 411 41.13 10.68 17.44
CA GLU A 411 41.66 10.15 16.19
C GLU A 411 41.95 11.28 15.23
N ALA A 412 43.02 11.12 14.47
CA ALA A 412 43.46 12.16 13.55
C ALA A 412 44.24 11.51 12.41
N VAL A 413 44.79 12.36 11.55
CA VAL A 413 45.56 11.94 10.38
C VAL A 413 46.38 13.17 10.00
N GLU A 414 47.49 12.96 9.28
CA GLU A 414 48.29 14.07 8.81
C GLU A 414 48.73 13.79 7.37
N GLY A 415 49.20 14.83 6.70
CA GLY A 415 49.69 14.69 5.34
C GLY A 415 48.60 14.72 4.29
N THR A 416 47.83 13.65 4.17
CA THR A 416 46.87 13.53 3.08
C THR A 416 45.44 13.21 3.50
N GLY A 417 45.23 12.51 4.62
CA GLY A 417 43.93 11.96 4.91
C GLY A 417 42.87 12.97 5.31
N LEU A 418 43.26 14.18 5.68
CA LEU A 418 42.32 15.19 6.17
C LEU A 418 41.33 15.62 5.12
N ALA A 419 41.76 15.77 3.87
CA ALA A 419 40.87 16.14 2.79
C ALA A 419 40.42 14.97 1.95
N PHE A 420 41.04 13.81 2.11
CA PHE A 420 40.76 12.68 1.23
C PHE A 420 39.95 11.57 1.89
N ILE A 421 40.11 11.33 3.18
CA ILE A 421 39.31 10.29 3.84
C ILE A 421 38.65 10.83 5.10
N VAL A 422 38.74 12.14 5.33
CA VAL A 422 38.15 12.78 6.50
C VAL A 422 37.14 13.84 6.10
N PHE A 423 37.56 14.78 5.23
CA PHE A 423 36.68 15.89 4.86
C PHE A 423 35.53 15.42 3.98
N THR A 424 35.77 14.43 3.12
CA THR A 424 34.75 13.96 2.21
C THR A 424 33.61 13.23 2.91
N GLU A 425 33.83 12.76 4.14
CA GLU A 425 32.77 12.18 4.94
C GLU A 425 31.75 13.23 5.37
N ALA A 426 32.21 14.35 5.91
CA ALA A 426 31.30 15.43 6.29
C ALA A 426 30.75 16.15 5.07
N ILE A 427 31.41 16.04 3.92
CA ILE A 427 30.82 16.47 2.66
C ILE A 427 29.54 15.69 2.40
N THR A 428 29.55 14.38 2.69
CA THR A 428 28.38 13.54 2.51
C THR A 428 27.36 13.68 3.64
N LYS A 429 27.55 14.65 4.54
CA LYS A 429 26.55 14.97 5.56
C LYS A 429 25.91 16.32 5.23
N MET A 430 25.71 16.53 3.93
CA MET A 430 25.18 17.79 3.42
C MET A 430 24.00 17.49 2.51
N PRO A 431 22.98 18.36 2.47
CA PRO A 431 21.86 18.15 1.54
C PRO A 431 22.24 18.35 0.08
N LEU A 432 23.32 19.08 -0.20
CA LEU A 432 23.82 19.28 -1.55
C LEU A 432 25.21 18.65 -1.65
N SER A 433 25.31 17.43 -1.14
CA SER A 433 26.58 16.73 -0.97
C SER A 433 27.44 16.58 -2.23
N PRO A 434 26.91 16.31 -3.43
CA PRO A 434 27.77 16.38 -4.63
C PRO A 434 28.21 17.78 -5.02
N LEU A 435 27.51 18.83 -4.56
CA LEU A 435 27.82 20.18 -4.99
C LEU A 435 29.02 20.75 -4.23
N TRP A 436 29.05 20.62 -2.89
CA TRP A 436 30.21 21.02 -2.11
C TRP A 436 31.42 20.15 -2.38
N SER A 437 31.22 18.92 -2.85
CA SER A 437 32.30 18.09 -3.36
C SER A 437 33.03 18.73 -4.52
N VAL A 438 32.33 19.49 -5.35
CA VAL A 438 33.01 20.28 -6.38
C VAL A 438 33.75 21.45 -5.74
N LEU A 439 33.03 22.23 -4.90
CA LEU A 439 33.55 23.52 -4.41
C LEU A 439 34.76 23.37 -3.51
N PHE A 440 34.99 22.18 -2.98
CA PHE A 440 36.14 21.95 -2.12
C PHE A 440 37.44 21.92 -2.91
N PHE A 441 37.40 21.41 -4.14
CA PHE A 441 38.61 20.97 -4.80
C PHE A 441 39.22 21.99 -5.76
N ILE A 442 38.44 22.96 -6.27
CA ILE A 442 39.07 24.02 -7.06
C ILE A 442 39.89 24.92 -6.14
N MET A 443 39.44 25.07 -4.90
CA MET A 443 40.17 25.85 -3.90
C MET A 443 41.54 25.25 -3.60
N LEU A 444 41.62 23.93 -3.46
CA LEU A 444 42.91 23.32 -3.17
C LEU A 444 43.75 23.14 -4.42
N PHE A 445 43.13 23.14 -5.59
CA PHE A 445 43.90 23.08 -6.82
C PHE A 445 44.68 24.37 -7.06
N CYS A 446 44.00 25.51 -6.98
CA CYS A 446 44.66 26.79 -7.19
C CYS A 446 45.59 27.14 -6.04
N LEU A 447 45.35 26.56 -4.86
CA LEU A 447 46.24 26.74 -3.73
C LEU A 447 47.63 26.17 -3.99
N GLY A 448 47.70 24.95 -4.51
CA GLY A 448 48.98 24.34 -4.84
C GLY A 448 49.57 24.96 -6.08
N LEU A 449 48.71 25.34 -7.02
CA LEU A 449 49.14 25.91 -8.29
C LEU A 449 49.82 27.26 -8.10
N SER A 450 49.25 28.13 -7.25
CA SER A 450 49.91 29.36 -6.86
C SER A 450 51.22 29.11 -6.13
N SER A 451 51.29 28.03 -5.35
CA SER A 451 52.55 27.60 -4.76
C SER A 451 53.40 26.82 -5.75
N MET A 452 52.87 26.49 -6.91
CA MET A 452 53.67 25.83 -7.94
C MET A 452 54.34 26.81 -8.89
N PHE A 453 54.60 28.04 -8.45
CA PHE A 453 55.16 29.02 -9.38
C PHE A 453 56.60 29.36 -9.05
N GLY A 454 56.94 29.46 -7.77
CA GLY A 454 58.27 29.87 -7.39
C GLY A 454 59.26 28.72 -7.38
N ASN A 455 58.78 27.51 -7.10
CA ASN A 455 59.60 26.32 -7.34
C ASN A 455 59.85 26.13 -8.84
N MET A 456 58.85 26.44 -9.65
CA MET A 456 59.07 26.64 -11.09
C MET A 456 60.01 27.81 -11.37
N GLU A 457 59.95 28.86 -10.56
CA GLU A 457 60.93 29.92 -10.72
C GLU A 457 62.27 29.53 -10.14
N GLY A 458 62.28 28.64 -9.16
CA GLY A 458 63.52 28.17 -8.55
C GLY A 458 64.37 27.27 -9.43
N VAL A 459 63.83 26.83 -10.57
CA VAL A 459 64.59 25.99 -11.49
C VAL A 459 64.99 26.74 -12.75
N VAL A 460 64.33 27.86 -13.06
CA VAL A 460 64.62 28.55 -14.31
C VAL A 460 65.60 29.70 -14.09
N VAL A 461 65.64 30.24 -12.88
CA VAL A 461 66.54 31.34 -12.56
C VAL A 461 67.99 30.85 -12.42
N PRO A 462 68.30 29.72 -11.78
CA PRO A 462 69.66 29.17 -11.95
C PRO A 462 69.90 28.59 -13.34
N LEU A 463 68.85 28.30 -14.11
CA LEU A 463 69.03 27.82 -15.48
C LEU A 463 69.53 28.90 -16.42
N GLN A 464 69.09 30.14 -16.27
CA GLN A 464 69.61 31.24 -17.06
C GLN A 464 71.00 31.69 -16.58
N ASP A 465 71.47 31.18 -15.45
CA ASP A 465 72.82 31.42 -14.99
C ASP A 465 73.76 30.26 -15.33
N LEU A 466 73.31 29.31 -16.13
CA LEU A 466 74.16 28.21 -16.56
C LEU A 466 74.94 28.61 -17.80
N ARG A 467 74.23 28.92 -18.88
CA ARG A 467 74.75 29.45 -20.14
C ARG A 467 75.86 28.62 -20.77
N VAL A 468 75.77 27.30 -20.66
CA VAL A 468 76.58 26.39 -21.45
C VAL A 468 75.73 25.76 -22.55
N ILE A 469 74.42 25.96 -22.49
CA ILE A 469 73.47 25.50 -23.50
C ILE A 469 73.48 26.52 -24.64
N PRO A 470 73.00 26.15 -25.82
CA PRO A 470 72.82 27.14 -26.89
C PRO A 470 71.78 28.19 -26.50
N PRO A 471 72.11 29.47 -26.70
CA PRO A 471 71.18 30.55 -26.29
C PRO A 471 70.03 30.78 -27.25
N LYS A 472 69.99 30.08 -28.38
CA LYS A 472 68.86 30.15 -29.29
C LYS A 472 67.72 29.29 -28.76
N TRP A 473 66.64 29.18 -29.57
CA TRP A 473 65.37 28.57 -29.21
C TRP A 473 64.83 29.19 -27.93
N PRO A 474 64.26 30.40 -27.99
CA PRO A 474 63.96 31.18 -26.77
C PRO A 474 62.94 30.56 -25.82
N LYS A 475 62.71 31.27 -24.70
CA LYS A 475 62.15 30.80 -23.42
C LYS A 475 60.95 29.87 -23.55
N GLU A 476 60.09 30.06 -24.55
CA GLU A 476 58.96 29.16 -24.76
C GLU A 476 59.43 27.76 -25.15
N VAL A 477 60.54 27.66 -25.90
CA VAL A 477 61.15 26.36 -26.15
C VAL A 477 61.80 25.84 -24.86
N LEU A 478 62.39 26.71 -24.05
CA LEU A 478 62.92 26.28 -22.76
C LEU A 478 61.80 25.88 -21.81
N THR A 479 60.62 26.49 -21.95
CA THR A 479 59.50 26.13 -21.10
C THR A 479 59.01 24.71 -21.39
N GLY A 480 59.07 24.29 -22.65
CA GLY A 480 58.73 22.93 -23.00
C GLY A 480 59.76 21.90 -22.55
N LEU A 481 60.99 22.33 -22.31
CA LEU A 481 62.04 21.44 -21.84
C LEU A 481 61.97 21.17 -20.34
N ILE A 482 61.26 22.01 -19.60
CA ILE A 482 61.13 21.80 -18.15
C ILE A 482 60.00 20.84 -17.84
N CYS A 483 58.79 21.10 -18.37
CA CYS A 483 57.60 20.33 -18.01
C CYS A 483 57.65 18.90 -18.49
N LEU A 484 58.34 18.63 -19.60
CA LEU A 484 58.49 17.28 -20.10
C LEU A 484 59.75 16.60 -19.58
N GLY A 485 60.71 17.39 -19.08
CA GLY A 485 61.81 16.80 -18.34
C GLY A 485 61.40 16.22 -17.00
N THR A 486 60.63 16.97 -16.22
CA THR A 486 60.12 16.47 -14.94
C THR A 486 58.77 15.77 -15.09
N PHE A 487 58.33 15.52 -16.31
CA PHE A 487 57.16 14.68 -16.54
C PHE A 487 57.44 13.23 -16.15
N LEU A 488 58.70 12.82 -16.27
CA LEU A 488 59.02 11.40 -16.35
C LEU A 488 59.10 10.73 -14.98
N ILE A 489 59.47 11.47 -13.95
CA ILE A 489 59.86 10.85 -12.68
C ILE A 489 58.61 10.55 -11.83
N GLY A 490 57.50 11.24 -12.09
CA GLY A 490 56.27 10.99 -11.34
C GLY A 490 55.57 9.68 -11.64
N PHE A 491 56.12 8.91 -12.58
CA PHE A 491 55.50 7.65 -13.00
C PHE A 491 55.55 6.59 -11.91
N ILE A 492 56.55 6.64 -11.04
CA ILE A 492 56.72 5.61 -10.01
C ILE A 492 55.73 5.83 -8.88
N PHE A 493 55.14 7.02 -8.81
CA PHE A 493 54.10 7.28 -7.82
C PHE A 493 52.75 6.73 -8.25
N THR A 494 52.59 6.41 -9.54
CA THR A 494 51.36 5.84 -10.04
C THR A 494 51.26 4.33 -9.77
N LEU A 495 52.31 3.73 -9.23
CA LEU A 495 52.27 2.30 -8.94
C LEU A 495 51.41 2.03 -7.71
N ASN A 496 51.20 0.74 -7.45
CA ASN A 496 50.54 0.34 -6.21
C ASN A 496 51.44 0.63 -5.02
N SER A 497 52.75 0.57 -5.22
CA SER A 497 53.74 0.89 -4.20
C SER A 497 54.04 2.37 -4.12
N GLY A 498 53.51 3.18 -5.05
CA GLY A 498 53.94 4.54 -5.22
C GLY A 498 53.57 5.48 -4.09
N GLN A 499 52.52 5.14 -3.33
CA GLN A 499 52.15 5.99 -2.20
C GLN A 499 53.16 5.93 -1.07
N TYR A 500 53.78 4.76 -0.85
CA TYR A 500 54.83 4.65 0.14
C TYR A 500 56.07 5.44 -0.22
N TRP A 501 56.32 5.67 -1.51
CA TRP A 501 57.40 6.55 -1.91
C TRP A 501 57.09 8.00 -1.56
N LEU A 502 55.83 8.39 -1.63
CA LEU A 502 55.45 9.76 -1.30
C LEU A 502 55.59 10.06 0.19
N SER A 503 55.43 9.03 1.03
CA SER A 503 55.59 9.21 2.47
C SER A 503 57.04 9.46 2.88
N LEU A 504 57.99 9.16 2.00
CA LEU A 504 59.38 9.48 2.26
C LEU A 504 59.62 10.98 2.10
N LEU A 505 58.96 11.59 1.11
CA LEU A 505 59.34 12.93 0.67
C LEU A 505 58.89 14.01 1.64
N ASP A 506 57.64 13.95 2.11
CA ASP A 506 57.17 14.91 3.09
C ASP A 506 57.90 14.75 4.43
N SER A 507 58.37 13.54 4.72
CA SER A 507 59.10 13.32 5.96
C SER A 507 60.57 13.70 5.83
N TYR A 508 61.20 13.41 4.69
CA TYR A 508 62.65 13.55 4.60
C TYR A 508 63.08 14.63 3.63
N ALA A 509 62.49 14.65 2.43
CA ALA A 509 62.90 15.60 1.40
C ALA A 509 62.47 17.01 1.77
N GLY A 510 63.46 17.86 2.04
CA GLY A 510 63.18 19.22 2.44
C GLY A 510 62.77 19.37 3.89
N SER A 511 63.40 18.61 4.78
CA SER A 511 63.11 18.74 6.20
C SER A 511 64.32 19.32 6.91
N ILE A 512 65.44 18.60 6.87
CA ILE A 512 66.71 19.13 7.33
C ILE A 512 67.44 20.05 6.33
N PRO A 513 67.57 19.78 5.01
CA PRO A 513 68.52 20.59 4.23
C PRO A 513 68.00 21.98 3.87
N LEU A 514 66.73 22.28 4.16
CA LEU A 514 66.19 23.63 3.98
C LEU A 514 66.80 24.64 4.94
N LEU A 515 67.31 24.17 6.09
CA LEU A 515 67.83 25.08 7.12
C LEU A 515 69.16 25.70 6.75
N ILE A 516 70.17 24.88 6.44
CA ILE A 516 71.53 25.39 6.32
C ILE A 516 71.75 26.07 4.98
N ILE A 517 70.85 25.84 4.02
CA ILE A 517 70.83 26.68 2.83
C ILE A 517 70.50 28.12 3.20
N ALA A 518 69.54 28.30 4.11
CA ALA A 518 69.23 29.62 4.62
C ALA A 518 70.30 30.15 5.56
N PHE A 519 71.09 29.26 6.19
CA PHE A 519 72.12 29.71 7.11
C PHE A 519 73.30 30.32 6.38
N CYS A 520 73.54 29.91 5.14
CA CYS A 520 74.62 30.48 4.35
C CYS A 520 74.36 31.91 3.90
N GLU A 521 73.12 32.38 4.00
CA GLU A 521 72.85 33.80 3.79
C GLU A 521 73.42 34.64 4.92
N MET A 522 73.38 34.11 6.14
CA MET A 522 73.81 34.87 7.31
C MET A 522 75.32 35.06 7.34
N PHE A 523 76.07 34.08 6.84
CA PHE A 523 77.52 34.18 6.83
C PHE A 523 78.00 35.15 5.76
N SER A 524 77.28 35.21 4.64
CA SER A 524 77.66 36.06 3.52
C SER A 524 77.44 37.54 3.77
N VAL A 525 76.32 37.94 4.35
CA VAL A 525 76.03 39.37 4.47
C VAL A 525 76.85 39.99 5.60
N VAL A 526 77.14 39.23 6.66
CA VAL A 526 77.81 39.82 7.81
C VAL A 526 79.32 39.80 7.64
N TYR A 527 79.89 38.64 7.36
CA TYR A 527 81.34 38.46 7.39
C TYR A 527 82.00 38.56 6.03
N VAL A 528 81.24 38.53 4.95
CA VAL A 528 81.78 38.63 3.60
C VAL A 528 81.33 39.92 2.92
N TYR A 529 80.01 40.13 2.81
CA TYR A 529 79.51 41.35 2.17
C TYR A 529 79.66 42.57 3.05
N GLY A 530 79.48 42.42 4.36
CA GLY A 530 79.55 43.57 5.24
C GLY A 530 78.18 44.15 5.52
N VAL A 531 77.76 44.10 6.78
CA VAL A 531 76.45 44.63 7.17
C VAL A 531 76.41 46.16 7.03
N ASP A 532 77.54 46.84 7.23
CA ASP A 532 77.61 48.26 6.96
C ASP A 532 77.57 48.57 5.48
N ARG A 533 78.10 47.67 4.64
CA ARG A 533 77.87 47.78 3.20
C ARG A 533 76.41 47.54 2.87
N PHE A 534 75.73 46.71 3.66
CA PHE A 534 74.28 46.60 3.51
C PHE A 534 73.57 47.77 4.13
N ASN A 535 74.18 48.42 5.13
CA ASN A 535 73.57 49.59 5.75
C ASN A 535 73.49 50.78 4.82
N LYS A 536 74.48 50.98 3.95
CA LYS A 536 74.37 52.08 2.99
C LYS A 536 73.42 51.74 1.85
N ASP A 537 73.06 50.47 1.70
CA ASP A 537 72.07 50.10 0.69
C ASP A 537 70.68 50.54 1.09
N ILE A 538 70.34 50.50 2.38
CA ILE A 538 68.95 50.70 2.76
C ILE A 538 68.62 52.19 2.81
N GLU A 539 69.59 53.06 3.07
CA GLU A 539 69.29 54.49 2.93
C GLU A 539 69.14 54.89 1.47
N PHE A 540 69.64 54.06 0.55
CA PHE A 540 69.45 54.35 -0.86
C PHE A 540 68.04 53.97 -1.32
N MET A 541 67.59 52.77 -0.96
CA MET A 541 66.30 52.26 -1.45
C MET A 541 65.11 53.02 -0.85
N ILE A 542 65.01 53.06 0.48
CA ILE A 542 63.90 53.73 1.14
C ILE A 542 64.34 55.05 1.79
N GLY A 543 65.59 55.16 2.20
CA GLY A 543 65.97 56.16 3.18
C GLY A 543 66.31 55.55 4.52
N HIS A 544 66.26 56.37 5.57
CA HIS A 544 66.80 56.20 6.92
C HIS A 544 66.61 54.79 7.49
N LYS A 545 67.67 54.29 8.15
CA LYS A 545 67.76 53.01 8.85
C LYS A 545 66.54 52.77 9.71
N PRO A 546 65.93 51.59 9.64
CA PRO A 546 64.70 51.31 10.38
C PRO A 546 64.94 51.15 11.88
N ASN A 547 63.88 50.70 12.56
CA ASN A 547 63.91 50.45 14.00
C ASN A 547 65.02 49.47 14.36
N ILE A 548 65.62 49.68 15.53
CA ILE A 548 66.92 49.10 15.85
C ILE A 548 66.86 47.58 16.01
N PHE A 549 65.66 47.02 16.24
CA PHE A 549 65.52 45.57 16.33
C PHE A 549 65.77 44.90 14.98
N TRP A 550 65.59 45.63 13.88
CA TRP A 550 66.01 45.13 12.57
C TRP A 550 67.50 44.87 12.53
N GLN A 551 68.31 45.83 13.00
CA GLN A 551 69.75 45.69 12.93
C GLN A 551 70.28 44.69 13.95
N VAL A 552 69.50 44.42 15.00
CA VAL A 552 69.93 43.47 16.02
C VAL A 552 69.90 42.05 15.49
N THR A 553 68.78 41.65 14.88
CA THR A 553 68.54 40.25 14.55
C THR A 553 69.39 39.75 13.38
N TRP A 554 69.84 40.62 12.48
CA TRP A 554 70.74 40.18 11.43
C TRP A 554 72.13 39.91 11.95
N ARG A 555 72.52 40.60 13.02
CA ARG A 555 73.82 40.34 13.63
C ARG A 555 73.83 39.00 14.36
N VAL A 556 72.94 38.83 15.33
CA VAL A 556 73.06 37.73 16.27
C VAL A 556 71.91 36.74 16.21
N VAL A 557 70.66 37.19 16.17
CA VAL A 557 69.52 36.36 16.56
C VAL A 557 69.24 35.27 15.55
N SER A 558 69.17 35.62 14.27
CA SER A 558 68.99 34.61 13.23
C SER A 558 70.19 33.67 13.08
N PRO A 559 71.45 34.08 13.33
CA PRO A 559 72.50 33.07 13.54
C PRO A 559 72.29 32.18 14.76
N LEU A 560 71.66 32.66 15.83
CA LEU A 560 71.46 31.80 17.00
C LEU A 560 70.43 30.70 16.75
N LEU A 561 69.21 31.09 16.35
CA LEU A 561 68.08 30.19 16.38
C LEU A 561 68.15 29.08 15.34
N MET A 562 68.83 29.30 14.22
CA MET A 562 68.84 28.33 13.14
C MET A 562 69.65 27.07 13.46
N LEU A 563 70.58 27.15 14.41
CA LEU A 563 71.37 25.97 14.76
C LEU A 563 70.91 25.31 16.05
N ILE A 564 70.02 25.96 16.80
CA ILE A 564 69.42 25.30 17.96
C ILE A 564 68.44 24.24 17.50
N ILE A 565 67.62 24.56 16.50
CA ILE A 565 66.66 23.62 15.96
C ILE A 565 67.38 22.57 15.11
N PHE A 566 68.48 22.97 14.46
CA PHE A 566 69.36 22.02 13.79
C PHE A 566 70.03 21.08 14.77
N LEU A 567 70.34 21.55 15.98
CA LEU A 567 70.77 20.66 17.05
C LEU A 567 69.65 19.71 17.46
N PHE A 568 68.40 20.19 17.43
CA PHE A 568 67.25 19.34 17.73
C PHE A 568 66.98 18.31 16.65
N PHE A 569 67.52 18.49 15.44
CA PHE A 569 67.45 17.45 14.41
C PHE A 569 68.25 16.22 14.83
N PHE A 570 69.44 16.42 15.38
CA PHE A 570 70.25 15.32 15.86
C PHE A 570 69.66 14.63 17.08
N VAL A 571 68.85 15.35 17.87
CA VAL A 571 68.06 14.71 18.92
C VAL A 571 67.03 13.77 18.33
N VAL A 572 66.45 14.12 17.18
CA VAL A 572 65.45 13.28 16.54
C VAL A 572 65.99 12.55 15.32
N GLU A 573 67.32 12.59 15.10
CA GLU A 573 67.92 11.86 13.99
C GLU A 573 67.75 10.36 14.17
N VAL A 574 68.39 9.79 15.20
CA VAL A 574 68.11 8.42 15.62
C VAL A 574 67.88 8.44 17.13
N SER A 575 66.61 8.59 17.51
CA SER A 575 66.16 8.35 18.88
C SER A 575 64.81 7.67 18.78
N GLN A 576 64.37 7.46 17.55
CA GLN A 576 63.16 6.73 17.22
C GLN A 576 63.42 6.03 15.88
N GLU A 577 63.10 4.74 15.81
CA GLU A 577 63.50 3.93 14.66
C GLU A 577 62.59 4.24 13.48
N LEU A 578 63.17 4.23 12.29
CA LEU A 578 62.46 4.63 11.08
C LEU A 578 61.47 3.55 10.67
N THR A 579 60.23 3.98 10.43
CA THR A 579 59.09 3.08 10.27
C THR A 579 58.08 3.75 9.34
N TYR A 580 57.54 2.99 8.41
CA TYR A 580 56.51 3.48 7.51
C TYR A 580 55.28 2.57 7.56
N SER A 581 54.13 3.16 7.27
CA SER A 581 52.90 2.41 7.33
C SER A 581 52.71 1.55 6.08
N ILE A 582 52.16 0.37 6.27
CA ILE A 582 51.70 -0.46 5.17
C ILE A 582 50.21 -0.70 5.36
N TRP A 583 49.50 -0.88 4.24
CA TRP A 583 48.06 -0.94 4.32
C TRP A 583 47.56 -2.32 4.71
N ASP A 584 48.01 -3.36 3.98
CA ASP A 584 47.61 -4.76 4.13
C ASP A 584 46.09 -4.92 4.06
N PRO A 585 45.50 -4.98 2.86
CA PRO A 585 44.06 -5.24 2.74
C PRO A 585 43.59 -6.53 3.42
N GLY A 586 44.44 -7.54 3.53
CA GLY A 586 44.18 -8.68 4.40
C GLY A 586 44.87 -8.58 5.74
N TYR A 587 44.50 -7.60 6.57
CA TYR A 587 45.21 -7.37 7.82
C TYR A 587 44.53 -8.07 8.98
N GLU A 588 45.35 -8.47 9.96
CA GLU A 588 44.91 -9.00 11.24
C GLU A 588 44.54 -7.82 12.11
N GLU A 589 43.31 -7.83 12.64
CA GLU A 589 42.61 -6.63 13.12
C GLU A 589 42.68 -5.55 12.06
N PHE A 590 42.03 -5.83 10.92
CA PHE A 590 42.14 -5.05 9.68
C PHE A 590 41.82 -3.56 9.78
N PRO A 591 40.76 -3.06 10.51
CA PRO A 591 40.55 -1.61 10.53
C PRO A 591 41.54 -0.82 11.39
N LYS A 592 42.83 -0.98 11.11
CA LYS A 592 43.92 -0.16 11.60
C LYS A 592 45.10 -0.34 10.67
N SER A 593 46.08 0.54 10.78
CA SER A 593 47.24 0.50 9.90
C SER A 593 48.25 -0.50 10.44
N GLN A 594 49.32 -0.72 9.69
CA GLN A 594 50.41 -1.56 10.16
C GLN A 594 51.75 -0.86 9.91
N LYS A 595 52.54 -0.74 10.98
CA LYS A 595 53.78 0.03 10.93
C LYS A 595 54.97 -0.92 10.89
N ILE A 596 55.64 -1.00 9.73
CA ILE A 596 56.83 -1.83 9.60
C ILE A 596 58.00 -0.96 9.16
N SER A 597 59.21 -1.44 9.40
CA SER A 597 60.39 -0.70 8.98
C SER A 597 60.68 -0.96 7.51
N TYR A 598 61.81 -0.46 7.06
CA TYR A 598 62.22 -0.57 5.66
C TYR A 598 63.28 -1.64 5.52
N PRO A 599 63.36 -2.29 4.35
CA PRO A 599 64.49 -3.17 4.06
C PRO A 599 65.80 -2.38 3.93
N ASN A 600 66.90 -3.13 3.94
CA ASN A 600 68.22 -2.53 3.92
C ASN A 600 68.58 -1.88 2.59
N TRP A 601 67.99 -2.33 1.49
CA TRP A 601 68.19 -1.67 0.20
C TRP A 601 67.40 -0.38 0.09
N VAL A 602 66.39 -0.19 0.94
CA VAL A 602 65.71 1.09 1.02
C VAL A 602 66.54 2.12 1.78
N TYR A 603 67.43 1.66 2.67
CA TYR A 603 68.26 2.58 3.44
C TYR A 603 69.34 3.27 2.62
N VAL A 604 69.63 2.79 1.41
CA VAL A 604 70.71 3.40 0.63
C VAL A 604 70.20 4.65 -0.09
N VAL A 605 68.88 4.75 -0.30
CA VAL A 605 68.37 5.86 -1.09
C VAL A 605 67.78 6.96 -0.20
N VAL A 606 67.59 6.70 1.09
CA VAL A 606 66.99 7.70 1.97
C VAL A 606 67.98 8.83 2.24
N VAL A 607 69.29 8.54 2.19
CA VAL A 607 70.29 9.60 2.32
C VAL A 607 70.49 10.37 1.03
N ILE A 608 70.07 9.81 -0.11
CA ILE A 608 70.21 10.50 -1.39
C ILE A 608 69.22 11.65 -1.52
N VAL A 609 67.98 11.45 -1.05
CA VAL A 609 66.91 12.39 -1.36
C VAL A 609 67.07 13.68 -0.56
N ALA A 610 67.67 13.62 0.61
CA ALA A 610 67.84 14.78 1.47
C ALA A 610 69.29 15.20 1.65
N GLY A 611 70.24 14.39 1.21
CA GLY A 611 71.64 14.67 1.49
C GLY A 611 72.39 15.35 0.37
N VAL A 612 72.16 14.90 -0.86
CA VAL A 612 72.82 15.50 -2.03
C VAL A 612 72.48 16.97 -2.29
N PRO A 613 71.36 17.59 -1.85
CA PRO A 613 71.31 19.05 -1.93
C PRO A 613 72.26 19.74 -0.95
N SER A 614 72.71 19.06 0.09
CA SER A 614 73.61 19.66 1.06
C SER A 614 75.08 19.43 0.73
N LEU A 615 75.39 18.49 -0.16
CA LEU A 615 76.76 18.17 -0.50
C LEU A 615 77.40 19.20 -1.42
N THR A 616 76.60 19.97 -2.16
CA THR A 616 77.13 20.91 -3.14
C THR A 616 77.69 22.18 -2.53
N ILE A 617 77.43 22.46 -1.27
CA ILE A 617 77.93 23.69 -0.64
C ILE A 617 79.44 23.58 -0.39
N PRO A 618 80.02 22.43 0.09
CA PRO A 618 81.48 22.31 -0.03
C PRO A 618 81.91 21.72 -1.36
N GLY A 619 81.00 20.99 -2.02
CA GLY A 619 81.35 20.14 -3.14
C GLY A 619 81.82 20.86 -4.39
N TYR A 620 81.24 22.02 -4.70
CA TYR A 620 81.71 22.77 -5.86
C TYR A 620 83.03 23.46 -5.59
N ALA A 621 83.27 23.89 -4.34
CA ALA A 621 84.52 24.56 -3.99
C ALA A 621 85.72 23.64 -4.08
N ILE A 622 85.54 22.35 -3.80
CA ILE A 622 86.61 21.38 -4.02
C ILE A 622 86.92 21.19 -5.50
N TYR A 623 85.88 21.16 -6.34
CA TYR A 623 86.10 21.16 -7.79
C TYR A 623 86.72 22.49 -8.24
N LYS A 624 86.32 23.59 -7.61
CA LYS A 624 86.86 24.89 -7.99
C LYS A 624 88.30 25.06 -7.52
N LEU A 625 88.66 24.46 -6.38
CA LEU A 625 90.02 24.56 -5.89
C LEU A 625 91.00 23.75 -6.73
N ILE A 626 90.60 22.61 -7.28
CA ILE A 626 91.45 21.83 -8.16
C ILE A 626 91.37 22.32 -9.60
N ARG A 627 90.45 23.24 -9.91
CA ARG A 627 90.37 23.88 -11.21
C ARG A 627 91.25 25.12 -11.30
N ASN A 628 91.54 25.76 -10.16
CA ASN A 628 92.30 27.00 -10.13
C ASN A 628 93.65 26.86 -9.45
N HIS A 629 94.05 25.65 -9.09
CA HIS A 629 95.34 25.44 -8.44
C HIS A 629 96.45 25.37 -9.48
N ILE B 30 -35.47 -27.31 73.08
CA ILE B 30 -35.26 -26.93 71.69
C ILE B 30 -34.25 -27.87 71.07
N GLU B 31 -33.13 -28.09 71.78
CA GLU B 31 -32.13 -29.02 71.32
C GLU B 31 -32.60 -30.46 71.46
N GLU B 32 -33.31 -30.78 72.55
CA GLU B 32 -34.01 -32.06 72.65
C GLU B 32 -35.14 -32.15 71.62
N GLN B 33 -35.89 -31.05 71.44
CA GLN B 33 -36.92 -30.98 70.42
C GLN B 33 -36.34 -30.97 69.02
N ALA B 34 -35.06 -30.64 68.86
CA ALA B 34 -34.34 -31.00 67.63
C ALA B 34 -33.94 -32.46 67.62
N LYS B 35 -33.53 -33.00 68.77
CA LYS B 35 -33.11 -34.39 68.85
C LYS B 35 -34.30 -35.33 68.65
N THR B 36 -35.41 -35.07 69.33
CA THR B 36 -36.51 -36.00 69.23
C THR B 36 -37.32 -35.85 67.95
N PHE B 37 -37.35 -34.67 67.33
CA PHE B 37 -38.07 -34.56 66.06
C PHE B 37 -37.24 -35.13 64.92
N LEU B 38 -35.91 -35.13 65.06
CA LEU B 38 -35.08 -35.92 64.17
C LEU B 38 -35.02 -37.38 64.60
N ASP B 39 -35.84 -37.77 65.60
CA ASP B 39 -36.01 -39.17 65.95
C ASP B 39 -37.47 -39.60 65.83
N LYS B 40 -38.41 -38.64 65.90
CA LYS B 40 -39.84 -39.00 65.78
C LYS B 40 -40.31 -38.90 64.33
N PHE B 41 -39.56 -38.16 63.49
CA PHE B 41 -39.81 -38.21 62.04
C PHE B 41 -39.57 -39.61 61.49
N ASN B 42 -38.72 -40.38 62.18
CA ASN B 42 -38.53 -41.80 61.92
C ASN B 42 -39.79 -42.61 62.13
N HIS B 43 -40.66 -42.19 63.06
CA HIS B 43 -41.93 -42.89 63.24
C HIS B 43 -42.85 -42.65 62.06
N GLU B 44 -42.64 -41.53 61.35
CA GLU B 44 -43.26 -41.31 60.05
C GLU B 44 -42.50 -41.99 58.93
N ALA B 45 -41.30 -42.51 59.19
CA ALA B 45 -40.43 -42.87 58.08
C ALA B 45 -39.59 -44.11 58.30
N GLU B 46 -39.93 -45.01 59.23
CA GLU B 46 -39.28 -46.31 59.11
C GLU B 46 -39.97 -47.04 57.98
N ASP B 47 -41.27 -46.82 57.88
CA ASP B 47 -42.06 -47.25 56.75
C ASP B 47 -41.77 -46.42 55.51
N LEU B 48 -41.88 -45.09 55.61
CA LEU B 48 -41.80 -44.26 54.41
C LEU B 48 -40.37 -44.13 53.87
N PHE B 49 -39.37 -44.62 54.60
CA PHE B 49 -38.14 -44.96 53.91
C PHE B 49 -38.16 -46.38 53.40
N TYR B 50 -38.31 -47.38 54.28
CA TYR B 50 -38.04 -48.77 53.87
C TYR B 50 -39.13 -49.32 52.95
N GLN B 51 -40.40 -48.97 53.16
CA GLN B 51 -41.40 -49.41 52.20
C GLN B 51 -41.36 -48.60 50.90
N SER B 52 -40.52 -47.56 50.85
CA SER B 52 -40.06 -47.02 49.58
C SER B 52 -38.71 -47.59 49.18
N SER B 53 -37.97 -48.18 50.12
CA SER B 53 -36.65 -48.72 49.86
C SER B 53 -36.63 -50.23 49.62
N LEU B 54 -37.50 -50.99 50.29
CA LEU B 54 -37.90 -52.28 49.75
C LEU B 54 -38.53 -52.13 48.37
N ALA B 55 -39.23 -51.01 48.15
CA ALA B 55 -39.71 -50.66 46.83
C ALA B 55 -38.61 -50.06 45.96
N SER B 56 -37.50 -49.63 46.54
CA SER B 56 -36.34 -49.30 45.72
C SER B 56 -35.65 -50.55 45.22
N TRP B 57 -35.82 -51.67 45.95
CA TRP B 57 -35.13 -52.89 45.55
C TRP B 57 -35.75 -53.51 44.31
N ASN B 58 -37.09 -53.60 44.26
CA ASN B 58 -37.75 -54.42 43.24
C ASN B 58 -37.65 -53.83 41.83
N TYR B 59 -37.00 -52.68 41.67
CA TYR B 59 -36.54 -52.20 40.37
C TYR B 59 -35.53 -53.16 39.75
N ASN B 60 -34.81 -53.90 40.59
CA ASN B 60 -33.53 -54.47 40.17
C ASN B 60 -33.58 -55.97 39.88
N THR B 61 -34.68 -56.65 40.17
CA THR B 61 -34.72 -58.08 39.87
C THR B 61 -35.00 -58.34 38.40
N ASN B 62 -35.39 -57.33 37.63
CA ASN B 62 -35.90 -57.49 36.29
C ASN B 62 -35.64 -56.18 35.53
N ILE B 63 -35.80 -56.21 34.21
CA ILE B 63 -35.90 -54.96 33.48
C ILE B 63 -37.33 -54.49 33.72
N THR B 64 -37.49 -53.69 34.77
CA THR B 64 -38.74 -53.01 35.10
C THR B 64 -38.37 -51.64 35.61
N GLU B 65 -38.92 -50.60 35.00
CA GLU B 65 -38.64 -49.22 35.39
C GLU B 65 -39.70 -48.71 36.37
N GLU B 66 -40.93 -49.20 36.21
CA GLU B 66 -42.03 -48.79 37.07
C GLU B 66 -41.61 -48.79 38.54
N ASN B 67 -40.54 -49.53 38.85
CA ASN B 67 -40.03 -49.60 40.21
C ASN B 67 -39.16 -48.41 40.57
N VAL B 68 -38.32 -47.99 39.62
CA VAL B 68 -37.42 -46.86 39.84
C VAL B 68 -38.16 -45.70 40.48
N GLN B 69 -39.42 -45.50 40.08
CA GLN B 69 -40.23 -44.42 40.62
C GLN B 69 -40.75 -44.77 42.02
N ASN B 70 -40.84 -46.07 42.30
CA ASN B 70 -41.32 -46.53 43.58
C ASN B 70 -40.32 -46.16 44.67
N MET B 71 -39.27 -45.46 44.26
CA MET B 71 -38.22 -44.92 45.09
C MET B 71 -38.05 -43.43 44.86
N ASN B 72 -38.51 -42.92 43.71
CA ASN B 72 -38.53 -41.48 43.46
C ASN B 72 -39.92 -40.90 43.67
N ASN B 73 -40.94 -41.44 43.02
CA ASN B 73 -42.28 -40.89 43.16
C ASN B 73 -42.98 -41.42 44.40
N ALA B 74 -42.67 -42.65 44.80
CA ALA B 74 -43.00 -43.05 46.16
C ALA B 74 -41.96 -42.55 47.15
N GLY B 75 -40.86 -42.00 46.66
CA GLY B 75 -40.10 -41.08 47.48
C GLY B 75 -40.75 -39.71 47.51
N ASP B 76 -41.43 -39.34 46.42
CA ASP B 76 -42.10 -38.05 46.35
C ASP B 76 -43.37 -37.98 47.19
N LYS B 77 -43.99 -39.11 47.50
CA LYS B 77 -45.04 -39.09 48.51
C LYS B 77 -44.45 -38.85 49.89
N TRP B 78 -43.17 -39.15 50.07
CA TRP B 78 -42.47 -38.77 51.28
C TRP B 78 -41.74 -37.44 51.10
N SER B 79 -41.34 -37.10 49.87
CA SER B 79 -40.70 -35.81 49.63
C SER B 79 -41.69 -34.66 49.72
N ALA B 80 -42.93 -34.87 49.26
CA ALA B 80 -43.97 -33.88 49.55
C ALA B 80 -44.32 -33.90 51.02
N PHE B 81 -44.21 -35.06 51.67
CA PHE B 81 -44.37 -35.11 53.11
C PHE B 81 -43.12 -34.61 53.83
N LEU B 82 -41.98 -34.62 53.15
CA LEU B 82 -40.79 -33.98 53.70
C LEU B 82 -40.98 -32.48 53.82
N LYS B 83 -41.59 -31.86 52.81
CA LYS B 83 -41.79 -30.41 52.82
C LYS B 83 -42.84 -29.97 53.84
N GLU B 84 -43.50 -30.92 54.51
CA GLU B 84 -44.18 -30.60 55.75
C GLU B 84 -43.24 -30.78 56.95
N GLN B 85 -42.42 -31.83 56.94
CA GLN B 85 -41.60 -32.17 58.09
C GLN B 85 -40.21 -31.55 58.06
N SER B 86 -39.62 -31.35 56.87
CA SER B 86 -38.29 -30.73 56.81
C SER B 86 -38.35 -29.27 57.20
N THR B 87 -39.43 -28.57 56.83
CA THR B 87 -39.60 -27.20 57.29
C THR B 87 -39.88 -27.14 58.79
N LEU B 88 -40.56 -28.15 59.31
CA LEU B 88 -40.70 -28.29 60.76
C LEU B 88 -39.44 -28.87 61.39
N ALA B 89 -38.47 -29.29 60.57
CA ALA B 89 -37.10 -29.46 61.04
C ALA B 89 -36.21 -28.27 60.68
N GLN B 90 -36.66 -27.39 59.77
CA GLN B 90 -35.87 -26.23 59.38
C GLN B 90 -36.09 -25.02 60.27
N MET B 91 -35.91 -25.18 61.58
CA MET B 91 -35.72 -24.04 62.46
C MET B 91 -34.46 -24.20 63.31
N TYR B 92 -33.56 -25.08 62.90
CA TYR B 92 -32.36 -25.40 63.68
C TYR B 92 -31.11 -25.02 62.90
N PRO B 93 -30.10 -24.45 63.57
CA PRO B 93 -28.88 -24.03 62.88
C PRO B 93 -27.95 -25.17 62.50
N LEU B 94 -26.76 -24.83 62.00
CA LEU B 94 -25.76 -25.81 61.62
C LEU B 94 -24.58 -25.83 62.58
N GLN B 95 -24.38 -24.78 63.37
CA GLN B 95 -23.22 -24.70 64.23
C GLN B 95 -23.53 -24.65 65.73
N GLU B 96 -24.75 -24.29 66.12
CA GLU B 96 -25.09 -24.32 67.54
C GLU B 96 -25.76 -25.63 67.92
N ILE B 97 -25.71 -26.61 67.04
CA ILE B 97 -26.07 -27.99 67.36
C ILE B 97 -24.79 -28.83 67.31
N GLN B 98 -24.51 -29.52 68.40
CA GLN B 98 -23.34 -30.41 68.42
C GLN B 98 -23.72 -31.85 68.72
N ASN B 99 -25.02 -32.14 68.78
CA ASN B 99 -25.48 -33.49 69.06
C ASN B 99 -24.88 -34.51 68.10
N LEU B 100 -24.70 -34.12 66.84
CA LEU B 100 -24.13 -35.00 65.84
C LEU B 100 -25.15 -36.04 65.38
N THR B 101 -25.64 -36.84 66.31
CA THR B 101 -26.62 -37.87 66.01
C THR B 101 -27.86 -37.28 65.35
N VAL B 102 -27.87 -35.96 65.19
CA VAL B 102 -29.00 -35.27 64.58
C VAL B 102 -28.54 -34.03 63.81
N LYS B 103 -27.23 -33.79 63.82
CA LYS B 103 -26.65 -32.65 63.13
C LYS B 103 -26.60 -32.88 61.63
N LEU B 104 -26.08 -34.03 61.24
CA LEU B 104 -25.97 -34.40 59.82
C LEU B 104 -27.33 -34.76 59.23
N GLN B 105 -28.31 -35.00 60.10
CA GLN B 105 -29.64 -35.36 59.63
C GLN B 105 -30.26 -34.26 58.77
N LEU B 106 -30.16 -33.00 59.18
CA LEU B 106 -30.64 -31.91 58.34
C LEU B 106 -29.67 -31.59 57.19
N GLN B 107 -28.48 -32.18 57.20
CA GLN B 107 -27.59 -32.04 56.04
C GLN B 107 -27.91 -33.10 54.99
N ALA B 108 -28.45 -34.25 55.41
CA ALA B 108 -28.97 -35.24 54.46
C ALA B 108 -30.43 -34.99 54.13
N LEU B 109 -30.94 -33.78 54.37
CA LEU B 109 -32.36 -33.46 54.26
C LEU B 109 -32.76 -32.94 52.90
N GLN B 110 -31.80 -32.37 52.17
CA GLN B 110 -32.07 -31.90 50.81
C GLN B 110 -31.89 -33.10 49.86
N GLN B 111 -31.73 -34.27 50.46
CA GLN B 111 -31.56 -35.51 49.72
C GLN B 111 -32.85 -36.33 49.68
N ASN B 112 -33.13 -36.87 48.51
CA ASN B 112 -34.31 -37.69 48.24
C ASN B 112 -34.60 -37.36 46.80
N GLY B 113 -33.83 -36.40 46.31
CA GLY B 113 -33.90 -35.89 44.96
C GLY B 113 -34.10 -34.39 44.94
N SER B 114 -34.23 -33.84 43.73
CA SER B 114 -34.45 -32.41 43.58
C SER B 114 -35.92 -32.05 43.44
N SER B 115 -36.70 -32.22 44.51
CA SER B 115 -38.14 -32.01 44.44
C SER B 115 -38.52 -30.55 44.64
N VAL B 116 -37.53 -29.67 44.78
CA VAL B 116 -37.80 -28.24 44.96
C VAL B 116 -37.68 -27.48 43.64
N LEU B 117 -37.66 -28.18 42.50
CA LEU B 117 -37.18 -27.56 41.27
C LEU B 117 -38.24 -27.42 40.19
N SER B 118 -39.28 -28.27 40.23
CA SER B 118 -40.20 -28.49 39.11
C SER B 118 -39.40 -28.92 37.88
N GLU B 119 -39.01 -30.20 37.86
CA GLU B 119 -37.95 -30.79 37.06
C GLU B 119 -38.22 -30.92 35.55
N ASP B 120 -39.21 -30.20 34.99
CA ASP B 120 -39.67 -30.43 33.62
C ASP B 120 -38.59 -30.28 32.55
N LYS B 121 -37.65 -29.34 32.72
CA LYS B 121 -36.56 -29.22 31.75
C LYS B 121 -35.25 -29.84 32.21
N SER B 122 -35.18 -30.34 33.44
CA SER B 122 -34.08 -31.24 33.75
C SER B 122 -34.37 -32.64 33.23
N LYS B 123 -35.65 -32.95 33.01
CA LYS B 123 -36.04 -34.14 32.26
C LYS B 123 -36.17 -33.87 30.78
N ARG B 124 -35.77 -32.67 30.33
CA ARG B 124 -35.49 -32.43 28.93
C ARG B 124 -34.01 -32.65 28.64
N LEU B 125 -33.16 -32.50 29.66
CA LEU B 125 -31.72 -32.54 29.48
C LEU B 125 -31.22 -33.96 29.26
N ASN B 126 -31.96 -34.96 29.75
CA ASN B 126 -31.58 -36.35 29.54
C ASN B 126 -31.63 -36.77 28.08
N THR B 127 -32.45 -36.08 27.27
CA THR B 127 -32.42 -36.27 25.82
C THR B 127 -31.07 -35.83 25.26
N ILE B 128 -30.48 -34.77 25.81
CA ILE B 128 -29.14 -34.36 25.39
C ILE B 128 -28.11 -35.35 25.94
N LEU B 129 -28.32 -35.82 27.18
CA LEU B 129 -27.31 -36.61 27.89
C LEU B 129 -27.06 -37.96 27.25
N ASN B 130 -28.10 -38.58 26.68
CA ASN B 130 -27.89 -39.85 25.99
C ASN B 130 -27.14 -39.65 24.68
N THR B 131 -27.34 -38.50 24.02
CA THR B 131 -26.57 -38.20 22.83
C THR B 131 -25.09 -37.97 23.15
N MET B 132 -24.81 -37.40 24.31
CA MET B 132 -23.41 -37.22 24.73
C MET B 132 -22.72 -38.55 24.98
N SER B 133 -23.44 -39.50 25.57
CA SER B 133 -22.84 -40.79 25.89
C SER B 133 -22.71 -41.70 24.70
N THR B 134 -23.60 -41.58 23.71
CA THR B 134 -23.56 -42.47 22.55
C THR B 134 -22.36 -42.19 21.67
N ILE B 135 -22.02 -40.93 21.43
CA ILE B 135 -20.91 -40.61 20.54
C ILE B 135 -19.58 -40.96 21.20
N TYR B 136 -19.49 -40.83 22.52
CA TYR B 136 -18.26 -41.23 23.20
C TYR B 136 -18.09 -42.74 23.19
N SER B 137 -19.15 -43.49 23.47
CA SER B 137 -19.09 -44.93 23.41
C SER B 137 -18.92 -45.45 21.99
N THR B 138 -19.42 -44.71 20.99
CA THR B 138 -19.12 -45.00 19.60
C THR B 138 -18.02 -44.11 19.06
N GLY B 139 -17.11 -43.65 19.92
CA GLY B 139 -15.94 -42.92 19.46
C GLY B 139 -15.01 -43.78 18.65
N LYS B 140 -14.84 -43.46 17.37
CA LYS B 140 -14.14 -44.33 16.44
C LYS B 140 -13.49 -43.50 15.33
N VAL B 141 -12.33 -43.97 14.89
CA VAL B 141 -11.58 -43.34 13.81
C VAL B 141 -11.33 -44.40 12.75
N CYS B 142 -11.88 -44.18 11.55
CA CYS B 142 -11.57 -45.05 10.43
C CYS B 142 -10.27 -44.60 9.78
N ASN B 143 -9.35 -45.54 9.62
CA ASN B 143 -7.99 -45.25 9.19
C ASN B 143 -7.97 -44.85 7.72
N PRO B 144 -7.10 -43.91 7.31
CA PRO B 144 -7.18 -43.39 5.93
C PRO B 144 -6.34 -44.15 4.92
N ASP B 145 -5.42 -45.02 5.35
CA ASP B 145 -4.61 -45.82 4.44
C ASP B 145 -5.46 -46.78 3.63
N ASN B 146 -6.47 -47.36 4.26
CA ASN B 146 -7.59 -48.04 3.62
C ASN B 146 -8.85 -47.68 4.39
N PRO B 147 -9.85 -47.07 3.73
CA PRO B 147 -10.87 -46.31 4.46
C PRO B 147 -11.82 -47.16 5.30
N GLN B 148 -12.18 -48.36 4.85
CA GLN B 148 -12.92 -49.29 5.70
C GLN B 148 -11.98 -50.24 6.42
N GLU B 149 -10.96 -49.69 7.08
CA GLU B 149 -10.32 -50.33 8.22
C GLU B 149 -10.45 -49.38 9.39
N CYS B 150 -11.38 -49.67 10.30
CA CYS B 150 -11.79 -48.71 11.30
C CYS B 150 -11.52 -49.24 12.69
N LEU B 151 -11.23 -48.33 13.61
CA LEU B 151 -10.91 -48.69 14.98
C LEU B 151 -11.71 -47.79 15.91
N LEU B 152 -12.42 -48.40 16.86
CA LEU B 152 -13.05 -47.63 17.92
C LEU B 152 -12.02 -47.19 18.95
N LEU B 153 -12.48 -46.39 19.91
CA LEU B 153 -11.60 -45.87 20.94
C LEU B 153 -11.09 -46.98 21.85
N GLU B 154 -12.01 -47.80 22.35
CA GLU B 154 -11.65 -48.75 23.39
C GLU B 154 -10.89 -50.00 22.91
N PRO B 155 -11.25 -50.69 21.78
CA PRO B 155 -10.38 -51.80 21.36
C PRO B 155 -9.42 -51.48 20.23
N GLY B 156 -9.38 -50.23 19.77
CA GLY B 156 -8.56 -49.87 18.63
C GLY B 156 -7.65 -48.68 18.82
N LEU B 157 -7.93 -47.80 19.80
CA LEU B 157 -7.15 -46.58 19.90
C LEU B 157 -6.22 -46.55 21.10
N ASN B 158 -6.67 -47.05 22.25
CA ASN B 158 -5.76 -47.21 23.38
C ASN B 158 -4.73 -48.29 23.11
N GLU B 159 -5.08 -49.26 22.26
CA GLU B 159 -4.15 -50.29 21.82
C GLU B 159 -3.01 -49.71 20.99
N ILE B 160 -3.30 -48.68 20.18
CA ILE B 160 -2.26 -47.99 19.43
C ILE B 160 -1.30 -47.29 20.38
N MET B 161 -1.84 -46.66 21.43
CA MET B 161 -0.99 -46.12 22.49
C MET B 161 -0.33 -47.22 23.31
N ALA B 162 -0.86 -48.44 23.29
CA ALA B 162 -0.25 -49.56 24.00
C ALA B 162 0.70 -50.37 23.14
N ASN B 163 0.23 -50.92 22.03
CA ASN B 163 1.05 -51.76 21.16
C ASN B 163 2.08 -50.99 20.35
N SER B 164 1.66 -49.97 19.61
CA SER B 164 2.59 -49.18 18.83
C SER B 164 3.37 -48.24 19.74
N LEU B 165 4.68 -48.17 19.54
CA LEU B 165 5.53 -47.22 20.24
C LEU B 165 6.33 -46.38 19.26
N ASP B 166 5.64 -45.81 18.27
CA ASP B 166 6.21 -44.87 17.31
C ASP B 166 5.83 -43.46 17.73
N TYR B 167 6.68 -42.49 17.39
CA TYR B 167 6.32 -41.09 17.61
C TYR B 167 5.16 -40.68 16.72
N ASN B 168 5.34 -40.80 15.41
CA ASN B 168 4.49 -40.09 14.45
C ASN B 168 3.14 -40.74 14.25
N GLU B 169 3.07 -42.07 14.28
CA GLU B 169 1.78 -42.73 14.16
C GLU B 169 0.92 -42.54 15.40
N ARG B 170 1.55 -42.56 16.58
CA ARG B 170 0.83 -42.17 17.79
C ARG B 170 0.50 -40.69 17.77
N LEU B 171 1.36 -39.87 17.15
CA LEU B 171 1.04 -38.48 16.93
C LEU B 171 -0.16 -38.33 16.00
N TRP B 172 -0.24 -39.17 14.97
CA TRP B 172 -1.44 -39.17 14.13
C TRP B 172 -2.64 -39.67 14.91
N ALA B 173 -2.47 -40.75 15.68
CA ALA B 173 -3.57 -41.32 16.43
C ALA B 173 -4.02 -40.39 17.56
N TRP B 174 -3.11 -39.56 18.08
CA TRP B 174 -3.52 -38.55 19.04
C TRP B 174 -4.37 -37.48 18.39
N GLU B 175 -3.95 -37.02 17.21
CA GLU B 175 -4.66 -35.93 16.55
C GLU B 175 -5.94 -36.39 15.88
N SER B 176 -5.91 -37.52 15.17
CA SER B 176 -7.07 -38.02 14.47
C SER B 176 -8.20 -38.44 15.40
N TRP B 177 -7.87 -38.88 16.62
CA TRP B 177 -8.92 -39.20 17.59
C TRP B 177 -9.57 -37.94 18.12
N ARG B 178 -8.79 -36.88 18.34
CA ARG B 178 -9.35 -35.66 18.89
C ARG B 178 -10.08 -34.82 17.85
N SER B 179 -9.97 -35.18 16.57
CA SER B 179 -10.73 -34.51 15.53
C SER B 179 -12.11 -35.14 15.32
N GLU B 180 -12.62 -35.87 16.31
CA GLU B 180 -13.86 -36.61 16.13
C GLU B 180 -14.96 -36.23 17.10
N VAL B 181 -14.66 -36.12 18.39
CA VAL B 181 -15.67 -36.26 19.44
C VAL B 181 -16.08 -34.91 20.05
N GLY B 182 -15.11 -34.15 20.55
CA GLY B 182 -15.45 -32.94 21.31
C GLY B 182 -16.04 -31.84 20.45
N LYS B 183 -15.74 -31.85 19.16
CA LYS B 183 -16.39 -30.94 18.22
C LYS B 183 -17.86 -31.27 18.04
N GLN B 184 -18.21 -32.55 18.02
CA GLN B 184 -19.62 -32.92 17.90
C GLN B 184 -20.35 -32.71 19.21
N LEU B 185 -19.64 -32.78 20.33
CA LEU B 185 -20.27 -32.61 21.62
C LEU B 185 -20.15 -31.18 22.16
N ARG B 186 -19.42 -30.30 21.47
CA ARG B 186 -19.42 -28.89 21.86
C ARG B 186 -20.80 -28.24 21.79
N PRO B 187 -21.66 -28.46 20.78
CA PRO B 187 -23.03 -27.95 20.90
C PRO B 187 -23.87 -28.69 21.92
N LEU B 188 -23.37 -29.76 22.52
CA LEU B 188 -24.07 -30.40 23.63
C LEU B 188 -23.54 -29.91 24.96
N TYR B 189 -22.77 -28.81 24.98
CA TYR B 189 -22.06 -28.44 26.19
C TYR B 189 -22.47 -27.08 26.74
N GLU B 190 -22.68 -26.09 25.88
CA GLU B 190 -22.96 -24.73 26.34
C GLU B 190 -24.29 -24.65 27.08
N GLU B 191 -25.34 -25.21 26.49
CA GLU B 191 -26.62 -25.32 27.17
C GLU B 191 -26.56 -26.30 28.33
N TYR B 192 -25.62 -27.25 28.31
CA TYR B 192 -25.49 -28.19 29.40
C TYR B 192 -24.95 -27.51 30.65
N VAL B 193 -24.08 -26.52 30.47
CA VAL B 193 -23.59 -25.74 31.59
C VAL B 193 -24.71 -24.91 32.20
N VAL B 194 -25.39 -24.11 31.39
CA VAL B 194 -26.27 -23.09 31.93
C VAL B 194 -27.57 -23.71 32.47
N LEU B 195 -28.06 -24.78 31.85
CA LEU B 195 -29.30 -25.37 32.34
C LEU B 195 -29.08 -26.12 33.65
N LYS B 196 -27.86 -26.62 33.87
CA LYS B 196 -27.49 -27.17 35.16
C LYS B 196 -27.28 -26.07 36.20
N ASN B 197 -27.04 -24.84 35.74
CA ASN B 197 -26.83 -23.73 36.67
C ASN B 197 -28.13 -23.22 37.28
N GLU B 198 -29.20 -23.05 36.49
CA GLU B 198 -30.48 -22.74 37.13
C GLU B 198 -31.08 -23.96 37.78
N MET B 199 -30.68 -25.17 37.34
CA MET B 199 -30.95 -26.35 38.14
C MET B 199 -30.25 -26.26 39.49
N ALA B 200 -29.00 -25.79 39.50
CA ALA B 200 -28.31 -25.52 40.76
C ALA B 200 -28.92 -24.33 41.49
N ARG B 201 -29.42 -23.34 40.76
CA ARG B 201 -30.00 -22.18 41.42
C ARG B 201 -31.38 -22.48 41.98
N ALA B 202 -32.10 -23.42 41.38
CA ALA B 202 -33.30 -23.94 42.00
C ALA B 202 -32.99 -25.03 43.02
N ASN B 203 -31.78 -25.60 42.99
CA ASN B 203 -31.22 -26.33 44.12
C ASN B 203 -30.53 -25.40 45.11
N HIS B 204 -30.72 -24.09 44.92
CA HIS B 204 -30.37 -23.02 45.85
C HIS B 204 -28.85 -22.93 46.02
N TYR B 205 -28.14 -23.08 44.90
CA TYR B 205 -26.68 -23.07 44.86
C TYR B 205 -26.21 -22.28 43.65
N GLU B 206 -24.97 -21.80 43.71
CA GLU B 206 -24.46 -20.92 42.66
C GLU B 206 -24.10 -21.70 41.40
N ASP B 207 -23.58 -22.91 41.54
CA ASP B 207 -23.30 -23.75 40.39
C ASP B 207 -23.36 -25.22 40.78
N TYR B 208 -23.64 -26.06 39.79
CA TYR B 208 -23.76 -27.51 39.98
C TYR B 208 -22.40 -28.14 40.29
N GLY B 209 -21.32 -27.47 39.90
CA GLY B 209 -20.00 -27.90 40.33
C GLY B 209 -19.70 -27.59 41.79
N ASP B 210 -20.60 -26.83 42.41
CA ASP B 210 -20.50 -26.48 43.81
C ASP B 210 -21.24 -27.57 44.54
N TYR B 211 -22.32 -28.05 43.92
CA TYR B 211 -23.12 -29.11 44.48
C TYR B 211 -22.25 -30.35 44.46
N TRP B 212 -21.39 -30.44 43.45
CA TRP B 212 -20.46 -31.56 43.33
C TRP B 212 -19.67 -31.56 44.63
N ARG B 213 -19.28 -30.37 45.07
CA ARG B 213 -18.57 -30.21 46.33
C ARG B 213 -19.50 -30.12 47.52
N GLY B 214 -20.82 -30.16 47.29
CA GLY B 214 -21.79 -30.06 48.36
C GLY B 214 -21.81 -31.23 49.31
N ASP B 215 -21.32 -32.39 48.88
CA ASP B 215 -21.07 -33.49 49.80
C ASP B 215 -19.94 -33.15 50.76
N TYR B 216 -19.02 -32.29 50.35
CA TYR B 216 -17.90 -31.90 51.17
C TYR B 216 -18.20 -30.66 52.01
N GLU B 217 -19.47 -30.25 52.07
CA GLU B 217 -19.88 -29.09 52.85
C GLU B 217 -20.33 -29.53 54.24
N VAL B 218 -19.42 -30.18 54.96
CA VAL B 218 -19.71 -30.76 56.26
C VAL B 218 -19.18 -29.81 57.32
N ASN B 219 -20.09 -29.10 57.98
CA ASN B 219 -19.69 -28.10 58.98
C ASN B 219 -20.20 -28.57 60.33
N GLY B 220 -19.53 -29.57 60.91
CA GLY B 220 -20.11 -30.26 62.05
C GLY B 220 -19.42 -30.26 63.40
N VAL B 221 -18.08 -30.28 63.46
CA VAL B 221 -17.40 -30.49 64.74
C VAL B 221 -16.39 -29.37 65.00
N ASP B 222 -16.65 -28.17 64.48
CA ASP B 222 -16.04 -26.92 64.94
C ASP B 222 -14.53 -26.92 64.77
N GLY B 223 -14.08 -27.07 63.53
CA GLY B 223 -12.71 -27.46 63.24
C GLY B 223 -12.67 -28.66 62.32
N TYR B 224 -13.78 -29.37 62.24
CA TYR B 224 -13.88 -30.54 61.38
C TYR B 224 -14.61 -30.22 60.07
N ASP B 225 -15.07 -28.98 59.96
CA ASP B 225 -15.79 -28.54 58.77
C ASP B 225 -14.92 -28.67 57.52
N TYR B 226 -15.35 -28.05 56.44
CA TYR B 226 -14.61 -28.10 55.18
C TYR B 226 -15.26 -27.21 54.12
N SER B 227 -15.00 -25.91 54.21
CA SER B 227 -15.57 -24.95 53.26
C SER B 227 -15.31 -25.39 51.83
N ARG B 228 -16.14 -24.90 50.91
CA ARG B 228 -16.01 -25.24 49.50
C ARG B 228 -14.84 -24.52 48.86
N GLY B 229 -14.54 -23.32 49.36
CA GLY B 229 -13.45 -22.52 48.85
C GLY B 229 -12.14 -22.65 49.60
N GLN B 230 -11.94 -23.74 50.35
CA GLN B 230 -10.67 -23.97 51.02
C GLN B 230 -10.13 -25.37 50.76
N LEU B 231 -10.98 -26.27 50.28
CA LEU B 231 -10.59 -27.67 50.15
C LEU B 231 -9.60 -27.89 49.02
N ILE B 232 -9.48 -26.92 48.10
CA ILE B 232 -8.51 -27.06 47.02
C ILE B 232 -7.27 -26.21 47.29
N GLU B 233 -7.38 -25.23 48.19
CA GLU B 233 -6.27 -24.34 48.50
C GLU B 233 -5.15 -25.10 49.21
N ASP B 234 -5.52 -25.97 50.13
CA ASP B 234 -4.63 -26.96 50.70
C ASP B 234 -4.10 -27.97 49.67
N VAL B 235 -4.80 -28.19 48.55
CA VAL B 235 -4.26 -29.07 47.51
C VAL B 235 -3.19 -28.35 46.70
N GLU B 236 -3.32 -27.02 46.52
CA GLU B 236 -2.21 -26.30 45.91
C GLU B 236 -1.08 -26.05 46.90
N HIS B 237 -1.22 -26.50 48.15
CA HIS B 237 -0.08 -26.53 49.06
C HIS B 237 0.68 -27.85 48.91
N THR B 238 0.25 -28.71 47.98
CA THR B 238 0.88 -30.02 47.85
C THR B 238 1.82 -30.12 46.65
N PHE B 239 1.31 -29.90 45.44
CA PHE B 239 2.02 -30.40 44.27
C PHE B 239 3.15 -29.48 43.82
N GLU B 240 3.22 -28.27 44.37
CA GLU B 240 4.33 -27.38 44.02
C GLU B 240 5.63 -27.81 44.68
N GLU B 241 5.57 -28.67 45.69
CA GLU B 241 6.74 -29.36 46.19
C GLU B 241 6.93 -30.71 45.54
N ILE B 242 5.85 -31.26 44.97
CA ILE B 242 5.97 -32.41 44.09
C ILE B 242 6.38 -31.96 42.69
N LYS B 243 6.25 -30.67 42.40
CA LYS B 243 6.73 -30.13 41.12
C LYS B 243 8.25 -30.27 40.93
N PRO B 244 9.13 -30.08 41.93
CA PRO B 244 10.52 -30.49 41.72
C PRO B 244 10.71 -31.98 41.57
N LEU B 245 9.81 -32.80 42.11
CA LEU B 245 9.87 -34.23 41.85
C LEU B 245 9.51 -34.51 40.40
N TYR B 246 8.66 -33.66 39.80
CA TYR B 246 8.47 -33.71 38.37
C TYR B 246 9.66 -33.16 37.62
N GLU B 247 10.36 -32.17 38.19
CA GLU B 247 11.44 -31.48 37.48
C GLU B 247 12.62 -32.41 37.23
N HIS B 248 12.99 -33.21 38.22
CA HIS B 248 13.94 -34.29 37.98
C HIS B 248 13.36 -35.32 37.02
N LEU B 249 12.07 -35.62 37.17
CA LEU B 249 11.43 -36.59 36.29
C LEU B 249 11.26 -36.07 34.88
N HIS B 250 11.03 -34.75 34.75
CA HIS B 250 11.04 -34.11 33.43
C HIS B 250 12.38 -34.28 32.75
N ALA B 251 13.46 -33.91 33.45
CA ALA B 251 14.80 -34.09 32.92
C ALA B 251 15.18 -35.56 32.80
N TYR B 252 14.56 -36.42 33.60
CA TYR B 252 14.79 -37.85 33.45
C TYR B 252 14.22 -38.36 32.13
N VAL B 253 12.95 -38.03 31.85
CA VAL B 253 12.37 -38.50 30.60
C VAL B 253 12.87 -37.68 29.42
N ARG B 254 13.35 -36.45 29.65
CA ARG B 254 13.99 -35.72 28.57
C ARG B 254 15.36 -36.30 28.25
N ALA B 255 15.99 -36.94 29.24
CA ALA B 255 17.14 -37.78 28.94
C ALA B 255 16.70 -39.06 28.24
N LYS B 256 15.46 -39.49 28.45
CA LYS B 256 14.96 -40.66 27.75
C LYS B 256 14.36 -40.33 26.39
N LEU B 257 13.70 -39.17 26.25
CA LEU B 257 12.95 -38.90 25.02
C LEU B 257 13.85 -38.52 23.86
N MET B 258 15.13 -38.27 24.10
CA MET B 258 16.04 -37.98 23.01
C MET B 258 16.42 -39.22 22.23
N ASN B 259 16.55 -40.36 22.89
CA ASN B 259 16.92 -41.58 22.20
C ASN B 259 15.82 -42.63 22.18
N ALA B 260 14.68 -42.36 22.82
CA ALA B 260 13.50 -43.21 22.62
C ALA B 260 12.68 -42.77 21.42
N TYR B 261 12.52 -41.47 21.23
CA TYR B 261 11.80 -40.95 20.08
C TYR B 261 12.71 -39.96 19.35
N PRO B 262 12.60 -39.86 18.01
CA PRO B 262 13.65 -39.19 17.23
C PRO B 262 13.83 -37.69 17.42
N SER B 263 14.24 -37.30 18.64
CA SER B 263 14.94 -36.04 18.91
C SER B 263 14.16 -34.79 18.53
N TYR B 264 12.86 -34.79 18.83
CA TYR B 264 12.04 -33.61 18.59
C TYR B 264 12.00 -32.80 19.87
N ILE B 265 12.21 -33.48 20.98
CA ILE B 265 11.96 -32.96 22.31
C ILE B 265 13.09 -32.03 22.71
N SER B 266 12.76 -30.81 23.07
CA SER B 266 13.74 -29.95 23.71
C SER B 266 14.03 -30.51 25.09
N PRO B 267 15.29 -30.74 25.45
CA PRO B 267 15.61 -31.29 26.78
C PRO B 267 15.56 -30.23 27.88
N ILE B 268 15.20 -29.01 27.50
CA ILE B 268 15.00 -27.91 28.43
C ILE B 268 13.50 -27.72 28.61
N GLY B 269 12.75 -27.82 27.52
CA GLY B 269 11.37 -27.35 27.53
C GLY B 269 10.36 -28.40 27.91
N CYS B 270 9.12 -28.14 27.51
CA CYS B 270 7.96 -28.93 27.90
C CYS B 270 7.86 -30.25 27.13
N LEU B 271 6.73 -30.96 27.29
CA LEU B 271 6.64 -32.27 26.68
C LEU B 271 5.57 -32.29 25.59
N PRO B 272 5.72 -33.15 24.58
CA PRO B 272 4.62 -33.36 23.63
C PRO B 272 3.65 -34.40 24.17
N ALA B 273 2.36 -34.09 24.09
CA ALA B 273 1.34 -34.85 24.81
C ALA B 273 0.82 -36.00 23.94
N HIS B 274 1.72 -36.83 23.45
CA HIS B 274 1.32 -38.09 22.84
C HIS B 274 2.36 -39.17 23.12
N LEU B 275 3.18 -38.95 24.15
CA LEU B 275 4.34 -39.79 24.42
C LEU B 275 4.27 -40.37 25.83
N LEU B 276 3.06 -40.45 26.37
CA LEU B 276 2.92 -40.81 27.78
C LEU B 276 2.39 -42.21 28.00
N GLY B 277 2.31 -43.05 26.97
CA GLY B 277 1.82 -44.40 27.14
C GLY B 277 0.33 -44.52 26.95
N ASP B 278 -0.42 -43.58 27.52
CA ASP B 278 -1.87 -43.56 27.39
C ASP B 278 -2.26 -42.45 26.43
N MET B 279 -3.57 -42.24 26.29
CA MET B 279 -4.08 -41.22 25.37
C MET B 279 -4.10 -39.85 26.02
N TRP B 280 -4.43 -39.76 27.30
CA TRP B 280 -4.66 -38.47 27.94
C TRP B 280 -3.66 -38.19 29.05
N GLY B 281 -2.70 -39.08 29.27
CA GLY B 281 -1.69 -38.83 30.28
C GLY B 281 -2.20 -38.90 31.71
N ARG B 282 -2.59 -40.08 32.15
CA ARG B 282 -2.95 -40.26 33.56
C ARG B 282 -1.90 -41.12 34.24
N PHE B 283 -1.71 -42.32 33.72
CA PHE B 283 -0.91 -43.33 34.38
C PHE B 283 0.26 -43.71 33.49
N TRP B 284 1.46 -43.60 34.03
CA TRP B 284 2.68 -43.68 33.25
C TRP B 284 3.36 -45.02 33.46
N THR B 285 2.56 -46.03 33.80
CA THR B 285 3.10 -47.34 34.14
C THR B 285 3.65 -48.08 32.94
N ASN B 286 3.24 -47.71 31.73
CA ASN B 286 3.82 -48.29 30.53
C ASN B 286 5.02 -47.48 30.05
N LEU B 287 5.45 -46.51 30.84
CA LEU B 287 6.77 -45.90 30.67
C LEU B 287 7.79 -46.53 31.60
N TYR B 288 7.39 -47.53 32.37
CA TYR B 288 8.31 -48.33 33.17
C TYR B 288 8.97 -49.43 32.33
N SER B 289 9.56 -49.06 31.20
CA SER B 289 10.16 -50.01 30.28
C SER B 289 11.54 -49.57 29.84
N LEU B 290 11.84 -48.28 29.99
CA LEU B 290 13.13 -47.72 29.64
C LEU B 290 13.66 -46.85 30.77
N THR B 291 12.91 -46.76 31.87
CA THR B 291 13.26 -45.85 32.95
C THR B 291 13.69 -46.60 34.20
N VAL B 292 14.13 -47.85 34.05
CA VAL B 292 14.28 -48.76 35.19
C VAL B 292 15.73 -49.18 35.35
N PRO B 293 16.22 -49.41 36.56
CA PRO B 293 17.38 -50.27 36.73
C PRO B 293 17.00 -51.74 36.84
N PHE B 294 15.87 -52.03 37.46
CA PHE B 294 15.39 -53.40 37.62
C PHE B 294 13.89 -53.44 37.89
N GLY B 295 13.44 -54.47 38.60
CA GLY B 295 12.04 -54.62 38.92
C GLY B 295 11.37 -55.72 38.12
N GLN B 296 10.78 -56.68 38.82
CA GLN B 296 10.11 -57.80 38.18
C GLN B 296 9.12 -58.47 39.12
N LYS B 297 8.59 -59.62 38.70
CA LYS B 297 7.64 -60.37 39.51
C LYS B 297 6.26 -59.72 39.46
N PRO B 298 5.31 -60.42 38.83
CA PRO B 298 3.94 -59.92 38.71
C PRO B 298 3.07 -60.21 39.93
N ASN B 299 1.88 -59.62 39.91
CA ASN B 299 0.84 -59.80 40.91
C ASN B 299 -0.01 -61.00 40.54
N ILE B 300 -1.28 -61.09 41.01
CA ILE B 300 -2.23 -62.14 40.64
C ILE B 300 -2.25 -62.39 39.14
N ASP B 301 -2.16 -63.67 38.79
CA ASP B 301 -2.18 -64.11 37.40
C ASP B 301 -3.40 -65.00 37.24
N VAL B 302 -4.34 -64.86 38.18
CA VAL B 302 -5.50 -65.73 38.31
C VAL B 302 -6.76 -64.93 38.05
N THR B 303 -6.66 -63.92 37.17
CA THR B 303 -7.77 -62.99 36.93
C THR B 303 -8.97 -63.67 36.28
N ASP B 304 -8.75 -64.71 35.50
CA ASP B 304 -9.84 -65.52 34.97
C ASP B 304 -9.93 -66.88 35.62
N ALA B 305 -9.08 -67.17 36.62
CA ALA B 305 -9.10 -68.47 37.25
C ALA B 305 -10.22 -68.65 38.26
N MET B 306 -11.00 -67.59 38.54
CA MET B 306 -12.22 -67.75 39.31
C MET B 306 -13.42 -67.98 38.40
N VAL B 307 -13.32 -67.55 37.14
CA VAL B 307 -14.42 -67.71 36.19
C VAL B 307 -14.60 -69.18 35.80
N ASP B 308 -13.52 -69.98 35.87
CA ASP B 308 -13.73 -71.42 35.79
C ASP B 308 -13.57 -72.11 37.14
N GLN B 309 -13.41 -71.35 38.23
CA GLN B 309 -13.64 -71.89 39.57
C GLN B 309 -15.09 -71.71 40.02
N ALA B 310 -15.82 -70.81 39.36
CA ALA B 310 -17.28 -70.72 39.36
C ALA B 310 -17.91 -70.45 40.72
N TRP B 311 -17.41 -69.50 41.49
CA TRP B 311 -18.16 -69.00 42.63
C TRP B 311 -19.13 -67.93 42.15
N ASP B 312 -20.42 -68.18 42.34
CA ASP B 312 -21.44 -67.23 41.89
C ASP B 312 -21.57 -66.09 42.90
N ALA B 313 -22.59 -65.26 42.72
CA ALA B 313 -22.72 -64.03 43.50
C ALA B 313 -23.01 -64.25 44.99
N GLN B 314 -23.37 -65.47 45.40
CA GLN B 314 -23.49 -65.76 46.82
C GLN B 314 -22.44 -66.72 47.36
N ARG B 315 -21.79 -67.53 46.52
CA ARG B 315 -20.65 -68.29 47.00
C ARG B 315 -19.43 -67.39 47.21
N ILE B 316 -19.34 -66.29 46.47
CA ILE B 316 -18.33 -65.29 46.73
C ILE B 316 -18.54 -64.62 48.08
N PHE B 317 -19.77 -64.57 48.59
CA PHE B 317 -20.05 -64.04 49.91
C PHE B 317 -19.97 -65.09 51.00
N LYS B 318 -20.26 -66.35 50.66
CA LYS B 318 -20.01 -67.46 51.58
C LYS B 318 -18.51 -67.64 51.83
N GLU B 319 -17.68 -67.34 50.83
CA GLU B 319 -16.24 -67.38 51.04
C GLU B 319 -15.74 -66.09 51.68
N ALA B 320 -16.32 -64.95 51.31
CA ALA B 320 -15.95 -63.69 51.98
C ALA B 320 -16.55 -63.61 53.38
N GLU B 321 -17.48 -64.50 53.72
CA GLU B 321 -17.85 -64.71 55.11
C GLU B 321 -16.63 -65.09 55.95
N LYS B 322 -15.77 -65.94 55.41
CA LYS B 322 -14.54 -66.32 56.10
C LYS B 322 -13.41 -65.32 55.90
N PHE B 323 -13.58 -64.33 55.03
CA PHE B 323 -12.49 -63.39 54.77
C PHE B 323 -12.33 -62.38 55.90
N PHE B 324 -13.42 -61.77 56.36
CA PHE B 324 -13.31 -60.70 57.34
C PHE B 324 -13.47 -61.17 58.78
N VAL B 325 -13.91 -62.41 59.02
CA VAL B 325 -13.87 -62.91 60.39
C VAL B 325 -12.43 -63.22 60.79
N SER B 326 -11.56 -63.49 59.81
CA SER B 326 -10.14 -63.57 60.06
C SER B 326 -9.50 -62.19 60.16
N VAL B 327 -10.23 -61.15 59.76
CA VAL B 327 -9.91 -59.78 60.13
C VAL B 327 -10.69 -59.37 61.38
N GLY B 328 -11.71 -60.14 61.75
CA GLY B 328 -12.50 -59.87 62.93
C GLY B 328 -13.67 -58.95 62.67
N LEU B 329 -13.69 -58.30 61.53
CA LEU B 329 -14.77 -57.39 61.18
C LEU B 329 -15.95 -58.21 60.68
N PRO B 330 -17.18 -57.82 60.99
CA PRO B 330 -18.34 -58.66 60.66
C PRO B 330 -18.66 -58.70 59.17
N ASN B 331 -19.56 -59.62 58.82
CA ASN B 331 -19.99 -59.81 57.44
C ASN B 331 -21.43 -59.31 57.26
N MET B 332 -21.89 -59.29 56.02
CA MET B 332 -23.17 -58.70 55.67
C MET B 332 -24.24 -59.76 55.53
N THR B 333 -25.45 -59.43 56.02
CA THR B 333 -26.60 -60.32 55.98
C THR B 333 -27.83 -59.52 55.55
N GLN B 334 -29.03 -60.10 55.76
CA GLN B 334 -30.36 -59.48 55.62
C GLN B 334 -30.57 -58.73 54.31
N GLY B 335 -30.66 -59.47 53.20
CA GLY B 335 -30.78 -58.87 51.89
C GLY B 335 -29.58 -59.17 51.04
N PHE B 336 -28.45 -59.43 51.70
CA PHE B 336 -27.18 -59.73 51.06
C PHE B 336 -27.20 -61.08 50.36
N TRP B 337 -28.22 -61.91 50.64
CA TRP B 337 -28.30 -63.28 50.15
C TRP B 337 -29.66 -63.57 49.54
N GLU B 338 -30.71 -62.86 49.99
CA GLU B 338 -32.07 -63.36 49.87
C GLU B 338 -32.73 -62.89 48.58
N ASN B 339 -32.88 -61.60 48.34
CA ASN B 339 -33.86 -61.10 47.39
C ASN B 339 -33.32 -61.09 45.97
N SER B 340 -32.03 -61.38 45.81
CA SER B 340 -31.29 -60.86 44.67
C SER B 340 -31.39 -61.64 43.37
N MET B 341 -31.52 -60.91 42.26
CA MET B 341 -31.22 -61.41 40.93
C MET B 341 -29.72 -61.55 40.82
N LEU B 342 -29.28 -62.69 40.30
CA LEU B 342 -27.87 -62.94 40.09
C LEU B 342 -27.61 -63.42 38.67
N THR B 343 -28.66 -63.67 37.89
CA THR B 343 -28.56 -64.53 36.73
C THR B 343 -28.27 -63.72 35.47
N ASP B 344 -27.04 -63.83 35.00
CA ASP B 344 -26.68 -63.50 33.63
C ASP B 344 -25.39 -64.21 33.23
N PRO B 345 -25.41 -65.52 32.97
CA PRO B 345 -24.17 -66.19 32.55
C PRO B 345 -23.73 -65.78 31.16
N GLY B 346 -24.62 -65.84 30.17
CA GLY B 346 -24.42 -65.19 28.91
C GLY B 346 -25.73 -64.74 28.29
N ASN B 347 -26.80 -64.73 29.08
CA ASN B 347 -28.15 -64.67 28.52
C ASN B 347 -28.63 -63.26 28.24
N VAL B 348 -29.73 -63.14 27.50
CA VAL B 348 -30.29 -61.84 27.13
C VAL B 348 -31.54 -61.60 27.97
N GLN B 349 -31.69 -62.35 29.06
CA GLN B 349 -32.88 -62.31 29.90
C GLN B 349 -33.00 -60.96 30.59
N LYS B 350 -34.25 -60.50 30.73
CA LYS B 350 -34.53 -59.14 31.17
C LYS B 350 -34.25 -58.98 32.65
N ALA B 351 -33.07 -58.43 32.95
CA ALA B 351 -32.74 -57.97 34.29
C ALA B 351 -31.73 -56.85 34.18
N VAL B 352 -31.76 -55.90 35.11
CA VAL B 352 -30.75 -54.83 35.10
C VAL B 352 -29.42 -55.42 35.53
N CYS B 353 -28.33 -54.76 35.17
CA CYS B 353 -27.01 -55.36 35.36
C CYS B 353 -25.95 -54.40 35.89
N HIS B 354 -25.54 -54.67 37.13
CA HIS B 354 -24.27 -54.27 37.73
C HIS B 354 -24.11 -55.08 39.01
N PRO B 355 -22.89 -55.42 39.42
CA PRO B 355 -22.69 -55.80 40.82
C PRO B 355 -22.78 -54.58 41.73
N THR B 356 -23.91 -54.44 42.42
CA THR B 356 -24.15 -53.28 43.27
C THR B 356 -24.61 -53.73 44.65
N ALA B 357 -24.41 -52.88 45.64
CA ALA B 357 -24.76 -53.14 47.02
C ALA B 357 -25.75 -52.10 47.54
N TRP B 358 -26.35 -52.38 48.70
CA TRP B 358 -27.42 -51.55 49.22
C TRP B 358 -27.31 -51.40 50.73
N ASP B 359 -27.81 -50.27 51.23
CA ASP B 359 -28.32 -50.16 52.59
C ASP B 359 -29.75 -49.62 52.50
N LEU B 360 -30.68 -50.47 52.90
CA LEU B 360 -32.10 -50.19 52.70
C LEU B 360 -32.66 -49.47 53.91
N GLY B 361 -31.93 -49.50 55.02
CA GLY B 361 -32.50 -49.07 56.29
C GLY B 361 -33.31 -50.17 56.91
N LYS B 362 -33.73 -49.98 58.17
CA LYS B 362 -34.60 -50.89 58.92
C LYS B 362 -34.02 -52.30 59.02
N GLY B 363 -32.69 -52.41 59.05
CA GLY B 363 -32.02 -53.69 59.07
C GLY B 363 -32.14 -54.47 57.78
N ASP B 364 -31.57 -53.94 56.70
CA ASP B 364 -31.64 -54.57 55.37
C ASP B 364 -30.49 -54.01 54.54
N PHE B 365 -29.59 -54.90 54.10
CA PHE B 365 -28.50 -54.54 53.19
C PHE B 365 -28.50 -55.52 52.04
N ARG B 366 -28.90 -55.07 50.86
CA ARG B 366 -29.04 -55.96 49.73
C ARG B 366 -27.79 -55.92 48.87
N ILE B 367 -27.62 -57.00 48.12
CA ILE B 367 -26.72 -57.01 46.98
C ILE B 367 -27.62 -57.06 45.75
N LEU B 368 -27.08 -56.66 44.60
CA LEU B 368 -27.63 -56.98 43.29
C LEU B 368 -26.42 -57.26 42.40
N MET B 369 -26.38 -58.43 41.78
CA MET B 369 -25.25 -58.72 40.93
C MET B 369 -25.71 -59.26 39.58
N CYS B 370 -24.91 -59.03 38.54
CA CYS B 370 -25.17 -59.52 37.20
C CYS B 370 -24.03 -60.46 36.86
N THR B 371 -24.18 -61.67 37.38
CA THR B 371 -23.19 -62.73 37.30
C THR B 371 -22.93 -63.42 35.98
N LYS B 372 -22.06 -62.82 35.17
CA LYS B 372 -21.67 -63.47 33.94
C LYS B 372 -20.57 -64.43 34.39
N VAL B 373 -20.78 -65.03 35.57
CA VAL B 373 -19.84 -65.94 36.19
C VAL B 373 -18.42 -65.36 36.09
N THR B 374 -18.16 -64.26 36.79
CA THR B 374 -16.81 -63.70 36.66
C THR B 374 -16.32 -63.03 37.93
N MET B 375 -15.00 -62.79 37.96
CA MET B 375 -14.26 -62.40 39.14
C MET B 375 -14.56 -60.98 39.62
N ASP B 376 -15.27 -60.18 38.82
CA ASP B 376 -15.52 -58.79 39.21
C ASP B 376 -16.55 -58.69 40.32
N ASP B 377 -17.29 -59.77 40.59
CA ASP B 377 -18.15 -59.76 41.76
C ASP B 377 -17.36 -59.98 43.05
N PHE B 378 -16.34 -60.84 43.00
CA PHE B 378 -15.49 -61.08 44.16
C PHE B 378 -14.49 -59.94 44.34
N LEU B 379 -14.22 -59.20 43.26
CA LEU B 379 -13.54 -57.92 43.36
C LEU B 379 -14.34 -56.92 44.18
N THR B 380 -15.67 -56.97 44.05
CA THR B 380 -16.52 -56.06 44.80
C THR B 380 -16.95 -56.64 46.14
N ALA B 381 -16.68 -57.92 46.40
CA ALA B 381 -17.28 -58.62 47.54
C ALA B 381 -16.77 -58.11 48.88
N HIS B 382 -15.46 -58.20 49.14
CA HIS B 382 -14.89 -57.61 50.34
C HIS B 382 -14.82 -56.10 50.24
N HIS B 383 -14.72 -55.58 49.01
CA HIS B 383 -14.81 -54.14 48.73
C HIS B 383 -16.12 -53.57 49.25
N GLU B 384 -17.22 -54.28 49.03
CA GLU B 384 -18.47 -53.89 49.67
C GLU B 384 -18.49 -54.28 51.15
N MET B 385 -17.91 -55.41 51.53
CA MET B 385 -17.91 -55.82 52.92
C MET B 385 -17.06 -54.93 53.80
N GLY B 386 -16.12 -54.19 53.23
CA GLY B 386 -15.52 -53.10 53.96
C GLY B 386 -16.45 -51.93 54.09
N HIS B 387 -17.35 -51.75 53.11
CA HIS B 387 -18.18 -50.55 53.07
C HIS B 387 -19.56 -50.79 53.68
N ILE B 388 -20.09 -52.02 53.56
CA ILE B 388 -21.37 -52.30 54.18
C ILE B 388 -21.19 -52.53 55.68
N GLN B 389 -19.96 -52.73 56.15
CA GLN B 389 -19.75 -52.69 57.59
C GLN B 389 -19.86 -51.26 58.13
N TYR B 390 -19.60 -50.25 57.30
CA TYR B 390 -20.07 -48.90 57.64
C TYR B 390 -21.59 -48.83 57.55
N ASP B 391 -22.20 -49.61 56.65
CA ASP B 391 -23.65 -49.58 56.51
C ASP B 391 -24.32 -50.36 57.63
N MET B 392 -23.64 -51.33 58.23
CA MET B 392 -24.19 -52.02 59.39
C MET B 392 -24.26 -51.12 60.62
N ALA B 393 -23.57 -49.97 60.59
CA ALA B 393 -23.78 -48.94 61.59
C ALA B 393 -25.10 -48.22 61.40
N TYR B 394 -25.48 -47.91 60.16
CA TYR B 394 -26.80 -47.30 59.98
C TYR B 394 -27.84 -48.30 59.50
N ALA B 395 -27.81 -49.51 60.07
CA ALA B 395 -28.80 -50.56 59.87
C ALA B 395 -30.24 -50.09 60.04
N ALA B 396 -30.59 -49.60 61.23
CA ALA B 396 -31.92 -49.03 61.45
C ALA B 396 -31.89 -47.52 61.53
N GLN B 397 -30.73 -46.91 61.36
CA GLN B 397 -30.61 -45.46 61.47
C GLN B 397 -31.14 -44.81 60.19
N PRO B 398 -31.64 -43.54 60.25
CA PRO B 398 -32.52 -43.03 59.19
C PRO B 398 -31.97 -42.87 57.78
N PHE B 399 -32.87 -42.45 56.89
CA PHE B 399 -32.48 -41.87 55.61
C PHE B 399 -31.67 -40.61 55.83
N LEU B 400 -31.98 -39.85 56.89
CA LEU B 400 -31.18 -38.67 57.22
C LEU B 400 -29.83 -39.01 57.80
N LEU B 401 -29.56 -40.29 58.06
CA LEU B 401 -28.22 -40.77 58.38
C LEU B 401 -27.74 -41.78 57.33
N ARG B 402 -27.15 -41.31 56.23
CA ARG B 402 -26.84 -42.14 55.07
C ARG B 402 -25.48 -42.81 55.13
N ASN B 403 -24.87 -43.00 53.96
CA ASN B 403 -23.57 -43.65 53.87
C ASN B 403 -22.55 -43.02 54.82
N GLY B 404 -21.29 -43.38 54.64
CA GLY B 404 -20.22 -42.86 55.49
C GLY B 404 -19.89 -41.42 55.18
N ALA B 405 -18.62 -41.15 54.91
CA ALA B 405 -18.17 -39.80 54.58
C ALA B 405 -17.60 -39.73 53.17
N ASN B 406 -18.07 -38.74 52.41
CA ASN B 406 -17.61 -38.56 51.04
C ASN B 406 -17.64 -39.86 50.23
N GLU B 407 -17.05 -39.83 49.05
CA GLU B 407 -17.02 -41.00 48.18
C GLU B 407 -15.62 -41.60 48.13
N GLY B 408 -14.63 -40.78 47.77
CA GLY B 408 -13.26 -41.21 47.68
C GLY B 408 -12.74 -41.93 48.91
N PHE B 409 -13.32 -41.65 50.08
CA PHE B 409 -12.94 -42.36 51.30
C PHE B 409 -13.29 -43.83 51.22
N HIS B 410 -14.47 -44.14 50.67
CA HIS B 410 -14.80 -45.51 50.32
C HIS B 410 -13.81 -46.06 49.32
N GLU B 411 -13.52 -45.30 48.26
CA GLU B 411 -12.52 -45.72 47.29
C GLU B 411 -11.11 -45.73 47.84
N ALA B 412 -10.85 -45.00 48.93
CA ALA B 412 -9.55 -45.12 49.59
C ALA B 412 -9.37 -46.47 50.24
N VAL B 413 -10.30 -46.87 51.11
CA VAL B 413 -10.19 -48.15 51.77
C VAL B 413 -10.62 -49.27 50.83
N GLY B 414 -11.38 -48.94 49.78
CA GLY B 414 -11.84 -49.96 48.86
C GLY B 414 -10.81 -50.39 47.84
N GLU B 415 -9.94 -49.48 47.42
CA GLU B 415 -8.91 -49.84 46.47
C GLU B 415 -7.64 -50.33 47.13
N ILE B 416 -7.49 -50.12 48.44
CA ILE B 416 -6.58 -50.96 49.22
C ILE B 416 -7.23 -52.28 49.59
N MET B 417 -8.56 -52.40 49.39
CA MET B 417 -9.21 -53.71 49.42
C MET B 417 -9.32 -54.30 48.03
N SER B 418 -9.36 -53.46 46.99
CA SER B 418 -9.13 -53.98 45.66
C SER B 418 -7.67 -54.35 45.46
N LEU B 419 -6.78 -53.76 46.27
CA LEU B 419 -5.45 -54.33 46.45
C LEU B 419 -5.53 -55.71 47.07
N SER B 420 -6.42 -55.90 48.05
CA SER B 420 -6.62 -57.24 48.60
C SER B 420 -7.34 -58.15 47.62
N ALA B 421 -8.09 -57.58 46.67
CA ALA B 421 -8.53 -58.36 45.51
C ALA B 421 -7.37 -58.71 44.60
N ALA B 422 -6.33 -57.87 44.55
CA ALA B 422 -5.20 -58.07 43.67
C ALA B 422 -4.07 -58.90 44.29
N THR B 423 -4.23 -59.37 45.52
CA THR B 423 -3.18 -60.18 46.12
C THR B 423 -3.59 -61.65 46.13
N PRO B 424 -2.65 -62.56 45.85
CA PRO B 424 -3.00 -63.99 45.89
C PRO B 424 -2.75 -64.64 47.24
N LYS B 425 -2.46 -63.85 48.29
CA LYS B 425 -2.00 -64.43 49.55
C LYS B 425 -3.16 -65.06 50.33
N HIS B 426 -4.31 -64.39 50.41
CA HIS B 426 -5.44 -65.06 51.05
C HIS B 426 -6.29 -65.81 50.04
N LEU B 427 -5.99 -65.67 48.75
CA LEU B 427 -6.69 -66.46 47.74
C LEU B 427 -6.37 -67.94 47.89
N LYS B 428 -5.13 -68.26 48.24
CA LYS B 428 -4.77 -69.63 48.57
C LYS B 428 -5.30 -70.07 49.94
N SER B 429 -5.71 -69.13 50.79
CA SER B 429 -6.28 -69.48 52.09
C SER B 429 -7.74 -69.03 52.19
N ILE B 430 -8.37 -68.82 51.04
CA ILE B 430 -9.82 -68.77 50.95
C ILE B 430 -10.23 -69.78 49.88
N GLY B 431 -9.23 -70.43 49.28
CA GLY B 431 -9.51 -71.54 48.39
C GLY B 431 -9.42 -71.28 46.90
N LEU B 432 -8.33 -70.65 46.46
CA LEU B 432 -7.98 -70.62 45.05
C LEU B 432 -6.66 -71.37 44.87
N LEU B 433 -6.08 -71.22 43.68
CA LEU B 433 -4.94 -71.97 43.14
C LEU B 433 -3.75 -72.08 44.08
N SER B 434 -3.13 -73.26 44.11
CA SER B 434 -2.01 -73.62 44.99
C SER B 434 -0.78 -72.81 44.59
N PRO B 435 0.10 -72.50 45.55
CA PRO B 435 1.29 -71.70 45.22
C PRO B 435 2.31 -72.50 44.43
N ASP B 436 2.72 -71.91 43.31
CA ASP B 436 3.90 -72.35 42.58
C ASP B 436 4.72 -71.11 42.22
N PHE B 437 4.35 -69.99 42.85
CA PHE B 437 4.83 -68.67 42.44
C PHE B 437 5.25 -67.86 43.65
N GLN B 438 6.08 -68.44 44.51
CA GLN B 438 6.57 -67.78 45.71
C GLN B 438 7.42 -66.57 45.35
N GLU B 439 7.38 -65.55 46.21
CA GLU B 439 7.89 -64.23 45.89
C GLU B 439 9.39 -64.15 46.18
N ASP B 440 9.97 -63.01 45.84
CA ASP B 440 11.41 -62.81 45.92
C ASP B 440 11.72 -61.54 46.71
N ASN B 441 12.96 -61.06 46.59
CA ASN B 441 13.50 -60.10 47.54
C ASN B 441 13.54 -58.65 47.07
N GLU B 442 14.27 -58.37 45.99
CA GLU B 442 14.87 -57.05 45.82
C GLU B 442 13.87 -55.97 45.42
N THR B 443 12.88 -56.32 44.58
CA THR B 443 12.00 -55.41 43.82
C THR B 443 11.51 -54.17 44.55
N GLU B 444 11.35 -54.24 45.88
CA GLU B 444 10.66 -53.20 46.62
C GLU B 444 11.49 -51.93 46.79
N ILE B 445 12.80 -51.98 46.50
CA ILE B 445 13.58 -50.75 46.39
C ILE B 445 13.34 -50.09 45.04
N ASN B 446 12.91 -50.86 44.03
CA ASN B 446 12.60 -50.27 42.74
C ASN B 446 11.12 -50.34 42.42
N PHE B 447 10.32 -50.91 43.34
CA PHE B 447 8.87 -50.91 43.16
C PHE B 447 8.30 -49.54 43.45
N LEU B 448 8.96 -48.78 44.33
CA LEU B 448 8.53 -47.43 44.64
C LEU B 448 8.69 -46.50 43.44
N LEU B 449 9.59 -46.85 42.52
CA LEU B 449 9.64 -46.20 41.21
C LEU B 449 8.37 -46.43 40.41
N LYS B 450 7.83 -47.64 40.45
CA LYS B 450 6.64 -47.96 39.67
C LYS B 450 5.40 -47.30 40.25
N GLN B 451 5.37 -47.09 41.57
CA GLN B 451 4.29 -46.33 42.18
C GLN B 451 4.38 -44.87 41.77
N ALA B 452 5.59 -44.37 41.51
CA ALA B 452 5.76 -42.98 41.13
C ALA B 452 5.25 -42.69 39.73
N LEU B 453 5.29 -43.66 38.81
CA LEU B 453 4.71 -43.42 37.50
C LEU B 453 3.19 -43.41 37.55
N THR B 454 2.59 -44.18 38.44
CA THR B 454 1.15 -44.23 38.59
C THR B 454 0.58 -43.13 39.48
N ILE B 455 0.97 -43.09 40.76
CA ILE B 455 0.27 -42.23 41.72
C ILE B 455 0.75 -40.79 41.62
N VAL B 456 1.94 -40.57 41.07
CA VAL B 456 2.41 -39.19 40.99
C VAL B 456 2.13 -38.63 39.60
N GLY B 457 2.05 -39.50 38.59
CA GLY B 457 1.82 -39.04 37.23
C GLY B 457 0.45 -38.45 36.97
N THR B 458 -0.53 -38.79 37.81
CA THR B 458 -1.90 -38.36 37.60
C THR B 458 -2.33 -37.17 38.46
N LEU B 459 -1.46 -36.71 39.36
CA LEU B 459 -1.83 -35.65 40.30
C LEU B 459 -2.09 -34.26 39.71
N PRO B 460 -1.24 -33.69 38.83
CA PRO B 460 -1.60 -32.35 38.31
C PRO B 460 -2.60 -32.42 37.16
N PHE B 461 -2.62 -33.51 36.41
CA PHE B 461 -3.50 -33.65 35.27
C PHE B 461 -4.96 -33.68 35.70
N THR B 462 -5.27 -34.45 36.74
CA THR B 462 -6.64 -34.58 37.18
C THR B 462 -7.07 -33.39 38.03
N TYR B 463 -6.11 -32.58 38.47
CA TYR B 463 -6.44 -31.38 39.22
C TYR B 463 -6.97 -30.28 38.30
N MET B 464 -6.30 -30.07 37.17
CA MET B 464 -6.61 -28.90 36.36
C MET B 464 -7.94 -29.05 35.64
N LEU B 465 -8.30 -30.28 35.25
CA LEU B 465 -9.49 -30.46 34.42
C LEU B 465 -10.77 -30.21 35.21
N GLU B 466 -10.74 -30.48 36.51
CA GLU B 466 -11.85 -30.02 37.35
C GLU B 466 -11.81 -28.52 37.51
N LYS B 467 -10.62 -27.95 37.67
CA LYS B 467 -10.49 -26.50 37.82
C LYS B 467 -10.78 -25.79 36.51
N TRP B 468 -10.44 -26.41 35.37
CA TRP B 468 -10.84 -25.87 34.08
C TRP B 468 -12.35 -25.95 33.89
N ARG B 469 -12.97 -27.00 34.44
CA ARG B 469 -14.42 -27.15 34.31
C ARG B 469 -15.17 -26.12 35.14
N TRP B 470 -14.65 -25.76 36.31
CA TRP B 470 -15.39 -24.87 37.22
C TRP B 470 -15.47 -23.44 36.69
N MET B 471 -14.35 -22.87 36.24
CA MET B 471 -14.37 -21.52 35.70
C MET B 471 -15.11 -21.44 34.37
N VAL B 472 -15.19 -22.55 33.63
CA VAL B 472 -16.17 -22.64 32.55
C VAL B 472 -17.58 -22.65 33.12
N PHE B 473 -17.80 -23.41 34.19
CA PHE B 473 -19.16 -23.63 34.68
C PHE B 473 -19.75 -22.41 35.38
N LYS B 474 -18.94 -21.67 36.11
CA LYS B 474 -19.39 -20.44 36.75
C LYS B 474 -19.38 -19.26 35.79
N GLY B 475 -18.86 -19.44 34.58
CA GLY B 475 -18.96 -18.43 33.54
C GLY B 475 -17.88 -17.37 33.57
N GLU B 476 -16.72 -17.70 34.15
CA GLU B 476 -15.55 -16.82 34.06
C GLU B 476 -14.74 -17.10 32.81
N ILE B 477 -15.10 -18.13 32.06
CA ILE B 477 -14.48 -18.45 30.78
C ILE B 477 -15.53 -18.32 29.69
N PRO B 478 -15.41 -17.34 28.81
CA PRO B 478 -16.34 -17.22 27.68
C PRO B 478 -16.14 -18.37 26.69
N LYS B 479 -17.10 -18.52 25.78
CA LYS B 479 -17.16 -19.73 24.96
C LYS B 479 -16.37 -19.56 23.66
N ASP B 480 -15.16 -19.00 23.81
CA ASP B 480 -14.21 -18.83 22.73
C ASP B 480 -12.83 -19.06 23.32
N GLN B 481 -12.81 -19.71 24.48
CA GLN B 481 -11.64 -19.71 25.34
C GLN B 481 -11.38 -21.09 25.95
N TRP B 482 -12.11 -22.11 25.50
CA TRP B 482 -11.99 -23.44 26.09
C TRP B 482 -10.63 -24.06 25.79
N MET B 483 -10.32 -24.25 24.50
CA MET B 483 -9.00 -24.72 24.11
C MET B 483 -7.90 -23.71 24.42
N LYS B 484 -8.25 -22.42 24.52
CA LYS B 484 -7.34 -21.43 25.07
C LYS B 484 -6.99 -21.74 26.53
N LYS B 485 -8.01 -21.93 27.37
CA LYS B 485 -7.76 -22.20 28.78
C LYS B 485 -7.28 -23.61 29.02
N TRP B 486 -7.42 -24.51 28.05
CA TRP B 486 -7.07 -25.91 28.26
C TRP B 486 -5.56 -26.10 28.27
N TRP B 487 -4.83 -25.32 27.48
CA TRP B 487 -3.46 -25.70 27.20
C TRP B 487 -2.42 -24.92 28.01
N GLU B 488 -2.72 -23.70 28.42
CA GLU B 488 -1.72 -22.93 29.16
C GLU B 488 -1.55 -23.47 30.57
N MET B 489 -2.61 -24.06 31.13
CA MET B 489 -2.51 -24.70 32.43
C MET B 489 -1.82 -26.04 32.32
N LYS B 490 -1.95 -26.73 31.19
CA LYS B 490 -1.12 -27.90 30.92
C LYS B 490 0.33 -27.50 30.74
N ARG B 491 0.58 -26.28 30.26
CA ARG B 491 1.93 -25.76 30.25
C ARG B 491 2.32 -25.23 31.63
N GLU B 492 1.39 -24.62 32.36
CA GLU B 492 1.69 -24.13 33.70
C GLU B 492 1.82 -25.26 34.71
N ILE B 493 0.74 -25.99 34.94
CA ILE B 493 0.69 -26.93 36.05
C ILE B 493 1.38 -28.24 35.69
N VAL B 494 1.11 -28.75 34.49
CA VAL B 494 1.73 -30.00 34.08
C VAL B 494 3.08 -29.77 33.43
N GLY B 495 3.22 -28.72 32.63
CA GLY B 495 4.43 -28.57 31.85
C GLY B 495 4.47 -29.49 30.66
N VAL B 496 3.31 -29.81 30.11
CA VAL B 496 3.21 -30.54 28.85
C VAL B 496 2.71 -29.55 27.82
N VAL B 497 2.96 -29.82 26.55
CA VAL B 497 2.58 -28.91 25.48
C VAL B 497 1.82 -29.70 24.41
N GLU B 498 0.99 -28.97 23.66
CA GLU B 498 0.28 -29.58 22.55
C GLU B 498 1.24 -29.74 21.38
N PRO B 499 1.13 -30.80 20.61
CA PRO B 499 2.01 -30.96 19.45
C PRO B 499 1.46 -30.27 18.21
N VAL B 500 0.17 -29.93 18.25
CA VAL B 500 -0.48 -29.17 17.19
C VAL B 500 -1.35 -28.12 17.86
N PRO B 501 -1.26 -26.86 17.45
CA PRO B 501 -2.12 -25.82 18.02
C PRO B 501 -3.58 -26.04 17.66
N HIS B 502 -4.44 -25.76 18.63
CA HIS B 502 -5.86 -26.07 18.54
C HIS B 502 -6.68 -24.80 18.64
N ASP B 503 -7.60 -24.62 17.69
CA ASP B 503 -8.60 -23.58 17.75
C ASP B 503 -9.76 -24.01 18.64
N GLU B 504 -10.75 -23.15 18.80
CA GLU B 504 -11.86 -23.42 19.70
C GLU B 504 -12.97 -24.17 18.97
N THR B 505 -12.61 -25.34 18.42
CA THR B 505 -13.59 -26.23 17.82
C THR B 505 -13.44 -27.63 18.39
N TYR B 506 -12.21 -27.99 18.77
CA TYR B 506 -11.84 -29.38 18.95
C TYR B 506 -12.42 -29.98 20.23
N CYS B 507 -12.20 -29.29 21.36
CA CYS B 507 -12.69 -29.65 22.69
C CYS B 507 -12.20 -31.03 23.12
N ASP B 508 -10.89 -31.24 22.97
CA ASP B 508 -10.18 -32.43 23.44
C ASP B 508 -10.32 -32.77 24.93
N PRO B 509 -10.67 -31.85 25.83
CA PRO B 509 -11.18 -32.28 27.14
C PRO B 509 -12.33 -33.28 27.09
N ALA B 510 -13.19 -33.21 26.08
CA ALA B 510 -14.31 -34.14 25.98
C ALA B 510 -13.91 -35.56 25.59
N SER B 511 -12.65 -35.78 25.20
CA SER B 511 -12.21 -37.07 24.72
C SER B 511 -12.10 -38.14 25.81
N LEU B 512 -12.12 -37.75 27.07
CA LEU B 512 -12.01 -38.69 28.18
C LEU B 512 -13.36 -39.30 28.51
N PHE B 513 -13.34 -40.21 29.49
CA PHE B 513 -14.56 -40.87 29.92
C PHE B 513 -15.44 -39.93 30.73
N HIS B 514 -14.90 -39.41 31.83
CA HIS B 514 -15.73 -38.86 32.88
C HIS B 514 -16.23 -37.46 32.58
N VAL B 515 -15.52 -36.70 31.76
CA VAL B 515 -16.06 -35.42 31.32
C VAL B 515 -17.20 -35.63 30.33
N SER B 516 -17.04 -36.60 29.42
CA SER B 516 -18.06 -36.91 28.43
C SER B 516 -19.29 -37.58 29.05
N ASN B 517 -19.17 -38.16 30.23
CA ASN B 517 -20.28 -38.86 30.87
C ASN B 517 -20.60 -38.31 32.25
N ASP B 518 -20.24 -37.06 32.52
CA ASP B 518 -20.63 -36.29 33.71
C ASP B 518 -20.22 -36.94 35.03
N TYR B 519 -18.93 -36.99 35.33
CA TYR B 519 -18.53 -37.41 36.65
C TYR B 519 -17.78 -36.29 37.34
N SER B 520 -18.15 -36.04 38.60
CA SER B 520 -17.34 -35.18 39.45
C SER B 520 -16.00 -35.85 39.71
N PHE B 521 -14.95 -35.28 39.12
CA PHE B 521 -13.68 -36.01 39.06
C PHE B 521 -12.78 -35.68 40.23
N ILE B 522 -13.27 -34.93 41.22
CA ILE B 522 -12.50 -34.69 42.44
C ILE B 522 -12.63 -35.79 43.47
N ARG B 523 -13.31 -36.89 43.12
CA ARG B 523 -13.43 -38.01 44.04
C ARG B 523 -12.10 -38.72 44.27
N TYR B 524 -11.14 -38.56 43.36
CA TYR B 524 -9.88 -39.29 43.47
C TYR B 524 -8.88 -38.64 44.41
N TYR B 525 -9.10 -37.36 44.74
CA TYR B 525 -8.21 -36.64 45.64
C TYR B 525 -8.50 -36.98 47.09
N THR B 526 -9.77 -36.92 47.47
CA THR B 526 -10.18 -37.23 48.84
C THR B 526 -9.72 -38.63 49.25
N ARG B 527 -9.61 -39.52 48.28
CA ARG B 527 -9.17 -40.89 48.54
C ARG B 527 -7.66 -41.02 48.41
N THR B 528 -7.03 -40.01 47.82
CA THR B 528 -5.59 -40.02 47.63
C THR B 528 -4.87 -39.43 48.83
N LEU B 529 -5.63 -38.82 49.74
CA LEU B 529 -5.06 -38.21 50.94
C LEU B 529 -5.23 -39.08 52.18
N TYR B 530 -6.43 -39.64 52.37
CA TYR B 530 -6.72 -40.46 53.55
C TYR B 530 -6.19 -41.88 53.45
N GLN B 531 -5.66 -42.25 52.30
CA GLN B 531 -5.12 -43.58 52.08
C GLN B 531 -3.68 -43.71 52.58
N PHE B 532 -2.88 -42.65 52.45
CA PHE B 532 -1.49 -42.76 52.83
C PHE B 532 -1.23 -42.40 54.28
N GLN B 533 -2.15 -41.67 54.91
CA GLN B 533 -2.05 -41.43 56.35
C GLN B 533 -2.28 -42.72 57.12
N PHE B 534 -3.03 -43.66 56.55
CA PHE B 534 -3.40 -44.86 57.27
C PHE B 534 -2.30 -45.92 57.23
N GLN B 535 -1.78 -46.21 56.02
CA GLN B 535 -1.04 -47.46 55.78
C GLN B 535 0.30 -47.51 56.51
N GLU B 536 0.98 -46.37 56.64
CA GLU B 536 2.27 -46.36 57.32
C GLU B 536 2.11 -46.33 58.84
N ALA B 537 0.90 -46.04 59.33
CA ALA B 537 0.72 -45.93 60.78
C ALA B 537 0.09 -47.18 61.38
N LEU B 538 -0.43 -48.09 60.53
CA LEU B 538 -1.21 -49.19 61.09
C LEU B 538 -0.58 -50.56 60.86
N CYS B 539 -0.27 -50.93 59.62
CA CYS B 539 -0.09 -52.36 59.33
C CYS B 539 1.31 -52.88 59.67
N GLN B 540 2.09 -52.17 60.47
CA GLN B 540 3.21 -52.83 61.15
C GLN B 540 2.70 -53.93 62.07
N ALA B 541 1.56 -53.67 62.74
CA ALA B 541 0.96 -54.67 63.61
C ALA B 541 -0.10 -55.50 62.89
N ALA B 542 0.04 -55.68 61.57
CA ALA B 542 -0.84 -56.54 60.80
C ALA B 542 -0.39 -58.00 60.80
N LYS B 543 0.51 -58.37 61.71
CA LYS B 543 0.84 -59.75 62.08
C LYS B 543 1.52 -60.57 60.97
N HIS B 544 1.78 -59.93 59.83
CA HIS B 544 2.49 -60.58 58.74
C HIS B 544 3.06 -59.50 57.81
N GLU B 545 4.39 -59.44 57.77
CA GLU B 545 5.07 -58.54 56.86
C GLU B 545 6.33 -59.13 56.26
N GLY B 546 6.24 -59.71 55.07
CA GLY B 546 7.39 -60.06 54.28
C GLY B 546 7.63 -58.91 53.32
N PRO B 547 7.22 -59.08 52.08
CA PRO B 547 6.85 -57.91 51.27
C PRO B 547 5.86 -57.01 51.98
N LEU B 548 6.12 -55.70 51.91
CA LEU B 548 5.36 -54.74 52.73
C LEU B 548 3.92 -54.57 52.25
N HIS B 549 3.65 -54.92 50.99
CA HIS B 549 2.27 -54.89 50.50
C HIS B 549 1.45 -56.08 50.96
N LYS B 550 2.05 -57.01 51.70
CA LYS B 550 1.37 -58.17 52.26
C LYS B 550 0.96 -57.97 53.70
N CYS B 551 0.49 -56.77 54.06
CA CYS B 551 -0.08 -56.53 55.39
C CYS B 551 -1.44 -57.23 55.47
N ASP B 552 -1.39 -58.55 55.65
CA ASP B 552 -2.55 -59.43 55.43
C ASP B 552 -3.42 -59.46 56.69
N ILE B 553 -4.34 -58.50 56.77
CA ILE B 553 -5.34 -58.48 57.82
C ILE B 553 -6.27 -59.70 57.74
N SER B 554 -6.47 -60.25 56.56
CA SER B 554 -7.01 -61.59 56.45
C SER B 554 -6.03 -62.54 57.12
N ASN B 555 -6.50 -63.17 58.20
CA ASN B 555 -5.77 -63.90 59.25
C ASN B 555 -4.97 -62.96 60.16
N SER B 556 -5.42 -61.72 60.32
CA SER B 556 -4.83 -60.81 61.31
C SER B 556 -5.89 -59.82 61.80
N THR B 557 -6.47 -60.13 62.95
CA THR B 557 -7.59 -59.36 63.45
C THR B 557 -7.15 -58.02 64.05
N GLU B 558 -5.97 -58.00 64.69
CA GLU B 558 -5.50 -56.92 65.56
C GLU B 558 -5.42 -55.57 64.88
N ALA B 559 -5.00 -55.50 63.62
CA ALA B 559 -4.92 -54.22 62.93
C ALA B 559 -6.28 -53.66 62.57
N GLY B 560 -7.27 -54.52 62.31
CA GLY B 560 -8.59 -54.08 61.93
C GLY B 560 -9.41 -53.47 63.04
N GLN B 561 -9.03 -53.68 64.30
CA GLN B 561 -9.77 -53.10 65.42
C GLN B 561 -9.38 -51.66 65.72
N LYS B 562 -8.15 -51.27 65.38
CA LYS B 562 -7.83 -49.85 65.30
C LYS B 562 -8.55 -49.21 64.12
N LEU B 563 -8.80 -49.99 63.07
CA LEU B 563 -9.60 -49.52 61.95
C LEU B 563 -11.08 -49.53 62.29
N PHE B 564 -11.48 -50.31 63.31
CA PHE B 564 -12.90 -50.45 63.63
C PHE B 564 -13.48 -49.20 64.27
N ASN B 565 -12.65 -48.27 64.74
CA ASN B 565 -13.15 -47.03 65.31
C ASN B 565 -13.81 -46.12 64.26
N MET B 566 -13.44 -46.26 62.99
CA MET B 566 -14.19 -45.62 61.92
C MET B 566 -15.30 -46.50 61.38
N LEU B 567 -15.22 -47.82 61.64
CA LEU B 567 -16.05 -48.77 60.91
C LEU B 567 -17.40 -48.94 61.56
N ARG B 568 -17.50 -48.61 62.84
CA ARG B 568 -18.74 -48.63 63.60
C ARG B 568 -19.62 -47.41 63.36
N LEU B 569 -19.30 -46.59 62.35
CA LEU B 569 -19.98 -45.33 62.12
C LEU B 569 -20.49 -45.26 60.69
N GLY B 570 -21.61 -44.58 60.52
CA GLY B 570 -22.21 -44.37 59.21
C GLY B 570 -22.00 -42.95 58.73
N LYS B 571 -23.09 -42.18 58.67
CA LYS B 571 -23.02 -40.80 58.23
C LYS B 571 -23.23 -39.83 59.40
N SER B 572 -22.17 -39.13 59.78
CA SER B 572 -22.23 -38.17 60.87
C SER B 572 -20.88 -37.48 61.08
N GLU B 573 -20.87 -36.16 60.96
CA GLU B 573 -19.66 -35.39 61.14
C GLU B 573 -18.76 -35.48 59.91
N PRO B 574 -17.96 -34.37 59.65
CA PRO B 574 -17.10 -34.51 58.47
C PRO B 574 -16.25 -35.78 58.52
N TRP B 575 -15.56 -36.08 57.43
CA TRP B 575 -14.71 -37.27 57.35
C TRP B 575 -13.36 -37.02 57.99
N THR B 576 -13.32 -36.10 58.96
CA THR B 576 -12.09 -35.76 59.65
C THR B 576 -12.19 -36.00 61.16
N LEU B 577 -13.38 -36.33 61.67
CA LEU B 577 -13.44 -36.97 62.96
C LEU B 577 -13.26 -38.48 62.82
N ALA B 578 -13.70 -39.06 61.71
CA ALA B 578 -13.37 -40.45 61.44
C ALA B 578 -11.90 -40.60 61.09
N LEU B 579 -11.27 -39.53 60.57
CA LEU B 579 -9.83 -39.54 60.37
C LEU B 579 -9.08 -39.54 61.69
N GLU B 580 -9.57 -38.75 62.63
CA GLU B 580 -8.96 -38.65 63.96
C GLU B 580 -9.08 -39.98 64.68
N ASN B 581 -10.16 -40.71 64.44
CA ASN B 581 -10.36 -42.01 65.08
C ASN B 581 -9.25 -43.00 64.74
N VAL B 582 -8.45 -42.73 63.71
CA VAL B 582 -7.45 -43.68 63.23
C VAL B 582 -6.05 -43.17 63.48
N VAL B 583 -5.70 -42.04 62.85
CA VAL B 583 -4.32 -41.59 62.81
C VAL B 583 -4.21 -40.15 63.31
N GLY B 584 -5.27 -39.64 63.92
CA GLY B 584 -5.24 -38.29 64.46
C GLY B 584 -5.31 -37.19 63.42
N ALA B 585 -5.74 -37.50 62.20
CA ALA B 585 -5.81 -36.50 61.16
C ALA B 585 -7.01 -35.57 61.37
N LYS B 586 -6.82 -34.28 61.05
CA LYS B 586 -7.84 -33.29 61.36
C LYS B 586 -8.30 -32.51 60.13
N ASN B 587 -7.42 -32.21 59.18
CA ASN B 587 -7.87 -31.81 57.86
C ASN B 587 -7.38 -32.80 56.81
N MET B 588 -6.04 -32.90 56.72
CA MET B 588 -5.32 -33.89 55.94
C MET B 588 -3.85 -33.76 56.31
N ASN B 589 -3.00 -34.59 55.70
CA ASN B 589 -1.59 -34.26 55.65
C ASN B 589 -0.99 -34.79 54.36
N VAL B 590 -0.22 -33.94 53.70
CA VAL B 590 0.58 -34.35 52.55
C VAL B 590 1.88 -35.02 52.99
N ARG B 591 2.20 -34.95 54.28
CA ARG B 591 3.41 -35.59 54.79
C ARG B 591 3.52 -37.11 54.57
N PRO B 592 2.48 -37.94 54.76
CA PRO B 592 2.67 -39.38 54.47
C PRO B 592 2.81 -39.70 52.98
N LEU B 593 2.23 -38.89 52.08
CA LEU B 593 2.70 -38.86 50.70
C LEU B 593 4.19 -38.57 50.62
N LEU B 594 4.63 -37.51 51.29
CA LEU B 594 6.02 -37.12 51.23
C LEU B 594 6.91 -38.09 51.99
N ASN B 595 6.36 -38.78 52.99
CA ASN B 595 7.19 -39.68 53.80
C ASN B 595 7.45 -41.00 53.10
N TYR B 596 6.47 -41.58 52.41
CA TYR B 596 6.74 -42.85 51.75
C TYR B 596 7.46 -42.62 50.42
N PHE B 597 7.53 -41.37 49.97
CA PHE B 597 8.40 -41.00 48.87
C PHE B 597 9.63 -40.22 49.35
N GLU B 598 9.82 -40.14 50.67
CA GLU B 598 11.07 -39.59 51.19
C GLU B 598 12.28 -40.47 50.90
N PRO B 599 12.20 -41.82 50.88
CA PRO B 599 13.31 -42.59 50.29
C PRO B 599 13.51 -42.34 48.80
N LEU B 600 12.48 -41.90 48.08
CA LEU B 600 12.67 -41.56 46.67
C LEU B 600 12.71 -40.06 46.41
N PHE B 601 12.57 -39.23 47.45
CA PHE B 601 12.84 -37.81 47.28
C PHE B 601 14.33 -37.57 47.09
N THR B 602 15.17 -38.18 47.94
CA THR B 602 16.61 -38.04 47.78
C THR B 602 17.11 -38.94 46.67
N TRP B 603 16.39 -40.04 46.38
CA TRP B 603 16.76 -40.89 45.24
C TRP B 603 16.51 -40.17 43.91
N LEU B 604 15.64 -39.15 43.92
CA LEU B 604 15.57 -38.24 42.78
C LEU B 604 16.78 -37.32 42.69
N LYS B 605 17.71 -37.42 43.64
CA LYS B 605 19.07 -36.97 43.42
C LYS B 605 20.07 -38.12 43.44
N ASP B 606 19.62 -39.37 43.22
CA ASP B 606 20.55 -40.46 43.02
C ASP B 606 20.71 -40.83 41.56
N GLN B 607 19.63 -41.27 40.90
CA GLN B 607 19.70 -41.49 39.47
C GLN B 607 19.29 -40.25 38.69
N ASN B 608 18.78 -39.24 39.38
CA ASN B 608 18.49 -37.93 38.78
C ASN B 608 19.27 -36.82 39.48
N LYS B 609 20.53 -37.09 39.81
CA LYS B 609 21.41 -36.08 40.39
C LYS B 609 21.74 -34.98 39.39
N ASN B 610 22.01 -35.34 38.14
CA ASN B 610 22.53 -34.40 37.15
C ASN B 610 21.45 -33.37 36.85
N SER B 611 21.70 -32.14 37.27
CA SER B 611 20.66 -31.18 37.61
C SER B 611 20.33 -30.30 36.41
N PHE B 612 19.07 -30.36 35.98
CA PHE B 612 18.43 -29.24 35.30
C PHE B 612 17.07 -29.01 35.94
N VAL B 613 16.87 -27.81 36.48
CA VAL B 613 15.70 -27.48 37.28
C VAL B 613 14.66 -26.80 36.39
N GLY B 614 13.40 -27.19 36.60
CA GLY B 614 12.30 -26.50 35.93
C GLY B 614 12.22 -26.86 34.46
N TRP B 615 11.58 -25.98 33.70
CA TRP B 615 11.53 -26.07 32.26
C TRP B 615 11.30 -24.66 31.72
N SER B 616 11.58 -24.49 30.43
CA SER B 616 11.14 -23.29 29.74
C SER B 616 9.66 -23.47 29.41
N THR B 617 8.83 -22.57 29.95
CA THR B 617 7.39 -22.76 29.97
C THR B 617 6.69 -22.30 28.70
N ASP B 618 7.42 -22.12 27.59
CA ASP B 618 6.77 -21.62 26.38
C ASP B 618 7.25 -22.32 25.12
N TRP B 619 8.10 -23.34 25.23
CA TRP B 619 8.58 -24.03 24.05
C TRP B 619 7.48 -24.92 23.46
N SER B 620 7.47 -25.01 22.13
CA SER B 620 6.64 -25.96 21.42
C SER B 620 7.48 -26.54 20.30
N PRO B 621 7.11 -27.73 19.79
CA PRO B 621 7.81 -28.23 18.61
C PRO B 621 7.32 -27.62 17.30
N TYR B 622 6.38 -26.68 17.38
CA TYR B 622 5.97 -25.92 16.22
C TYR B 622 6.31 -24.44 16.37
N ALA B 623 6.98 -24.07 17.45
CA ALA B 623 7.38 -22.68 17.65
C ALA B 623 8.50 -22.28 16.70
N ASP B 624 9.22 -23.26 16.18
CA ASP B 624 10.29 -23.04 15.21
C ASP B 624 9.76 -22.50 13.90
N GLN B 625 8.52 -22.84 13.56
CA GLN B 625 7.95 -22.39 12.30
C GLN B 625 7.33 -21.01 12.44
N SER B 626 7.22 -20.51 13.65
CA SER B 626 6.67 -19.17 13.84
C SER B 626 7.73 -18.11 13.51
N ILE B 627 7.28 -17.02 12.91
CA ILE B 627 8.16 -15.94 12.50
C ILE B 627 7.83 -14.70 13.31
N LYS B 628 8.85 -14.11 13.92
CA LYS B 628 8.67 -12.83 14.57
C LYS B 628 8.77 -11.72 13.54
N VAL B 629 7.72 -10.92 13.45
CA VAL B 629 7.72 -9.73 12.61
C VAL B 629 7.79 -8.52 13.53
N ARG B 630 8.53 -7.51 13.10
CA ARG B 630 8.88 -6.40 13.98
C ARG B 630 8.67 -5.10 13.23
N ILE B 631 7.66 -4.34 13.62
CA ILE B 631 7.26 -3.13 12.92
C ILE B 631 7.75 -1.93 13.73
N SER B 632 8.45 -1.01 13.06
CA SER B 632 8.89 0.23 13.69
C SER B 632 8.29 1.40 12.94
N LEU B 633 7.20 1.95 13.48
CA LEU B 633 6.53 3.07 12.83
C LEU B 633 7.33 4.37 12.95
N LYS B 634 8.21 4.45 13.94
CA LYS B 634 9.09 5.60 14.12
C LYS B 634 10.36 5.50 13.29
N SER B 635 10.32 4.73 12.20
CA SER B 635 11.52 4.53 11.40
C SER B 635 11.27 4.87 9.93
N ALA B 636 10.06 4.62 9.44
CA ALA B 636 9.78 4.87 8.03
C ALA B 636 8.79 6.01 7.88
N LEU B 637 7.62 5.88 8.51
CA LEU B 637 6.68 6.98 8.62
C LEU B 637 7.04 7.92 9.75
N GLY B 638 7.81 7.43 10.72
CA GLY B 638 8.21 8.25 11.86
C GLY B 638 7.03 8.76 12.65
N ASP B 639 7.02 10.06 12.91
CA ASP B 639 5.93 10.68 13.67
C ASP B 639 4.78 11.08 12.74
N LYS B 640 3.81 11.80 13.30
CA LYS B 640 2.65 12.25 12.53
C LYS B 640 2.00 11.08 11.79
N ALA B 641 2.41 9.87 12.13
CA ALA B 641 1.86 8.67 11.50
C ALA B 641 0.62 8.18 12.23
N TYR B 642 -0.09 7.23 11.62
CA TYR B 642 -1.30 6.68 12.22
C TYR B 642 -0.97 5.71 13.36
N GLU B 643 -1.84 5.71 14.37
CA GLU B 643 -1.64 4.91 15.58
C GLU B 643 -2.09 3.48 15.31
N TRP B 644 -1.16 2.54 15.38
CA TRP B 644 -1.43 1.12 15.11
C TRP B 644 -2.33 0.55 16.20
N ASN B 645 -3.41 -0.09 15.76
CA ASN B 645 -4.31 -0.75 16.69
C ASN B 645 -4.79 -2.06 16.08
N ASP B 646 -5.84 -2.64 16.68
CA ASP B 646 -6.35 -3.95 16.29
C ASP B 646 -6.91 -3.99 14.88
N ASN B 647 -7.26 -2.85 14.29
CA ASN B 647 -7.53 -2.86 12.87
C ASN B 647 -6.28 -3.20 12.09
N GLU B 648 -5.15 -2.57 12.41
CA GLU B 648 -3.92 -2.81 11.68
C GLU B 648 -3.38 -4.20 11.94
N MET B 649 -3.78 -4.81 13.06
CA MET B 649 -3.67 -6.25 13.22
C MET B 649 -4.46 -6.97 12.15
N TYR B 650 -5.70 -6.55 11.94
CA TYR B 650 -6.63 -7.24 11.06
C TYR B 650 -6.33 -6.94 9.60
N LEU B 651 -5.79 -5.74 9.32
CA LEU B 651 -5.28 -5.46 7.99
C LEU B 651 -4.14 -6.38 7.63
N PHE B 652 -3.29 -6.69 8.60
CA PHE B 652 -2.05 -7.39 8.31
C PHE B 652 -2.32 -8.82 7.88
N ARG B 653 -3.15 -9.54 8.65
CA ARG B 653 -3.40 -10.95 8.40
C ARG B 653 -4.09 -11.21 7.08
N SER B 654 -4.92 -10.25 6.64
CA SER B 654 -5.40 -10.25 5.28
C SER B 654 -4.25 -10.13 4.29
N SER B 655 -3.33 -9.19 4.52
CA SER B 655 -2.22 -9.02 3.60
C SER B 655 -1.15 -10.07 3.79
N VAL B 656 -1.16 -10.78 4.92
CA VAL B 656 -0.29 -11.95 4.99
C VAL B 656 -0.84 -13.04 4.09
N ALA B 657 -2.17 -13.25 4.15
CA ALA B 657 -2.82 -14.32 3.42
C ALA B 657 -2.67 -14.15 1.92
N TYR B 658 -2.65 -12.89 1.47
CA TYR B 658 -2.13 -12.47 0.17
C TYR B 658 -0.89 -13.25 -0.27
N ALA B 659 0.15 -13.25 0.56
CA ALA B 659 1.45 -13.72 0.11
C ALA B 659 1.47 -15.22 -0.18
N MET B 660 0.62 -15.99 0.48
CA MET B 660 0.55 -17.41 0.20
C MET B 660 -0.15 -17.71 -1.11
N ARG B 661 -1.27 -17.02 -1.39
CA ARG B 661 -1.98 -17.22 -2.65
C ARG B 661 -1.12 -16.85 -3.84
N GLN B 662 -0.38 -15.74 -3.70
CA GLN B 662 0.54 -15.34 -4.77
C GLN B 662 1.71 -16.29 -4.87
N TYR B 663 2.09 -16.95 -3.78
CA TYR B 663 3.19 -17.90 -3.86
C TYR B 663 2.73 -19.21 -4.46
N PHE B 664 1.68 -19.81 -3.91
CA PHE B 664 1.37 -21.20 -4.17
C PHE B 664 0.77 -21.46 -5.53
N LEU B 665 0.52 -20.43 -6.33
CA LEU B 665 0.05 -20.67 -7.67
C LEU B 665 1.02 -20.13 -8.70
N LYS B 666 1.91 -19.23 -8.31
CA LYS B 666 3.00 -18.80 -9.16
C LYS B 666 4.25 -19.64 -8.96
N VAL B 667 4.31 -20.42 -7.88
CA VAL B 667 5.42 -21.32 -7.63
C VAL B 667 4.95 -22.76 -7.44
N LYS B 668 4.04 -22.99 -6.49
CA LYS B 668 3.54 -24.34 -6.27
C LYS B 668 2.48 -24.75 -7.28
N ASN B 669 1.78 -23.77 -7.87
CA ASN B 669 0.95 -23.93 -9.06
C ASN B 669 -0.25 -24.87 -8.82
N GLN B 670 -0.89 -24.73 -7.65
CA GLN B 670 -2.23 -25.25 -7.43
C GLN B 670 -2.90 -24.36 -6.39
N MET B 671 -4.23 -24.31 -6.44
CA MET B 671 -4.98 -23.38 -5.62
C MET B 671 -5.31 -23.97 -4.26
N ILE B 672 -4.89 -23.26 -3.21
CA ILE B 672 -5.38 -23.51 -1.86
C ILE B 672 -5.78 -22.17 -1.26
N LEU B 673 -6.95 -22.13 -0.65
CA LEU B 673 -7.56 -20.90 -0.18
C LEU B 673 -7.01 -20.53 1.20
N PHE B 674 -7.07 -19.23 1.50
CA PHE B 674 -6.53 -18.75 2.77
C PHE B 674 -7.35 -17.58 3.27
N GLY B 675 -7.77 -17.67 4.52
CA GLY B 675 -8.35 -16.55 5.22
C GLY B 675 -7.33 -15.90 6.11
N GLU B 676 -7.68 -14.71 6.61
CA GLU B 676 -6.79 -14.00 7.53
C GLU B 676 -6.66 -14.71 8.87
N GLU B 677 -7.67 -15.50 9.24
CA GLU B 677 -7.64 -16.26 10.48
C GLU B 677 -6.65 -17.41 10.46
N ASP B 678 -6.20 -17.85 9.27
CA ASP B 678 -5.14 -18.84 9.19
C ASP B 678 -3.81 -18.29 9.62
N VAL B 679 -3.62 -16.98 9.49
CA VAL B 679 -2.46 -16.27 10.01
C VAL B 679 -2.64 -16.21 11.52
N ARG B 680 -1.89 -17.04 12.24
CA ARG B 680 -2.04 -17.09 13.68
C ARG B 680 -1.17 -16.04 14.35
N VAL B 681 -1.75 -15.33 15.30
CA VAL B 681 -1.09 -14.20 15.93
C VAL B 681 -0.78 -14.61 17.37
N ALA B 682 0.46 -14.40 17.79
CA ALA B 682 0.85 -14.70 19.16
C ALA B 682 1.75 -13.58 19.67
N ASN B 683 1.60 -13.28 20.96
CA ASN B 683 2.39 -12.30 21.70
C ASN B 683 2.32 -10.91 21.07
N LEU B 684 1.12 -10.36 21.07
CA LEU B 684 0.87 -9.03 20.54
C LEU B 684 1.54 -7.98 21.41
N LYS B 685 2.42 -7.19 20.79
CA LYS B 685 3.13 -6.14 21.51
C LYS B 685 2.74 -4.75 21.00
N PRO B 686 2.37 -3.83 21.96
CA PRO B 686 2.00 -2.51 21.42
C PRO B 686 3.10 -1.93 20.52
N ARG B 687 4.28 -2.54 20.56
CA ARG B 687 5.40 -2.08 19.75
C ARG B 687 5.39 -2.72 18.37
N ILE B 688 4.19 -3.03 17.87
CA ILE B 688 4.03 -3.65 16.56
C ILE B 688 5.04 -4.79 16.37
N SER B 689 4.98 -5.77 17.26
CA SER B 689 5.88 -6.91 17.18
C SER B 689 5.16 -8.10 17.80
N PHE B 690 5.31 -9.24 17.15
CA PHE B 690 4.62 -10.47 17.51
C PHE B 690 5.20 -11.57 16.66
N ASN B 691 5.28 -12.77 17.24
CA ASN B 691 5.63 -13.94 16.46
C ASN B 691 4.37 -14.54 15.85
N PHE B 692 4.45 -14.81 14.55
CA PHE B 692 3.29 -15.33 13.85
C PHE B 692 3.70 -16.55 13.05
N PHE B 693 2.71 -17.36 12.75
CA PHE B 693 2.82 -18.39 11.73
C PHE B 693 1.46 -18.60 11.11
N VAL B 694 1.46 -19.22 9.94
CA VAL B 694 0.22 -19.49 9.21
C VAL B 694 0.02 -21.00 9.16
N THR B 695 -1.24 -21.40 9.11
CA THR B 695 -1.60 -22.81 9.01
C THR B 695 -2.18 -23.11 7.64
N ALA B 696 -2.67 -24.34 7.51
CA ALA B 696 -3.61 -24.72 6.47
C ALA B 696 -4.94 -24.03 6.77
N PRO B 697 -5.84 -23.85 5.78
CA PRO B 697 -7.10 -23.12 6.07
C PRO B 697 -7.98 -23.78 7.11
N LYS B 698 -8.45 -25.00 6.87
CA LYS B 698 -9.19 -25.76 7.89
C LYS B 698 -8.78 -27.22 7.92
N ASN B 699 -7.60 -27.54 7.38
CA ASN B 699 -6.90 -28.75 7.77
C ASN B 699 -5.88 -28.36 8.84
N VAL B 700 -6.42 -27.94 9.99
CA VAL B 700 -5.65 -27.21 11.00
C VAL B 700 -4.81 -28.20 11.81
N SER B 701 -4.98 -29.49 11.55
CA SER B 701 -4.07 -30.52 12.04
C SER B 701 -2.68 -30.34 11.43
N ASP B 702 -2.63 -29.76 10.23
CA ASP B 702 -1.37 -29.54 9.54
C ASP B 702 -1.16 -28.04 9.33
N ILE B 703 0.10 -27.61 9.40
CA ILE B 703 0.44 -26.20 9.22
C ILE B 703 1.38 -26.09 8.02
N ILE B 704 1.61 -24.85 7.59
CA ILE B 704 2.50 -24.60 6.46
C ILE B 704 3.95 -24.69 6.93
N PRO B 705 4.80 -25.43 6.24
CA PRO B 705 6.22 -25.46 6.62
C PRO B 705 6.89 -24.13 6.34
N ARG B 706 7.67 -23.66 7.32
CA ARG B 706 8.26 -22.32 7.30
C ARG B 706 9.27 -22.14 6.17
N THR B 707 9.91 -23.24 5.75
CA THR B 707 10.95 -23.20 4.72
C THR B 707 10.45 -22.65 3.39
N GLU B 708 9.17 -22.85 3.07
CA GLU B 708 8.60 -22.25 1.88
C GLU B 708 8.07 -20.86 2.12
N VAL B 709 7.70 -20.56 3.36
CA VAL B 709 7.22 -19.22 3.71
C VAL B 709 8.35 -18.21 3.59
N GLU B 710 9.59 -18.64 3.82
CA GLU B 710 10.75 -17.75 3.71
C GLU B 710 10.93 -17.24 2.29
N LYS B 711 10.79 -18.13 1.30
CA LYS B 711 10.82 -17.67 -0.08
C LYS B 711 9.52 -17.01 -0.46
N ALA B 712 8.42 -17.32 0.23
CA ALA B 712 7.14 -16.71 -0.08
C ALA B 712 7.11 -15.24 0.30
N ILE B 713 7.77 -14.88 1.41
CA ILE B 713 7.85 -13.48 1.77
C ILE B 713 8.78 -12.74 0.82
N ARG B 714 9.91 -13.36 0.45
CA ARG B 714 10.91 -12.69 -0.37
C ARG B 714 10.42 -12.43 -1.79
N MET B 715 9.35 -13.10 -2.22
CA MET B 715 8.75 -12.79 -3.51
C MET B 715 7.94 -11.50 -3.45
N SER B 716 7.12 -11.34 -2.41
CA SER B 716 6.23 -10.20 -2.30
C SER B 716 6.61 -9.32 -1.12
N ARG B 717 7.90 -9.30 -0.77
CA ARG B 717 8.39 -8.40 0.26
C ARG B 717 8.20 -6.94 -0.15
N SER B 718 8.37 -6.65 -1.44
CA SER B 718 8.17 -5.31 -1.96
C SER B 718 6.71 -4.90 -1.98
N ARG B 719 5.79 -5.83 -1.77
CA ARG B 719 4.37 -5.51 -1.91
C ARG B 719 3.81 -4.90 -0.63
N ILE B 720 4.41 -5.20 0.52
CA ILE B 720 3.71 -5.02 1.78
C ILE B 720 4.22 -3.79 2.52
N ASN B 721 5.45 -3.36 2.22
CA ASN B 721 5.97 -2.15 2.87
C ASN B 721 5.23 -0.91 2.41
N ASP B 722 4.92 -0.82 1.11
CA ASP B 722 4.10 0.28 0.62
C ASP B 722 2.64 0.08 0.94
N ALA B 723 2.25 -1.15 1.33
CA ALA B 723 0.92 -1.37 1.87
C ALA B 723 0.76 -0.75 3.26
N PHE B 724 1.85 -0.33 3.90
CA PHE B 724 1.77 0.44 5.13
C PHE B 724 2.76 1.60 5.18
N ARG B 725 3.28 2.03 4.02
CA ARG B 725 4.24 3.12 3.86
C ARG B 725 5.52 2.86 4.64
N LEU B 726 6.08 1.66 4.46
CA LEU B 726 7.22 1.22 5.25
C LEU B 726 8.43 0.95 4.34
N ASN B 727 9.56 0.52 4.94
CA ASN B 727 10.83 0.60 4.22
C ASN B 727 11.75 -0.60 4.36
N ASP B 728 11.20 -1.75 4.81
CA ASP B 728 11.91 -3.00 5.11
C ASP B 728 12.90 -2.89 6.27
N ASN B 729 13.01 -1.72 6.89
CA ASN B 729 13.68 -1.55 8.18
C ASN B 729 12.59 -1.25 9.19
N SER B 730 11.36 -1.33 8.70
CA SER B 730 10.17 -1.34 9.52
C SER B 730 9.35 -2.56 9.15
N LEU B 731 9.93 -3.38 8.26
CA LEU B 731 9.48 -4.74 7.98
C LEU B 731 10.66 -5.63 8.37
N GLU B 732 10.75 -5.94 9.64
CA GLU B 732 11.80 -6.83 10.12
C GLU B 732 11.21 -8.22 10.30
N PHE B 733 12.00 -9.23 9.93
CA PHE B 733 11.53 -10.60 9.91
C PHE B 733 12.47 -11.54 10.65
N LEU B 734 13.72 -11.12 10.85
CA LEU B 734 14.72 -11.85 11.63
C LEU B 734 14.99 -13.24 11.04
N GLY B 735 15.54 -13.23 9.83
CA GLY B 735 15.72 -14.45 9.06
C GLY B 735 15.47 -14.16 7.60
N ILE B 736 14.77 -13.06 7.34
CA ILE B 736 14.50 -12.60 5.99
C ILE B 736 14.96 -11.14 5.88
N GLN B 737 15.84 -10.89 4.92
CA GLN B 737 16.41 -9.57 4.73
C GLN B 737 16.47 -9.28 3.23
N PRO B 738 16.38 -8.00 2.82
CA PRO B 738 16.40 -7.68 1.39
C PRO B 738 17.77 -7.90 0.77
N THR B 739 17.77 -8.58 -0.38
CA THR B 739 19.00 -8.91 -1.09
C THR B 739 19.09 -8.24 -2.45
N LEU B 740 18.77 -6.97 -2.56
CA LEU B 740 18.63 -6.31 -3.85
C LEU B 740 19.55 -5.10 -3.95
N GLY B 741 19.45 -4.40 -5.08
CA GLY B 741 20.11 -3.13 -5.28
C GLY B 741 21.50 -3.07 -5.91
N PRO B 742 21.70 -3.56 -7.14
CA PRO B 742 22.94 -3.21 -7.86
C PRO B 742 22.76 -1.95 -8.68
N PRO B 743 23.64 -0.95 -8.50
CA PRO B 743 23.49 0.30 -9.27
C PRO B 743 24.28 0.32 -10.57
N ASN B 744 23.75 0.99 -11.59
CA ASN B 744 24.42 1.10 -12.88
C ASN B 744 24.31 2.52 -13.43
N GLN B 745 24.66 3.52 -12.61
CA GLN B 745 24.60 4.91 -13.07
C GLN B 745 25.46 5.30 -14.28
N PRO B 746 26.73 4.88 -14.45
CA PRO B 746 27.48 5.38 -15.60
C PRO B 746 27.13 4.62 -16.87
N PRO B 747 26.99 5.32 -18.01
CA PRO B 747 26.97 4.62 -19.30
C PRO B 747 28.29 3.93 -19.56
N VAL B 748 29.39 4.67 -19.51
CA VAL B 748 30.73 4.10 -19.49
C VAL B 748 31.43 4.58 -18.23
N SER B 749 31.56 5.91 -18.10
CA SER B 749 32.28 6.52 -16.99
C SER B 749 31.92 7.99 -16.83
N ILE B 750 31.67 8.44 -15.60
CA ILE B 750 31.28 9.83 -15.37
C ILE B 750 32.50 10.71 -15.20
N TRP B 751 33.56 10.19 -14.57
CA TRP B 751 34.75 10.99 -14.34
C TRP B 751 35.52 11.27 -15.63
N LEU B 752 35.38 10.41 -16.64
CA LEU B 752 35.94 10.71 -17.95
C LEU B 752 35.12 11.71 -18.73
N ILE B 753 33.87 11.96 -18.34
CA ILE B 753 33.07 12.99 -19.00
C ILE B 753 33.58 14.38 -18.63
N VAL B 754 33.76 14.63 -17.33
CA VAL B 754 34.32 15.91 -16.88
C VAL B 754 35.79 16.01 -17.24
N PHE B 755 36.48 14.88 -17.40
CA PHE B 755 37.86 14.90 -17.88
C PHE B 755 37.92 15.29 -19.34
N GLY B 756 36.90 14.92 -20.12
CA GLY B 756 36.90 15.18 -21.55
C GLY B 756 36.81 16.64 -21.92
N VAL B 757 36.20 17.47 -21.07
CA VAL B 757 36.06 18.88 -21.40
C VAL B 757 37.30 19.67 -20.95
N VAL B 758 37.98 19.22 -19.89
CA VAL B 758 39.12 20.00 -19.40
C VAL B 758 40.37 19.66 -20.20
N MET B 759 40.39 18.50 -20.86
CA MET B 759 41.53 18.19 -21.72
C MET B 759 41.45 18.95 -23.04
N GLY B 760 40.28 19.47 -23.40
CA GLY B 760 40.18 20.29 -24.59
C GLY B 760 40.53 21.75 -24.33
N VAL B 761 40.39 22.19 -23.08
CA VAL B 761 40.76 23.56 -22.74
C VAL B 761 42.27 23.73 -22.77
N ILE B 762 43.01 22.66 -22.50
CA ILE B 762 44.46 22.74 -22.32
C ILE B 762 45.18 22.87 -23.65
N VAL B 763 44.57 22.39 -24.74
CA VAL B 763 45.28 22.31 -26.01
C VAL B 763 45.36 23.63 -26.77
N VAL B 764 44.42 24.55 -26.56
CA VAL B 764 44.33 25.74 -27.42
C VAL B 764 45.02 26.96 -26.82
N GLY B 765 45.09 27.08 -25.48
CA GLY B 765 45.65 28.26 -24.87
C GLY B 765 47.14 28.41 -25.04
N ILE B 766 47.86 27.32 -25.33
CA ILE B 766 49.30 27.40 -25.50
C ILE B 766 49.65 27.90 -26.89
N VAL B 767 48.76 27.71 -27.87
CA VAL B 767 49.05 28.12 -29.24
C VAL B 767 48.57 29.54 -29.46
N ILE B 768 47.68 30.03 -28.59
CA ILE B 768 47.25 31.43 -28.63
C ILE B 768 48.42 32.35 -28.31
N LEU B 769 49.16 32.01 -27.26
CA LEU B 769 50.34 32.79 -26.90
C LEU B 769 51.53 32.52 -27.82
N ILE B 770 51.50 31.43 -28.59
CA ILE B 770 52.47 31.22 -29.65
C ILE B 770 52.29 32.25 -30.76
N PHE B 771 51.04 32.51 -31.15
CA PHE B 771 50.74 33.52 -32.15
C PHE B 771 51.11 34.92 -31.70
N THR B 772 50.97 35.22 -30.40
CA THR B 772 51.38 36.53 -29.89
C THR B 772 52.88 36.69 -29.90
N GLY B 773 53.63 35.66 -29.52
CA GLY B 773 55.07 35.72 -29.55
C GLY B 773 55.68 35.76 -30.93
N ILE B 774 55.01 35.14 -31.91
CA ILE B 774 55.43 35.27 -33.30
C ILE B 774 55.04 36.63 -33.87
N ARG B 775 53.89 37.19 -33.46
CA ARG B 775 53.54 38.55 -33.82
C ARG B 775 54.40 39.59 -33.11
N ASP B 776 55.12 39.21 -32.05
CA ASP B 776 56.00 40.13 -31.35
C ASP B 776 57.46 39.79 -31.55
N ARG B 777 57.83 39.23 -32.71
CA ARG B 777 59.22 38.95 -33.01
C ARG B 777 59.96 40.23 -33.35
N VAL C 25 18.69 71.82 -57.20
CA VAL C 25 17.70 72.52 -58.00
C VAL C 25 17.34 73.84 -57.33
N LEU C 26 17.14 73.82 -56.01
CA LEU C 26 16.91 75.05 -55.29
C LEU C 26 18.20 75.86 -55.20
N PRO C 27 18.11 77.20 -55.16
CA PRO C 27 19.32 78.02 -55.02
C PRO C 27 20.00 77.90 -53.67
N ASN C 28 19.20 77.91 -52.58
CA ASN C 28 19.65 77.96 -51.18
C ASN C 28 20.62 79.11 -50.97
N PRO C 29 20.15 80.36 -50.87
CA PRO C 29 21.06 81.47 -50.56
C PRO C 29 21.71 81.28 -49.19
N GLY C 30 23.03 81.06 -49.22
CA GLY C 30 23.75 80.64 -48.05
C GLY C 30 23.78 79.13 -47.91
N LEU C 31 24.04 78.44 -49.03
CA LEU C 31 24.09 76.98 -49.01
C LEU C 31 25.36 76.50 -48.34
N ASP C 32 26.51 77.02 -48.74
CA ASP C 32 27.80 76.69 -48.17
C ASP C 32 28.12 77.67 -47.04
N ALA C 33 29.39 77.68 -46.63
CA ALA C 33 29.98 78.45 -45.52
C ALA C 33 29.43 78.04 -44.16
N ARG C 34 28.69 76.93 -44.12
CA ARG C 34 28.30 76.30 -42.87
C ARG C 34 28.88 74.90 -42.77
N ILE C 35 29.24 74.31 -43.90
CA ILE C 35 29.79 72.97 -43.99
C ILE C 35 31.31 73.04 -43.88
N PRO C 36 31.98 71.97 -43.45
CA PRO C 36 33.42 71.86 -43.69
C PRO C 36 33.68 71.32 -45.09
N SER C 37 34.40 72.12 -45.88
CA SER C 37 34.39 71.92 -47.32
C SER C 37 35.55 71.06 -47.79
N LEU C 38 35.60 69.81 -47.33
CA LEU C 38 36.34 68.69 -47.95
C LEU C 38 37.86 68.85 -47.97
N ALA C 39 38.41 69.93 -47.43
CA ALA C 39 39.84 70.19 -47.54
C ALA C 39 40.45 70.56 -46.20
N GLU C 40 39.62 70.87 -45.21
CA GLU C 40 40.08 71.10 -43.85
C GLU C 40 39.72 69.96 -42.90
N LEU C 41 38.93 68.99 -43.37
CA LEU C 41 38.38 67.95 -42.50
C LEU C 41 39.46 67.00 -42.03
N GLU C 42 40.56 66.89 -42.79
CA GLU C 42 41.67 66.03 -42.42
C GLU C 42 42.40 66.62 -41.21
N THR C 43 42.33 67.93 -41.06
CA THR C 43 42.92 68.63 -39.92
C THR C 43 42.06 68.57 -38.68
N ILE C 44 40.75 68.36 -38.84
CA ILE C 44 39.81 68.34 -37.73
C ILE C 44 39.88 66.96 -37.06
N GLU C 45 40.46 65.99 -37.78
CA GLU C 45 40.68 64.63 -37.26
C GLU C 45 41.52 64.61 -36.00
N GLN C 46 42.56 65.44 -35.96
CA GLN C 46 43.54 65.38 -34.88
C GLN C 46 43.19 66.35 -33.76
N GLU C 47 42.01 66.97 -33.83
CA GLU C 47 41.56 67.87 -32.78
C GLU C 47 40.19 67.47 -32.25
N GLU C 48 39.56 66.47 -32.85
CA GLU C 48 38.26 65.98 -32.44
C GLU C 48 38.31 65.20 -31.13
N ALA C 49 39.44 64.58 -30.81
CA ALA C 49 39.55 63.76 -29.60
C ALA C 49 39.55 64.60 -28.33
N SER C 50 39.93 65.87 -28.45
CA SER C 50 39.93 66.79 -27.31
C SER C 50 38.60 67.48 -27.13
N SER C 51 37.65 67.27 -28.03
CA SER C 51 36.38 67.98 -27.97
C SER C 51 35.19 67.04 -28.00
N ARG C 52 35.38 65.85 -28.56
CA ARG C 52 34.28 64.91 -28.78
C ARG C 52 34.73 63.49 -28.48
N PRO C 53 33.81 62.58 -28.16
CA PRO C 53 34.22 61.18 -27.95
C PRO C 53 34.59 60.47 -29.24
N LYS C 54 34.91 59.18 -29.10
CA LYS C 54 35.46 58.41 -30.21
C LYS C 54 35.22 56.93 -29.95
N TRP C 55 35.08 56.17 -31.03
CA TRP C 55 35.06 54.71 -30.93
C TRP C 55 36.48 54.22 -30.66
N ASP C 56 36.69 53.70 -29.46
CA ASP C 56 38.01 53.31 -28.98
C ASP C 56 38.43 51.93 -29.49
N ASN C 57 37.60 51.32 -30.31
CA ASN C 57 37.93 50.03 -30.92
C ASN C 57 37.14 49.88 -32.21
N LYS C 58 37.70 49.10 -33.14
CA LYS C 58 36.94 48.69 -34.31
C LYS C 58 35.76 47.80 -33.93
N ALA C 59 35.99 46.87 -33.01
CA ALA C 59 34.96 45.92 -32.60
C ALA C 59 33.82 46.58 -31.84
N GLN C 60 34.08 47.67 -31.11
CA GLN C 60 33.02 48.30 -30.34
C GLN C 60 32.08 49.12 -31.20
N TYR C 61 32.42 49.36 -32.46
CA TYR C 61 31.51 50.07 -33.36
C TYR C 61 30.43 49.17 -33.93
N MET C 62 30.77 47.91 -34.24
CA MET C 62 29.78 47.00 -34.79
C MET C 62 28.74 46.60 -33.76
N LEU C 63 29.12 46.55 -32.48
CA LEU C 63 28.21 46.10 -31.43
C LEU C 63 27.07 47.09 -31.22
N THR C 64 27.28 48.36 -31.53
CA THR C 64 26.25 49.38 -31.32
C THR C 64 25.15 49.34 -32.37
N CYS C 65 25.51 49.20 -33.64
CA CYS C 65 24.53 49.31 -34.72
C CYS C 65 23.61 48.10 -34.83
N LEU C 66 24.09 46.90 -34.50
CA LEU C 66 23.23 45.72 -34.58
C LEU C 66 22.21 45.71 -33.46
N GLY C 67 22.61 46.14 -32.27
CA GLY C 67 21.74 46.07 -31.11
C GLY C 67 20.60 47.06 -31.13
N PHE C 68 20.77 48.18 -31.82
CA PHE C 68 19.68 49.14 -31.94
C PHE C 68 18.64 48.70 -32.96
N CYS C 69 19.03 47.94 -33.98
CA CYS C 69 18.09 47.58 -35.03
C CYS C 69 17.17 46.43 -34.63
N VAL C 70 17.74 45.35 -34.10
CA VAL C 70 17.04 44.07 -34.01
C VAL C 70 15.93 44.04 -32.95
N GLY C 71 14.99 43.12 -33.15
CA GLY C 71 14.06 42.71 -32.11
C GLY C 71 12.78 43.53 -32.05
N LEU C 72 11.93 43.13 -31.11
CA LEU C 72 10.77 43.90 -30.63
C LEU C 72 9.77 44.21 -31.73
N GLY C 73 9.15 43.19 -32.31
CA GLY C 73 8.33 43.31 -33.49
C GLY C 73 8.89 42.51 -34.64
N ASN C 74 10.22 42.40 -34.70
CA ASN C 74 10.82 41.37 -35.52
C ASN C 74 10.63 40.00 -34.87
N VAL C 75 10.37 39.99 -33.56
CA VAL C 75 10.20 38.75 -32.83
C VAL C 75 8.72 38.43 -32.65
N TRP C 76 7.85 39.45 -32.70
CA TRP C 76 6.45 39.16 -32.44
C TRP C 76 5.49 39.63 -33.53
N ARG C 77 5.80 40.71 -34.24
CA ARG C 77 4.93 41.18 -35.32
C ARG C 77 5.32 40.59 -36.66
N PHE C 78 6.62 40.58 -36.97
CA PHE C 78 7.10 39.97 -38.21
C PHE C 78 6.79 38.48 -38.32
N PRO C 79 7.02 37.61 -37.31
CA PRO C 79 6.62 36.21 -37.51
C PRO C 79 5.12 36.00 -37.43
N TYR C 80 4.38 36.93 -36.82
CA TYR C 80 2.92 36.87 -36.90
C TYR C 80 2.45 37.21 -38.31
N LEU C 81 3.12 38.18 -38.94
CA LEU C 81 2.70 38.60 -40.28
C LEU C 81 3.03 37.57 -41.34
N CYS C 82 3.89 36.59 -41.02
CA CYS C 82 4.06 35.41 -41.84
C CYS C 82 2.74 34.68 -42.09
N GLN C 83 2.03 34.29 -41.04
CA GLN C 83 0.74 33.62 -41.20
C GLN C 83 -0.39 34.66 -41.07
N SER C 84 -0.26 35.76 -41.79
CA SER C 84 -1.41 36.56 -42.15
C SER C 84 -1.20 37.13 -43.54
N HIS C 85 -0.22 36.58 -44.27
CA HIS C 85 0.05 36.96 -45.65
C HIS C 85 0.46 35.74 -46.46
N GLY C 86 0.30 34.56 -45.86
CA GLY C 86 0.83 33.36 -46.45
C GLY C 86 2.22 33.04 -45.97
N GLY C 87 2.41 31.91 -45.30
CA GLY C 87 3.64 31.61 -44.60
C GLY C 87 4.89 31.49 -45.43
N GLY C 88 4.92 30.52 -46.35
CA GLY C 88 6.03 30.32 -47.27
C GLY C 88 6.09 31.30 -48.42
N ALA C 89 5.15 32.22 -48.51
CA ALA C 89 5.16 33.26 -49.54
C ALA C 89 5.35 34.65 -48.95
N PHE C 90 5.65 34.75 -47.67
CA PHE C 90 5.76 36.04 -47.00
C PHE C 90 7.05 36.80 -47.36
N MET C 91 8.12 36.11 -47.73
CA MET C 91 9.43 36.74 -47.84
C MET C 91 9.54 37.71 -49.02
N ILE C 92 8.72 37.53 -50.05
CA ILE C 92 8.92 38.18 -51.35
C ILE C 92 8.66 39.68 -51.31
N PRO C 93 7.56 40.21 -50.73
CA PRO C 93 7.52 41.68 -50.56
C PRO C 93 8.40 42.14 -49.41
N PHE C 94 8.74 41.22 -48.51
CA PHE C 94 9.54 41.52 -47.32
C PHE C 94 11.00 41.77 -47.67
N LEU C 95 11.62 40.85 -48.43
CA LEU C 95 13.07 40.86 -48.52
C LEU C 95 13.56 41.90 -49.49
N ILE C 96 12.68 42.36 -50.39
CA ILE C 96 13.13 43.27 -51.45
C ILE C 96 13.39 44.65 -50.90
N LEU C 97 12.61 45.06 -49.89
CA LEU C 97 12.74 46.44 -49.42
C LEU C 97 13.96 46.61 -48.52
N LEU C 98 14.59 45.50 -48.12
CA LEU C 98 16.00 45.55 -47.75
C LEU C 98 16.83 46.12 -48.89
N VAL C 99 16.80 45.46 -50.04
CA VAL C 99 17.77 45.70 -51.10
C VAL C 99 17.29 46.76 -52.08
N LEU C 100 16.19 47.45 -51.76
CA LEU C 100 15.85 48.64 -52.54
C LEU C 100 15.93 49.95 -51.76
N GLU C 101 15.58 49.96 -50.48
CA GLU C 101 15.52 51.25 -49.79
C GLU C 101 16.35 51.28 -48.51
N GLY C 102 16.55 50.14 -47.86
CA GLY C 102 17.36 50.13 -46.66
C GLY C 102 18.83 50.38 -46.94
N ILE C 103 19.40 49.60 -47.86
CA ILE C 103 20.80 49.75 -48.26
C ILE C 103 21.15 51.08 -48.96
N PRO C 104 20.23 51.85 -49.58
CA PRO C 104 20.58 53.26 -49.82
C PRO C 104 20.78 54.09 -48.56
N LEU C 105 19.74 54.21 -47.73
CA LEU C 105 19.69 55.26 -46.72
C LEU C 105 20.68 55.03 -45.59
N LEU C 106 20.94 53.78 -45.24
CA LEU C 106 21.93 53.48 -44.21
C LEU C 106 23.34 53.82 -44.67
N TYR C 107 23.65 53.56 -45.95
CA TYR C 107 24.89 54.08 -46.51
C TYR C 107 24.84 55.59 -46.63
N LEU C 108 23.67 56.16 -46.86
CA LEU C 108 23.53 57.61 -46.78
C LEU C 108 23.66 58.09 -45.35
N GLU C 109 23.14 57.31 -44.38
CA GLU C 109 23.25 57.65 -42.96
C GLU C 109 24.69 57.70 -42.49
N PHE C 110 25.51 56.76 -42.95
CA PHE C 110 26.92 56.74 -42.59
C PHE C 110 27.67 57.92 -43.21
N ALA C 111 27.30 58.33 -44.41
CA ALA C 111 28.14 59.20 -45.21
C ALA C 111 28.07 60.66 -44.83
N ILE C 112 27.00 61.10 -44.14
CA ILE C 112 26.87 62.53 -43.87
C ILE C 112 27.37 62.85 -42.46
N GLY C 113 27.16 61.96 -41.50
CA GLY C 113 27.67 62.13 -40.16
C GLY C 113 29.18 62.05 -40.10
N GLN C 114 29.77 61.28 -41.03
CA GLN C 114 31.22 61.32 -41.18
C GLN C 114 31.66 62.53 -41.99
N ARG C 115 30.76 63.09 -42.79
CA ARG C 115 31.08 64.30 -43.55
C ARG C 115 30.99 65.53 -42.67
N LEU C 116 29.82 65.79 -42.09
CA LEU C 116 29.63 67.01 -41.32
C LEU C 116 30.25 66.94 -39.93
N ARG C 117 30.41 65.73 -39.38
CA ARG C 117 31.05 65.49 -38.07
C ARG C 117 30.36 66.27 -36.95
N ARG C 118 29.02 66.24 -36.96
CA ARG C 118 28.24 67.14 -36.13
C ARG C 118 26.85 66.54 -35.99
N GLY C 119 26.13 66.97 -34.95
CA GLY C 119 24.83 66.44 -34.61
C GLY C 119 23.76 66.61 -35.67
N SER C 120 22.71 65.79 -35.56
CA SER C 120 21.68 65.65 -36.58
C SER C 120 20.79 66.87 -36.71
N LEU C 121 20.39 67.50 -35.60
CA LEU C 121 19.66 68.75 -35.67
C LEU C 121 20.50 69.87 -36.25
N GLY C 122 21.82 69.81 -36.06
CA GLY C 122 22.71 70.73 -36.73
C GLY C 122 22.82 70.55 -38.23
N VAL C 123 22.49 69.36 -38.74
CA VAL C 123 22.60 69.08 -40.16
C VAL C 123 21.56 69.89 -40.95
N TRP C 124 20.31 69.88 -40.50
CA TRP C 124 19.26 70.62 -41.19
C TRP C 124 19.27 72.10 -40.83
N SER C 125 20.19 72.53 -39.97
CA SER C 125 20.57 73.94 -39.89
C SER C 125 21.61 74.30 -40.92
N SER C 126 22.58 73.41 -41.18
CA SER C 126 23.62 73.68 -42.17
C SER C 126 23.11 73.51 -43.60
N ILE C 127 21.89 73.02 -43.76
CA ILE C 127 21.21 72.97 -45.05
C ILE C 127 19.87 73.65 -44.89
N HIS C 128 19.69 74.80 -45.55
CA HIS C 128 18.44 75.56 -45.63
C HIS C 128 17.87 75.90 -44.25
N PRO C 129 18.41 76.91 -43.55
CA PRO C 129 18.11 77.09 -42.12
C PRO C 129 16.68 77.48 -41.75
N ALA C 130 15.78 77.56 -42.73
CA ALA C 130 14.34 77.56 -42.49
C ALA C 130 13.80 76.17 -42.18
N LEU C 131 14.66 75.15 -42.24
CA LEU C 131 14.41 73.80 -41.77
C LEU C 131 14.69 73.75 -40.27
N LYS C 132 14.97 72.56 -39.73
CA LYS C 132 15.17 72.13 -38.33
C LYS C 132 13.86 71.86 -37.61
N GLY C 133 12.78 71.61 -38.34
CA GLY C 133 11.66 70.91 -37.74
C GLY C 133 11.99 69.43 -37.75
N LEU C 134 12.90 69.06 -38.66
CA LEU C 134 13.27 67.67 -38.86
C LEU C 134 14.03 67.09 -37.68
N GLY C 135 14.98 67.85 -37.12
CA GLY C 135 15.69 67.37 -35.95
C GLY C 135 14.83 67.29 -34.71
N LEU C 136 13.82 68.15 -34.61
CA LEU C 136 12.79 67.98 -33.61
C LEU C 136 11.97 66.73 -33.83
N ALA C 137 11.49 66.50 -35.06
CA ALA C 137 10.66 65.35 -35.38
C ALA C 137 11.38 64.03 -35.17
N SER C 138 12.69 63.99 -35.36
CA SER C 138 13.46 62.81 -34.95
C SER C 138 13.47 62.65 -33.44
N MET C 139 13.53 63.76 -32.70
CA MET C 139 13.52 63.68 -31.24
C MET C 139 12.10 63.42 -30.73
N LEU C 140 11.08 64.01 -31.36
CA LEU C 140 9.71 63.82 -30.90
C LEU C 140 9.17 62.43 -31.20
N THR C 141 9.85 61.64 -32.04
CA THR C 141 9.46 60.25 -32.19
C THR C 141 10.31 59.35 -31.29
N SER C 142 11.58 59.70 -31.10
CA SER C 142 12.49 58.85 -30.34
C SER C 142 12.18 58.87 -28.85
N PHE C 143 11.58 59.94 -28.34
CA PHE C 143 11.36 60.02 -26.90
C PHE C 143 10.15 59.21 -26.47
N MET C 144 9.13 59.09 -27.34
CA MET C 144 7.95 58.37 -26.92
C MET C 144 8.13 56.87 -27.06
N VAL C 145 8.87 56.43 -28.08
CA VAL C 145 9.10 54.99 -28.24
C VAL C 145 10.08 54.50 -27.20
N GLY C 146 10.98 55.36 -26.73
CA GLY C 146 11.81 55.02 -25.60
C GLY C 146 11.05 54.95 -24.30
N LEU C 147 9.94 55.67 -24.19
CA LEU C 147 9.11 55.63 -23.01
C LEU C 147 8.40 54.29 -22.87
N TYR C 148 7.55 53.95 -23.82
CA TYR C 148 6.62 52.84 -23.61
C TYR C 148 7.26 51.49 -23.87
N TYR C 149 8.47 51.46 -24.44
CA TYR C 149 9.20 50.20 -24.49
C TYR C 149 9.64 49.78 -23.10
N ASN C 150 10.05 50.76 -22.27
CA ASN C 150 10.51 50.47 -20.93
C ASN C 150 9.39 49.95 -20.05
N THR C 151 8.15 50.31 -20.37
CA THR C 151 7.00 49.66 -19.75
C THR C 151 6.96 48.17 -20.07
N ILE C 152 7.19 47.82 -21.34
CA ILE C 152 7.27 46.41 -21.72
C ILE C 152 8.50 45.76 -21.11
N ILE C 153 9.63 46.46 -21.14
CA ILE C 153 10.88 45.99 -20.55
C ILE C 153 10.78 45.76 -19.05
N SER C 154 9.98 46.55 -18.34
CA SER C 154 9.76 46.31 -16.92
C SER C 154 9.02 45.01 -16.68
N TRP C 155 8.11 44.65 -17.58
CA TRP C 155 7.37 43.40 -17.40
C TRP C 155 8.21 42.19 -17.74
N ILE C 156 9.25 42.38 -18.56
CA ILE C 156 10.25 41.35 -18.77
C ILE C 156 10.97 41.03 -17.46
N MET C 157 11.33 42.07 -16.71
CA MET C 157 11.96 41.87 -15.42
C MET C 157 10.95 41.38 -14.38
N TRP C 158 9.69 41.80 -14.51
CA TRP C 158 8.66 41.40 -13.55
C TRP C 158 8.43 39.91 -13.59
N TYR C 159 8.27 39.34 -14.78
CA TYR C 159 8.19 37.90 -14.92
C TYR C 159 9.52 37.23 -14.59
N LEU C 160 10.63 37.95 -14.72
CA LEU C 160 11.91 37.41 -14.28
C LEU C 160 12.02 37.39 -12.76
N PHE C 161 11.38 38.35 -12.08
CA PHE C 161 11.27 38.26 -10.63
C PHE C 161 10.39 37.09 -10.22
N ASN C 162 9.36 36.81 -11.01
CA ASN C 162 8.45 35.71 -10.76
C ASN C 162 9.03 34.36 -11.18
N SER C 163 10.27 34.34 -11.67
CA SER C 163 10.98 33.10 -11.92
C SER C 163 11.59 32.56 -10.63
N PHE C 164 12.47 31.58 -10.79
CA PHE C 164 13.14 30.84 -9.71
C PHE C 164 12.13 30.22 -8.76
N GLN C 165 11.13 29.55 -9.32
CA GLN C 165 10.10 28.90 -8.51
C GLN C 165 9.75 27.51 -9.06
N GLU C 166 9.38 26.61 -8.16
CA GLU C 166 9.02 25.26 -8.55
C GLU C 166 7.73 25.23 -9.36
N PRO C 167 6.59 25.20 -8.70
CA PRO C 167 5.35 25.23 -9.45
C PRO C 167 5.26 26.66 -9.98
N LEU C 168 5.67 26.90 -11.23
CA LEU C 168 5.64 28.24 -11.86
C LEU C 168 4.37 28.94 -11.43
N PRO C 169 4.43 30.19 -11.01
CA PRO C 169 3.14 30.73 -10.52
C PRO C 169 2.05 30.77 -11.57
N TRP C 170 2.42 30.88 -12.85
CA TRP C 170 1.43 30.84 -13.91
C TRP C 170 1.00 29.42 -14.25
N SER C 171 1.72 28.42 -13.75
CA SER C 171 1.42 27.03 -14.11
C SER C 171 0.13 26.55 -13.48
N ASP C 172 -0.17 26.98 -12.27
CA ASP C 172 -1.27 26.45 -11.51
C ASP C 172 -2.33 27.53 -11.36
N CYS C 173 -3.51 27.09 -11.00
CA CYS C 173 -4.58 28.03 -10.71
C CYS C 173 -4.60 28.38 -9.24
N PRO C 174 -4.95 29.62 -8.91
CA PRO C 174 -5.33 29.92 -7.53
C PRO C 174 -6.64 29.23 -7.19
N LEU C 175 -6.81 28.87 -5.92
CA LEU C 175 -7.98 28.15 -5.49
C LEU C 175 -9.18 29.07 -5.41
N ASN C 176 -10.32 28.52 -4.99
CA ASN C 176 -11.45 29.34 -4.59
C ASN C 176 -11.30 29.65 -3.10
N GLU C 177 -12.38 30.16 -2.49
CA GLU C 177 -12.34 30.56 -1.09
C GLU C 177 -12.68 29.40 -0.17
N ASN C 178 -12.80 28.19 -0.71
CA ASN C 178 -13.26 27.05 0.07
C ASN C 178 -12.23 25.93 0.19
N GLN C 179 -10.95 26.22 -0.13
CA GLN C 179 -9.83 25.26 -0.09
C GLN C 179 -10.11 24.04 -0.96
N THR C 180 -10.62 24.32 -2.15
CA THR C 180 -11.14 23.34 -3.09
C THR C 180 -10.62 23.81 -4.45
N GLY C 181 -11.35 23.48 -5.52
CA GLY C 181 -11.00 23.90 -6.86
C GLY C 181 -10.96 25.41 -7.08
N TYR C 182 -10.86 25.81 -8.33
CA TYR C 182 -10.29 27.10 -8.65
C TYR C 182 -11.36 28.13 -8.92
N VAL C 183 -10.91 29.37 -9.14
CA VAL C 183 -11.81 30.47 -9.45
C VAL C 183 -12.28 30.35 -10.89
N ASP C 184 -13.29 31.16 -11.24
CA ASP C 184 -14.03 30.97 -12.48
C ASP C 184 -13.20 31.28 -13.71
N GLU C 185 -12.50 32.41 -13.72
CA GLU C 185 -11.68 32.77 -14.88
C GLU C 185 -10.43 31.92 -15.01
N CYS C 186 -9.99 31.27 -13.93
CA CYS C 186 -8.97 30.25 -14.05
C CYS C 186 -9.57 28.89 -14.36
N ALA C 187 -10.88 28.75 -14.18
CA ALA C 187 -11.57 27.55 -14.65
C ALA C 187 -11.98 27.70 -16.12
N ARG C 188 -12.51 28.87 -16.49
CA ARG C 188 -12.99 29.03 -17.86
C ARG C 188 -11.85 29.21 -18.85
N SER C 189 -10.69 29.66 -18.39
CA SER C 189 -9.51 29.82 -19.24
C SER C 189 -8.28 29.34 -18.49
N SER C 190 -7.15 29.22 -19.21
CA SER C 190 -5.89 28.66 -18.72
C SER C 190 -5.33 29.44 -17.55
N PRO C 191 -4.50 28.82 -16.70
CA PRO C 191 -3.90 29.56 -15.58
C PRO C 191 -2.80 30.52 -15.99
N VAL C 192 -2.34 30.48 -17.23
CA VAL C 192 -1.29 31.38 -17.65
C VAL C 192 -1.88 32.73 -18.08
N ASP C 193 -3.03 32.71 -18.73
CA ASP C 193 -3.70 33.93 -19.17
C ASP C 193 -4.35 34.63 -18.00
N TYR C 194 -4.63 33.87 -16.94
CA TYR C 194 -5.26 34.41 -15.74
C TYR C 194 -4.30 35.35 -15.00
N PHE C 195 -3.11 34.83 -14.70
CA PHE C 195 -2.10 35.63 -14.01
C PHE C 195 -1.98 37.01 -14.65
N TRP C 196 -2.26 37.07 -15.94
CA TRP C 196 -2.20 38.33 -16.68
C TRP C 196 -3.17 39.36 -16.13
N TYR C 197 -4.45 38.99 -16.03
CA TYR C 197 -5.51 39.97 -15.82
C TYR C 197 -5.78 40.24 -14.35
N ARG C 198 -5.07 39.57 -13.45
CA ARG C 198 -5.01 40.00 -12.05
C ARG C 198 -3.58 40.07 -11.53
N GLU C 199 -2.67 39.31 -12.13
CA GLU C 199 -1.39 38.99 -11.48
C GLU C 199 -0.24 39.74 -12.13
N THR C 200 -0.27 39.86 -13.46
CA THR C 200 0.66 40.75 -14.12
C THR C 200 0.21 42.17 -13.81
N LEU C 201 -1.05 42.45 -14.10
CA LEU C 201 -1.71 43.66 -13.66
C LEU C 201 -3.15 43.33 -13.36
N ASN C 202 -3.74 44.05 -12.43
CA ASN C 202 -5.19 44.06 -12.28
C ASN C 202 -5.73 44.72 -13.54
N ILE C 203 -6.79 44.15 -14.09
CA ILE C 203 -7.26 44.62 -15.39
C ILE C 203 -8.49 45.50 -15.18
N SER C 204 -8.73 46.40 -16.13
CA SER C 204 -9.98 47.14 -16.24
C SER C 204 -10.78 46.54 -17.37
N THR C 205 -12.07 46.85 -17.43
CA THR C 205 -12.84 46.45 -18.59
C THR C 205 -12.48 47.31 -19.80
N SER C 206 -12.78 48.60 -19.76
CA SER C 206 -12.64 49.45 -20.93
C SER C 206 -11.41 50.34 -20.80
N ILE C 207 -11.25 51.23 -21.77
CA ILE C 207 -10.22 52.25 -21.69
C ILE C 207 -10.73 53.44 -20.88
N SER C 208 -12.05 53.57 -20.71
CA SER C 208 -12.64 54.74 -20.10
C SER C 208 -12.70 54.68 -18.58
N ASP C 209 -12.30 53.55 -17.99
CA ASP C 209 -12.37 53.40 -16.54
C ASP C 209 -11.01 52.97 -15.99
N SER C 210 -10.43 53.83 -15.17
CA SER C 210 -9.13 53.60 -14.57
C SER C 210 -9.34 52.99 -13.19
N GLY C 211 -8.70 51.84 -12.96
CA GLY C 211 -8.87 51.09 -11.73
C GLY C 211 -7.70 51.25 -10.79
N SER C 212 -7.15 50.11 -10.37
CA SER C 212 -6.05 50.06 -9.41
C SER C 212 -4.76 50.58 -10.04
N ILE C 213 -3.83 51.04 -9.20
CA ILE C 213 -2.63 51.72 -9.67
C ILE C 213 -1.46 50.77 -9.86
N GLN C 214 -1.55 49.54 -9.32
CA GLN C 214 -0.50 48.51 -9.37
C GLN C 214 0.83 49.04 -8.83
N TRP C 215 0.82 49.34 -7.52
CA TRP C 215 1.93 50.05 -6.90
C TRP C 215 3.22 49.24 -6.90
N TRP C 216 3.12 47.92 -6.74
CA TRP C 216 4.33 47.10 -6.81
C TRP C 216 4.83 46.93 -8.24
N MET C 217 3.91 46.98 -9.22
CA MET C 217 4.32 47.06 -10.60
C MET C 217 4.92 48.40 -10.94
N LEU C 218 4.52 49.45 -10.22
CA LEU C 218 5.15 50.75 -10.37
C LEU C 218 6.58 50.75 -9.85
N LEU C 219 6.87 49.95 -8.82
CA LEU C 219 8.25 49.77 -8.40
C LEU C 219 9.05 49.04 -9.45
N CYS C 220 8.43 48.07 -10.13
CA CYS C 220 9.08 47.38 -11.23
C CYS C 220 9.30 48.29 -12.43
N LEU C 221 8.44 49.27 -12.65
CA LEU C 221 8.68 50.28 -13.66
C LEU C 221 9.84 51.18 -13.26
N ALA C 222 9.91 51.55 -11.97
CA ALA C 222 10.88 52.50 -11.46
C ALA C 222 12.32 52.04 -11.60
N CYS C 223 12.62 50.78 -11.24
CA CYS C 223 13.96 50.25 -11.37
C CYS C 223 14.39 50.04 -12.81
N ALA C 224 13.44 49.90 -13.73
CA ALA C 224 13.76 49.78 -15.15
C ALA C 224 14.32 51.06 -15.73
N TRP C 225 13.95 52.21 -15.18
CA TRP C 225 14.47 53.50 -15.61
C TRP C 225 15.92 53.74 -15.21
N SER C 226 16.46 52.93 -14.32
CA SER C 226 17.73 53.22 -13.67
C SER C 226 18.91 52.45 -14.26
N VAL C 227 18.67 51.23 -14.76
CA VAL C 227 19.75 50.48 -15.39
C VAL C 227 20.10 51.07 -16.76
N LEU C 228 19.16 51.79 -17.37
CA LEU C 228 19.50 52.66 -18.49
C LEU C 228 20.42 53.78 -18.03
N TYR C 229 19.98 54.54 -17.02
CA TYR C 229 20.69 55.71 -16.52
C TYR C 229 22.04 55.35 -15.93
N MET C 230 22.17 54.13 -15.40
CA MET C 230 23.48 53.65 -14.97
C MET C 230 24.43 53.49 -16.15
N CYS C 231 23.92 53.09 -17.31
CA CYS C 231 24.77 52.66 -18.41
C CYS C 231 25.15 53.76 -19.39
N THR C 232 24.39 54.87 -19.46
CA THR C 232 24.77 55.96 -20.36
C THR C 232 25.01 57.25 -19.59
N ILE C 233 25.58 57.16 -18.39
CA ILE C 233 25.83 58.35 -17.58
C ILE C 233 26.94 59.18 -18.21
N ARG C 234 27.92 58.52 -18.83
CA ARG C 234 28.89 59.15 -19.72
C ARG C 234 28.79 58.51 -21.09
N GLY C 235 28.27 59.28 -22.06
CA GLY C 235 27.55 58.77 -23.23
C GLY C 235 28.18 57.66 -24.04
N ILE C 236 29.28 57.94 -24.72
CA ILE C 236 29.90 56.93 -25.57
C ILE C 236 30.85 56.09 -24.72
N GLU C 237 31.34 56.68 -23.63
CA GLU C 237 32.33 56.01 -22.80
C GLU C 237 31.73 54.86 -22.00
N THR C 238 30.65 55.11 -21.27
CA THR C 238 30.08 54.06 -20.43
C THR C 238 29.35 53.03 -21.27
N THR C 239 28.67 53.47 -22.33
CA THR C 239 28.02 52.53 -23.23
C THR C 239 29.01 51.73 -24.06
N GLY C 240 30.16 52.33 -24.39
CA GLY C 240 31.16 51.63 -25.19
C GLY C 240 31.81 50.48 -24.45
N LYS C 241 31.86 50.57 -23.13
CA LYS C 241 32.29 49.45 -22.29
C LYS C 241 31.14 48.54 -21.89
N ALA C 242 29.90 49.01 -21.96
CA ALA C 242 28.74 48.19 -21.64
C ALA C 242 27.99 47.74 -22.89
N VAL C 243 28.65 47.67 -24.04
CA VAL C 243 28.08 47.08 -25.24
C VAL C 243 28.75 45.77 -25.60
N TYR C 244 29.86 45.43 -24.95
CA TYR C 244 30.61 44.23 -25.30
C TYR C 244 29.91 42.96 -24.83
N ILE C 245 28.90 43.08 -23.98
CA ILE C 245 28.21 41.89 -23.45
C ILE C 245 26.75 41.86 -23.88
N THR C 246 26.10 43.02 -24.00
CA THR C 246 24.67 43.05 -24.26
C THR C 246 24.34 42.83 -25.73
N SER C 247 25.35 42.77 -26.59
CA SER C 247 25.13 42.65 -28.02
C SER C 247 25.66 41.33 -28.58
N THR C 248 25.99 40.39 -27.70
CA THR C 248 26.37 39.03 -28.07
C THR C 248 25.50 37.98 -27.40
N LEU C 249 25.14 38.22 -26.15
CA LEU C 249 24.20 37.34 -25.43
C LEU C 249 22.83 37.14 -26.09
N PRO C 250 22.15 38.13 -26.70
CA PRO C 250 20.83 37.82 -27.29
C PRO C 250 20.90 37.04 -28.60
N TYR C 251 22.06 36.57 -29.02
CA TYR C 251 22.16 35.73 -30.20
C TYR C 251 22.66 34.34 -29.90
N VAL C 252 23.28 34.14 -28.73
CA VAL C 252 23.90 32.85 -28.45
C VAL C 252 22.98 31.97 -27.62
N VAL C 253 22.15 32.59 -26.78
CA VAL C 253 21.23 31.86 -25.94
C VAL C 253 20.11 31.23 -26.76
N LEU C 254 19.63 31.98 -27.76
CA LEU C 254 18.55 31.50 -28.62
C LEU C 254 19.01 30.30 -29.45
N THR C 255 20.32 30.21 -29.68
CA THR C 255 20.88 29.12 -30.46
C THR C 255 20.57 27.77 -29.82
N ILE C 256 20.71 27.70 -28.50
CA ILE C 256 20.44 26.46 -27.76
C ILE C 256 18.93 26.23 -27.67
N PHE C 257 18.15 27.32 -27.63
CA PHE C 257 16.69 27.21 -27.71
C PHE C 257 16.22 26.58 -29.01
N LEU C 258 16.97 26.72 -30.11
CA LEU C 258 16.67 26.02 -31.35
C LEU C 258 16.81 24.51 -31.18
N ILE C 259 17.92 24.05 -30.59
CA ILE C 259 18.09 22.62 -30.33
C ILE C 259 17.17 22.17 -29.21
N ARG C 260 16.78 23.10 -28.32
CA ARG C 260 15.75 22.79 -27.33
C ARG C 260 14.42 22.50 -28.01
N GLY C 261 14.16 23.18 -29.13
CA GLY C 261 12.97 22.87 -29.92
C GLY C 261 13.02 21.49 -30.56
N LEU C 262 14.19 21.10 -31.08
CA LEU C 262 14.33 19.74 -31.59
C LEU C 262 14.67 18.73 -30.50
N THR C 263 14.82 19.17 -29.25
CA THR C 263 14.88 18.25 -28.12
C THR C 263 13.50 17.68 -27.78
N LEU C 264 12.46 18.51 -27.84
CA LEU C 264 11.14 18.12 -27.37
C LEU C 264 10.21 17.74 -28.51
N LYS C 265 10.76 17.55 -29.71
CA LYS C 265 10.12 16.90 -30.87
C LYS C 265 9.01 17.76 -31.49
N GLY C 266 8.69 18.91 -30.88
CA GLY C 266 7.56 19.70 -31.35
C GLY C 266 7.85 20.53 -32.59
N ALA C 267 9.04 20.40 -33.17
CA ALA C 267 9.34 21.07 -34.42
C ALA C 267 8.75 20.28 -35.59
N THR C 268 9.04 20.77 -36.81
CA THR C 268 8.50 20.28 -38.08
C THR C 268 6.97 20.33 -38.13
N ASN C 269 6.37 21.19 -37.31
CA ASN C 269 4.93 21.39 -37.33
C ASN C 269 4.53 22.83 -37.55
N GLY C 270 5.18 23.79 -36.90
CA GLY C 270 5.03 25.18 -37.27
C GLY C 270 6.11 25.55 -38.27
N ILE C 271 7.09 24.67 -38.38
CA ILE C 271 8.15 24.83 -39.37
C ILE C 271 7.59 24.62 -40.77
N VAL C 272 6.74 23.61 -40.94
CA VAL C 272 6.06 23.44 -42.22
C VAL C 272 4.95 24.48 -42.38
N PHE C 273 4.49 25.04 -41.26
CA PHE C 273 3.56 26.17 -41.32
C PHE C 273 4.28 27.44 -41.75
N LEU C 274 5.58 27.52 -41.52
CA LEU C 274 6.38 28.61 -42.07
C LEU C 274 6.55 28.46 -43.58
N PHE C 275 6.39 27.25 -44.09
CA PHE C 275 6.61 26.94 -45.50
C PHE C 275 5.30 26.74 -46.26
N THR C 276 4.27 27.54 -45.98
CA THR C 276 3.00 27.46 -46.67
C THR C 276 2.89 28.58 -47.70
N PRO C 277 3.28 28.36 -48.95
CA PRO C 277 3.29 29.47 -49.91
C PRO C 277 1.89 29.76 -50.44
N ASN C 278 1.32 30.86 -50.00
CA ASN C 278 0.00 31.30 -50.47
C ASN C 278 0.21 32.40 -51.50
N VAL C 279 0.08 32.04 -52.78
CA VAL C 279 0.22 33.02 -53.85
C VAL C 279 -1.03 33.87 -53.97
N THR C 280 -2.12 33.44 -53.36
CA THR C 280 -3.36 34.21 -53.37
C THR C 280 -3.29 35.40 -52.42
N GLU C 281 -2.44 35.32 -51.39
CA GLU C 281 -2.32 36.38 -50.40
C GLU C 281 -1.15 37.31 -50.71
N LEU C 282 -0.84 37.49 -51.99
CA LEU C 282 0.27 38.34 -52.41
C LEU C 282 -0.16 39.58 -53.16
N ALA C 283 -1.24 39.50 -53.94
CA ALA C 283 -1.68 40.64 -54.74
C ALA C 283 -2.57 41.58 -53.93
N GLN C 284 -2.71 41.32 -52.63
CA GLN C 284 -3.45 42.18 -51.73
C GLN C 284 -2.73 43.52 -51.59
N PRO C 285 -3.45 44.63 -51.43
CA PRO C 285 -2.76 45.93 -51.26
C PRO C 285 -2.02 46.05 -49.94
N ASP C 286 -2.55 45.47 -48.86
CA ASP C 286 -1.89 45.51 -47.57
C ASP C 286 -0.74 44.52 -47.46
N THR C 287 -0.59 43.61 -48.43
CA THR C 287 0.57 42.73 -48.48
C THR C 287 1.86 43.52 -48.69
N TRP C 288 1.87 44.45 -49.64
CA TRP C 288 2.98 45.36 -49.79
C TRP C 288 3.06 46.38 -48.66
N LEU C 289 1.92 46.72 -48.05
CA LEU C 289 1.92 47.75 -47.01
C LEU C 289 2.52 47.24 -45.70
N ASP C 290 2.00 46.13 -45.19
CA ASP C 290 2.49 45.56 -43.94
C ASP C 290 3.91 45.01 -44.06
N ALA C 291 4.32 44.61 -45.26
CA ALA C 291 5.73 44.29 -45.47
C ALA C 291 6.60 45.53 -45.40
N GLY C 292 6.10 46.65 -45.92
CA GLY C 292 6.89 47.88 -45.97
C GLY C 292 7.06 48.58 -44.64
N ALA C 293 6.07 48.51 -43.76
CA ALA C 293 6.17 49.13 -42.45
C ALA C 293 7.14 48.40 -41.52
N GLN C 294 7.21 47.08 -41.61
CA GLN C 294 8.09 46.32 -40.72
C GLN C 294 9.55 46.45 -41.13
N VAL C 295 9.84 46.48 -42.43
CA VAL C 295 11.22 46.59 -42.89
C VAL C 295 11.78 47.98 -42.61
N PHE C 296 10.90 48.98 -42.51
CA PHE C 296 11.32 50.28 -42.02
C PHE C 296 11.54 50.22 -40.51
N PHE C 297 10.78 49.35 -39.84
CA PHE C 297 10.85 49.23 -38.38
C PHE C 297 11.86 48.18 -37.93
N SER C 298 12.21 47.22 -38.79
CA SER C 298 13.25 46.25 -38.45
C SER C 298 14.60 46.92 -38.34
N PHE C 299 14.80 47.99 -39.10
CA PHE C 299 15.91 48.88 -38.86
C PHE C 299 15.41 50.03 -37.99
N SER C 300 16.33 50.73 -37.35
CA SER C 300 15.99 51.75 -36.38
C SER C 300 16.37 53.11 -36.92
N LEU C 301 15.42 53.77 -37.60
CA LEU C 301 15.71 54.87 -38.50
C LEU C 301 15.04 56.15 -38.04
N ALA C 302 15.51 57.26 -38.63
CA ALA C 302 15.04 58.63 -38.39
C ALA C 302 15.18 59.03 -36.92
N PHE C 303 16.36 58.79 -36.36
CA PHE C 303 16.65 59.16 -34.98
C PHE C 303 17.89 60.03 -34.85
N GLY C 304 18.90 59.80 -35.69
CA GLY C 304 20.02 60.73 -35.80
C GLY C 304 21.20 60.47 -34.89
N GLY C 305 21.12 59.44 -34.05
CA GLY C 305 22.23 59.11 -33.20
C GLY C 305 23.33 58.43 -33.99
N LEU C 306 22.93 57.77 -35.07
CA LEU C 306 23.89 57.11 -35.95
C LEU C 306 24.72 58.10 -36.74
N ILE C 307 24.20 59.31 -36.95
CA ILE C 307 25.01 60.42 -37.46
C ILE C 307 26.15 60.71 -36.49
N SER C 308 25.85 60.78 -35.20
CA SER C 308 26.90 60.98 -34.20
C SER C 308 27.79 59.75 -34.07
N PHE C 309 27.24 58.56 -34.31
CA PHE C 309 28.04 57.35 -34.25
C PHE C 309 29.03 57.26 -35.38
N SER C 310 28.62 57.66 -36.60
CA SER C 310 29.53 57.74 -37.73
C SER C 310 30.39 59.00 -37.69
N SER C 311 30.22 59.85 -36.68
CA SER C 311 31.09 61.00 -36.53
C SER C 311 32.26 60.71 -35.59
N TYR C 312 32.29 59.53 -34.97
CA TYR C 312 33.29 59.21 -33.95
C TYR C 312 34.28 58.16 -34.42
N ASN C 313 34.37 57.91 -35.72
CA ASN C 313 35.38 57.03 -36.28
C ASN C 313 36.25 57.83 -37.25
N SER C 314 37.12 57.12 -37.97
CA SER C 314 38.04 57.77 -38.90
C SER C 314 37.27 58.26 -40.13
N VAL C 315 37.78 59.35 -40.72
CA VAL C 315 37.16 59.94 -41.90
C VAL C 315 37.23 58.99 -43.10
N HIS C 316 38.40 58.45 -43.38
CA HIS C 316 38.54 57.48 -44.45
C HIS C 316 38.25 56.07 -43.95
N ASN C 317 37.06 55.85 -43.41
CA ASN C 317 36.64 54.52 -43.05
C ASN C 317 35.65 54.02 -44.09
N ASN C 318 35.88 52.81 -44.60
CA ASN C 318 34.97 52.22 -45.56
C ASN C 318 33.65 51.88 -44.88
N CYS C 319 32.61 52.66 -45.21
CA CYS C 319 31.26 52.37 -44.77
C CYS C 319 30.40 51.78 -45.88
N GLU C 320 30.97 51.59 -47.08
CA GLU C 320 30.19 51.03 -48.18
C GLU C 320 29.86 49.56 -47.93
N LYS C 321 30.89 48.73 -47.69
CA LYS C 321 30.62 47.34 -47.36
C LYS C 321 30.07 47.20 -45.95
N ASP C 322 30.33 48.19 -45.07
CA ASP C 322 29.70 48.18 -43.76
C ASP C 322 28.19 48.41 -43.87
N SER C 323 27.77 49.17 -44.88
CA SER C 323 26.36 49.21 -45.21
C SER C 323 25.86 47.87 -45.73
N VAL C 324 26.70 47.12 -46.43
CA VAL C 324 26.31 45.79 -46.90
C VAL C 324 26.29 44.80 -45.76
N ILE C 325 27.21 44.94 -44.80
CA ILE C 325 27.36 43.91 -43.78
C ILE C 325 26.19 43.94 -42.80
N VAL C 326 25.97 45.08 -42.14
CA VAL C 326 25.07 45.09 -40.99
C VAL C 326 23.61 45.06 -41.42
N SER C 327 23.34 45.48 -42.65
CA SER C 327 21.98 45.38 -43.17
C SER C 327 21.63 43.96 -43.55
N ILE C 328 22.62 43.13 -43.86
CA ILE C 328 22.32 41.77 -44.27
C ILE C 328 21.89 40.93 -43.07
N ILE C 329 22.60 41.04 -41.95
CA ILE C 329 22.39 40.14 -40.82
C ILE C 329 21.04 40.41 -40.16
N ASN C 330 20.69 41.68 -39.96
CA ASN C 330 19.44 42.01 -39.29
C ASN C 330 18.22 41.61 -40.10
N GLY C 331 18.35 41.59 -41.43
CA GLY C 331 17.36 40.96 -42.27
C GLY C 331 17.47 39.46 -42.37
N PHE C 332 18.62 38.89 -42.00
CA PHE C 332 18.81 37.45 -42.07
C PHE C 332 18.58 36.76 -40.73
N THR C 333 19.05 37.35 -39.63
CA THR C 333 18.85 36.75 -38.32
C THR C 333 17.38 36.73 -37.92
N SER C 334 16.63 37.76 -38.30
CA SER C 334 15.21 37.85 -37.94
C SER C 334 14.41 36.72 -38.55
N VAL C 335 14.80 36.27 -39.74
CA VAL C 335 14.23 35.05 -40.32
C VAL C 335 14.57 33.85 -39.45
N TYR C 336 15.82 33.77 -38.97
CA TYR C 336 16.23 32.66 -38.12
C TYR C 336 15.59 32.76 -36.74
N VAL C 337 15.25 33.96 -36.29
CA VAL C 337 14.38 34.09 -35.12
C VAL C 337 12.99 33.54 -35.41
N ALA C 338 12.47 33.76 -36.62
CA ALA C 338 11.14 33.26 -36.97
C ALA C 338 11.09 31.73 -37.04
N ILE C 339 12.23 31.07 -37.19
CA ILE C 339 12.26 29.62 -37.18
C ILE C 339 12.00 29.08 -35.78
N VAL C 340 12.65 29.65 -34.77
CA VAL C 340 12.65 29.03 -33.44
C VAL C 340 11.29 29.18 -32.77
N VAL C 341 10.53 30.22 -33.11
CA VAL C 341 9.26 30.45 -32.43
C VAL C 341 8.19 29.50 -32.97
N TYR C 342 8.23 29.20 -34.26
CA TYR C 342 7.22 28.31 -34.83
C TYR C 342 7.47 26.86 -34.51
N SER C 343 8.71 26.49 -34.20
CA SER C 343 8.96 25.21 -33.56
C SER C 343 8.25 25.13 -32.23
N VAL C 344 8.28 26.20 -31.44
CA VAL C 344 7.53 26.26 -30.19
C VAL C 344 6.03 26.35 -30.45
N ILE C 345 5.64 27.12 -31.47
CA ILE C 345 4.23 27.19 -31.86
C ILE C 345 3.75 25.82 -32.34
N GLY C 346 4.57 25.15 -33.14
CA GLY C 346 4.30 23.76 -33.48
C GLY C 346 4.32 22.84 -32.29
N PHE C 347 5.18 23.11 -31.30
CA PHE C 347 5.26 22.26 -30.12
C PHE C 347 4.04 22.41 -29.23
N ARG C 348 3.60 23.65 -28.98
CA ARG C 348 2.39 23.87 -28.19
C ARG C 348 1.16 23.33 -28.88
N ALA C 349 1.09 23.49 -30.20
CA ALA C 349 -0.01 22.92 -30.96
C ALA C 349 0.03 21.41 -31.02
N THR C 350 1.21 20.79 -30.96
CA THR C 350 1.35 19.35 -31.01
C THR C 350 0.70 18.64 -29.84
N GLN C 351 1.06 19.00 -28.61
CA GLN C 351 0.52 18.30 -27.46
C GLN C 351 -0.94 18.66 -27.23
N ARG C 352 -1.33 19.90 -27.53
CA ARG C 352 -2.73 20.29 -27.39
C ARG C 352 -3.61 19.63 -28.44
N TYR C 353 -3.02 19.19 -29.56
CA TYR C 353 -3.76 18.46 -30.58
C TYR C 353 -4.27 17.12 -30.06
N ASP C 354 -3.54 16.49 -29.15
CA ASP C 354 -3.91 15.17 -28.67
C ASP C 354 -4.56 15.19 -27.30
N ASP C 355 -4.47 16.31 -26.58
CA ASP C 355 -5.06 16.41 -25.25
C ASP C 355 -6.56 16.30 -25.25
N CYS C 356 -7.22 17.02 -26.16
CA CYS C 356 -8.64 16.80 -26.41
C CYS C 356 -8.89 15.39 -26.94
N PHE C 357 -7.95 14.88 -27.74
CA PHE C 357 -8.13 13.55 -28.30
C PHE C 357 -7.93 12.46 -27.27
N SER C 358 -6.92 12.61 -26.39
CA SER C 358 -6.80 11.69 -25.27
C SER C 358 -7.95 11.82 -24.30
N THR C 359 -8.52 13.02 -24.19
CA THR C 359 -9.78 13.16 -23.48
C THR C 359 -10.90 12.42 -24.20
N ASN C 360 -10.89 12.47 -25.53
CA ASN C 360 -11.90 11.72 -26.28
C ASN C 360 -11.56 10.24 -26.35
N ILE C 361 -10.27 9.90 -26.27
CA ILE C 361 -9.88 8.53 -26.00
C ILE C 361 -10.46 8.07 -24.67
N LEU C 362 -10.40 8.93 -23.65
CA LEU C 362 -11.13 8.68 -22.42
C LEU C 362 -12.63 8.76 -22.61
N THR C 363 -13.13 9.68 -23.44
CA THR C 363 -14.58 9.83 -23.57
C THR C 363 -15.19 8.70 -24.37
N LEU C 364 -14.40 8.06 -25.24
CA LEU C 364 -14.89 6.87 -25.94
C LEU C 364 -15.09 5.73 -24.95
N ILE C 365 -14.09 5.49 -24.09
CA ILE C 365 -14.22 4.38 -23.15
C ILE C 365 -15.06 4.79 -21.95
N ASN C 366 -15.41 6.08 -21.86
CA ASN C 366 -16.29 6.55 -20.80
C ASN C 366 -17.66 5.87 -20.87
N GLY C 367 -18.38 6.09 -21.97
CA GLY C 367 -19.71 5.51 -22.07
C GLY C 367 -19.72 4.16 -22.76
N PHE C 368 -18.71 3.90 -23.59
CA PHE C 368 -18.81 2.71 -24.44
C PHE C 368 -17.71 1.70 -24.16
N ASP C 369 -16.74 2.05 -23.33
CA ASP C 369 -15.96 1.09 -22.55
C ASP C 369 -15.19 0.05 -23.35
N LEU C 370 -14.12 0.45 -24.03
CA LEU C 370 -13.22 -0.55 -24.59
C LEU C 370 -12.14 -0.81 -23.56
N PRO C 371 -11.43 -1.95 -23.66
CA PRO C 371 -10.21 -2.13 -22.86
C PRO C 371 -9.18 -1.06 -23.20
N GLU C 372 -8.48 -0.61 -22.17
CA GLU C 372 -7.59 0.55 -22.30
C GLU C 372 -6.37 0.25 -23.17
N GLY C 373 -6.02 -1.02 -23.32
CA GLY C 373 -4.96 -1.38 -24.25
C GLY C 373 -5.41 -1.26 -25.70
N ASN C 374 -6.61 -1.73 -26.01
CA ASN C 374 -7.06 -1.76 -27.39
C ASN C 374 -7.82 -0.49 -27.75
N VAL C 375 -7.21 0.66 -27.45
CA VAL C 375 -7.71 1.98 -27.84
C VAL C 375 -6.49 2.91 -27.90
N THR C 376 -6.35 3.62 -29.01
CA THR C 376 -5.27 4.58 -29.25
C THR C 376 -5.71 5.52 -30.36
N GLN C 377 -4.90 6.55 -30.62
CA GLN C 377 -5.19 7.53 -31.67
C GLN C 377 -4.93 6.86 -33.01
N GLU C 378 -5.97 6.15 -33.45
CA GLU C 378 -5.92 4.99 -34.33
C GLU C 378 -7.34 4.75 -34.81
N ASN C 379 -7.71 3.49 -34.99
CA ASN C 379 -9.07 2.99 -35.24
C ASN C 379 -10.08 3.32 -34.11
N PHE C 380 -9.70 4.14 -33.13
CA PHE C 380 -10.59 4.89 -32.25
C PHE C 380 -11.84 5.40 -32.97
N VAL C 381 -11.67 6.09 -34.11
CA VAL C 381 -12.82 6.50 -34.90
C VAL C 381 -13.49 5.31 -35.58
N ASP C 382 -12.74 4.26 -35.89
CA ASP C 382 -13.33 3.07 -36.50
C ASP C 382 -14.07 2.24 -35.45
N MET C 383 -13.48 2.13 -34.25
CA MET C 383 -14.18 1.48 -33.16
C MET C 383 -15.38 2.30 -32.70
N GLN C 384 -15.32 3.63 -32.84
CA GLN C 384 -16.50 4.48 -32.66
C GLN C 384 -17.64 4.09 -33.58
N GLN C 385 -17.34 3.64 -34.79
CA GLN C 385 -18.38 3.15 -35.67
C GLN C 385 -18.96 1.84 -35.14
N ARG C 386 -18.14 1.00 -34.51
CA ARG C 386 -18.67 -0.19 -33.87
C ARG C 386 -19.42 0.15 -32.60
N CYS C 387 -19.01 1.21 -31.90
CA CYS C 387 -19.78 1.66 -30.74
C CYS C 387 -21.14 2.20 -31.16
N ASN C 388 -21.18 3.02 -32.21
CA ASN C 388 -22.47 3.51 -32.70
C ASN C 388 -23.31 2.39 -33.29
N ALA C 389 -22.66 1.37 -33.86
CA ALA C 389 -23.38 0.21 -34.36
C ALA C 389 -23.91 -0.68 -33.23
N SER C 390 -23.13 -0.90 -32.17
CA SER C 390 -23.61 -1.67 -31.04
C SER C 390 -24.72 -0.97 -30.29
N ASP C 391 -24.64 0.35 -30.19
CA ASP C 391 -25.73 1.15 -29.60
C ASP C 391 -25.65 2.59 -30.08
N PRO C 392 -26.73 3.16 -30.58
CA PRO C 392 -26.72 4.59 -30.88
C PRO C 392 -27.18 5.45 -29.71
N ALA C 393 -27.85 4.84 -28.72
CA ALA C 393 -28.50 5.58 -27.64
C ALA C 393 -27.49 6.23 -26.71
N ALA C 394 -26.57 5.45 -26.16
CA ALA C 394 -25.49 6.02 -25.36
C ALA C 394 -24.49 6.76 -26.23
N TYR C 395 -24.49 6.45 -27.52
CA TYR C 395 -23.61 7.13 -28.47
C TYR C 395 -24.06 8.56 -28.70
N ALA C 396 -25.33 8.85 -28.42
CA ALA C 396 -25.86 10.19 -28.57
C ALA C 396 -25.65 11.03 -27.32
N GLN C 397 -24.91 10.49 -26.34
CA GLN C 397 -24.59 11.23 -25.15
C GLN C 397 -23.11 11.50 -24.97
N LEU C 398 -22.26 10.93 -25.81
CA LEU C 398 -20.81 11.10 -25.69
C LEU C 398 -20.35 12.17 -26.65
N VAL C 399 -20.05 13.34 -26.11
CA VAL C 399 -19.56 14.45 -26.91
C VAL C 399 -18.05 14.29 -27.10
N PHE C 400 -17.59 14.53 -28.32
CA PHE C 400 -16.18 14.44 -28.64
C PHE C 400 -15.68 15.80 -29.11
N GLN C 401 -14.48 16.16 -28.67
CA GLN C 401 -13.89 17.46 -28.98
C GLN C 401 -12.99 17.29 -30.20
N THR C 402 -13.49 17.68 -31.37
CA THR C 402 -12.71 17.59 -32.59
C THR C 402 -11.53 18.55 -32.55
N CYS C 403 -10.38 18.09 -33.06
CA CYS C 403 -9.16 18.87 -32.99
C CYS C 403 -8.37 18.66 -34.26
N ASP C 404 -7.48 19.61 -34.54
CA ASP C 404 -6.70 19.59 -35.76
C ASP C 404 -5.49 20.49 -35.61
N ILE C 405 -4.36 20.07 -36.16
CA ILE C 405 -3.25 20.99 -36.39
C ILE C 405 -3.59 21.81 -37.63
N ASN C 406 -3.51 23.15 -37.48
CA ASN C 406 -4.14 24.25 -38.23
C ASN C 406 -5.57 24.47 -37.76
N ALA C 407 -5.97 23.80 -36.69
CA ALA C 407 -7.03 24.33 -35.84
C ALA C 407 -6.37 24.65 -34.51
N PHE C 408 -5.15 24.16 -34.35
CA PHE C 408 -4.29 24.61 -33.26
C PHE C 408 -3.16 25.51 -33.75
N LEU C 409 -2.87 25.49 -35.04
CA LEU C 409 -1.97 26.48 -35.61
C LEU C 409 -2.69 27.73 -36.08
N SER C 410 -4.02 27.71 -36.09
CA SER C 410 -4.78 28.83 -36.63
C SER C 410 -5.02 29.91 -35.58
N GLU C 411 -4.77 29.59 -34.31
CA GLU C 411 -4.83 30.63 -33.31
C GLU C 411 -3.46 31.28 -33.17
N ALA C 412 -3.48 32.58 -32.92
CA ALA C 412 -2.25 33.35 -32.83
C ALA C 412 -2.48 34.57 -31.96
N VAL C 413 -1.47 35.42 -31.87
CA VAL C 413 -1.48 36.63 -31.07
C VAL C 413 -0.37 37.50 -31.64
N GLU C 414 -0.45 38.81 -31.44
CA GLU C 414 0.61 39.71 -31.87
C GLU C 414 0.87 40.74 -30.79
N GLY C 415 2.01 41.42 -30.91
CA GLY C 415 2.36 42.47 -29.96
C GLY C 415 3.00 41.97 -28.68
N THR C 416 2.21 41.36 -27.80
CA THR C 416 2.71 40.98 -26.48
C THR C 416 2.50 39.53 -26.09
N GLY C 417 1.44 38.87 -26.59
CA GLY C 417 1.05 37.58 -26.05
C GLY C 417 1.96 36.43 -26.37
N LEU C 418 2.83 36.58 -27.37
CA LEU C 418 3.69 35.48 -27.82
C LEU C 418 4.68 35.04 -26.77
N ALA C 419 5.25 35.97 -26.01
CA ALA C 419 6.19 35.64 -24.95
C ALA C 419 5.55 35.65 -23.57
N PHE C 420 4.34 36.17 -23.44
CA PHE C 420 3.73 36.35 -22.13
C PHE C 420 2.60 35.38 -21.83
N ILE C 421 1.83 34.96 -22.83
CA ILE C 421 0.77 33.99 -22.56
C ILE C 421 0.85 32.82 -23.53
N VAL C 422 1.91 32.76 -24.32
CA VAL C 422 2.11 31.69 -25.29
C VAL C 422 3.39 30.93 -25.04
N PHE C 423 4.52 31.64 -24.94
CA PHE C 423 5.81 30.98 -24.77
C PHE C 423 5.94 30.35 -23.39
N THR C 424 5.36 30.98 -22.37
CA THR C 424 5.49 30.49 -21.00
C THR C 424 4.74 29.19 -20.78
N GLU C 425 3.78 28.86 -21.64
CA GLU C 425 3.11 27.57 -21.58
C GLU C 425 4.04 26.43 -21.98
N ALA C 426 4.75 26.57 -23.09
CA ALA C 426 5.71 25.54 -23.49
C ALA C 426 6.95 25.56 -22.62
N ILE C 427 7.21 26.67 -21.92
CA ILE C 427 8.21 26.68 -20.86
C ILE C 427 7.83 25.67 -19.79
N THR C 428 6.54 25.60 -19.45
CA THR C 428 6.06 24.66 -18.45
C THR C 428 5.90 23.24 -18.99
N LYS C 429 6.36 22.97 -20.21
CA LYS C 429 6.39 21.62 -20.76
C LYS C 429 7.85 21.15 -20.83
N MET C 430 8.60 21.53 -19.80
CA MET C 430 10.03 21.24 -19.74
C MET C 430 10.34 20.59 -18.39
N PRO C 431 11.31 19.68 -18.33
CA PRO C 431 11.69 19.09 -17.05
C PRO C 431 12.40 20.07 -16.13
N LEU C 432 12.98 21.13 -16.66
CA LEU C 432 13.63 22.17 -15.88
C LEU C 432 12.88 23.48 -16.09
N SER C 433 11.56 23.38 -15.99
CA SER C 433 10.65 24.48 -16.34
C SER C 433 10.89 25.81 -15.62
N PRO C 434 11.23 25.87 -14.33
CA PRO C 434 11.64 27.16 -13.76
C PRO C 434 12.98 27.68 -14.25
N LEU C 435 13.85 26.83 -14.79
CA LEU C 435 15.18 27.25 -15.18
C LEU C 435 15.18 27.98 -16.52
N TRP C 436 14.51 27.41 -17.53
CA TRP C 436 14.35 28.07 -18.82
C TRP C 436 13.48 29.32 -18.72
N SER C 437 12.61 29.38 -17.72
CA SER C 437 11.88 30.61 -17.39
C SER C 437 12.83 31.76 -17.04
N VAL C 438 13.96 31.47 -16.43
CA VAL C 438 14.97 32.51 -16.25
C VAL C 438 15.64 32.84 -17.58
N LEU C 439 16.11 31.81 -18.29
CA LEU C 439 16.98 32.00 -19.46
C LEU C 439 16.27 32.70 -20.61
N PHE C 440 14.94 32.70 -20.60
CA PHE C 440 14.20 33.36 -21.66
C PHE C 440 14.28 34.89 -21.55
N PHE C 441 14.33 35.41 -20.33
CA PHE C 441 14.01 36.81 -20.12
C PHE C 441 15.21 37.74 -20.04
N ILE C 442 16.42 37.24 -19.74
CA ILE C 442 17.58 38.11 -19.84
C ILE C 442 17.88 38.41 -21.31
N MET C 443 17.57 37.45 -22.19
CA MET C 443 17.75 37.64 -23.62
C MET C 443 16.86 38.75 -24.15
N LEU C 444 15.60 38.81 -23.71
CA LEU C 444 14.72 39.85 -24.21
C LEU C 444 14.94 41.16 -23.48
N PHE C 445 15.52 41.13 -22.28
CA PHE C 445 15.83 42.37 -21.59
C PHE C 445 16.96 43.12 -22.30
N CYS C 446 18.07 42.44 -22.58
CA CYS C 446 19.19 43.08 -23.25
C CYS C 446 18.88 43.40 -24.70
N LEU C 447 17.92 42.68 -25.29
CA LEU C 447 17.46 42.97 -26.64
C LEU C 447 16.82 44.34 -26.74
N GLY C 448 15.92 44.68 -25.82
CA GLY C 448 15.31 45.98 -25.82
C GLY C 448 16.28 47.06 -25.35
N LEU C 449 17.15 46.67 -24.40
CA LEU C 449 18.10 47.62 -23.83
C LEU C 449 19.12 48.08 -24.86
N SER C 450 19.64 47.17 -25.68
CA SER C 450 20.47 47.56 -26.80
C SER C 450 19.73 48.42 -27.81
N SER C 451 18.44 48.17 -28.00
CA SER C 451 17.60 49.05 -28.79
C SER C 451 17.16 50.28 -28.01
N MET C 452 17.43 50.33 -26.71
CA MET C 452 17.13 51.52 -25.93
C MET C 452 18.28 52.50 -25.89
N PHE C 453 19.16 52.51 -26.88
CA PHE C 453 20.32 53.38 -26.81
C PHE C 453 20.25 54.52 -27.81
N GLY C 454 19.76 54.25 -29.01
CA GLY C 454 19.75 55.26 -30.04
C GLY C 454 18.54 56.18 -29.94
N ASN C 455 17.42 55.67 -29.43
CA ASN C 455 16.33 56.56 -29.06
C ASN C 455 16.73 57.44 -27.89
N MET C 456 17.51 56.90 -26.96
CA MET C 456 18.23 57.73 -25.99
C MET C 456 19.23 58.65 -26.67
N GLU C 457 19.87 58.20 -27.76
CA GLU C 457 20.72 59.11 -28.51
C GLU C 457 19.90 60.07 -29.35
N GLY C 458 18.69 59.68 -29.73
CA GLY C 458 17.82 60.53 -30.52
C GLY C 458 17.24 61.71 -29.77
N VAL C 459 17.40 61.75 -28.44
CA VAL C 459 16.90 62.87 -27.66
C VAL C 459 18.02 63.76 -27.14
N VAL C 460 19.26 63.27 -27.12
CA VAL C 460 20.34 64.06 -26.55
C VAL C 460 21.11 64.80 -27.63
N VAL C 461 21.10 64.29 -28.87
CA VAL C 461 21.81 64.91 -29.97
C VAL C 461 21.07 66.16 -30.46
N PRO C 462 19.73 66.20 -30.60
CA PRO C 462 19.09 67.50 -30.76
C PRO C 462 19.10 68.36 -29.51
N LEU C 463 19.32 67.77 -28.33
CA LEU C 463 19.43 68.54 -27.10
C LEU C 463 20.70 69.38 -27.04
N GLN C 464 21.83 68.87 -27.52
CA GLN C 464 23.05 69.65 -27.61
C GLN C 464 23.02 70.66 -28.74
N ASP C 465 22.02 70.60 -29.62
CA ASP C 465 21.82 71.60 -30.65
C ASP C 465 20.77 72.63 -30.25
N LEU C 466 20.32 72.62 -29.00
CA LEU C 466 19.37 73.61 -28.53
C LEU C 466 20.10 74.85 -28.03
N ARG C 467 20.93 74.68 -27.01
CA ARG C 467 21.85 75.68 -26.46
C ARG C 467 21.18 76.98 -26.05
N VAL C 468 19.96 76.89 -25.51
CA VAL C 468 19.33 78.01 -24.80
C VAL C 468 19.37 77.76 -23.30
N ILE C 469 19.74 76.54 -22.91
CA ILE C 469 19.90 76.16 -21.51
C ILE C 469 21.27 76.63 -21.05
N PRO C 470 21.51 76.74 -19.74
CA PRO C 470 22.88 77.01 -19.25
C PRO C 470 23.83 75.88 -19.60
N PRO C 471 25.00 76.20 -20.14
CA PRO C 471 25.95 75.17 -20.57
C PRO C 471 26.75 74.54 -19.44
N LYS C 472 26.60 75.03 -18.20
CA LYS C 472 27.22 74.42 -17.05
C LYS C 472 26.42 73.20 -16.62
N TRP C 473 26.83 72.60 -15.48
CA TRP C 473 26.35 71.31 -14.98
C TRP C 473 26.47 70.23 -16.05
N PRO C 474 27.68 69.72 -16.32
CA PRO C 474 27.93 68.88 -17.51
C PRO C 474 27.15 67.57 -17.56
N LYS C 475 27.37 66.84 -18.68
CA LYS C 475 26.52 65.79 -19.27
C LYS C 475 25.93 64.81 -18.26
N GLU C 476 26.67 64.47 -17.19
CA GLU C 476 26.13 63.59 -16.17
C GLU C 476 24.96 64.22 -15.43
N VAL C 477 24.99 65.54 -15.24
CA VAL C 477 23.83 66.24 -14.72
C VAL C 477 22.72 66.28 -15.78
N LEU C 478 23.08 66.43 -17.06
CA LEU C 478 22.07 66.35 -18.12
C LEU C 478 21.50 64.94 -18.24
N THR C 479 22.30 63.93 -17.90
CA THR C 479 21.82 62.55 -17.96
C THR C 479 20.75 62.30 -16.90
N GLY C 480 20.88 62.92 -15.73
CA GLY C 480 19.85 62.81 -14.71
C GLY C 480 18.58 63.57 -15.04
N LEU C 481 18.66 64.56 -15.92
CA LEU C 481 17.50 65.32 -16.34
C LEU C 481 16.65 64.60 -17.39
N ILE C 482 17.22 63.61 -18.06
CA ILE C 482 16.46 62.86 -19.07
C ILE C 482 15.65 61.74 -18.42
N CYS C 483 16.31 60.89 -17.62
CA CYS C 483 15.67 59.69 -17.09
C CYS C 483 14.58 60.00 -16.09
N LEU C 484 14.68 61.11 -15.36
CA LEU C 484 13.65 61.52 -14.44
C LEU C 484 12.61 62.43 -15.06
N GLY C 485 12.95 63.04 -16.20
CA GLY C 485 11.94 63.73 -16.99
C GLY C 485 10.95 62.79 -17.63
N THR C 486 11.42 61.72 -18.27
CA THR C 486 10.53 60.73 -18.85
C THR C 486 10.19 59.60 -17.88
N PHE C 487 10.54 59.76 -16.61
CA PHE C 487 10.08 58.84 -15.57
C PHE C 487 8.57 58.97 -15.36
N LEU C 488 8.04 60.16 -15.59
CA LEU C 488 6.75 60.54 -15.05
C LEU C 488 5.58 60.03 -15.87
N ILE C 489 5.75 59.88 -17.17
CA ILE C 489 4.60 59.69 -18.06
C ILE C 489 4.20 58.21 -18.10
N GLY C 490 5.10 57.30 -17.74
CA GLY C 490 4.79 55.88 -17.73
C GLY C 490 3.86 55.42 -16.62
N PHE C 491 3.46 56.35 -15.75
CA PHE C 491 2.61 56.04 -14.61
C PHE C 491 1.20 55.63 -15.02
N ILE C 492 0.71 56.14 -16.15
CA ILE C 492 -0.66 55.88 -16.59
C ILE C 492 -0.75 54.48 -17.18
N PHE C 493 0.38 53.88 -17.52
CA PHE C 493 0.38 52.50 -18.00
C PHE C 493 0.29 51.50 -16.86
N THR C 494 0.57 51.94 -15.63
CA THR C 494 0.46 51.07 -14.46
C THR C 494 -0.98 50.93 -13.98
N LEU C 495 -1.93 51.65 -14.56
CA LEU C 495 -3.32 51.53 -14.15
C LEU C 495 -3.92 50.23 -14.67
N ASN C 496 -5.14 49.95 -14.20
CA ASN C 496 -5.90 48.84 -14.75
C ASN C 496 -6.28 49.11 -16.20
N SER C 497 -6.47 50.38 -16.55
CA SER C 497 -6.78 50.80 -17.91
C SER C 497 -5.53 50.98 -18.75
N GLY C 498 -4.35 50.89 -18.15
CA GLY C 498 -3.11 51.30 -18.80
C GLY C 498 -2.67 50.43 -19.95
N GLN C 499 -3.11 49.18 -19.99
CA GLN C 499 -2.76 48.31 -21.10
C GLN C 499 -3.45 48.72 -22.40
N TYR C 500 -4.68 49.23 -22.31
CA TYR C 500 -5.37 49.73 -23.49
C TYR C 500 -4.72 50.97 -24.06
N TRP C 501 -4.03 51.76 -23.23
CA TRP C 501 -3.26 52.87 -23.75
C TRP C 501 -2.04 52.40 -24.54
N LEU C 502 -1.46 51.27 -24.14
CA LEU C 502 -0.31 50.74 -24.85
C LEU C 502 -0.67 50.20 -26.23
N SER C 503 -1.92 49.72 -26.38
CA SER C 503 -2.37 49.22 -27.67
C SER C 503 -2.55 50.32 -28.69
N LEU C 504 -2.62 51.58 -28.25
CA LEU C 504 -2.67 52.70 -29.19
C LEU C 504 -1.31 52.94 -29.81
N LEU C 505 -0.25 52.76 -29.03
CA LEU C 505 1.07 53.24 -29.41
C LEU C 505 1.72 52.38 -30.48
N ASP C 506 1.68 51.05 -30.31
CA ASP C 506 2.23 50.17 -31.34
C ASP C 506 1.41 50.23 -32.62
N SER C 507 0.13 50.57 -32.52
CA SER C 507 -0.70 50.69 -33.71
C SER C 507 -0.55 52.04 -34.38
N TYR C 508 -0.46 53.13 -33.60
CA TYR C 508 -0.53 54.46 -34.19
C TYR C 508 0.76 55.23 -34.07
N ALA C 509 1.37 55.23 -32.88
CA ALA C 509 2.57 56.02 -32.65
C ALA C 509 3.76 55.42 -33.39
N GLY C 510 4.25 56.16 -34.38
CA GLY C 510 5.35 55.68 -35.19
C GLY C 510 4.95 54.67 -36.24
N SER C 511 3.80 54.87 -36.87
CA SER C 511 3.38 53.98 -37.95
C SER C 511 3.41 54.72 -39.28
N ILE C 512 2.59 55.77 -39.38
CA ILE C 512 2.66 56.69 -40.50
C ILE C 512 3.78 57.76 -40.41
N PRO C 513 4.05 58.47 -39.29
CA PRO C 513 4.94 59.63 -39.40
C PRO C 513 6.42 59.27 -39.53
N LEU C 514 6.78 58.00 -39.38
CA LEU C 514 8.16 57.55 -39.61
C LEU C 514 8.56 57.64 -41.07
N LEU C 515 7.60 57.60 -41.99
CA LEU C 515 7.89 57.58 -43.42
C LEU C 515 8.38 58.92 -43.94
N ILE C 516 7.61 59.98 -43.75
CA ILE C 516 7.89 61.23 -44.44
C ILE C 516 9.00 62.00 -43.76
N ILE C 517 9.35 61.63 -42.52
CA ILE C 517 10.59 62.12 -41.93
C ILE C 517 11.78 61.61 -42.73
N ALA C 518 11.73 60.33 -43.14
CA ALA C 518 12.76 59.78 -44.01
C ALA C 518 12.67 60.31 -45.44
N PHE C 519 11.49 60.77 -45.86
CA PHE C 519 11.33 61.27 -47.22
C PHE C 519 11.98 62.64 -47.40
N CYS C 520 12.09 63.41 -46.32
CA CYS C 520 12.73 64.71 -46.39
C CYS C 520 14.24 64.61 -46.55
N GLU C 521 14.84 63.44 -46.33
CA GLU C 521 16.24 63.25 -46.68
C GLU C 521 16.42 63.24 -48.19
N MET C 522 15.46 62.67 -48.91
CA MET C 522 15.59 62.52 -50.35
C MET C 522 15.49 63.85 -51.08
N PHE C 523 14.70 64.77 -50.55
CA PHE C 523 14.55 66.08 -51.19
C PHE C 523 15.77 66.94 -50.96
N SER C 524 16.42 66.79 -49.81
CA SER C 524 17.56 67.60 -49.44
C SER C 524 18.83 67.24 -50.20
N VAL C 525 19.14 65.96 -50.38
CA VAL C 525 20.41 65.59 -50.99
C VAL C 525 20.37 65.81 -52.50
N VAL C 526 19.22 65.64 -53.13
CA VAL C 526 19.14 65.70 -54.58
C VAL C 526 18.96 67.13 -55.06
N TYR C 527 17.92 67.81 -54.55
CA TYR C 527 17.51 69.09 -55.10
C TYR C 527 18.05 70.30 -54.33
N VAL C 528 18.60 70.09 -53.14
CA VAL C 528 19.15 71.16 -52.33
C VAL C 528 20.66 71.03 -52.16
N TYR C 529 21.12 69.88 -51.65
CA TYR C 529 22.55 69.66 -51.45
C TYR C 529 23.26 69.37 -52.77
N GLY C 530 22.63 68.63 -53.67
CA GLY C 530 23.27 68.27 -54.91
C GLY C 530 23.91 66.91 -54.83
N VAL C 531 23.42 65.96 -55.64
CA VAL C 531 23.95 64.61 -55.65
C VAL C 531 25.38 64.58 -56.19
N ASP C 532 25.72 65.47 -57.11
CA ASP C 532 27.10 65.61 -57.56
C ASP C 532 27.99 66.22 -56.49
N ARG C 533 27.43 67.10 -55.64
CA ARG C 533 28.17 67.53 -54.45
C ARG C 533 28.33 66.36 -53.48
N PHE C 534 27.38 65.44 -53.47
CA PHE C 534 27.58 64.21 -52.70
C PHE C 534 28.51 63.25 -53.43
N ASN C 535 28.58 63.34 -54.76
CA ASN C 535 29.46 62.48 -55.52
C ASN C 535 30.93 62.78 -55.28
N LYS C 536 31.30 64.04 -55.08
CA LYS C 536 32.69 64.32 -54.75
C LYS C 536 33.02 64.00 -53.30
N ASP C 537 32.00 63.78 -52.47
CA ASP C 537 32.25 63.36 -51.10
C ASP C 537 32.71 61.91 -51.03
N ILE C 538 32.20 61.05 -51.91
CA ILE C 538 32.46 59.62 -51.73
C ILE C 538 33.82 59.24 -52.29
N GLU C 539 34.35 59.98 -53.29
CA GLU C 539 35.73 59.72 -53.68
C GLU C 539 36.71 60.21 -52.64
N PHE C 540 36.27 61.09 -51.74
CA PHE C 540 37.13 61.53 -50.66
C PHE C 540 37.21 60.49 -49.55
N MET C 541 36.07 59.97 -49.11
CA MET C 541 36.03 59.04 -47.99
C MET C 541 36.67 57.70 -48.31
N ILE C 542 36.18 57.01 -49.34
CA ILE C 542 36.69 55.70 -49.73
C ILE C 542 37.53 55.76 -50.99
N GLY C 543 37.24 56.69 -51.88
CA GLY C 543 37.68 56.57 -53.25
C GLY C 543 36.52 56.30 -54.20
N HIS C 544 36.84 55.76 -55.38
CA HIS C 544 36.04 55.66 -56.60
C HIS C 544 34.57 55.29 -56.36
N LYS C 545 33.67 55.96 -57.10
CA LYS C 545 32.22 55.78 -57.12
C LYS C 545 31.86 54.31 -57.21
N PRO C 546 30.93 53.85 -56.37
CA PRO C 546 30.59 52.43 -56.34
C PRO C 546 29.78 51.97 -57.56
N ASN C 547 29.28 50.74 -57.46
CA ASN C 547 28.47 50.14 -58.53
C ASN C 547 27.25 51.01 -58.83
N ILE C 548 26.85 51.01 -60.09
CA ILE C 548 25.98 52.07 -60.63
C ILE C 548 24.58 51.99 -60.06
N PHE C 549 24.18 50.85 -59.50
CA PHE C 549 22.87 50.72 -58.87
C PHE C 549 22.78 51.57 -57.60
N TRP C 550 23.91 51.87 -56.98
CA TRP C 550 23.93 52.83 -55.88
C TRP C 550 23.47 54.20 -56.35
N GLN C 551 24.00 54.69 -57.48
CA GLN C 551 23.66 56.02 -57.95
C GLN C 551 22.25 56.07 -58.55
N VAL C 552 21.71 54.91 -58.93
CA VAL C 552 20.37 54.88 -59.51
C VAL C 552 19.32 55.14 -58.44
N THR C 553 19.40 54.43 -57.33
CA THR C 553 18.32 54.41 -56.34
C THR C 553 18.21 55.70 -55.54
N TRP C 554 19.28 56.47 -55.38
CA TRP C 554 19.18 57.75 -54.72
C TRP C 554 18.48 58.79 -55.59
N ARG C 555 18.59 58.64 -56.91
CA ARG C 555 17.90 59.53 -57.82
C ARG C 555 16.40 59.28 -57.81
N VAL C 556 15.99 58.05 -58.14
CA VAL C 556 14.60 57.78 -58.47
C VAL C 556 13.93 56.81 -57.51
N VAL C 557 14.56 55.70 -57.16
CA VAL C 557 13.84 54.53 -56.64
C VAL C 557 13.32 54.77 -55.23
N SER C 558 14.18 55.25 -54.33
CA SER C 558 13.74 55.58 -52.99
C SER C 558 12.75 56.76 -52.94
N PRO C 559 12.81 57.77 -53.85
CA PRO C 559 11.64 58.65 -54.00
C PRO C 559 10.38 57.95 -54.47
N LEU C 560 10.46 56.89 -55.29
CA LEU C 560 9.25 56.23 -55.77
C LEU C 560 8.55 55.46 -54.66
N LEU C 561 9.27 54.54 -54.01
CA LEU C 561 8.63 53.52 -53.17
C LEU C 561 8.05 54.09 -51.88
N MET C 562 8.60 55.19 -51.36
CA MET C 562 8.16 55.71 -50.07
C MET C 562 6.77 56.34 -50.11
N LEU C 563 6.29 56.75 -51.28
CA LEU C 563 4.97 57.34 -51.35
C LEU C 563 3.92 56.39 -51.90
N ILE C 564 4.34 55.23 -52.43
CA ILE C 564 3.37 54.21 -52.82
C ILE C 564 2.77 53.57 -51.57
N ILE C 565 3.62 53.26 -50.58
CA ILE C 565 3.15 52.68 -49.35
C ILE C 565 2.45 53.74 -48.50
N PHE C 566 2.89 54.99 -48.61
CA PHE C 566 2.16 56.11 -48.01
C PHE C 566 0.80 56.31 -48.65
N LEU C 567 0.67 56.04 -49.96
CA LEU C 567 -0.63 55.98 -50.59
C LEU C 567 -1.46 54.82 -50.04
N PHE C 568 -0.82 53.70 -49.71
CA PHE C 568 -1.51 52.58 -49.10
C PHE C 568 -1.94 52.85 -47.67
N PHE C 569 -1.37 53.86 -47.02
CA PHE C 569 -1.88 54.28 -45.72
C PHE C 569 -3.28 54.86 -45.83
N PHE C 570 -3.53 55.67 -46.84
CA PHE C 570 -4.85 56.22 -47.07
C PHE C 570 -5.86 55.18 -47.49
N VAL C 571 -5.41 54.08 -48.10
CA VAL C 571 -6.28 52.93 -48.34
C VAL C 571 -6.71 52.29 -47.02
N VAL C 572 -5.83 52.28 -46.03
CA VAL C 572 -6.15 51.70 -44.74
C VAL C 572 -6.39 52.75 -43.66
N GLU C 573 -6.49 54.03 -44.05
CA GLU C 573 -6.79 55.09 -43.09
C GLU C 573 -8.18 54.90 -42.50
N VAL C 574 -9.21 55.04 -43.33
CA VAL C 574 -10.57 54.66 -42.95
C VAL C 574 -11.14 53.78 -44.06
N SER C 575 -10.96 52.47 -43.91
CA SER C 575 -11.66 51.48 -44.71
C SER C 575 -12.00 50.32 -43.78
N GLN C 576 -11.60 50.48 -42.52
CA GLN C 576 -11.92 49.58 -41.44
C GLN C 576 -12.04 50.42 -40.17
N GLU C 577 -13.10 50.20 -39.42
CA GLU C 577 -13.44 51.10 -38.30
C GLU C 577 -12.52 50.80 -37.12
N LEU C 578 -12.13 51.85 -36.40
CA LEU C 578 -11.16 51.73 -35.33
C LEU C 578 -11.80 51.06 -34.12
N THR C 579 -11.11 50.04 -33.61
CA THR C 579 -11.65 49.13 -32.62
C THR C 579 -10.50 48.61 -31.76
N TYR C 580 -10.71 48.55 -30.45
CA TYR C 580 -9.72 48.01 -29.54
C TYR C 580 -10.35 46.93 -28.67
N SER C 581 -9.51 46.00 -28.22
CA SER C 581 -10.02 44.89 -27.43
C SER C 581 -10.23 45.31 -25.98
N ILE C 582 -11.27 44.77 -25.38
CA ILE C 582 -11.50 44.88 -23.95
C ILE C 582 -11.53 43.47 -23.38
N TRP C 583 -11.12 43.33 -22.12
CA TRP C 583 -10.95 41.99 -21.56
C TRP C 583 -12.28 41.44 -21.06
N ASP C 584 -12.98 42.20 -20.20
CA ASP C 584 -14.23 41.82 -19.54
C ASP C 584 -14.10 40.50 -18.79
N PRO C 585 -13.55 40.50 -17.56
CA PRO C 585 -13.50 39.27 -16.76
C PRO C 585 -14.85 38.59 -16.54
N GLY C 586 -15.94 39.34 -16.52
CA GLY C 586 -17.27 38.76 -16.61
C GLY C 586 -17.86 38.78 -18.01
N TYR C 587 -17.25 38.06 -18.96
CA TYR C 587 -17.68 38.14 -20.35
C TYR C 587 -18.67 37.03 -20.69
N GLU C 588 -19.56 37.35 -21.62
CA GLU C 588 -20.50 36.40 -22.22
C GLU C 588 -19.73 35.65 -23.30
N GLU C 589 -19.75 34.31 -23.21
CA GLU C 589 -18.77 33.43 -23.83
C GLU C 589 -17.36 33.92 -23.49
N PHE C 590 -17.05 33.86 -22.19
CA PHE C 590 -15.86 34.46 -21.59
C PHE C 590 -14.50 34.09 -22.20
N PRO C 591 -14.19 32.80 -22.57
CA PRO C 591 -12.86 32.55 -23.14
C PRO C 591 -12.68 33.03 -24.59
N LYS C 592 -12.92 34.32 -24.81
CA LYS C 592 -12.56 35.05 -26.02
C LYS C 592 -12.54 36.53 -25.67
N SER C 593 -11.95 37.32 -26.56
CA SER C 593 -11.83 38.75 -26.32
C SER C 593 -13.12 39.45 -26.73
N GLN C 594 -13.18 40.77 -26.46
CA GLN C 594 -14.31 41.56 -26.91
C GLN C 594 -13.81 42.83 -27.57
N LYS C 595 -14.27 43.07 -28.80
CA LYS C 595 -13.77 44.18 -29.61
C LYS C 595 -14.80 45.30 -29.66
N ILE C 596 -14.51 46.41 -28.97
CA ILE C 596 -15.39 47.56 -28.98
C ILE C 596 -14.63 48.77 -29.50
N SER C 597 -15.36 49.77 -29.97
CA SER C 597 -14.73 50.99 -30.45
C SER C 597 -14.40 51.91 -29.27
N TYR C 598 -13.95 53.11 -29.61
CA TYR C 598 -13.55 54.09 -28.62
C TYR C 598 -14.63 55.15 -28.46
N PRO C 599 -14.73 55.75 -27.28
CA PRO C 599 -15.60 56.93 -27.12
C PRO C 599 -15.07 58.13 -27.90
N ASN C 600 -15.93 59.14 -28.02
CA ASN C 600 -15.60 60.32 -28.83
C ASN C 600 -14.54 61.19 -28.20
N TRP C 601 -14.39 61.18 -26.87
CA TRP C 601 -13.31 61.90 -26.22
C TRP C 601 -11.96 61.20 -26.39
N VAL C 602 -11.98 59.91 -26.72
CA VAL C 602 -10.74 59.22 -27.08
C VAL C 602 -10.29 59.59 -28.47
N TYR C 603 -11.20 60.01 -29.36
CA TYR C 603 -10.84 60.38 -30.72
C TYR C 603 -10.06 61.69 -30.81
N VAL C 604 -10.04 62.50 -29.75
CA VAL C 604 -9.35 63.78 -29.84
C VAL C 604 -7.86 63.61 -29.60
N VAL C 605 -7.46 62.51 -28.95
CA VAL C 605 -6.05 62.36 -28.61
C VAL C 605 -5.34 61.40 -29.55
N VAL C 606 -6.07 60.67 -30.39
CA VAL C 606 -5.42 59.72 -31.29
C VAL C 606 -4.70 60.44 -32.40
N VAL C 607 -5.14 61.65 -32.76
CA VAL C 607 -4.42 62.44 -33.75
C VAL C 607 -3.24 63.17 -33.14
N ILE C 608 -3.19 63.31 -31.83
CA ILE C 608 -2.08 63.98 -31.18
C ILE C 608 -0.83 63.11 -31.17
N VAL C 609 -0.99 61.81 -30.94
CA VAL C 609 0.16 60.95 -30.67
C VAL C 609 0.97 60.69 -31.94
N ALA C 610 0.32 60.72 -33.10
CA ALA C 610 1.00 60.45 -34.36
C ALA C 610 1.03 61.65 -35.29
N GLY C 611 0.34 62.73 -34.96
CA GLY C 611 0.24 63.85 -35.89
C GLY C 611 1.18 64.99 -35.61
N VAL C 612 1.33 65.35 -34.33
CA VAL C 612 2.23 66.43 -33.94
C VAL C 612 3.71 66.19 -34.24
N PRO C 613 4.27 64.97 -34.40
CA PRO C 613 5.63 64.91 -34.98
C PRO C 613 5.69 65.30 -36.44
N SER C 614 4.57 65.27 -37.16
CA SER C 614 4.56 65.62 -38.57
C SER C 614 4.25 67.10 -38.80
N LEU C 615 3.72 67.80 -37.80
CA LEU C 615 3.34 69.19 -37.95
C LEU C 615 4.54 70.14 -37.94
N THR C 616 5.67 69.72 -37.36
CA THR C 616 6.81 70.60 -37.20
C THR C 616 7.62 70.78 -38.49
N ILE C 617 7.38 69.97 -39.52
CA ILE C 617 8.14 70.12 -40.76
C ILE C 617 7.69 71.36 -41.53
N PRO C 618 6.37 71.71 -41.66
CA PRO C 618 6.07 73.07 -42.11
C PRO C 618 6.00 74.07 -40.95
N GLY C 619 5.78 73.57 -39.73
CA GLY C 619 5.41 74.41 -38.60
C GLY C 619 6.49 75.35 -38.13
N TYR C 620 7.75 74.93 -38.15
CA TYR C 620 8.82 75.85 -37.75
C TYR C 620 9.10 76.89 -38.81
N ALA C 621 8.95 76.53 -40.09
CA ALA C 621 9.20 77.46 -41.18
C ALA C 621 8.20 78.62 -41.20
N ILE C 622 6.96 78.38 -40.78
CA ILE C 622 6.00 79.46 -40.62
C ILE C 622 6.40 80.40 -39.48
N TYR C 623 6.89 79.85 -38.37
CA TYR C 623 7.45 80.69 -37.31
C TYR C 623 8.71 81.39 -37.77
N LYS C 624 9.51 80.71 -38.61
CA LYS C 624 10.75 81.33 -39.10
C LYS C 624 10.46 82.40 -40.15
N LEU C 625 9.39 82.23 -40.92
CA LEU C 625 9.05 83.23 -41.92
C LEU C 625 8.52 84.52 -41.31
N ILE C 626 7.78 84.43 -40.20
CA ILE C 626 7.30 85.62 -39.49
C ILE C 626 8.34 86.16 -38.53
N ARG C 627 9.45 85.45 -38.32
CA ARG C 627 10.57 85.93 -37.53
C ARG C 627 11.57 86.72 -38.37
N ASN C 628 11.63 86.45 -39.67
CA ASN C 628 12.60 87.07 -40.55
C ASN C 628 11.96 87.98 -41.60
N HIS C 629 10.65 88.22 -41.52
CA HIS C 629 10.00 89.11 -42.47
C HIS C 629 10.18 90.56 -42.06
N ILE D 30 -48.30 -58.62 -39.33
CA ILE D 30 -47.37 -57.93 -38.44
C ILE D 30 -48.12 -56.86 -37.67
N GLU D 31 -48.90 -56.06 -38.40
CA GLU D 31 -49.72 -55.04 -37.76
C GLU D 31 -50.89 -55.66 -37.02
N GLU D 32 -51.50 -56.71 -37.58
CA GLU D 32 -52.46 -57.51 -36.82
C GLU D 32 -51.78 -58.24 -35.67
N GLN D 33 -50.59 -58.80 -35.92
CA GLN D 33 -49.79 -59.45 -34.88
C GLN D 33 -49.26 -58.43 -33.87
N ALA D 34 -49.21 -57.14 -34.22
CA ALA D 34 -49.10 -56.11 -33.20
C ALA D 34 -50.44 -55.85 -32.50
N LYS D 35 -51.53 -55.88 -33.26
CA LYS D 35 -52.85 -55.63 -32.70
C LYS D 35 -53.26 -56.76 -31.76
N THR D 36 -53.09 -58.01 -32.19
CA THR D 36 -53.58 -59.09 -31.36
C THR D 36 -52.64 -59.43 -30.21
N PHE D 37 -51.33 -59.15 -30.32
CA PHE D 37 -50.47 -59.40 -29.17
C PHE D 37 -50.61 -58.30 -28.12
N LEU D 38 -50.99 -57.10 -28.55
CA LEU D 38 -51.45 -56.10 -27.60
C LEU D 38 -52.90 -56.31 -27.20
N ASP D 39 -53.51 -57.44 -27.63
CA ASP D 39 -54.82 -57.84 -27.13
C ASP D 39 -54.76 -59.21 -26.47
N LYS D 40 -53.77 -60.05 -26.81
CA LYS D 40 -53.67 -61.37 -26.19
C LYS D 40 -52.77 -61.33 -24.95
N PHE D 41 -51.93 -60.30 -24.82
CA PHE D 41 -51.23 -60.07 -23.55
C PHE D 41 -52.21 -59.78 -22.42
N ASN D 42 -53.40 -59.27 -22.78
CA ASN D 42 -54.51 -59.13 -21.86
C ASN D 42 -55.00 -60.46 -21.32
N HIS D 43 -54.88 -61.54 -22.09
CA HIS D 43 -55.24 -62.85 -21.58
C HIS D 43 -54.25 -63.31 -20.52
N GLU D 44 -53.03 -62.79 -20.57
CA GLU D 44 -52.07 -62.93 -19.49
C GLU D 44 -52.29 -61.90 -18.39
N ALA D 45 -53.16 -60.91 -18.61
CA ALA D 45 -53.14 -59.76 -17.71
C ALA D 45 -54.50 -59.15 -17.44
N GLU D 46 -55.62 -59.86 -17.65
CA GLU D 46 -56.82 -59.31 -17.02
C GLU D 46 -56.73 -59.65 -15.55
N ASP D 47 -56.19 -60.84 -15.28
CA ASP D 47 -55.82 -61.25 -13.95
C ASP D 47 -54.60 -60.50 -13.43
N LEU D 48 -53.49 -60.52 -14.18
CA LEU D 48 -52.24 -59.97 -13.67
C LEU D 48 -52.22 -58.45 -13.63
N PHE D 49 -53.22 -57.78 -14.20
CA PHE D 49 -53.49 -56.43 -13.75
C PHE D 49 -54.44 -56.41 -12.57
N TYR D 50 -55.67 -56.92 -12.73
CA TYR D 50 -56.71 -56.66 -11.73
C TYR D 50 -56.48 -57.42 -10.43
N GLN D 51 -55.97 -58.66 -10.49
CA GLN D 51 -55.64 -59.33 -9.25
C GLN D 51 -54.35 -58.80 -8.62
N SER D 52 -53.65 -57.91 -9.32
CA SER D 52 -52.70 -57.01 -8.66
C SER D 52 -53.32 -55.66 -8.35
N SER D 53 -54.45 -55.32 -8.99
CA SER D 53 -55.10 -54.04 -8.80
C SER D 53 -56.26 -54.07 -7.82
N LEU D 54 -57.02 -55.16 -7.77
CA LEU D 54 -57.77 -55.49 -6.55
C LEU D 54 -56.82 -55.62 -5.35
N ALA D 55 -55.60 -56.11 -5.59
CA ALA D 55 -54.56 -56.10 -4.59
C ALA D 55 -53.91 -54.72 -4.44
N SER D 56 -54.09 -53.83 -5.42
CA SER D 56 -53.69 -52.45 -5.18
C SER D 56 -54.69 -51.75 -4.28
N TRP D 57 -55.93 -52.24 -4.24
CA TRP D 57 -56.95 -51.56 -3.44
C TRP D 57 -56.73 -51.80 -1.95
N ASN D 58 -56.46 -53.05 -1.55
CA ASN D 58 -56.51 -53.42 -0.13
C ASN D 58 -55.37 -52.81 0.69
N TYR D 59 -54.47 -52.06 0.05
CA TYR D 59 -53.56 -51.16 0.76
C TYR D 59 -54.32 -50.09 1.53
N ASN D 60 -55.43 -49.63 0.97
CA ASN D 60 -56.20 -48.49 1.49
C ASN D 60 -57.33 -48.62 2.50
N THR D 61 -57.63 -49.83 2.93
CA THR D 61 -58.71 -50.02 3.89
C THR D 61 -58.15 -50.01 5.29
N ASN D 62 -56.88 -49.64 5.42
CA ASN D 62 -56.25 -49.67 6.73
C ASN D 62 -54.85 -49.08 6.59
N ILE D 63 -54.21 -48.80 7.73
CA ILE D 63 -52.78 -48.56 7.69
C ILE D 63 -52.15 -49.93 7.59
N THR D 64 -51.94 -50.36 6.35
CA THR D 64 -51.21 -51.59 6.02
C THR D 64 -50.38 -51.28 4.78
N GLU D 65 -49.07 -51.42 4.91
CA GLU D 65 -48.16 -50.88 3.89
C GLU D 65 -47.43 -51.96 3.11
N GLU D 66 -47.76 -53.22 3.37
CA GLU D 66 -47.14 -54.33 2.66
C GLU D 66 -47.85 -54.47 1.30
N ASN D 67 -49.01 -53.83 1.18
CA ASN D 67 -49.80 -53.86 -0.03
C ASN D 67 -49.16 -53.00 -1.12
N VAL D 68 -48.54 -51.90 -0.73
CA VAL D 68 -47.88 -51.01 -1.68
C VAL D 68 -47.00 -51.86 -2.58
N GLN D 69 -46.89 -53.13 -2.20
CA GLN D 69 -46.12 -54.12 -2.93
C GLN D 69 -46.94 -55.35 -3.27
N ASN D 70 -48.25 -55.30 -3.03
CA ASN D 70 -49.15 -56.22 -3.73
C ASN D 70 -49.59 -55.59 -5.04
N MET D 71 -49.05 -54.41 -5.33
CA MET D 71 -49.23 -53.65 -6.53
C MET D 71 -47.90 -53.27 -7.18
N ASN D 72 -46.82 -53.29 -6.39
CA ASN D 72 -45.49 -53.11 -6.93
C ASN D 72 -44.75 -54.43 -7.09
N ASN D 73 -44.65 -55.23 -6.02
CA ASN D 73 -43.93 -56.48 -6.11
C ASN D 73 -44.80 -57.59 -6.68
N ALA D 74 -46.11 -57.53 -6.45
CA ALA D 74 -47.02 -58.32 -7.27
C ALA D 74 -47.30 -57.63 -8.59
N GLY D 75 -46.86 -56.38 -8.74
CA GLY D 75 -46.67 -55.85 -10.08
C GLY D 75 -45.37 -56.35 -10.67
N ASP D 76 -44.38 -56.62 -9.80
CA ASP D 76 -43.09 -57.10 -10.27
C ASP D 76 -43.12 -58.56 -10.70
N LYS D 77 -44.07 -59.35 -10.20
CA LYS D 77 -44.28 -60.67 -10.80
C LYS D 77 -44.87 -60.54 -12.20
N TRP D 78 -45.52 -59.42 -12.48
CA TRP D 78 -45.95 -59.12 -13.83
C TRP D 78 -44.92 -58.26 -14.55
N SER D 79 -44.14 -57.45 -13.82
CA SER D 79 -43.08 -56.66 -14.45
C SER D 79 -41.91 -57.52 -14.91
N ALA D 80 -41.57 -58.56 -14.13
CA ALA D 80 -40.64 -59.54 -14.64
C ALA D 80 -41.26 -60.36 -15.76
N PHE D 81 -42.57 -60.57 -15.70
CA PHE D 81 -43.27 -61.19 -16.81
C PHE D 81 -43.48 -60.20 -17.96
N LEU D 82 -43.44 -58.90 -17.66
CA LEU D 82 -43.45 -57.90 -18.73
C LEU D 82 -42.20 -57.99 -19.57
N LYS D 83 -41.04 -58.19 -18.93
CA LYS D 83 -39.78 -58.25 -19.65
C LYS D 83 -39.63 -59.54 -20.47
N GLU D 84 -40.59 -60.45 -20.37
CA GLU D 84 -40.75 -61.48 -21.39
C GLU D 84 -41.70 -61.00 -22.50
N GLN D 85 -42.78 -60.31 -22.12
CA GLN D 85 -43.81 -59.94 -23.08
C GLN D 85 -43.60 -58.56 -23.70
N SER D 86 -43.01 -57.60 -22.98
CA SER D 86 -42.79 -56.29 -23.56
C SER D 86 -41.71 -56.34 -24.63
N THR D 87 -40.69 -57.17 -24.44
CA THR D 87 -39.70 -57.37 -25.50
C THR D 87 -40.30 -58.10 -26.69
N LEU D 88 -41.24 -59.01 -26.43
CA LEU D 88 -42.01 -59.63 -27.51
C LEU D 88 -43.11 -58.69 -28.01
N ALA D 89 -43.31 -57.55 -27.35
CA ALA D 89 -44.00 -56.43 -27.97
C ALA D 89 -43.04 -55.37 -28.51
N GLN D 90 -41.75 -55.42 -28.12
CA GLN D 90 -40.78 -54.45 -28.60
C GLN D 90 -40.12 -54.84 -29.91
N MET D 91 -40.93 -55.11 -30.94
CA MET D 91 -40.42 -55.11 -32.31
C MET D 91 -41.27 -54.23 -33.21
N TYR D 92 -42.03 -53.31 -32.62
CA TYR D 92 -42.96 -52.46 -33.37
C TYR D 92 -42.58 -51.00 -33.23
N PRO D 93 -42.66 -50.23 -34.30
CA PRO D 93 -42.27 -48.81 -34.24
C PRO D 93 -43.29 -47.91 -33.55
N LEU D 94 -43.04 -46.61 -33.61
CA LEU D 94 -43.93 -45.62 -33.01
C LEU D 94 -44.70 -44.82 -34.06
N GLN D 95 -44.22 -44.80 -35.31
CA GLN D 95 -44.85 -43.97 -36.33
C GLN D 95 -45.43 -44.75 -37.50
N GLU D 96 -45.03 -46.00 -37.73
CA GLU D 96 -45.64 -46.78 -38.80
C GLU D 96 -46.77 -47.65 -38.27
N ILE D 97 -47.20 -47.39 -37.03
CA ILE D 97 -48.43 -47.96 -36.49
C ILE D 97 -49.42 -46.81 -36.30
N GLN D 98 -50.60 -46.96 -36.90
CA GLN D 98 -51.63 -45.95 -36.72
C GLN D 98 -52.90 -46.53 -36.12
N ASN D 99 -52.90 -47.80 -35.71
CA ASN D 99 -53.95 -48.32 -34.85
C ASN D 99 -53.72 -47.67 -33.49
N LEU D 100 -54.52 -46.64 -33.19
CA LEU D 100 -54.23 -45.73 -32.09
C LEU D 100 -54.54 -46.35 -30.75
N THR D 101 -55.42 -47.36 -30.72
CA THR D 101 -55.74 -48.03 -29.47
C THR D 101 -54.58 -48.89 -29.00
N VAL D 102 -53.78 -49.42 -29.95
CA VAL D 102 -52.64 -50.22 -29.54
C VAL D 102 -51.32 -49.49 -29.79
N LYS D 103 -51.35 -48.31 -30.39
CA LYS D 103 -50.13 -47.51 -30.46
C LYS D 103 -49.70 -47.07 -29.07
N LEU D 104 -50.63 -46.48 -28.32
CA LEU D 104 -50.35 -45.98 -26.98
C LEU D 104 -50.05 -47.09 -25.98
N GLN D 105 -50.36 -48.32 -26.34
CA GLN D 105 -50.13 -49.45 -25.45
C GLN D 105 -48.64 -49.66 -25.18
N LEU D 106 -47.80 -49.59 -26.21
CA LEU D 106 -46.36 -49.67 -25.98
C LEU D 106 -45.78 -48.37 -25.44
N GLN D 107 -46.56 -47.29 -25.42
CA GLN D 107 -46.12 -46.08 -24.75
C GLN D 107 -46.43 -46.12 -23.25
N ALA D 108 -47.47 -46.86 -22.86
CA ALA D 108 -47.73 -47.13 -21.45
C ALA D 108 -47.02 -48.38 -20.96
N LEU D 109 -45.98 -48.83 -21.68
CA LEU D 109 -45.31 -50.11 -21.43
C LEU D 109 -44.13 -49.99 -20.50
N GLN D 110 -43.53 -48.81 -20.42
CA GLN D 110 -42.43 -48.58 -19.50
C GLN D 110 -43.03 -48.22 -18.13
N GLN D 111 -44.35 -48.32 -18.02
CA GLN D 111 -45.08 -48.02 -16.80
C GLN D 111 -45.49 -49.29 -16.06
N ASN D 112 -45.28 -49.26 -14.75
CA ASN D 112 -45.56 -50.35 -13.83
C ASN D 112 -44.52 -50.14 -12.75
N GLY D 113 -43.67 -49.17 -13.04
CA GLY D 113 -42.58 -48.75 -12.19
C GLY D 113 -41.25 -48.80 -12.91
N SER D 114 -40.18 -48.49 -12.19
CA SER D 114 -38.85 -48.51 -12.76
C SER D 114 -38.12 -49.82 -12.49
N SER D 115 -38.59 -50.91 -13.09
CA SER D 115 -38.03 -52.24 -12.81
C SER D 115 -36.79 -52.54 -13.65
N VAL D 116 -36.35 -51.57 -14.46
CA VAL D 116 -35.17 -51.76 -15.29
C VAL D 116 -33.92 -51.15 -14.64
N LEU D 117 -33.98 -50.83 -13.35
CA LEU D 117 -32.99 -49.91 -12.78
C LEU D 117 -32.10 -50.55 -11.72
N SER D 118 -32.59 -51.62 -11.07
CA SER D 118 -32.02 -52.14 -9.82
C SER D 118 -31.99 -51.02 -8.77
N GLU D 119 -33.16 -50.77 -8.18
CA GLU D 119 -33.54 -49.55 -7.46
C GLU D 119 -32.87 -49.33 -6.09
N ASP D 120 -31.75 -50.01 -5.79
CA ASP D 120 -31.17 -50.03 -4.43
C ASP D 120 -30.80 -48.64 -3.90
N LYS D 121 -30.31 -47.73 -4.75
CA LYS D 121 -30.02 -46.38 -4.28
C LYS D 121 -31.08 -45.35 -4.64
N SER D 122 -32.10 -45.72 -5.38
CA SER D 122 -33.28 -44.87 -5.42
C SER D 122 -34.15 -45.10 -4.19
N LYS D 123 -34.00 -46.25 -3.55
CA LYS D 123 -34.55 -46.49 -2.23
C LYS D 123 -33.58 -46.10 -1.12
N ARG D 124 -32.45 -45.48 -1.48
CA ARG D 124 -31.65 -44.74 -0.53
C ARG D 124 -32.06 -43.26 -0.51
N LEU D 125 -32.61 -42.79 -1.63
CA LEU D 125 -32.92 -41.38 -1.80
C LEU D 125 -34.13 -40.95 -0.99
N ASN D 126 -35.03 -41.89 -0.69
CA ASN D 126 -36.21 -41.59 0.12
C ASN D 126 -35.84 -41.20 1.56
N THR D 127 -34.69 -41.64 2.04
CA THR D 127 -34.17 -41.16 3.32
C THR D 127 -33.85 -39.68 3.24
N ILE D 128 -33.35 -39.21 2.09
CA ILE D 128 -33.15 -37.77 1.91
C ILE D 128 -34.49 -37.06 1.72
N LEU D 129 -35.42 -37.71 1.01
CA LEU D 129 -36.68 -37.06 0.60
C LEU D 129 -37.57 -36.73 1.79
N ASN D 130 -37.57 -37.57 2.83
CA ASN D 130 -38.37 -37.27 4.00
C ASN D 130 -37.76 -36.12 4.80
N THR D 131 -36.43 -35.99 4.78
CA THR D 131 -35.79 -34.85 5.41
C THR D 131 -36.11 -33.55 4.69
N MET D 132 -36.24 -33.61 3.36
CA MET D 132 -36.62 -32.41 2.61
C MET D 132 -38.04 -31.96 2.94
N SER D 133 -38.95 -32.90 3.13
CA SER D 133 -40.34 -32.55 3.39
C SER D 133 -40.57 -32.12 4.83
N THR D 134 -39.79 -32.64 5.78
CA THR D 134 -40.00 -32.30 7.18
C THR D 134 -39.64 -30.86 7.49
N ILE D 135 -38.53 -30.36 6.93
CA ILE D 135 -38.11 -28.99 7.23
C ILE D 135 -39.04 -27.98 6.56
N TYR D 136 -39.59 -28.33 5.40
CA TYR D 136 -40.53 -27.41 4.77
C TYR D 136 -41.85 -27.37 5.53
N SER D 137 -42.35 -28.53 5.93
CA SER D 137 -43.57 -28.59 6.74
C SER D 137 -43.37 -28.01 8.13
N THR D 138 -42.16 -28.10 8.67
CA THR D 138 -41.81 -27.39 9.89
C THR D 138 -41.07 -26.08 9.61
N GLY D 139 -41.31 -25.46 8.45
CA GLY D 139 -40.75 -24.16 8.17
C GLY D 139 -41.32 -23.09 9.07
N LYS D 140 -40.48 -22.49 9.90
CA LYS D 140 -40.94 -21.60 10.95
C LYS D 140 -39.88 -20.56 11.27
N VAL D 141 -40.35 -19.37 11.61
CA VAL D 141 -39.49 -18.25 12.00
C VAL D 141 -39.94 -17.77 13.37
N CYS D 142 -39.05 -17.87 14.35
CA CYS D 142 -39.32 -17.30 15.65
C CYS D 142 -38.95 -15.82 15.65
N ASN D 143 -39.89 -14.97 16.06
CA ASN D 143 -39.77 -13.53 15.94
C ASN D 143 -38.74 -13.00 16.93
N PRO D 144 -37.95 -11.98 16.56
CA PRO D 144 -36.85 -11.55 17.44
C PRO D 144 -37.21 -10.49 18.47
N ASP D 145 -38.37 -9.85 18.35
CA ASP D 145 -38.81 -8.86 19.33
C ASP D 145 -39.04 -9.48 20.70
N ASN D 146 -39.58 -10.69 20.72
CA ASN D 146 -39.58 -11.59 21.86
C ASN D 146 -39.34 -13.00 21.33
N PRO D 147 -38.27 -13.67 21.79
CA PRO D 147 -37.72 -14.81 21.03
C PRO D 147 -38.61 -16.05 21.01
N GLN D 148 -39.32 -16.33 22.11
CA GLN D 148 -40.33 -17.40 22.07
C GLN D 148 -41.71 -16.83 21.75
N GLU D 149 -41.80 -16.03 20.69
CA GLU D 149 -43.05 -15.85 19.95
C GLU D 149 -42.76 -16.27 18.52
N CYS D 150 -43.22 -17.47 18.14
CA CYS D 150 -42.78 -18.10 16.92
C CYS D 150 -43.95 -18.34 16.00
N LEU D 151 -43.69 -18.29 14.70
CA LEU D 151 -44.72 -18.47 13.69
C LEU D 151 -44.21 -19.43 12.63
N LEU D 152 -45.00 -20.46 12.35
CA LEU D 152 -44.70 -21.35 11.24
C LEU D 152 -45.07 -20.67 9.92
N LEU D 153 -44.74 -21.34 8.82
CA LEU D 153 -45.00 -20.81 7.49
C LEU D 153 -46.50 -20.72 7.20
N GLU D 154 -47.21 -21.82 7.45
CA GLU D 154 -48.59 -21.91 7.02
C GLU D 154 -49.60 -21.14 7.90
N PRO D 155 -49.57 -21.17 9.26
CA PRO D 155 -50.53 -20.31 9.99
C PRO D 155 -49.93 -19.01 10.52
N GLY D 156 -48.67 -18.71 10.23
CA GLY D 156 -48.02 -17.54 10.78
C GLY D 156 -47.33 -16.65 9.78
N LEU D 157 -46.99 -17.14 8.59
CA LEU D 157 -46.18 -16.33 7.68
C LEU D 157 -46.95 -15.85 6.47
N ASN D 158 -47.81 -16.69 5.89
CA ASN D 158 -48.70 -16.22 4.84
C ASN D 158 -49.74 -15.25 5.39
N GLU D 159 -50.07 -15.38 6.67
CA GLU D 159 -50.96 -14.45 7.35
C GLU D 159 -50.35 -13.07 7.46
N ILE D 160 -49.02 -12.99 7.66
CA ILE D 160 -48.34 -11.70 7.67
C ILE D 160 -48.43 -11.04 6.29
N MET D 161 -48.26 -11.84 5.23
CA MET D 161 -48.51 -11.34 3.89
C MET D 161 -49.99 -11.07 3.63
N ALA D 162 -50.89 -11.68 4.41
CA ALA D 162 -52.32 -11.42 4.27
C ALA D 162 -52.83 -10.32 5.19
N ASN D 163 -52.64 -10.45 6.50
CA ASN D 163 -53.16 -9.47 7.45
C ASN D 163 -52.36 -8.18 7.47
N SER D 164 -51.04 -8.23 7.64
CA SER D 164 -50.23 -7.03 7.65
C SER D 164 -50.06 -6.53 6.22
N LEU D 165 -50.22 -5.22 6.04
CA LEU D 165 -49.96 -4.56 4.78
C LEU D 165 -48.96 -3.43 4.95
N ASP D 166 -47.85 -3.70 5.62
CA ASP D 166 -46.74 -2.77 5.77
C ASP D 166 -45.65 -3.15 4.78
N TYR D 167 -44.87 -2.15 4.35
CA TYR D 167 -43.71 -2.43 3.52
C TYR D 167 -42.66 -3.20 4.29
N ASN D 168 -42.18 -2.62 5.40
CA ASN D 168 -40.92 -3.04 6.00
C ASN D 168 -41.05 -4.30 6.83
N GLU D 169 -42.17 -4.50 7.51
CA GLU D 169 -42.35 -5.74 8.27
C GLU D 169 -42.58 -6.92 7.34
N ARG D 170 -43.30 -6.72 6.24
CA ARG D 170 -43.38 -7.75 5.22
C ARG D 170 -42.04 -7.93 4.53
N LEU D 171 -41.26 -6.85 4.41
CA LEU D 171 -39.89 -6.96 3.94
C LEU D 171 -39.03 -7.77 4.90
N TRP D 172 -39.23 -7.58 6.20
CA TRP D 172 -38.56 -8.44 7.16
C TRP D 172 -39.05 -9.87 7.08
N ALA D 173 -40.38 -10.05 6.97
CA ALA D 173 -40.95 -11.39 6.91
C ALA D 173 -40.60 -12.09 5.61
N TRP D 174 -40.36 -11.34 4.54
CA TRP D 174 -39.86 -11.94 3.31
C TRP D 174 -38.44 -12.44 3.48
N GLU D 175 -37.59 -11.63 4.10
CA GLU D 175 -36.18 -11.98 4.24
C GLU D 175 -35.95 -13.02 5.33
N SER D 176 -36.57 -12.85 6.49
CA SER D 176 -36.38 -13.76 7.61
C SER D 176 -36.91 -15.16 7.31
N TRP D 177 -37.94 -15.29 6.49
CA TRP D 177 -38.42 -16.61 6.10
C TRP D 177 -37.44 -17.29 5.15
N ARG D 178 -36.84 -16.53 4.25
CA ARG D 178 -35.92 -17.13 3.28
C ARG D 178 -34.55 -17.42 3.86
N SER D 179 -34.27 -16.92 5.07
CA SER D 179 -33.03 -17.25 5.75
C SER D 179 -33.13 -18.53 6.57
N GLU D 180 -34.09 -19.40 6.26
CA GLU D 180 -34.34 -20.58 7.10
C GLU D 180 -34.21 -21.90 6.35
N VAL D 181 -34.80 -22.03 5.16
CA VAL D 181 -35.17 -23.32 4.62
C VAL D 181 -34.23 -23.78 3.51
N GLY D 182 -34.05 -22.98 2.47
CA GLY D 182 -33.31 -23.43 1.30
C GLY D 182 -31.83 -23.61 1.56
N LYS D 183 -31.29 -22.91 2.55
CA LYS D 183 -29.93 -23.14 2.99
C LYS D 183 -29.76 -24.51 3.65
N GLN D 184 -30.75 -24.93 4.43
CA GLN D 184 -30.66 -26.25 5.05
C GLN D 184 -30.94 -27.35 4.03
N LEU D 185 -31.70 -27.04 2.99
CA LEU D 185 -32.01 -28.04 1.98
C LEU D 185 -31.08 -27.99 0.78
N ARG D 186 -30.20 -26.99 0.70
CA ARG D 186 -29.18 -27.00 -0.36
C ARG D 186 -28.26 -28.22 -0.33
N PRO D 187 -27.76 -28.72 0.82
CA PRO D 187 -27.06 -30.01 0.78
C PRO D 187 -27.96 -31.20 0.52
N LEU D 188 -29.28 -31.01 0.50
CA LEU D 188 -30.17 -32.08 0.08
C LEU D 188 -30.53 -31.98 -1.40
N TYR D 189 -29.78 -31.17 -2.16
CA TYR D 189 -30.22 -30.85 -3.51
C TYR D 189 -29.24 -31.29 -4.58
N GLU D 190 -27.93 -31.13 -4.35
CA GLU D 190 -26.94 -31.43 -5.39
C GLU D 190 -26.90 -32.92 -5.71
N GLU D 191 -26.84 -33.76 -4.69
CA GLU D 191 -26.94 -35.20 -4.90
C GLU D 191 -28.34 -35.61 -5.33
N TYR D 192 -29.36 -34.79 -5.04
CA TYR D 192 -30.71 -35.11 -5.47
C TYR D 192 -30.86 -34.94 -6.98
N VAL D 193 -30.14 -33.99 -7.55
CA VAL D 193 -30.13 -33.82 -9.00
C VAL D 193 -29.45 -34.99 -9.67
N VAL D 194 -28.22 -35.31 -9.26
CA VAL D 194 -27.39 -36.23 -10.04
C VAL D 194 -27.87 -37.67 -9.86
N LEU D 195 -28.37 -38.02 -8.67
CA LEU D 195 -28.79 -39.40 -8.46
C LEU D 195 -30.11 -39.69 -9.20
N LYS D 196 -30.93 -38.66 -9.39
CA LYS D 196 -32.10 -38.77 -10.25
C LYS D 196 -31.70 -38.81 -11.73
N ASN D 197 -30.50 -38.34 -12.06
CA ASN D 197 -30.05 -38.33 -13.45
C ASN D 197 -29.61 -39.72 -13.92
N GLU D 198 -28.82 -40.46 -13.11
CA GLU D 198 -28.56 -41.84 -13.49
C GLU D 198 -29.76 -42.73 -13.25
N MET D 199 -30.67 -42.30 -12.35
CA MET D 199 -31.99 -42.92 -12.31
C MET D 199 -32.72 -42.70 -13.63
N ALA D 200 -32.63 -41.49 -14.17
CA ALA D 200 -33.16 -41.23 -15.51
C ALA D 200 -32.36 -41.93 -16.59
N ARG D 201 -31.04 -42.08 -16.39
CA ARG D 201 -30.24 -42.73 -17.41
C ARG D 201 -30.43 -44.25 -17.39
N ALA D 202 -30.77 -44.80 -16.24
CA ALA D 202 -31.21 -46.18 -16.19
C ALA D 202 -32.69 -46.32 -16.52
N ASN D 203 -33.45 -45.22 -16.48
CA ASN D 203 -34.74 -45.12 -17.15
C ASN D 203 -34.59 -44.72 -18.61
N HIS D 204 -33.35 -44.70 -19.10
CA HIS D 204 -32.97 -44.59 -20.51
C HIS D 204 -33.34 -43.21 -21.04
N TYR D 205 -33.10 -42.19 -20.22
CA TYR D 205 -33.43 -40.81 -20.53
C TYR D 205 -32.30 -39.90 -20.07
N GLU D 206 -32.21 -38.70 -20.66
CA GLU D 206 -31.10 -37.82 -20.38
C GLU D 206 -31.24 -37.12 -19.02
N ASP D 207 -32.47 -36.79 -18.62
CA ASP D 207 -32.69 -36.23 -17.30
C ASP D 207 -34.12 -36.54 -16.85
N TYR D 208 -34.29 -36.56 -15.52
CA TYR D 208 -35.57 -36.85 -14.90
C TYR D 208 -36.58 -35.74 -15.13
N GLY D 209 -36.10 -34.53 -15.42
CA GLY D 209 -36.98 -33.46 -15.85
C GLY D 209 -37.48 -33.63 -17.26
N ASP D 210 -36.91 -34.60 -17.96
CA ASP D 210 -37.30 -34.93 -19.32
C ASP D 210 -38.40 -35.97 -19.18
N TYR D 211 -38.24 -36.82 -18.17
CA TYR D 211 -39.22 -37.85 -17.87
C TYR D 211 -40.47 -37.13 -17.42
N TRP D 212 -40.28 -36.00 -16.74
CA TRP D 212 -41.39 -35.19 -16.27
C TRP D 212 -42.21 -34.86 -17.52
N ARG D 213 -41.50 -34.54 -18.59
CA ARG D 213 -42.13 -34.26 -19.87
C ARG D 213 -42.39 -35.52 -20.68
N GLY D 214 -42.00 -36.68 -20.16
CA GLY D 214 -42.19 -37.95 -20.86
C GLY D 214 -43.63 -38.37 -21.02
N ASP D 215 -44.52 -37.86 -20.17
CA ASP D 215 -45.94 -38.03 -20.41
C ASP D 215 -46.40 -37.25 -21.63
N TYR D 216 -45.69 -36.17 -21.95
CA TYR D 216 -46.01 -35.34 -23.10
C TYR D 216 -45.30 -35.79 -24.36
N GLU D 217 -44.68 -36.98 -24.33
CA GLU D 217 -43.96 -37.51 -25.49
C GLU D 217 -44.88 -38.43 -26.29
N VAL D 218 -46.00 -37.86 -26.75
CA VAL D 218 -47.04 -38.61 -27.44
C VAL D 218 -46.86 -38.38 -28.93
N ASN D 219 -46.35 -39.39 -29.63
CA ASN D 219 -46.08 -39.25 -31.06
C ASN D 219 -47.01 -40.20 -31.81
N GLY D 220 -48.29 -39.84 -31.91
CA GLY D 220 -49.27 -40.81 -32.35
C GLY D 220 -50.08 -40.61 -33.61
N VAL D 221 -50.45 -39.37 -33.96
CA VAL D 221 -51.39 -39.16 -35.05
C VAL D 221 -50.82 -38.20 -36.10
N ASP D 222 -49.49 -38.18 -36.24
CA ASP D 222 -48.80 -37.64 -37.42
C ASP D 222 -49.09 -36.16 -37.63
N GLY D 223 -48.73 -35.34 -36.64
CA GLY D 223 -49.25 -33.99 -36.52
C GLY D 223 -49.83 -33.76 -35.15
N TYR D 224 -50.11 -34.86 -34.43
CA TYR D 224 -50.39 -34.82 -33.01
C TYR D 224 -49.25 -35.50 -32.28
N ASP D 225 -48.02 -35.15 -32.65
CA ASP D 225 -46.86 -35.99 -32.40
C ASP D 225 -45.83 -35.27 -31.54
N TYR D 226 -46.26 -34.76 -30.38
CA TYR D 226 -45.51 -33.91 -29.46
C TYR D 226 -44.14 -34.45 -29.07
N SER D 227 -43.11 -33.62 -29.27
CA SER D 227 -41.78 -33.85 -28.75
C SER D 227 -41.60 -33.15 -27.41
N ARG D 228 -40.37 -33.11 -26.92
CA ARG D 228 -40.10 -32.42 -25.66
C ARG D 228 -39.57 -31.00 -25.91
N GLY D 229 -38.72 -30.86 -26.92
CA GLY D 229 -38.06 -29.59 -27.17
C GLY D 229 -38.84 -28.61 -28.03
N GLN D 230 -40.15 -28.76 -28.11
CA GLN D 230 -40.98 -27.81 -28.83
C GLN D 230 -42.17 -27.34 -28.01
N LEU D 231 -42.51 -28.06 -26.94
CA LEU D 231 -43.73 -27.77 -26.20
C LEU D 231 -43.60 -26.49 -25.39
N ILE D 232 -42.39 -25.98 -25.18
CA ILE D 232 -42.22 -24.73 -24.45
C ILE D 232 -41.94 -23.59 -25.41
N GLU D 233 -41.50 -23.90 -26.62
CA GLU D 233 -41.17 -22.86 -27.62
C GLU D 233 -42.41 -22.11 -28.05
N ASP D 234 -43.50 -22.84 -28.26
CA ASP D 234 -44.82 -22.27 -28.41
C ASP D 234 -45.31 -21.53 -27.17
N VAL D 235 -44.80 -21.84 -25.97
CA VAL D 235 -45.18 -21.06 -24.78
C VAL D 235 -44.44 -19.74 -24.75
N GLU D 236 -43.21 -19.69 -25.26
CA GLU D 236 -42.58 -18.39 -25.41
C GLU D 236 -43.10 -17.62 -26.62
N HIS D 237 -44.05 -18.20 -27.37
CA HIS D 237 -44.78 -17.42 -28.36
C HIS D 237 -46.01 -16.76 -27.73
N THR D 238 -46.19 -16.94 -26.41
CA THR D 238 -47.39 -16.41 -25.76
C THR D 238 -47.14 -15.16 -24.95
N PHE D 239 -46.24 -15.22 -23.96
CA PHE D 239 -46.28 -14.21 -22.90
C PHE D 239 -45.56 -12.93 -23.28
N GLU D 240 -44.81 -12.94 -24.38
CA GLU D 240 -44.17 -11.71 -24.82
C GLU D 240 -45.16 -10.73 -25.45
N GLU D 241 -46.35 -11.19 -25.81
CA GLU D 241 -47.46 -10.30 -26.12
C GLU D 241 -48.34 -10.03 -24.91
N ILE D 242 -48.27 -10.91 -23.92
CA ILE D 242 -48.86 -10.61 -22.61
C ILE D 242 -47.91 -9.74 -21.81
N LYS D 243 -46.64 -9.65 -22.22
CA LYS D 243 -45.71 -8.73 -21.57
C LYS D 243 -46.09 -7.25 -21.70
N PRO D 244 -46.61 -6.74 -22.82
CA PRO D 244 -47.21 -5.38 -22.76
C PRO D 244 -48.44 -5.29 -21.89
N LEU D 245 -49.17 -6.39 -21.70
CA LEU D 245 -50.27 -6.37 -20.74
C LEU D 245 -49.73 -6.27 -19.32
N TYR D 246 -48.53 -6.79 -19.09
CA TYR D 246 -47.84 -6.52 -17.84
C TYR D 246 -47.31 -5.09 -17.80
N GLU D 247 -46.91 -4.54 -18.95
CA GLU D 247 -46.25 -3.24 -18.98
C GLU D 247 -47.20 -2.12 -18.56
N HIS D 248 -48.44 -2.16 -19.05
CA HIS D 248 -49.46 -1.28 -18.50
C HIS D 248 -49.74 -1.60 -17.04
N LEU D 249 -49.75 -2.89 -16.70
CA LEU D 249 -50.02 -3.30 -15.32
C LEU D 249 -48.85 -2.96 -14.41
N HIS D 250 -47.62 -3.01 -14.95
CA HIS D 250 -46.46 -2.53 -14.20
C HIS D 250 -46.60 -1.05 -13.87
N ALA D 251 -46.88 -0.23 -14.89
CA ALA D 251 -47.10 1.19 -14.67
C ALA D 251 -48.38 1.46 -13.89
N TYR D 252 -49.35 0.54 -13.95
CA TYR D 252 -50.53 0.67 -13.12
C TYR D 252 -50.20 0.52 -11.64
N VAL D 253 -49.48 -0.55 -11.29
CA VAL D 253 -49.14 -0.74 -9.89
C VAL D 253 -48.02 0.19 -9.47
N ARG D 254 -47.20 0.67 -10.42
CA ARG D 254 -46.22 1.69 -10.06
C ARG D 254 -46.89 3.04 -9.82
N ALA D 255 -48.05 3.25 -10.44
CA ALA D 255 -48.90 4.36 -10.02
C ALA D 255 -49.54 4.07 -8.67
N LYS D 256 -49.70 2.79 -8.32
CA LYS D 256 -50.25 2.45 -7.01
C LYS D 256 -49.16 2.35 -5.95
N LEU D 257 -47.96 1.88 -6.28
CA LEU D 257 -46.98 1.59 -5.24
C LEU D 257 -46.31 2.85 -4.70
N MET D 258 -46.53 4.00 -5.34
CA MET D 258 -45.98 5.24 -4.81
C MET D 258 -46.75 5.74 -3.60
N ASN D 259 -48.07 5.55 -3.57
CA ASN D 259 -48.86 6.02 -2.45
C ASN D 259 -49.48 4.89 -1.63
N ALA D 260 -49.27 3.63 -2.03
CA ALA D 260 -49.61 2.52 -1.15
C ALA D 260 -48.48 2.18 -0.20
N TYR D 261 -47.25 2.20 -0.70
CA TYR D 261 -46.09 1.94 0.13
C TYR D 261 -45.12 3.12 0.00
N PRO D 262 -44.36 3.45 1.08
CA PRO D 262 -43.69 4.77 1.12
C PRO D 262 -42.55 4.99 0.13
N SER D 263 -42.90 5.02 -1.17
CA SER D 263 -42.14 5.70 -2.21
C SER D 263 -40.71 5.20 -2.38
N TYR D 264 -40.53 3.88 -2.32
CA TYR D 264 -39.23 3.28 -2.55
C TYR D 264 -39.13 2.90 -4.02
N ILE D 265 -40.30 2.68 -4.61
CA ILE D 265 -40.42 2.06 -5.92
C ILE D 265 -40.10 3.08 -6.99
N SER D 266 -39.16 2.75 -7.86
CA SER D 266 -38.97 3.53 -9.07
C SER D 266 -40.16 3.31 -9.97
N PRO D 267 -40.84 4.37 -10.44
CA PRO D 267 -42.01 4.19 -11.31
C PRO D 267 -41.63 3.87 -12.75
N ILE D 268 -40.32 3.77 -13.00
CA ILE D 268 -39.79 3.37 -14.29
C ILE D 268 -39.35 1.91 -14.19
N GLY D 269 -38.74 1.55 -13.07
CA GLY D 269 -38.00 0.30 -13.00
C GLY D 269 -38.84 -0.88 -12.52
N CYS D 270 -38.13 -1.89 -12.03
CA CYS D 270 -38.71 -3.18 -11.66
C CYS D 270 -39.42 -3.14 -10.32
N LEU D 271 -39.84 -4.30 -9.83
CA LEU D 271 -40.63 -4.31 -8.61
C LEU D 271 -39.87 -4.97 -7.46
N PRO D 272 -40.15 -4.57 -6.22
CA PRO D 272 -39.61 -5.32 -5.07
C PRO D 272 -40.52 -6.50 -4.74
N ALA D 273 -39.91 -7.66 -4.54
CA ALA D 273 -40.65 -8.92 -4.48
C ALA D 273 -41.07 -9.24 -3.05
N HIS D 274 -41.76 -8.28 -2.42
CA HIS D 274 -42.45 -8.58 -1.17
C HIS D 274 -43.74 -7.78 -1.08
N LEU D 275 -44.25 -7.33 -2.23
CA LEU D 275 -45.36 -6.40 -2.27
C LEU D 275 -46.50 -6.98 -3.10
N LEU D 276 -46.54 -8.30 -3.22
CA LEU D 276 -47.47 -8.92 -4.15
C LEU D 276 -48.65 -9.61 -3.47
N GLY D 277 -48.85 -9.42 -2.18
CA GLY D 277 -49.95 -10.05 -1.49
C GLY D 277 -49.59 -11.41 -0.92
N ASP D 278 -48.89 -12.21 -1.70
CA ASP D 278 -48.46 -13.54 -1.26
C ASP D 278 -46.97 -13.51 -0.99
N MET D 279 -46.41 -14.67 -0.66
CA MET D 279 -45.00 -14.76 -0.33
C MET D 279 -44.13 -14.87 -1.58
N TRP D 280 -44.58 -15.60 -2.59
CA TRP D 280 -43.75 -15.90 -3.74
C TRP D 280 -44.28 -15.30 -5.03
N GLY D 281 -45.36 -14.55 -4.97
CA GLY D 281 -45.87 -13.90 -6.17
C GLY D 281 -46.49 -14.84 -7.17
N ARG D 282 -47.61 -15.46 -6.83
CA ARG D 282 -48.33 -16.26 -7.79
C ARG D 282 -49.63 -15.57 -8.15
N PHE D 283 -50.46 -15.34 -7.13
CA PHE D 283 -51.82 -14.88 -7.34
C PHE D 283 -52.01 -13.54 -6.67
N TRP D 284 -52.45 -12.56 -7.47
CA TRP D 284 -52.44 -11.16 -7.06
C TRP D 284 -53.84 -10.71 -6.68
N THR D 285 -54.67 -11.66 -6.24
CA THR D 285 -56.07 -11.38 -5.97
C THR D 285 -56.26 -10.53 -4.72
N ASN D 286 -55.27 -10.50 -3.82
CA ASN D 286 -55.33 -9.60 -2.68
C ASN D 286 -54.71 -8.25 -2.99
N LEU D 287 -54.36 -8.02 -4.26
CA LEU D 287 -54.09 -6.67 -4.73
C LEU D 287 -55.31 -6.06 -5.41
N TYR D 288 -56.43 -6.77 -5.42
CA TYR D 288 -57.71 -6.24 -5.86
C TYR D 288 -58.40 -5.45 -4.76
N SER D 289 -57.69 -4.49 -4.16
CA SER D 289 -58.20 -3.71 -3.04
C SER D 289 -57.96 -2.23 -3.25
N LEU D 290 -57.00 -1.88 -4.11
CA LEU D 290 -56.68 -0.50 -4.42
C LEU D 290 -56.60 -0.30 -5.93
N THR D 291 -56.87 -1.35 -6.70
CA THR D 291 -56.70 -1.29 -8.15
C THR D 291 -58.03 -1.36 -8.88
N VAL D 292 -59.12 -1.00 -8.20
CA VAL D 292 -60.47 -1.31 -8.70
C VAL D 292 -61.25 -0.02 -8.93
N PRO D 293 -62.14 0.01 -9.93
CA PRO D 293 -63.24 0.98 -9.87
C PRO D 293 -64.44 0.46 -9.10
N PHE D 294 -64.70 -0.84 -9.20
CA PHE D 294 -65.82 -1.45 -8.50
C PHE D 294 -65.61 -2.96 -8.34
N GLY D 295 -66.72 -3.70 -8.28
CA GLY D 295 -66.65 -5.14 -8.13
C GLY D 295 -67.05 -5.60 -6.74
N GLN D 296 -68.05 -6.47 -6.67
CA GLN D 296 -68.53 -6.99 -5.39
C GLN D 296 -69.30 -8.28 -5.58
N LYS D 297 -69.95 -8.75 -4.52
CA LYS D 297 -70.73 -9.98 -4.57
C LYS D 297 -69.83 -11.20 -4.53
N PRO D 298 -69.89 -11.95 -3.44
CA PRO D 298 -69.08 -13.17 -3.28
C PRO D 298 -69.70 -14.40 -3.91
N ASN D 299 -68.91 -15.46 -3.93
CA ASN D 299 -69.29 -16.78 -4.43
C ASN D 299 -69.91 -17.57 -3.29
N ILE D 300 -69.89 -18.93 -3.32
CA ILE D 300 -70.40 -19.79 -2.26
C ILE D 300 -69.89 -19.35 -0.88
N ASP D 301 -70.82 -19.26 0.06
CA ASP D 301 -70.53 -18.86 1.43
C ASP D 301 -70.91 -20.03 2.32
N VAL D 302 -71.01 -21.20 1.69
CA VAL D 302 -71.53 -22.41 2.31
C VAL D 302 -70.42 -23.46 2.39
N THR D 303 -69.18 -23.00 2.56
CA THR D 303 -68.01 -23.87 2.53
C THR D 303 -67.98 -24.85 3.69
N ASP D 304 -68.55 -24.48 4.84
CA ASP D 304 -68.71 -25.40 5.95
C ASP D 304 -70.16 -25.83 6.15
N ALA D 305 -71.07 -25.37 5.29
CA ALA D 305 -72.48 -25.71 5.46
C ALA D 305 -72.83 -27.11 4.99
N MET D 306 -71.89 -27.84 4.38
CA MET D 306 -72.10 -29.26 4.13
C MET D 306 -71.58 -30.10 5.27
N VAL D 307 -70.63 -29.53 6.03
CA VAL D 307 -70.04 -30.22 7.17
C VAL D 307 -71.15 -30.52 8.16
N ASP D 308 -72.04 -29.56 8.41
CA ASP D 308 -73.16 -29.85 9.28
C ASP D 308 -74.42 -30.19 8.50
N GLN D 309 -74.34 -30.34 7.18
CA GLN D 309 -75.38 -31.03 6.41
C GLN D 309 -75.09 -32.53 6.30
N ALA D 310 -73.84 -32.92 6.53
CA ALA D 310 -73.40 -34.29 6.83
C ALA D 310 -73.68 -35.31 5.73
N TRP D 311 -73.34 -35.00 4.47
CA TRP D 311 -73.29 -36.03 3.45
C TRP D 311 -71.92 -36.69 3.51
N ASP D 312 -71.91 -38.00 3.79
CA ASP D 312 -70.65 -38.73 3.88
C ASP D 312 -70.14 -39.09 2.50
N ALA D 313 -69.10 -39.91 2.44
CA ALA D 313 -68.40 -40.19 1.20
C ALA D 313 -69.22 -40.95 0.17
N GLN D 314 -70.36 -41.53 0.55
CA GLN D 314 -71.26 -42.13 -0.44
C GLN D 314 -72.58 -41.40 -0.61
N ARG D 315 -73.01 -40.59 0.35
CA ARG D 315 -74.17 -39.73 0.09
C ARG D 315 -73.80 -38.58 -0.84
N ILE D 316 -72.53 -38.16 -0.83
CA ILE D 316 -72.06 -37.20 -1.82
C ILE D 316 -72.08 -37.78 -3.23
N PHE D 317 -71.98 -39.09 -3.37
CA PHE D 317 -72.10 -39.74 -4.66
C PHE D 317 -73.52 -40.12 -5.02
N LYS D 318 -74.36 -40.38 -4.02
CA LYS D 318 -75.79 -40.54 -4.24
C LYS D 318 -76.42 -39.23 -4.70
N GLU D 319 -75.89 -38.10 -4.24
CA GLU D 319 -76.37 -36.81 -4.72
C GLU D 319 -75.71 -36.44 -6.04
N ALA D 320 -74.43 -36.77 -6.21
CA ALA D 320 -73.78 -36.54 -7.50
C ALA D 320 -74.22 -37.54 -8.55
N GLU D 321 -74.91 -38.60 -8.14
CA GLU D 321 -75.66 -39.42 -9.08
C GLU D 321 -76.68 -38.58 -9.85
N LYS D 322 -77.34 -37.66 -9.17
CA LYS D 322 -78.29 -36.76 -9.82
C LYS D 322 -77.63 -35.54 -10.44
N PHE D 323 -76.33 -35.34 -10.21
CA PHE D 323 -75.68 -34.15 -10.75
C PHE D 323 -75.41 -34.28 -12.24
N PHE D 324 -74.83 -35.40 -12.69
CA PHE D 324 -74.43 -35.53 -14.08
C PHE D 324 -75.47 -36.18 -14.97
N VAL D 325 -76.52 -36.79 -14.40
CA VAL D 325 -77.61 -37.23 -15.27
C VAL D 325 -78.42 -36.03 -15.77
N SER D 326 -78.39 -34.92 -15.03
CA SER D 326 -78.93 -33.67 -15.54
C SER D 326 -77.95 -32.98 -16.48
N VAL D 327 -76.70 -33.44 -16.53
CA VAL D 327 -75.79 -33.15 -17.63
C VAL D 327 -75.86 -34.25 -18.70
N GLY D 328 -76.44 -35.40 -18.36
CA GLY D 328 -76.58 -36.50 -19.27
C GLY D 328 -75.39 -37.45 -19.27
N LEU D 329 -74.29 -37.03 -18.68
CA LEU D 329 -73.10 -37.86 -18.61
C LEU D 329 -73.28 -38.88 -17.50
N PRO D 330 -72.79 -40.11 -17.67
CA PRO D 330 -73.06 -41.17 -16.69
C PRO D 330 -72.32 -40.98 -15.37
N ASN D 331 -72.70 -41.80 -14.40
CA ASN D 331 -72.10 -41.78 -13.06
C ASN D 331 -71.26 -43.03 -12.84
N MET D 332 -70.53 -43.06 -11.73
CA MET D 332 -69.55 -44.09 -11.46
C MET D 332 -70.13 -45.15 -10.53
N THR D 333 -69.79 -46.41 -10.82
CA THR D 333 -70.25 -47.57 -10.06
C THR D 333 -69.07 -48.51 -9.84
N GLN D 334 -69.37 -49.77 -9.43
CA GLN D 334 -68.46 -50.92 -9.32
C GLN D 334 -67.15 -50.62 -8.60
N GLY D 335 -67.24 -50.41 -7.29
CA GLY D 335 -66.07 -50.06 -6.49
C GLY D 335 -66.21 -48.67 -5.93
N PHE D 336 -67.02 -47.85 -6.58
CA PHE D 336 -67.28 -46.46 -6.21
C PHE D 336 -68.08 -46.37 -4.92
N TRP D 337 -68.66 -47.49 -4.47
CA TRP D 337 -69.57 -47.52 -3.33
C TRP D 337 -69.20 -48.65 -2.36
N GLU D 338 -68.57 -49.71 -2.86
CA GLU D 338 -68.59 -50.99 -2.18
C GLU D 338 -67.43 -51.16 -1.21
N ASN D 339 -66.18 -51.11 -1.68
CA ASN D 339 -65.08 -51.68 -0.93
C ASN D 339 -64.52 -50.70 0.10
N SER D 340 -65.01 -49.47 0.10
CA SER D 340 -64.20 -48.36 0.57
C SER D 340 -64.22 -48.10 2.07
N MET D 341 -63.04 -47.79 2.62
CA MET D 341 -62.90 -47.13 3.90
C MET D 341 -63.34 -45.69 3.72
N LEU D 342 -64.28 -45.25 4.55
CA LEU D 342 -64.80 -43.90 4.48
C LEU D 342 -65.02 -43.24 5.84
N THR D 343 -64.57 -43.88 6.91
CA THR D 343 -64.80 -43.29 8.23
C THR D 343 -63.57 -42.73 8.94
N ASP D 344 -63.55 -41.41 9.07
CA ASP D 344 -62.50 -40.68 9.76
C ASP D 344 -63.14 -39.38 10.22
N PRO D 345 -64.01 -39.42 11.22
CA PRO D 345 -64.68 -38.17 11.63
C PRO D 345 -63.77 -37.27 12.45
N GLY D 346 -63.15 -37.80 13.49
CA GLY D 346 -62.03 -37.14 14.14
C GLY D 346 -61.04 -38.13 14.70
N ASN D 347 -61.15 -39.40 14.30
CA ASN D 347 -60.52 -40.48 15.05
C ASN D 347 -59.06 -40.71 14.65
N VAL D 348 -58.35 -41.51 15.45
CA VAL D 348 -56.95 -41.80 15.20
C VAL D 348 -56.83 -43.23 14.68
N GLN D 349 -57.98 -43.79 14.29
CA GLN D 349 -58.04 -45.14 13.77
C GLN D 349 -56.98 -45.33 12.68
N LYS D 350 -56.56 -46.59 12.47
CA LYS D 350 -55.55 -46.87 11.46
C LYS D 350 -56.19 -47.07 10.11
N ALA D 351 -56.07 -46.03 9.29
CA ALA D 351 -56.58 -45.98 7.94
C ALA D 351 -55.45 -45.38 7.12
N VAL D 352 -55.55 -45.44 5.79
CA VAL D 352 -54.50 -44.88 4.97
C VAL D 352 -54.97 -43.45 4.77
N CYS D 353 -55.40 -43.07 3.58
CA CYS D 353 -55.89 -41.70 3.48
C CYS D 353 -55.83 -40.88 2.17
N HIS D 354 -56.77 -39.95 2.14
CA HIS D 354 -57.03 -38.93 1.14
C HIS D 354 -58.35 -39.25 0.49
N PRO D 355 -59.14 -38.26 0.04
CA PRO D 355 -60.17 -38.57 -0.95
C PRO D 355 -59.55 -38.85 -2.31
N THR D 356 -59.49 -40.13 -2.68
CA THR D 356 -58.85 -40.52 -3.93
C THR D 356 -59.77 -41.45 -4.72
N ALA D 357 -59.56 -41.50 -6.02
CA ALA D 357 -60.36 -42.31 -6.93
C ALA D 357 -59.49 -43.31 -7.67
N TRP D 358 -60.13 -44.27 -8.33
CA TRP D 358 -59.42 -45.38 -8.94
C TRP D 358 -60.03 -45.75 -10.29
N ASP D 359 -59.19 -46.29 -11.17
CA ASP D 359 -59.62 -47.20 -12.22
C ASP D 359 -58.78 -48.47 -12.10
N LEU D 360 -59.47 -49.56 -11.77
CA LEU D 360 -58.80 -50.80 -11.42
C LEU D 360 -58.62 -51.66 -12.65
N GLY D 361 -59.34 -51.34 -13.72
CA GLY D 361 -59.45 -52.24 -14.84
C GLY D 361 -60.49 -53.31 -14.58
N LYS D 362 -60.82 -54.09 -15.62
CA LYS D 362 -61.73 -55.24 -15.56
C LYS D 362 -63.11 -54.85 -15.02
N GLY D 363 -63.53 -53.62 -15.30
CA GLY D 363 -64.80 -53.10 -14.81
C GLY D 363 -64.82 -52.86 -13.31
N ASP D 364 -63.99 -51.93 -12.84
CA ASP D 364 -63.88 -51.61 -11.41
C ASP D 364 -63.29 -50.21 -11.28
N PHE D 365 -64.05 -49.31 -10.67
CA PHE D 365 -63.57 -47.96 -10.38
C PHE D 365 -63.86 -47.66 -8.91
N ARG D 366 -62.82 -47.62 -8.10
CA ARG D 366 -63.00 -47.45 -6.66
C ARG D 366 -62.85 -46.00 -6.27
N ILE D 367 -63.46 -45.68 -5.14
CA ILE D 367 -63.14 -44.47 -4.41
C ILE D 367 -62.39 -44.91 -3.16
N LEU D 368 -61.66 -43.96 -2.59
CA LEU D 368 -60.92 -44.09 -1.35
C LEU D 368 -61.20 -42.73 -0.72
N MET D 369 -61.86 -42.68 0.43
CA MET D 369 -62.14 -41.37 1.02
C MET D 369 -61.78 -41.18 2.50
N CYS D 370 -61.10 -40.08 2.79
CA CYS D 370 -60.76 -39.73 4.16
C CYS D 370 -62.09 -39.44 4.84
N THR D 371 -62.96 -38.76 4.08
CA THR D 371 -64.29 -38.40 4.52
C THR D 371 -64.24 -37.31 5.57
N LYS D 372 -63.12 -36.59 5.63
CA LYS D 372 -63.00 -35.54 6.63
C LYS D 372 -64.38 -35.02 7.01
N VAL D 373 -65.28 -34.89 6.03
CA VAL D 373 -66.63 -34.40 6.36
C VAL D 373 -66.80 -32.88 6.18
N THR D 374 -65.71 -32.21 5.84
CA THR D 374 -65.68 -30.76 5.65
C THR D 374 -66.42 -30.18 4.45
N MET D 375 -66.31 -30.88 3.32
CA MET D 375 -66.86 -30.44 2.04
C MET D 375 -65.82 -30.64 0.93
N ASP D 376 -64.72 -31.31 1.25
CA ASP D 376 -63.67 -31.54 0.27
C ASP D 376 -63.86 -32.87 -0.46
N ASP D 377 -64.72 -33.75 0.06
CA ASP D 377 -65.07 -34.95 -0.70
C ASP D 377 -66.06 -34.63 -1.82
N PHE D 378 -67.00 -33.73 -1.57
CA PHE D 378 -67.96 -33.33 -2.59
C PHE D 378 -67.32 -32.35 -3.57
N LEU D 379 -66.26 -31.67 -3.13
CA LEU D 379 -65.38 -30.95 -4.06
C LEU D 379 -64.74 -31.90 -5.06
N THR D 380 -64.39 -33.10 -4.61
CA THR D 380 -63.76 -34.07 -5.51
C THR D 380 -64.79 -34.96 -6.21
N ALA D 381 -66.06 -34.91 -5.80
CA ALA D 381 -67.05 -35.89 -6.23
C ALA D 381 -67.37 -35.81 -7.72
N HIS D 382 -67.90 -34.67 -8.17
CA HIS D 382 -68.11 -34.47 -9.61
C HIS D 382 -66.79 -34.25 -10.34
N HIS D 383 -65.79 -33.71 -9.63
CA HIS D 383 -64.43 -33.56 -10.13
C HIS D 383 -63.87 -34.92 -10.56
N GLU D 384 -64.11 -35.96 -9.74
CA GLU D 384 -63.78 -37.31 -10.18
C GLU D 384 -64.80 -37.83 -11.18
N MET D 385 -66.08 -37.50 -11.02
CA MET D 385 -67.09 -38.00 -11.95
C MET D 385 -66.96 -37.40 -13.34
N GLY D 386 -66.28 -36.26 -13.48
CA GLY D 386 -65.86 -35.84 -14.80
C GLY D 386 -64.69 -36.66 -15.30
N HIS D 387 -63.87 -37.18 -14.39
CA HIS D 387 -62.63 -37.85 -14.78
C HIS D 387 -62.80 -39.36 -14.82
N ILE D 388 -63.65 -39.93 -13.97
CA ILE D 388 -63.88 -41.36 -14.02
C ILE D 388 -64.82 -41.70 -15.18
N GLN D 389 -65.51 -40.71 -15.74
CA GLN D 389 -66.21 -40.98 -16.98
C GLN D 389 -65.24 -41.14 -18.15
N TYR D 390 -64.04 -40.53 -18.07
CA TYR D 390 -62.95 -40.97 -18.93
C TYR D 390 -62.49 -42.37 -18.55
N ASP D 391 -62.57 -42.70 -17.27
CA ASP D 391 -62.12 -44.03 -16.84
C ASP D 391 -63.15 -45.10 -17.17
N MET D 392 -64.43 -44.72 -17.31
CA MET D 392 -65.43 -45.69 -17.78
C MET D 392 -65.23 -46.06 -19.23
N ALA D 393 -64.41 -45.31 -19.97
CA ALA D 393 -63.97 -45.75 -21.29
C ALA D 393 -62.94 -46.88 -21.21
N TYR D 394 -62.01 -46.80 -20.25
CA TYR D 394 -61.08 -47.93 -20.13
C TYR D 394 -61.45 -48.84 -18.96
N ALA D 395 -62.76 -49.10 -18.80
CA ALA D 395 -63.31 -50.06 -17.85
C ALA D 395 -62.65 -51.43 -17.91
N ALA D 396 -62.70 -52.10 -19.06
CA ALA D 396 -62.02 -53.38 -19.22
C ALA D 396 -60.78 -53.24 -20.10
N GLN D 397 -60.46 -52.04 -20.54
CA GLN D 397 -59.32 -51.84 -21.42
C GLN D 397 -58.03 -51.87 -20.59
N PRO D 398 -56.86 -52.24 -21.19
CA PRO D 398 -55.70 -52.68 -20.39
C PRO D 398 -55.05 -51.69 -19.45
N PHE D 399 -54.04 -52.23 -18.72
CA PHE D 399 -53.05 -51.38 -18.08
C PHE D 399 -52.27 -50.59 -19.12
N LEU D 400 -52.06 -51.15 -20.30
CA LEU D 400 -51.41 -50.41 -21.38
C LEU D 400 -52.30 -49.35 -21.99
N LEU D 401 -53.58 -49.30 -21.60
CA LEU D 401 -54.45 -48.18 -21.91
C LEU D 401 -54.93 -47.48 -20.65
N ARG D 402 -54.15 -46.53 -20.14
CA ARG D 402 -54.37 -45.93 -18.82
C ARG D 402 -55.30 -44.73 -18.82
N ASN D 403 -55.09 -43.85 -17.84
CA ASN D 403 -55.94 -42.72 -17.46
C ASN D 403 -56.05 -41.65 -18.54
N GLY D 404 -56.69 -40.54 -18.19
CA GLY D 404 -57.05 -39.52 -19.17
C GLY D 404 -55.89 -38.76 -19.76
N ALA D 405 -56.34 -37.76 -20.52
CA ALA D 405 -55.56 -36.83 -21.34
C ALA D 405 -54.23 -36.66 -20.75
N ASN D 406 -54.18 -35.76 -19.78
CA ASN D 406 -52.90 -35.54 -19.10
C ASN D 406 -53.21 -35.16 -17.66
N GLU D 407 -52.17 -34.73 -16.94
CA GLU D 407 -52.33 -34.31 -15.55
C GLU D 407 -52.95 -32.93 -15.53
N GLY D 408 -52.68 -32.15 -16.58
CA GLY D 408 -53.21 -30.81 -16.71
C GLY D 408 -54.62 -30.84 -17.27
N PHE D 409 -54.81 -31.63 -18.32
CA PHE D 409 -56.12 -31.75 -18.95
C PHE D 409 -57.17 -31.99 -17.87
N HIS D 410 -56.96 -33.01 -17.06
CA HIS D 410 -57.88 -33.34 -15.97
C HIS D 410 -58.12 -32.12 -15.09
N GLU D 411 -57.03 -31.45 -14.73
CA GLU D 411 -57.11 -30.24 -13.94
C GLU D 411 -57.88 -29.15 -14.70
N ALA D 412 -57.74 -29.12 -16.02
CA ALA D 412 -58.46 -28.11 -16.80
C ALA D 412 -59.96 -28.28 -16.67
N VAL D 413 -60.49 -29.46 -16.96
CA VAL D 413 -61.93 -29.69 -16.85
C VAL D 413 -62.32 -29.88 -15.39
N GLY D 414 -61.36 -30.22 -14.53
CA GLY D 414 -61.67 -30.46 -13.12
C GLY D 414 -61.80 -29.20 -12.30
N GLU D 415 -61.04 -28.16 -12.64
CA GLU D 415 -61.13 -26.90 -11.91
C GLU D 415 -62.18 -25.97 -12.50
N ILE D 416 -62.65 -26.23 -13.73
CA ILE D 416 -63.95 -25.70 -14.12
C ILE D 416 -65.09 -26.55 -13.59
N MET D 417 -64.77 -27.74 -13.06
CA MET D 417 -65.74 -28.49 -12.24
C MET D 417 -65.55 -28.19 -10.76
N SER D 418 -64.34 -27.82 -10.34
CA SER D 418 -64.20 -27.21 -9.02
C SER D 418 -64.78 -25.81 -9.02
N LEU D 419 -64.88 -25.18 -10.20
CA LEU D 419 -65.76 -24.03 -10.36
C LEU D 419 -67.21 -24.43 -10.13
N SER D 420 -67.62 -25.60 -10.61
CA SER D 420 -68.96 -26.09 -10.32
C SER D 420 -69.10 -26.52 -8.86
N ALA D 421 -67.98 -26.87 -8.20
CA ALA D 421 -67.99 -26.97 -6.75
C ALA D 421 -68.13 -25.61 -6.08
N ALA D 422 -67.64 -24.55 -6.73
CA ALA D 422 -67.67 -23.22 -6.18
C ALA D 422 -68.93 -22.44 -6.51
N THR D 423 -69.89 -23.02 -7.23
CA THR D 423 -71.10 -22.29 -7.53
C THR D 423 -72.25 -22.81 -6.69
N PRO D 424 -73.12 -21.92 -6.19
CA PRO D 424 -74.26 -22.38 -5.39
C PRO D 424 -75.51 -22.64 -6.22
N LYS D 425 -75.42 -22.62 -7.55
CA LYS D 425 -76.62 -22.68 -8.39
C LYS D 425 -77.24 -24.06 -8.42
N HIS D 426 -76.44 -25.11 -8.57
CA HIS D 426 -77.02 -26.44 -8.48
C HIS D 426 -76.98 -26.98 -7.06
N LEU D 427 -76.32 -26.27 -6.15
CA LEU D 427 -76.34 -26.67 -4.75
C LEU D 427 -77.74 -26.54 -4.16
N LYS D 428 -78.49 -25.52 -4.57
CA LYS D 428 -79.89 -25.41 -4.20
C LYS D 428 -80.77 -26.39 -4.97
N SER D 429 -80.28 -26.97 -6.06
CA SER D 429 -81.06 -27.95 -6.81
C SER D 429 -80.37 -29.32 -6.79
N ILE D 430 -79.51 -29.53 -5.80
CA ILE D 430 -79.06 -30.87 -5.42
C ILE D 430 -79.31 -30.98 -3.92
N GLY D 431 -79.82 -29.91 -3.31
CA GLY D 431 -80.27 -29.98 -1.94
C GLY D 431 -79.36 -29.39 -0.89
N LEU D 432 -78.88 -28.16 -1.11
CA LEU D 432 -78.27 -27.37 -0.06
C LEU D 432 -79.14 -26.13 0.18
N LEU D 433 -78.59 -25.19 0.95
CA LEU D 433 -79.24 -24.00 1.50
C LEU D 433 -80.07 -23.19 0.52
N SER D 434 -81.24 -22.72 0.97
CA SER D 434 -82.22 -21.99 0.19
C SER D 434 -81.65 -20.63 -0.21
N PRO D 435 -82.05 -20.08 -1.37
CA PRO D 435 -81.51 -18.80 -1.80
C PRO D 435 -82.05 -17.63 -0.97
N ASP D 436 -81.12 -16.84 -0.46
CA ASP D 436 -81.43 -15.53 0.10
C ASP D 436 -80.41 -14.54 -0.45
N PHE D 437 -79.67 -14.98 -1.46
CA PHE D 437 -78.48 -14.28 -1.93
C PHE D 437 -78.46 -14.21 -3.45
N GLN D 438 -79.57 -13.76 -4.04
CA GLN D 438 -79.70 -13.64 -5.49
C GLN D 438 -78.71 -12.61 -6.03
N GLU D 439 -78.25 -12.84 -7.26
CA GLU D 439 -77.10 -12.15 -7.81
C GLU D 439 -77.54 -10.82 -8.43
N ASP D 440 -76.54 -10.06 -8.90
CA ASP D 440 -76.76 -8.71 -9.41
C ASP D 440 -76.14 -8.57 -10.78
N ASN D 441 -75.97 -7.33 -11.23
CA ASN D 441 -75.74 -7.04 -12.64
C ASN D 441 -74.30 -6.73 -13.03
N GLU D 442 -73.72 -5.66 -12.47
CA GLU D 442 -72.68 -4.92 -13.16
C GLU D 442 -71.34 -5.64 -13.18
N THR D 443 -70.98 -6.33 -12.06
CA THR D 443 -69.64 -6.83 -11.71
C THR D 443 -68.83 -7.44 -12.85
N GLU D 444 -69.47 -8.02 -13.86
CA GLU D 444 -68.78 -8.82 -14.85
C GLU D 444 -67.99 -7.98 -15.86
N ILE D 445 -68.21 -6.67 -15.90
CA ILE D 445 -67.31 -5.78 -16.64
C ILE D 445 -66.04 -5.52 -15.82
N ASN D 446 -66.12 -5.65 -14.50
CA ASN D 446 -64.93 -5.47 -13.68
C ASN D 446 -64.49 -6.78 -13.04
N PHE D 447 -65.21 -7.87 -13.29
CA PHE D 447 -64.77 -9.18 -12.81
C PHE D 447 -63.61 -9.70 -13.64
N LEU D 448 -63.54 -9.29 -14.91
CA LEU D 448 -62.44 -9.68 -15.78
C LEU D 448 -61.12 -9.06 -15.32
N LEU D 449 -61.19 -7.95 -14.59
CA LEU D 449 -60.04 -7.42 -13.87
C LEU D 449 -59.54 -8.38 -12.80
N LYS D 450 -60.47 -8.99 -12.06
CA LYS D 450 -60.08 -9.89 -10.98
C LYS D 450 -59.49 -11.19 -11.53
N GLN D 451 -59.94 -11.63 -12.70
CA GLN D 451 -59.32 -12.77 -13.34
C GLN D 451 -57.91 -12.44 -13.80
N ALA D 452 -57.66 -11.17 -14.13
CA ALA D 452 -56.34 -10.75 -14.60
C ALA D 452 -55.30 -10.77 -13.48
N LEU D 453 -55.71 -10.51 -12.24
CA LEU D 453 -54.74 -10.61 -11.15
C LEU D 453 -54.38 -12.05 -10.83
N THR D 454 -55.31 -12.98 -11.03
CA THR D 454 -55.08 -14.39 -10.78
C THR D 454 -54.44 -15.11 -11.96
N ILE D 455 -55.10 -15.17 -13.11
CA ILE D 455 -54.66 -16.05 -14.18
C ILE D 455 -53.51 -15.46 -14.98
N VAL D 456 -53.35 -14.13 -14.92
CA VAL D 456 -52.26 -13.54 -15.68
C VAL D 456 -51.06 -13.31 -14.78
N GLY D 457 -51.29 -13.14 -13.48
CA GLY D 457 -50.20 -12.87 -12.55
C GLY D 457 -49.25 -14.02 -12.33
N THR D 458 -49.70 -15.25 -12.62
CA THR D 458 -48.91 -16.44 -12.34
C THR D 458 -48.20 -17.01 -13.57
N LEU D 459 -48.44 -16.45 -14.75
CA LEU D 459 -47.91 -17.01 -15.99
C LEU D 459 -46.39 -16.94 -16.18
N PRO D 460 -45.69 -15.81 -15.97
CA PRO D 460 -44.23 -15.86 -16.15
C PRO D 460 -43.50 -16.43 -14.96
N PHE D 461 -44.07 -16.30 -13.76
CA PHE D 461 -43.42 -16.78 -12.54
C PHE D 461 -43.30 -18.29 -12.54
N THR D 462 -44.38 -18.98 -12.91
CA THR D 462 -44.36 -20.44 -12.88
C THR D 462 -43.65 -21.00 -14.10
N TYR D 463 -43.40 -20.18 -15.11
CA TYR D 463 -42.67 -20.64 -16.28
C TYR D 463 -41.19 -20.73 -15.99
N MET D 464 -40.62 -19.73 -15.32
CA MET D 464 -39.17 -19.65 -15.20
C MET D 464 -38.63 -20.68 -14.23
N LEU D 465 -39.40 -21.00 -13.18
CA LEU D 465 -38.88 -21.86 -12.13
C LEU D 465 -38.73 -23.29 -12.60
N GLU D 466 -39.58 -23.73 -13.53
CA GLU D 466 -39.32 -25.00 -14.19
C GLU D 466 -38.14 -24.89 -15.14
N LYS D 467 -38.03 -23.77 -15.85
CA LYS D 467 -36.90 -23.57 -16.75
C LYS D 467 -35.61 -23.35 -15.99
N TRP D 468 -35.68 -22.73 -14.81
CA TRP D 468 -34.50 -22.63 -13.95
C TRP D 468 -34.12 -24.00 -13.40
N ARG D 469 -35.11 -24.84 -13.14
CA ARG D 469 -34.83 -26.18 -12.62
C ARG D 469 -34.17 -27.08 -13.67
N TRP D 470 -34.55 -26.93 -14.94
CA TRP D 470 -34.05 -27.83 -15.98
C TRP D 470 -32.57 -27.62 -16.27
N MET D 471 -32.15 -26.37 -16.48
CA MET D 471 -30.74 -26.10 -16.73
C MET D 471 -29.86 -26.35 -15.51
N VAL D 472 -30.43 -26.29 -14.31
CA VAL D 472 -29.76 -26.87 -13.15
C VAL D 472 -29.69 -28.38 -13.28
N PHE D 473 -30.79 -29.01 -13.71
CA PHE D 473 -30.89 -30.46 -13.67
C PHE D 473 -30.04 -31.14 -14.74
N LYS D 474 -29.96 -30.55 -15.94
CA LYS D 474 -29.11 -31.08 -16.98
C LYS D 474 -27.66 -30.65 -16.82
N GLY D 475 -27.36 -29.78 -15.86
CA GLY D 475 -25.99 -29.46 -15.53
C GLY D 475 -25.37 -28.35 -16.36
N GLU D 476 -26.20 -27.48 -16.93
CA GLU D 476 -25.71 -26.28 -17.59
C GLU D 476 -25.53 -25.13 -16.60
N ILE D 477 -25.96 -25.32 -15.36
CA ILE D 477 -25.78 -24.34 -14.30
C ILE D 477 -24.91 -24.97 -13.23
N PRO D 478 -23.68 -24.48 -13.06
CA PRO D 478 -22.82 -24.98 -11.98
C PRO D 478 -23.37 -24.58 -10.61
N LYS D 479 -22.83 -25.19 -9.56
CA LYS D 479 -23.45 -25.08 -8.23
C LYS D 479 -22.88 -23.90 -7.46
N ASP D 480 -22.77 -22.77 -8.15
CA ASP D 480 -22.34 -21.51 -7.58
C ASP D 480 -23.16 -20.42 -8.26
N GLN D 481 -24.26 -20.83 -8.87
CA GLN D 481 -24.96 -20.01 -9.85
C GLN D 481 -26.47 -20.08 -9.68
N TRP D 482 -26.94 -20.71 -8.61
CA TRP D 482 -28.38 -20.90 -8.42
C TRP D 482 -29.08 -19.58 -8.17
N MET D 483 -28.71 -18.89 -7.10
CA MET D 483 -29.24 -17.55 -6.82
C MET D 483 -28.80 -16.54 -7.87
N LYS D 484 -27.67 -16.78 -8.55
CA LYS D 484 -27.32 -16.02 -9.73
C LYS D 484 -28.35 -16.20 -10.84
N LYS D 485 -28.67 -17.45 -11.19
CA LYS D 485 -29.62 -17.68 -12.26
C LYS D 485 -31.06 -17.43 -11.83
N TRP D 486 -31.31 -17.34 -10.52
CA TRP D 486 -32.68 -17.19 -10.05
C TRP D 486 -33.22 -15.78 -10.31
N TRP D 487 -32.37 -14.78 -10.24
CA TRP D 487 -32.89 -13.43 -10.14
C TRP D 487 -32.86 -12.64 -11.44
N GLU D 488 -31.93 -12.95 -12.36
CA GLU D 488 -31.88 -12.18 -13.59
C GLU D 488 -33.05 -12.53 -14.50
N MET D 489 -33.56 -13.77 -14.40
CA MET D 489 -34.74 -14.14 -15.16
C MET D 489 -36.00 -13.57 -14.53
N LYS D 490 -36.01 -13.40 -13.21
CA LYS D 490 -37.07 -12.63 -12.57
C LYS D 490 -36.99 -11.16 -12.96
N ARG D 491 -35.80 -10.67 -13.27
CA ARG D 491 -35.67 -9.35 -13.86
C ARG D 491 -35.97 -9.38 -15.36
N GLU D 492 -35.59 -10.45 -16.05
CA GLU D 492 -35.88 -10.55 -17.47
C GLU D 492 -37.34 -10.86 -17.74
N ILE D 493 -37.81 -12.02 -17.29
CA ILE D 493 -39.12 -12.49 -17.69
C ILE D 493 -40.22 -11.84 -16.87
N VAL D 494 -40.04 -11.76 -15.56
CA VAL D 494 -41.04 -11.15 -14.71
C VAL D 494 -40.85 -9.64 -14.61
N GLY D 495 -39.62 -9.15 -14.54
CA GLY D 495 -39.42 -7.76 -14.27
C GLY D 495 -39.64 -7.41 -12.82
N VAL D 496 -39.37 -8.36 -11.92
CA VAL D 496 -39.37 -8.10 -10.50
C VAL D 496 -37.91 -8.15 -10.06
N VAL D 497 -37.61 -7.53 -8.94
CA VAL D 497 -36.24 -7.46 -8.45
C VAL D 497 -36.21 -7.89 -6.99
N GLU D 498 -35.04 -8.37 -6.55
CA GLU D 498 -34.86 -8.73 -5.15
C GLU D 498 -34.66 -7.46 -4.35
N PRO D 499 -35.17 -7.40 -3.14
CA PRO D 499 -34.96 -6.21 -2.30
C PRO D 499 -33.66 -6.27 -1.53
N VAL D 500 -33.09 -7.46 -1.43
CA VAL D 500 -31.77 -7.68 -0.82
C VAL D 500 -31.00 -8.62 -1.72
N PRO D 501 -29.76 -8.28 -2.06
CA PRO D 501 -28.93 -9.18 -2.87
C PRO D 501 -28.61 -10.47 -2.12
N HIS D 502 -28.62 -11.58 -2.86
CA HIS D 502 -28.49 -12.91 -2.30
C HIS D 502 -27.26 -13.61 -2.85
N ASP D 503 -26.44 -14.14 -1.96
CA ASP D 503 -25.34 -15.01 -2.32
C ASP D 503 -25.86 -16.43 -2.54
N GLU D 504 -24.96 -17.34 -2.91
CA GLU D 504 -25.35 -18.71 -3.23
C GLU D 504 -25.38 -19.57 -1.97
N THR D 505 -26.18 -19.16 -1.00
CA THR D 505 -26.42 -19.97 0.19
C THR D 505 -27.92 -20.12 0.42
N TYR D 506 -28.70 -19.12 0.01
CA TYR D 506 -30.06 -18.96 0.51
C TYR D 506 -31.03 -19.98 -0.08
N CYS D 507 -31.02 -20.07 -1.42
CA CYS D 507 -31.85 -21.00 -2.21
C CYS D 507 -33.34 -20.78 -1.94
N ASP D 508 -33.77 -19.54 -2.02
CA ASP D 508 -35.16 -19.11 -1.95
C ASP D 508 -36.13 -19.76 -2.95
N PRO D 509 -35.68 -20.30 -4.10
CA PRO D 509 -36.55 -21.26 -4.83
C PRO D 509 -37.09 -22.41 -3.99
N ALA D 510 -36.35 -22.89 -2.99
CA ALA D 510 -36.82 -23.98 -2.16
C ALA D 510 -37.92 -23.59 -1.19
N SER D 511 -38.24 -22.30 -1.05
CA SER D 511 -39.21 -21.84 -0.08
C SER D 511 -40.65 -22.19 -0.44
N LEU D 512 -40.92 -22.58 -1.68
CA LEU D 512 -42.27 -22.92 -2.10
C LEU D 512 -42.61 -24.36 -1.74
N PHE D 513 -43.85 -24.73 -2.06
CA PHE D 513 -44.31 -26.08 -1.78
C PHE D 513 -43.70 -27.10 -2.74
N HIS D 514 -43.90 -26.89 -4.04
CA HIS D 514 -43.74 -27.97 -4.99
C HIS D 514 -42.29 -28.22 -5.36
N VAL D 515 -41.43 -27.22 -5.25
CA VAL D 515 -40.01 -27.48 -5.45
C VAL D 515 -39.44 -28.24 -4.26
N SER D 516 -39.87 -27.88 -3.05
CA SER D 516 -39.43 -28.55 -1.84
C SER D 516 -39.98 -29.96 -1.69
N ASN D 517 -41.07 -30.28 -2.39
CA ASN D 517 -41.69 -31.60 -2.28
C ASN D 517 -41.81 -32.30 -3.62
N ASP D 518 -40.95 -31.94 -4.59
CA ASP D 518 -40.79 -32.63 -5.88
C ASP D 518 -42.06 -32.73 -6.71
N TYR D 519 -42.55 -31.61 -7.22
CA TYR D 519 -43.63 -31.70 -8.19
C TYR D 519 -43.19 -31.13 -9.52
N SER D 520 -43.49 -31.86 -10.58
CA SER D 520 -43.36 -31.31 -11.92
C SER D 520 -44.37 -30.18 -12.09
N PHE D 521 -43.87 -28.95 -12.16
CA PHE D 521 -44.76 -27.79 -12.02
C PHE D 521 -45.27 -27.31 -13.37
N ILE D 522 -44.98 -28.02 -14.46
CA ILE D 522 -45.53 -27.68 -15.76
C ILE D 522 -46.92 -28.22 -15.98
N ARG D 523 -47.53 -28.84 -14.97
CA ARG D 523 -48.89 -29.35 -15.10
C ARG D 523 -49.92 -28.23 -15.23
N TYR D 524 -49.58 -27.01 -14.79
CA TYR D 524 -50.54 -25.93 -14.80
C TYR D 524 -50.68 -25.24 -16.14
N TYR D 525 -49.73 -25.44 -17.05
CA TYR D 525 -49.76 -24.70 -18.30
C TYR D 525 -50.60 -25.39 -19.37
N THR D 526 -50.56 -26.71 -19.39
CA THR D 526 -51.32 -27.49 -20.36
C THR D 526 -52.82 -27.32 -20.13
N ARG D 527 -53.23 -27.48 -18.88
CA ARG D 527 -54.64 -27.36 -18.52
C ARG D 527 -55.14 -25.93 -18.73
N THR D 528 -54.23 -24.97 -18.62
CA THR D 528 -54.58 -23.56 -18.80
C THR D 528 -54.88 -23.26 -20.26
N LEU D 529 -54.16 -23.92 -21.16
CA LEU D 529 -54.35 -23.73 -22.59
C LEU D 529 -55.63 -24.37 -23.12
N TYR D 530 -55.94 -25.60 -22.68
CA TYR D 530 -57.12 -26.27 -23.23
C TYR D 530 -58.39 -25.68 -22.63
N GLN D 531 -58.27 -25.09 -21.45
CA GLN D 531 -59.42 -24.62 -20.69
C GLN D 531 -60.11 -23.44 -21.37
N PHE D 532 -59.35 -22.56 -22.00
CA PHE D 532 -59.96 -21.37 -22.58
C PHE D 532 -60.41 -21.57 -24.02
N GLN D 533 -59.87 -22.58 -24.70
CA GLN D 533 -60.37 -22.92 -26.02
C GLN D 533 -61.78 -23.51 -25.93
N PHE D 534 -62.12 -24.10 -24.79
CA PHE D 534 -63.39 -24.79 -24.67
C PHE D 534 -64.52 -23.83 -24.33
N GLN D 535 -64.33 -22.98 -23.31
CA GLN D 535 -65.45 -22.32 -22.63
C GLN D 535 -66.15 -21.29 -23.51
N GLU D 536 -65.41 -20.60 -24.38
CA GLU D 536 -66.05 -19.60 -25.24
C GLU D 536 -66.71 -20.24 -26.46
N ALA D 537 -66.41 -21.51 -26.74
CA ALA D 537 -66.95 -22.14 -27.93
C ALA D 537 -68.15 -23.04 -27.62
N LEU D 538 -68.39 -23.34 -26.33
CA LEU D 538 -69.39 -24.35 -26.02
C LEU D 538 -70.60 -23.80 -25.27
N CYS D 539 -70.39 -23.13 -24.12
CA CYS D 539 -71.50 -22.99 -23.17
C CYS D 539 -72.45 -21.84 -23.51
N GLN D 540 -72.42 -21.30 -24.72
CA GLN D 540 -73.57 -20.52 -25.19
C GLN D 540 -74.81 -21.40 -25.24
N ALA D 541 -74.64 -22.66 -25.66
CA ALA D 541 -75.75 -23.60 -25.71
C ALA D 541 -75.86 -24.43 -24.44
N ALA D 542 -75.41 -23.88 -23.30
CA ALA D 542 -75.57 -24.55 -22.01
C ALA D 542 -76.90 -24.25 -21.34
N LYS D 543 -77.87 -23.73 -22.10
CA LYS D 543 -79.30 -23.66 -21.75
C LYS D 543 -79.62 -22.73 -20.58
N HIS D 544 -78.61 -22.06 -20.04
CA HIS D 544 -78.80 -21.09 -18.97
C HIS D 544 -77.60 -20.15 -18.93
N GLU D 545 -77.85 -18.88 -19.24
CA GLU D 545 -76.81 -17.87 -19.11
C GLU D 545 -77.33 -16.53 -18.61
N GLY D 546 -77.23 -16.28 -17.31
CA GLY D 546 -77.43 -14.98 -16.75
C GLY D 546 -76.07 -14.34 -16.63
N PRO D 547 -75.52 -14.34 -15.42
CA PRO D 547 -74.06 -14.32 -15.28
C PRO D 547 -73.39 -15.41 -16.12
N LEU D 548 -72.31 -15.03 -16.81
CA LEU D 548 -71.71 -15.92 -17.80
C LEU D 548 -70.98 -17.10 -17.16
N HIS D 549 -70.62 -16.99 -15.88
CA HIS D 549 -70.03 -18.13 -15.17
C HIS D 549 -71.06 -19.16 -14.74
N LYS D 550 -72.34 -18.91 -15.00
CA LYS D 550 -73.42 -19.83 -14.68
C LYS D 550 -73.83 -20.67 -15.87
N CYS D 551 -72.88 -21.12 -16.69
CA CYS D 551 -73.18 -22.07 -17.77
C CYS D 551 -73.47 -23.44 -17.15
N ASP D 552 -74.70 -23.56 -16.61
CA ASP D 552 -75.05 -24.65 -15.71
C ASP D 552 -75.46 -25.89 -16.50
N ILE D 553 -74.46 -26.70 -16.86
CA ILE D 553 -74.71 -27.99 -17.49
C ILE D 553 -75.47 -28.93 -16.58
N SER D 554 -75.33 -28.78 -15.27
CA SER D 554 -76.28 -29.38 -14.34
C SER D 554 -77.64 -28.75 -14.63
N ASN D 555 -78.58 -29.60 -15.08
CA ASN D 555 -79.86 -29.31 -15.72
C ASN D 555 -79.69 -28.78 -17.14
N SER D 556 -78.60 -29.14 -17.82
CA SER D 556 -78.45 -28.84 -19.23
C SER D 556 -77.60 -29.90 -19.92
N THR D 557 -78.27 -30.85 -20.57
CA THR D 557 -77.58 -32.01 -21.13
C THR D 557 -76.84 -31.67 -22.41
N GLU D 558 -77.41 -30.77 -23.22
CA GLU D 558 -77.03 -30.52 -24.60
C GLU D 558 -75.58 -30.09 -24.79
N ALA D 559 -75.02 -29.28 -23.89
CA ALA D 559 -73.63 -28.88 -24.00
C ALA D 559 -72.66 -30.00 -23.69
N GLY D 560 -73.03 -30.91 -22.81
CA GLY D 560 -72.16 -32.00 -22.41
C GLY D 560 -71.96 -33.09 -23.45
N GLN D 561 -72.83 -33.15 -24.47
CA GLN D 561 -72.70 -34.16 -25.50
C GLN D 561 -71.71 -33.75 -26.59
N LYS D 562 -71.51 -32.46 -26.82
CA LYS D 562 -70.35 -32.01 -27.57
C LYS D 562 -69.08 -32.25 -26.78
N LEU D 563 -69.18 -32.20 -25.45
CA LEU D 563 -68.05 -32.56 -24.60
C LEU D 563 -67.87 -34.07 -24.51
N PHE D 564 -68.90 -34.84 -24.85
CA PHE D 564 -68.85 -36.29 -24.71
C PHE D 564 -67.94 -36.94 -25.75
N ASN D 565 -67.59 -36.23 -26.82
CA ASN D 565 -66.68 -36.78 -27.81
C ASN D 565 -65.26 -36.97 -27.28
N MET D 566 -64.86 -36.24 -26.25
CA MET D 566 -63.62 -36.54 -25.54
C MET D 566 -63.86 -37.49 -24.38
N LEU D 567 -65.11 -37.60 -23.91
CA LEU D 567 -65.37 -38.23 -22.63
C LEU D 567 -65.50 -39.73 -22.75
N ARG D 568 -65.80 -40.21 -23.96
CA ARG D 568 -65.88 -41.63 -24.28
C ARG D 568 -64.51 -42.26 -24.51
N LEU D 569 -63.43 -41.57 -24.20
CA LEU D 569 -62.08 -42.03 -24.50
C LEU D 569 -61.22 -42.04 -23.24
N GLY D 570 -60.28 -42.98 -23.21
CA GLY D 570 -59.35 -43.09 -22.11
C GLY D 570 -57.98 -42.63 -22.52
N LYS D 571 -57.01 -43.55 -22.62
CA LYS D 571 -55.72 -43.22 -23.19
C LYS D 571 -55.59 -43.89 -24.55
N SER D 572 -56.64 -43.81 -25.36
CA SER D 572 -56.65 -44.40 -26.69
C SER D 572 -55.64 -43.71 -27.61
N GLU D 573 -55.23 -42.50 -27.23
CA GLU D 573 -54.28 -41.73 -28.03
C GLU D 573 -53.85 -40.44 -27.34
N PRO D 574 -53.18 -39.52 -28.14
CA PRO D 574 -52.79 -38.29 -27.43
C PRO D 574 -54.00 -37.47 -26.99
N TRP D 575 -53.81 -36.17 -26.80
CA TRP D 575 -54.91 -35.30 -26.39
C TRP D 575 -55.27 -34.23 -27.40
N THR D 576 -54.37 -33.93 -28.34
CA THR D 576 -54.72 -32.96 -29.37
C THR D 576 -55.61 -33.57 -30.44
N LEU D 577 -55.84 -34.88 -30.41
CA LEU D 577 -56.99 -35.42 -31.12
C LEU D 577 -58.24 -35.34 -30.26
N ALA D 578 -58.10 -35.45 -28.94
CA ALA D 578 -59.23 -35.15 -28.06
C ALA D 578 -59.54 -33.67 -28.04
N LEU D 579 -58.54 -32.82 -28.33
CA LEU D 579 -58.80 -31.40 -28.49
C LEU D 579 -59.62 -31.12 -29.74
N GLU D 580 -59.29 -31.81 -30.85
CA GLU D 580 -60.03 -31.56 -32.09
C GLU D 580 -61.37 -32.26 -32.10
N ASN D 581 -61.65 -33.13 -31.12
CA ASN D 581 -63.00 -33.64 -30.92
C ASN D 581 -63.95 -32.57 -30.38
N VAL D 582 -63.43 -31.46 -29.87
CA VAL D 582 -64.24 -30.45 -29.22
C VAL D 582 -64.26 -29.15 -30.01
N VAL D 583 -63.10 -28.54 -30.17
CA VAL D 583 -63.03 -27.18 -30.71
C VAL D 583 -62.08 -27.11 -31.89
N GLY D 584 -61.67 -28.27 -32.41
CA GLY D 584 -60.79 -28.30 -33.56
C GLY D 584 -59.36 -27.94 -33.28
N ALA D 585 -58.93 -27.96 -32.02
CA ALA D 585 -57.57 -27.60 -31.67
C ALA D 585 -56.61 -28.73 -32.06
N LYS D 586 -55.41 -28.33 -32.52
CA LYS D 586 -54.46 -29.29 -33.05
C LYS D 586 -53.11 -29.28 -32.36
N ASN D 587 -52.62 -28.11 -31.94
CA ASN D 587 -51.54 -28.07 -30.96
C ASN D 587 -52.00 -27.35 -29.71
N MET D 588 -52.38 -26.07 -29.89
CA MET D 588 -53.01 -25.22 -28.88
C MET D 588 -53.43 -23.95 -29.61
N ASN D 589 -54.04 -23.02 -28.87
CA ASN D 589 -54.08 -21.65 -29.33
C ASN D 589 -54.08 -20.71 -28.14
N VAL D 590 -53.22 -19.70 -28.24
CA VAL D 590 -53.21 -18.61 -27.26
C VAL D 590 -54.30 -17.59 -27.57
N ARG D 591 -54.94 -17.69 -28.74
CA ARG D 591 -56.01 -16.77 -29.10
C ARG D 591 -57.22 -16.73 -28.15
N PRO D 592 -57.76 -17.85 -27.62
CA PRO D 592 -58.88 -17.68 -26.67
C PRO D 592 -58.48 -17.10 -25.32
N LEU D 593 -57.24 -17.28 -24.88
CA LEU D 593 -56.66 -16.40 -23.87
C LEU D 593 -56.74 -14.94 -24.31
N LEU D 594 -56.26 -14.66 -25.52
CA LEU D 594 -56.25 -13.29 -26.00
C LEU D 594 -57.64 -12.79 -26.30
N ASN D 595 -58.58 -13.68 -26.64
CA ASN D 595 -59.92 -13.25 -27.02
C ASN D 595 -60.77 -12.88 -25.82
N TYR D 596 -60.69 -13.64 -24.72
CA TYR D 596 -61.51 -13.28 -23.57
C TYR D 596 -60.87 -12.16 -22.78
N PHE D 597 -59.61 -11.84 -23.08
CA PHE D 597 -58.98 -10.62 -22.58
C PHE D 597 -58.85 -9.55 -23.66
N GLU D 598 -59.45 -9.79 -24.83
CA GLU D 598 -59.53 -8.74 -25.84
C GLU D 598 -60.44 -7.57 -25.42
N PRO D 599 -61.55 -7.76 -24.69
CA PRO D 599 -62.18 -6.59 -24.06
C PRO D 599 -61.31 -5.90 -23.01
N LEU D 600 -60.34 -6.60 -22.42
CA LEU D 600 -59.44 -5.94 -21.49
C LEU D 600 -58.06 -5.68 -22.08
N PHE D 601 -57.82 -6.09 -23.33
CA PHE D 601 -56.61 -5.64 -24.01
C PHE D 601 -56.66 -4.16 -24.32
N THR D 602 -57.78 -3.71 -24.89
CA THR D 602 -57.93 -2.28 -25.16
C THR D 602 -58.30 -1.52 -23.90
N TRP D 603 -58.92 -2.20 -22.92
CA TRP D 603 -59.18 -1.56 -21.62
C TRP D 603 -57.88 -1.31 -20.86
N LEU D 604 -56.81 -2.03 -21.20
CA LEU D 604 -55.49 -1.66 -20.73
C LEU D 604 -54.96 -0.40 -21.42
N LYS D 605 -55.71 0.15 -22.36
CA LYS D 605 -55.56 1.55 -22.74
C LYS D 605 -56.78 2.38 -22.37
N ASP D 606 -57.62 1.92 -21.45
CA ASP D 606 -58.69 2.78 -20.92
C ASP D 606 -58.34 3.36 -19.56
N GLN D 607 -58.14 2.52 -18.55
CA GLN D 607 -57.66 3.03 -17.27
C GLN D 607 -56.14 3.00 -17.19
N ASN D 608 -55.48 2.39 -18.18
CA ASN D 608 -54.03 2.42 -18.31
C ASN D 608 -53.60 3.04 -19.64
N LYS D 609 -54.30 4.08 -20.07
CA LYS D 609 -53.93 4.81 -21.27
C LYS D 609 -52.61 5.54 -21.12
N ASN D 610 -52.38 6.17 -19.96
CA ASN D 610 -51.24 7.07 -19.76
C ASN D 610 -49.96 6.23 -19.81
N SER D 611 -49.19 6.45 -20.86
CA SER D 611 -48.28 5.44 -21.40
C SER D 611 -46.89 5.59 -20.80
N PHE D 612 -46.43 4.54 -20.13
CA PHE D 612 -45.00 4.26 -20.01
C PHE D 612 -44.79 2.78 -20.33
N VAL D 613 -43.98 2.53 -21.36
CA VAL D 613 -43.80 1.19 -21.92
C VAL D 613 -42.56 0.55 -21.30
N GLY D 614 -42.67 -0.73 -20.97
CA GLY D 614 -41.51 -1.49 -20.53
C GLY D 614 -41.09 -1.12 -19.12
N TRP D 615 -39.83 -1.40 -18.83
CA TRP D 615 -39.20 -0.98 -17.58
C TRP D 615 -37.71 -0.91 -17.83
N SER D 616 -37.01 -0.22 -16.93
CA SER D 616 -35.57 -0.29 -16.89
C SER D 616 -35.20 -1.59 -16.18
N THR D 617 -34.50 -2.47 -16.90
CA THR D 617 -34.32 -3.85 -16.48
C THR D 617 -33.16 -4.06 -15.52
N ASP D 618 -32.66 -3.00 -14.87
CA ASP D 618 -31.52 -3.18 -13.99
C ASP D 618 -31.62 -2.37 -12.71
N TRP D 619 -32.74 -1.70 -12.47
CA TRP D 619 -32.87 -0.92 -11.24
C TRP D 619 -33.08 -1.84 -10.04
N SER D 620 -32.53 -1.42 -8.91
CA SER D 620 -32.79 -2.06 -7.63
C SER D 620 -32.96 -0.96 -6.60
N PRO D 621 -33.62 -1.24 -5.48
CA PRO D 621 -33.66 -0.24 -4.40
C PRO D 621 -32.40 -0.23 -3.56
N TYR D 622 -31.41 -1.05 -3.89
CA TYR D 622 -30.12 -1.00 -3.24
C TYR D 622 -29.03 -0.60 -4.21
N ALA D 623 -29.39 -0.29 -5.45
CA ALA D 623 -28.41 0.15 -6.45
C ALA D 623 -27.87 1.53 -6.13
N ASP D 624 -28.64 2.31 -5.36
CA ASP D 624 -28.26 3.65 -4.94
C ASP D 624 -27.04 3.62 -4.02
N GLN D 625 -26.87 2.53 -3.28
CA GLN D 625 -25.75 2.45 -2.36
C GLN D 625 -24.50 1.93 -3.04
N SER D 626 -24.62 1.48 -4.29
CA SER D 626 -23.45 1.03 -5.01
C SER D 626 -22.66 2.22 -5.54
N ILE D 627 -21.34 2.08 -5.53
CA ILE D 627 -20.44 3.14 -5.95
C ILE D 627 -19.70 2.67 -7.19
N LYS D 628 -19.73 3.48 -8.24
CA LYS D 628 -18.92 3.22 -9.42
C LYS D 628 -17.51 3.75 -9.16
N VAL D 629 -16.53 2.86 -9.27
CA VAL D 629 -15.13 3.23 -9.22
C VAL D 629 -14.56 3.09 -10.62
N ARG D 630 -13.68 4.02 -10.97
CA ARG D 630 -13.24 4.15 -12.36
C ARG D 630 -11.74 4.32 -12.37
N ILE D 631 -11.04 3.31 -12.86
CA ILE D 631 -9.58 3.26 -12.83
C ILE D 631 -9.07 3.57 -14.23
N SER D 632 -8.15 4.52 -14.34
CA SER D 632 -7.50 4.84 -15.61
C SER D 632 -6.01 4.61 -15.47
N LEU D 633 -5.53 3.47 -15.94
CA LEU D 633 -4.12 3.15 -15.85
C LEU D 633 -3.27 3.97 -16.81
N LYS D 634 -3.87 4.48 -17.88
CA LYS D 634 -3.21 5.36 -18.83
C LYS D 634 -3.22 6.82 -18.39
N SER D 635 -3.33 7.06 -17.09
CA SER D 635 -3.41 8.43 -16.60
C SER D 635 -2.36 8.70 -15.53
N ALA D 636 -2.05 7.70 -14.71
CA ALA D 636 -1.10 7.91 -13.62
C ALA D 636 0.18 7.13 -13.88
N LEU D 637 0.05 5.81 -14.03
CA LEU D 637 1.16 4.99 -14.49
C LEU D 637 1.32 5.04 -15.99
N GLY D 638 0.27 5.41 -16.71
CA GLY D 638 0.33 5.49 -18.16
C GLY D 638 0.67 4.16 -18.80
N ASP D 639 1.66 4.18 -19.69
CA ASP D 639 2.09 2.97 -20.38
C ASP D 639 3.14 2.22 -19.56
N LYS D 640 3.73 1.19 -20.17
CA LYS D 640 4.75 0.38 -19.49
C LYS D 640 4.27 -0.09 -18.13
N ALA D 641 2.98 0.08 -17.87
CA ALA D 641 2.38 -0.34 -16.61
C ALA D 641 1.93 -1.79 -16.66
N TYR D 642 1.57 -2.34 -15.50
CA TYR D 642 1.12 -3.72 -15.42
C TYR D 642 -0.31 -3.87 -15.93
N GLU D 643 -0.59 -5.01 -16.54
CA GLU D 643 -1.88 -5.29 -17.16
C GLU D 643 -2.87 -5.76 -16.08
N TRP D 644 -3.93 -4.97 -15.85
CA TRP D 644 -4.93 -5.26 -14.83
C TRP D 644 -5.71 -6.51 -15.20
N ASN D 645 -5.78 -7.45 -14.26
CA ASN D 645 -6.56 -8.67 -14.46
C ASN D 645 -7.26 -9.03 -13.16
N ASP D 646 -7.79 -10.25 -13.10
CA ASP D 646 -8.59 -10.72 -11.97
C ASP D 646 -7.82 -10.79 -10.66
N ASN D 647 -6.49 -10.84 -10.70
CA ASN D 647 -5.75 -10.63 -9.47
C ASN D 647 -5.97 -9.23 -8.94
N GLU D 648 -5.86 -8.22 -9.81
CA GLU D 648 -6.02 -6.84 -9.37
C GLU D 648 -7.45 -6.54 -8.98
N MET D 649 -8.40 -7.32 -9.48
CA MET D 649 -9.72 -7.40 -8.89
C MET D 649 -9.64 -7.86 -7.43
N TYR D 650 -8.87 -8.92 -7.20
CA TYR D 650 -8.82 -9.58 -5.90
C TYR D 650 -7.94 -8.79 -4.94
N LEU D 651 -6.94 -8.09 -5.46
CA LEU D 651 -6.18 -7.15 -4.64
C LEU D 651 -7.06 -6.04 -4.13
N PHE D 652 -8.00 -5.57 -4.96
CA PHE D 652 -8.75 -4.38 -4.64
C PHE D 652 -9.69 -4.62 -3.47
N ARG D 653 -10.46 -5.71 -3.53
CA ARG D 653 -11.49 -5.98 -2.54
C ARG D 653 -10.89 -6.23 -1.16
N SER D 654 -9.69 -6.78 -1.11
CA SER D 654 -8.93 -6.79 0.12
C SER D 654 -8.63 -5.38 0.61
N SER D 655 -8.16 -4.51 -0.29
CA SER D 655 -7.84 -3.15 0.11
C SER D 655 -9.09 -2.29 0.25
N VAL D 656 -10.22 -2.72 -0.30
CA VAL D 656 -11.45 -2.04 0.06
C VAL D 656 -11.82 -2.36 1.50
N ALA D 657 -11.70 -3.64 1.86
CA ALA D 657 -12.11 -4.12 3.18
C ALA D 657 -11.29 -3.47 4.28
N TYR D 658 -10.00 -3.20 3.98
CA TYR D 658 -9.16 -2.26 4.70
C TYR D 658 -9.91 -1.01 5.17
N ALA D 659 -10.56 -0.30 4.27
CA ALA D 659 -11.05 1.03 4.58
C ALA D 659 -12.19 1.02 5.60
N MET D 660 -12.95 -0.07 5.66
CA MET D 660 -14.01 -0.17 6.66
C MET D 660 -13.47 -0.42 8.05
N ARG D 661 -12.48 -1.32 8.18
CA ARG D 661 -11.87 -1.61 9.47
C ARG D 661 -11.21 -0.38 10.04
N GLN D 662 -10.52 0.38 9.19
CA GLN D 662 -9.89 1.62 9.62
C GLN D 662 -10.93 2.68 9.94
N TYR D 663 -12.09 2.62 9.31
CA TYR D 663 -13.13 3.59 9.61
C TYR D 663 -13.85 3.26 10.91
N PHE D 664 -14.35 2.03 11.01
CA PHE D 664 -15.34 1.70 12.03
C PHE D 664 -14.76 1.55 13.42
N LEU D 665 -13.45 1.67 13.58
CA LEU D 665 -12.90 1.65 14.92
C LEU D 665 -12.19 2.94 15.26
N LYS D 666 -11.83 3.72 14.25
CA LYS D 666 -11.33 5.07 14.47
C LYS D 666 -12.44 6.11 14.46
N VAL D 667 -13.63 5.74 13.97
CA VAL D 667 -14.78 6.63 13.98
C VAL D 667 -15.96 5.99 14.68
N LYS D 668 -16.39 4.81 14.25
CA LYS D 668 -17.52 4.15 14.89
C LYS D 668 -17.13 3.45 16.18
N ASN D 669 -15.85 3.06 16.30
CA ASN D 669 -15.22 2.64 17.56
C ASN D 669 -15.84 1.37 18.14
N GLN D 670 -16.11 0.40 17.26
CA GLN D 670 -16.34 -0.98 17.67
C GLN D 670 -15.93 -1.87 16.51
N MET D 671 -15.54 -3.10 16.83
CA MET D 671 -14.96 -3.99 15.84
C MET D 671 -16.02 -4.80 15.12
N ILE D 672 -16.02 -4.69 13.80
CA ILE D 672 -16.75 -5.61 12.93
C ILE D 672 -15.81 -6.07 11.82
N LEU D 673 -15.78 -7.36 11.58
CA LEU D 673 -14.82 -7.99 10.69
C LEU D 673 -15.29 -7.87 9.24
N PHE D 674 -14.33 -7.91 8.32
CA PHE D 674 -14.64 -7.78 6.91
C PHE D 674 -13.69 -8.62 6.08
N GLY D 675 -14.27 -9.43 5.21
CA GLY D 675 -13.51 -10.10 4.18
C GLY D 675 -13.63 -9.37 2.86
N GLU D 676 -12.78 -9.76 1.91
CA GLU D 676 -12.83 -9.16 0.59
C GLU D 676 -14.09 -9.54 -0.17
N GLU D 677 -14.70 -10.68 0.17
CA GLU D 677 -15.94 -11.12 -0.45
C GLU D 677 -17.14 -10.27 -0.05
N ASP D 678 -17.05 -9.52 1.04
CA ASP D 678 -18.11 -8.57 1.39
C ASP D 678 -18.17 -7.40 0.42
N VAL D 679 -17.05 -7.07 -0.20
CA VAL D 679 -16.97 -6.09 -1.27
C VAL D 679 -17.60 -6.73 -2.50
N ARG D 680 -18.82 -6.33 -2.82
CA ARG D 680 -19.51 -6.96 -3.94
C ARG D 680 -19.15 -6.25 -5.23
N VAL D 681 -18.87 -7.06 -6.26
CA VAL D 681 -18.36 -6.54 -7.52
C VAL D 681 -19.47 -6.75 -8.55
N ALA D 682 -19.79 -5.69 -9.29
CA ALA D 682 -20.79 -5.80 -10.34
C ALA D 682 -20.31 -5.03 -11.56
N ASN D 683 -20.63 -5.57 -12.75
CA ASN D 683 -20.34 -4.97 -14.06
C ASN D 683 -18.85 -4.71 -14.25
N LEU D 684 -18.09 -5.80 -14.26
CA LEU D 684 -16.65 -5.74 -14.46
C LEU D 684 -16.33 -5.30 -15.88
N LYS D 685 -15.59 -4.21 -16.01
CA LYS D 685 -15.17 -3.75 -17.32
C LYS D 685 -13.66 -3.64 -17.37
N PRO D 686 -13.09 -3.86 -18.56
CA PRO D 686 -11.64 -3.80 -18.77
C PRO D 686 -11.01 -2.56 -18.14
N ARG D 687 -11.61 -1.40 -18.35
CA ARG D 687 -11.10 -0.15 -17.80
C ARG D 687 -11.17 -0.17 -16.27
N ILE D 688 -11.08 -1.36 -15.69
CA ILE D 688 -11.13 -1.51 -14.25
C ILE D 688 -12.27 -0.68 -13.66
N SER D 689 -13.33 -0.52 -14.44
CA SER D 689 -14.48 0.24 -14.01
C SER D 689 -15.60 -0.73 -13.71
N PHE D 690 -16.29 -0.48 -12.61
CA PHE D 690 -17.34 -1.36 -12.12
C PHE D 690 -18.01 -0.63 -10.96
N ASN D 691 -19.32 -0.85 -10.83
CA ASN D 691 -20.02 -0.36 -9.66
C ASN D 691 -19.92 -1.40 -8.55
N PHE D 692 -19.56 -0.93 -7.37
CA PHE D 692 -19.39 -1.84 -6.24
C PHE D 692 -20.15 -1.30 -5.05
N PHE D 693 -20.45 -2.21 -4.14
CA PHE D 693 -20.86 -1.84 -2.79
C PHE D 693 -20.41 -2.95 -1.86
N VAL D 694 -20.39 -2.62 -0.57
CA VAL D 694 -19.97 -3.58 0.45
C VAL D 694 -21.16 -3.89 1.34
N THR D 695 -21.18 -5.09 1.88
CA THR D 695 -22.24 -5.52 2.78
C THR D 695 -21.71 -5.64 4.21
N ALA D 696 -22.57 -6.17 5.07
CA ALA D 696 -22.16 -6.76 6.34
C ALA D 696 -21.39 -8.05 6.04
N PRO D 697 -20.55 -8.56 6.96
CA PRO D 697 -19.77 -9.76 6.64
C PRO D 697 -20.61 -11.00 6.34
N LYS D 698 -21.42 -11.47 7.29
CA LYS D 698 -22.37 -12.56 7.03
C LYS D 698 -23.73 -12.30 7.68
N ASN D 699 -24.01 -11.05 8.01
CA ASN D 699 -25.40 -10.62 8.18
C ASN D 699 -25.82 -9.98 6.85
N VAL D 700 -25.88 -10.82 5.81
CA VAL D 700 -25.93 -10.36 4.43
C VAL D 700 -27.35 -9.92 4.08
N SER D 701 -28.28 -10.11 5.01
CA SER D 701 -29.60 -9.49 4.94
C SER D 701 -29.50 -7.97 5.02
N ASP D 702 -28.46 -7.49 5.69
CA ASP D 702 -28.24 -6.05 5.83
C ASP D 702 -26.92 -5.65 5.17
N ILE D 703 -26.89 -4.46 4.59
CA ILE D 703 -25.69 -3.95 3.93
C ILE D 703 -25.26 -2.67 4.62
N ILE D 704 -24.07 -2.21 4.27
CA ILE D 704 -23.53 -0.98 4.87
C ILE D 704 -24.19 0.22 4.18
N PRO D 705 -24.69 1.19 4.94
CA PRO D 705 -25.23 2.40 4.32
C PRO D 705 -24.13 3.23 3.68
N ARG D 706 -24.40 3.69 2.45
CA ARG D 706 -23.39 4.37 1.63
C ARG D 706 -22.95 5.69 2.23
N THR D 707 -23.83 6.35 2.99
CA THR D 707 -23.56 7.66 3.56
C THR D 707 -22.34 7.67 4.49
N GLU D 708 -22.05 6.55 5.14
CA GLU D 708 -20.85 6.46 5.95
C GLU D 708 -19.65 5.99 5.14
N VAL D 709 -19.89 5.27 4.05
CA VAL D 709 -18.82 4.82 3.17
C VAL D 709 -18.18 6.02 2.47
N GLU D 710 -18.95 7.07 2.23
CA GLU D 710 -18.42 8.27 1.58
C GLU D 710 -17.37 8.95 2.43
N LYS D 711 -17.61 9.06 3.74
CA LYS D 711 -16.57 9.58 4.62
C LYS D 711 -15.50 8.53 4.89
N ALA D 712 -15.85 7.25 4.74
CA ALA D 712 -14.87 6.19 4.97
C ALA D 712 -13.80 6.17 3.89
N ILE D 713 -14.18 6.47 2.65
CA ILE D 713 -13.18 6.54 1.59
C ILE D 713 -12.33 7.79 1.77
N ARG D 714 -12.96 8.92 2.12
CA ARG D 714 -12.25 10.19 2.22
C ARG D 714 -11.23 10.21 3.35
N MET D 715 -11.33 9.28 4.30
CA MET D 715 -10.32 9.16 5.34
C MET D 715 -9.07 8.49 4.80
N SER D 716 -9.23 7.40 4.06
CA SER D 716 -8.09 6.62 3.58
C SER D 716 -8.01 6.67 2.06
N ARG D 717 -8.45 7.78 1.47
CA ARG D 717 -8.30 7.99 0.03
C ARG D 717 -6.83 8.06 -0.36
N SER D 718 -6.01 8.66 0.51
CA SER D 718 -4.58 8.76 0.27
C SER D 718 -3.87 7.43 0.42
N ARG D 719 -4.54 6.41 0.95
CA ARG D 719 -3.86 5.15 1.22
C ARG D 719 -3.82 4.26 -0.01
N ILE D 720 -4.76 4.43 -0.93
CA ILE D 720 -5.03 3.38 -1.90
C ILE D 720 -4.47 3.72 -3.26
N ASN D 721 -4.26 5.01 -3.54
CA ASN D 721 -3.67 5.40 -4.81
C ASN D 721 -2.22 4.95 -4.91
N ASP D 722 -1.45 5.09 -3.84
CA ASP D 722 -0.09 4.58 -3.82
C ASP D 722 -0.06 3.07 -3.63
N ALA D 723 -1.19 2.48 -3.22
CA ALA D 723 -1.32 1.04 -3.24
C ALA D 723 -1.41 0.47 -4.66
N PHE D 724 -1.62 1.34 -5.66
CA PHE D 724 -1.53 0.93 -7.05
C PHE D 724 -0.82 1.94 -7.93
N ARG D 725 -0.03 2.84 -7.33
CA ARG D 725 0.74 3.90 -8.00
C ARG D 725 -0.16 4.83 -8.80
N LEU D 726 -1.22 5.31 -8.15
CA LEU D 726 -2.26 6.09 -8.84
C LEU D 726 -2.35 7.50 -8.23
N ASN D 727 -3.26 8.34 -8.76
CA ASN D 727 -3.15 9.78 -8.51
C ASN D 727 -4.47 10.49 -8.19
N ASP D 728 -5.51 9.73 -7.84
CA ASP D 728 -6.89 10.20 -7.60
C ASP D 728 -7.59 10.76 -8.83
N ASN D 729 -6.91 10.76 -9.98
CA ASN D 729 -7.54 10.99 -11.28
C ASN D 729 -7.51 9.65 -12.01
N SER D 730 -7.05 8.65 -11.28
CA SER D 730 -7.15 7.26 -11.67
C SER D 730 -7.82 6.51 -10.53
N LEU D 731 -8.23 7.26 -9.51
CA LEU D 731 -9.14 6.82 -8.46
C LEU D 731 -10.36 7.72 -8.58
N GLU D 732 -11.25 7.37 -9.48
CA GLU D 732 -12.48 8.12 -9.65
C GLU D 732 -13.60 7.39 -8.93
N PHE D 733 -14.47 8.16 -8.29
CA PHE D 733 -15.51 7.61 -7.44
C PHE D 733 -16.88 8.17 -7.77
N LEU D 734 -16.93 9.32 -8.45
CA LEU D 734 -18.15 9.95 -8.93
C LEU D 734 -19.10 10.27 -7.79
N GLY D 735 -18.66 11.19 -6.92
CA GLY D 735 -19.37 11.51 -5.70
C GLY D 735 -18.37 11.76 -4.60
N ILE D 736 -17.15 11.28 -4.80
CA ILE D 736 -16.05 11.51 -3.87
C ILE D 736 -14.88 12.10 -4.65
N GLN D 737 -14.42 13.27 -4.21
CA GLN D 737 -13.35 13.99 -4.88
C GLN D 737 -12.41 14.56 -3.82
N PRO D 738 -11.12 14.71 -4.14
CA PRO D 738 -10.17 15.21 -3.15
C PRO D 738 -10.38 16.70 -2.83
N THR D 739 -10.42 17.00 -1.54
CA THR D 739 -10.67 18.36 -1.07
C THR D 739 -9.47 18.95 -0.33
N LEU D 740 -8.25 18.79 -0.85
CA LEU D 740 -7.06 19.14 -0.10
C LEU D 740 -6.21 20.14 -0.87
N GLY D 741 -5.07 20.48 -0.29
CA GLY D 741 -4.04 21.28 -0.95
C GLY D 741 -4.03 22.80 -0.79
N PRO D 742 -3.91 23.34 0.43
CA PRO D 742 -3.57 24.77 0.53
C PRO D 742 -2.07 24.98 0.59
N PRO D 743 -1.51 25.84 -0.28
CA PRO D 743 -0.06 26.05 -0.28
C PRO D 743 0.38 27.22 0.59
N ASN D 744 1.57 27.10 1.20
CA ASN D 744 2.10 28.17 2.04
C ASN D 744 3.59 28.36 1.76
N GLN D 745 3.97 28.52 0.49
CA GLN D 745 5.38 28.72 0.15
C GLN D 745 6.07 29.98 0.73
N PRO D 746 5.49 31.18 0.79
CA PRO D 746 6.28 32.31 1.30
C PRO D 746 6.33 32.32 2.82
N PRO D 747 7.49 32.62 3.41
CA PRO D 747 7.51 32.96 4.83
C PRO D 747 6.74 34.23 5.12
N VAL D 748 7.08 35.31 4.42
CA VAL D 748 6.26 36.52 4.39
C VAL D 748 5.91 36.81 2.94
N SER D 749 6.92 37.01 2.11
CA SER D 749 6.74 37.37 0.71
C SER D 749 8.01 37.10 -0.11
N ILE D 750 7.85 36.52 -1.29
CA ILE D 750 9.02 36.19 -2.12
C ILE D 750 9.38 37.37 -3.00
N TRP D 751 8.39 38.12 -3.50
CA TRP D 751 8.67 39.24 -4.39
C TRP D 751 9.34 40.40 -3.65
N LEU D 752 9.12 40.52 -2.35
CA LEU D 752 9.86 41.50 -1.57
C LEU D 752 11.28 41.06 -1.26
N ILE D 753 11.61 39.78 -1.41
CA ILE D 753 12.99 39.33 -1.23
C ILE D 753 13.85 39.82 -2.39
N VAL D 754 13.41 39.59 -3.63
CA VAL D 754 14.14 40.07 -4.79
C VAL D 754 14.05 41.58 -4.89
N PHE D 755 12.99 42.19 -4.33
CA PHE D 755 12.91 43.64 -4.28
C PHE D 755 13.92 44.21 -3.29
N GLY D 756 14.22 43.47 -2.23
CA GLY D 756 15.12 43.96 -1.19
C GLY D 756 16.56 44.12 -1.64
N VAL D 757 17.00 43.34 -2.62
CA VAL D 757 18.38 43.44 -3.08
C VAL D 757 18.54 44.52 -4.14
N VAL D 758 17.50 44.78 -4.93
CA VAL D 758 17.64 45.77 -6.00
C VAL D 758 17.44 47.18 -5.47
N MET D 759 16.76 47.31 -4.33
CA MET D 759 16.63 48.64 -3.72
C MET D 759 17.91 49.06 -3.02
N GLY D 760 18.81 48.12 -2.73
CA GLY D 760 20.10 48.47 -2.16
C GLY D 760 21.12 48.84 -3.21
N VAL D 761 20.94 48.35 -4.44
CA VAL D 761 21.84 48.70 -5.53
C VAL D 761 21.64 50.16 -5.94
N ILE D 762 20.42 50.67 -5.77
CA ILE D 762 20.05 51.98 -6.31
C ILE D 762 20.63 53.10 -5.45
N VAL D 763 20.90 52.84 -4.17
CA VAL D 763 21.25 53.92 -3.25
C VAL D 763 22.70 54.35 -3.34
N VAL D 764 23.61 53.48 -3.79
CA VAL D 764 25.04 53.78 -3.69
C VAL D 764 25.63 54.34 -4.98
N GLY D 765 25.07 53.97 -6.14
CA GLY D 765 25.65 54.41 -7.41
C GLY D 765 25.51 55.88 -7.69
N ILE D 766 24.54 56.55 -7.04
CA ILE D 766 24.34 57.97 -7.28
C ILE D 766 25.34 58.81 -6.48
N VAL D 767 25.86 58.26 -5.38
CA VAL D 767 26.79 59.02 -4.55
C VAL D 767 28.22 58.76 -5.00
N ILE D 768 28.43 57.67 -5.76
CA ILE D 768 29.73 57.41 -6.37
C ILE D 768 30.07 58.49 -7.39
N LEU D 769 29.11 58.82 -8.25
CA LEU D 769 29.31 59.88 -9.22
C LEU D 769 29.24 61.27 -8.60
N ILE D 770 28.69 61.40 -7.39
CA ILE D 770 28.78 62.66 -6.64
C ILE D 770 30.22 62.92 -6.24
N PHE D 771 30.92 61.89 -5.76
CA PHE D 771 32.34 62.02 -5.41
C PHE D 771 33.22 62.34 -6.60
N THR D 772 32.89 61.82 -7.78
CA THR D 772 33.65 62.15 -8.98
C THR D 772 33.44 63.59 -9.42
N GLY D 773 32.19 64.07 -9.36
CA GLY D 773 31.91 65.45 -9.70
C GLY D 773 32.45 66.47 -8.72
N ILE D 774 32.55 66.10 -7.45
CA ILE D 774 33.23 66.96 -6.48
C ILE D 774 34.74 66.90 -6.63
N ARG D 775 35.29 65.73 -7.00
CA ARG D 775 36.70 65.64 -7.34
C ARG D 775 37.05 66.31 -8.67
N ASP D 776 36.04 66.60 -9.50
CA ASP D 776 36.28 67.29 -10.77
C ASP D 776 35.72 68.71 -10.76
N ARG D 777 35.71 69.37 -9.61
CA ARG D 777 35.28 70.76 -9.54
C ARG D 777 36.36 71.68 -10.10
#